data_3GLG
#
_entry.id   3GLG
#
_cell.length_a   100.102
_cell.length_b   219.104
_cell.length_c   274.664
_cell.angle_alpha   90.00
_cell.angle_beta   90.00
_cell.angle_gamma   90.00
#
_symmetry.space_group_name_H-M   'P 21 21 21'
#
loop_
_entity.id
_entity.type
_entity.pdbx_description
1 polymer 'DNA polymerase III subunit delta'
2 polymer 'DNA polymerase III subunit tau'
3 polymer "DNA polymerase III subunit delta'"
4 polymer "DNA (5'-D(*TP*TP*TP*TP*TP*TP*TP*TP*TP*TP*TP*AP*TP*AP*GP*GP*CP*CP*AP*G)-3')"
5 polymer "DNA (5'-D(*CP*TP*GP*GP*CP*CP*TP*AP*TP*A)-3')"
6 non-polymer "ADENOSINE-5'-DIPHOSPHATE"
7 non-polymer 'BERYLLIUM TRIFLUORIDE ION'
8 non-polymer 'MAGNESIUM ION'
9 non-polymer 'ZINC ION'
#
loop_
_entity_poly.entity_id
_entity_poly.type
_entity_poly.pdbx_seq_one_letter_code
_entity_poly.pdbx_strand_id
1 'polypeptide(L)'
;MIRLYPEQLRAQLNEGLRAAYLLLGNDPLLLQESQDAVRQVAAAQGFEEHHTFSIDPNTDWNAIFSLCQAMSLFASRQTL
LLLLPENGPNAAINEQLLTLTGLLHDDLLLIVRGNKLSKAQENAAWFTALANRSVQVTCQTPEQAQLPRWVAARAKQLNL
ELDDAANQVLCYCYEGNLLALAQALERLSLLWPDGKLTLPRVEQAVNDAAHFTPFHWVDALLMGKSKRALHILQQLRLEG
SEPVILLRTLQRELLLLVNLKRQSAHTPLRALFDKHRVWQNRRGMMGEALNRLSQTQLRQAVQLLTRTELTLKQDYGQSV
WAELEGLSLLLCHKPLADVFIDG
;
A,F
2 'polypeptide(L)'
;MGSSHHHHHHSSGLEVLFQGPHMSYQVLARKWRPQTFADVVGQEHVLTALANGLSLGRIHHAYLFSGTRGVGKTSIARLL
AKGLNCETGITATPCGVCDNCREIEQGRFVDLIEIDAASRTKVEDTRDLLDNVQYAPARGRFKVYLIDEVHMLSRHSFNA
LLKTLEEPPEHVKFLLATADPQKLPVTILSRCLQFHLKALDVEQIRHQLEHILNEEHIAHEPRALQLLARAAEGSLRDAL
SLTDQAIASGDGQVSTQAVSAMLGTLDDDQALSLVEAMVEANGERVMALINEAAARGIEWEALLVEMLGLLHRIAMVQLS
PAALGNDMAAIELRMRELARTIPPTDIQLYYQTLLIGRKELPYAPDRRMGVEMTLLRALAFHPRMPLPEPEVPRQ
;
B,C,D,G,H,I
3 'polypeptide(L)'
;MRWYPWLRPDFEKLVASYQAGRGHHALLIQALPGMGDDALIYALSRYLLCQQPQGHKSCGHCRGCQLMQAGTHPDYYTLA
PEKGKNTLGVDAVREVTEKLNEHARLGGAKVVWVTDAALLTDAAANALLKTLEEPPAETWFFLATREPERLLATLRSRCR
LHYLAPPPEQYAVTWLSREVTMSQDALLAALRLSAGSPGAALALFQGDNWQARETLCQALAYSVPSGDWYSLLAALNHEQ
APARLHWLATLLMDALKRHHGAAQVTNVDVPGLVAELANHLSPSRLQAILGDVCHIREQLMSVTGINRELLITDLLLRIE
HYLQPGVVLPVPHL
;
E,J
4 'polydeoxyribonucleotide' (DT)(DT)(DT)(DT)(DT)(DT)(DT)(DT)(DT)(DT)(DT)(DA)(DT)(DA)(DG)(DG)(DC)(DC)(DA)(DG) K,M
5 'polydeoxyribonucleotide' (DC)(DT)(DG)(DG)(DC)(DC)(DT)(DA)(DT)(DA) L,N
#
# COMPACT_ATOMS: atom_id res chain seq x y z
N MET A 1 31.65 52.44 17.84
CA MET A 1 31.54 52.50 16.39
C MET A 1 30.10 52.74 15.90
N ILE A 2 29.85 53.95 15.41
CA ILE A 2 28.49 54.36 15.03
C ILE A 2 27.98 53.64 13.78
N ARG A 3 27.14 52.61 13.96
CA ARG A 3 26.57 51.87 12.84
C ARG A 3 25.45 52.69 12.14
N LEU A 4 25.40 52.63 10.82
CA LEU A 4 24.49 53.49 10.07
C LEU A 4 23.82 52.82 8.88
N TYR A 5 22.62 53.28 8.53
CA TYR A 5 21.94 52.91 7.27
C TYR A 5 22.21 54.00 6.24
N PRO A 6 22.46 53.64 4.97
CA PRO A 6 23.04 54.63 4.05
C PRO A 6 22.30 55.96 4.07
N GLU A 7 20.98 55.90 4.27
CA GLU A 7 20.16 57.12 4.33
C GLU A 7 20.62 58.07 5.43
N GLN A 8 20.88 57.53 6.62
CA GLN A 8 21.37 58.27 7.79
C GLN A 8 22.79 58.84 7.64
N LEU A 9 23.63 58.20 6.84
CA LEU A 9 25.04 58.61 6.67
C LEU A 9 25.20 60.10 6.40
N ARG A 10 24.39 60.64 5.49
CA ARG A 10 24.56 62.03 5.07
C ARG A 10 24.64 62.98 6.26
N ALA A 11 23.80 62.73 7.27
CA ALA A 11 23.74 63.57 8.48
C ALA A 11 24.89 63.39 9.49
N GLN A 12 25.37 62.15 9.67
CA GLN A 12 26.43 61.88 10.65
C GLN A 12 27.82 62.04 10.07
N LEU A 13 27.88 62.43 8.80
CA LEU A 13 29.14 62.85 8.16
C LEU A 13 29.26 64.37 8.19
N ASN A 14 28.12 65.03 8.39
CA ASN A 14 28.09 66.49 8.60
C ASN A 14 28.44 66.91 10.03
N GLU A 15 27.88 66.18 11.00
CA GLU A 15 28.28 66.35 12.38
C GLU A 15 29.81 66.34 12.44
N GLY A 16 30.40 65.15 12.60
CA GLY A 16 31.83 65.03 12.63
C GLY A 16 32.35 63.98 11.68
N LEU A 17 33.37 64.33 10.89
CA LEU A 17 34.12 63.30 10.20
C LEU A 17 34.84 62.44 11.23
N ARG A 18 35.16 61.21 10.86
CA ARG A 18 35.91 60.33 11.76
C ARG A 18 37.02 59.60 10.98
N ALA A 19 38.09 59.21 11.66
CA ALA A 19 39.30 58.71 10.99
C ALA A 19 39.09 57.48 10.10
N ALA A 20 38.02 56.73 10.33
CA ALA A 20 37.75 55.52 9.56
C ALA A 20 36.29 55.40 9.08
N TYR A 21 36.07 55.21 7.79
CA TYR A 21 34.72 54.99 7.25
C TYR A 21 34.54 53.62 6.62
N LEU A 22 33.90 52.71 7.36
CA LEU A 22 33.73 51.30 6.94
C LEU A 22 32.43 50.99 6.17
N LEU A 23 32.57 50.82 4.85
CA LEU A 23 31.45 50.58 3.95
C LEU A 23 31.28 49.08 3.66
N LEU A 24 30.36 48.44 4.37
CA LEU A 24 30.20 46.99 4.30
C LEU A 24 28.82 46.60 3.81
N GLY A 25 28.79 45.66 2.89
CA GLY A 25 27.52 45.22 2.39
C GLY A 25 27.64 44.55 1.06
N ASN A 26 26.50 44.35 0.43
CA ASN A 26 26.45 43.61 -0.80
C ASN A 26 25.85 44.45 -1.92
N ASP A 27 25.00 45.39 -1.58
CA ASP A 27 24.25 46.15 -2.59
C ASP A 27 25.07 47.22 -3.34
N PRO A 28 25.14 47.10 -4.67
CA PRO A 28 26.07 47.87 -5.50
C PRO A 28 25.79 49.36 -5.47
N LEU A 29 24.54 49.73 -5.22
CA LEU A 29 24.15 51.14 -5.20
C LEU A 29 24.42 51.79 -3.84
N LEU A 30 24.17 51.05 -2.75
CA LEU A 30 24.33 51.58 -1.41
C LEU A 30 25.78 51.78 -1.15
N LEU A 31 26.59 50.91 -1.73
CA LEU A 31 28.02 51.17 -1.69
C LEU A 31 28.40 52.45 -2.48
N GLN A 32 28.20 52.48 -3.79
CA GLN A 32 28.59 53.66 -4.57
C GLN A 32 28.10 54.95 -3.91
N GLU A 33 26.83 54.96 -3.51
CA GLU A 33 26.21 56.18 -3.00
C GLU A 33 26.87 56.65 -1.71
N SER A 34 27.19 55.70 -0.84
CA SER A 34 27.85 55.99 0.42
C SER A 34 29.29 56.45 0.16
N GLN A 35 30.04 55.63 -0.57
CA GLN A 35 31.37 55.96 -1.07
C GLN A 35 31.49 57.42 -1.51
N ASP A 36 30.62 57.81 -2.43
CA ASP A 36 30.61 59.15 -2.99
C ASP A 36 30.24 60.23 -1.99
N ALA A 37 29.27 59.94 -1.11
CA ALA A 37 28.87 60.89 -0.08
C ALA A 37 30.05 61.25 0.82
N VAL A 38 30.98 60.32 0.98
CA VAL A 38 32.17 60.55 1.81
C VAL A 38 33.29 61.28 1.05
N ARG A 39 33.63 60.80 -0.15
CA ARG A 39 34.65 61.47 -1.00
C ARG A 39 34.32 62.95 -1.22
N GLN A 40 33.03 63.23 -1.46
CA GLN A 40 32.49 64.57 -1.68
C GLN A 40 32.76 65.49 -0.49
N VAL A 41 32.49 65.01 0.71
CA VAL A 41 32.59 65.86 1.89
C VAL A 41 34.06 66.00 2.33
N ALA A 42 34.91 65.11 1.83
CA ALA A 42 36.35 65.13 2.14
C ALA A 42 37.13 66.16 1.30
N ALA A 43 36.93 66.15 -0.02
CA ALA A 43 37.40 67.26 -0.85
C ALA A 43 37.04 68.56 -0.13
N ALA A 44 35.75 68.69 0.23
CA ALA A 44 35.21 69.88 0.91
C ALA A 44 35.76 70.15 2.33
N GLN A 45 36.64 69.30 2.85
CA GLN A 45 37.31 69.57 4.13
C GLN A 45 38.81 69.76 3.92
N GLY A 46 39.20 70.00 2.66
CA GLY A 46 40.59 70.29 2.31
C GLY A 46 41.34 69.16 1.61
N PHE A 47 40.65 68.05 1.37
CA PHE A 47 41.27 66.85 0.80
C PHE A 47 41.44 66.93 -0.73
N GLU A 48 42.69 67.09 -1.18
CA GLU A 48 43.02 66.99 -2.61
C GLU A 48 43.37 65.55 -3.07
N GLU A 49 44.46 64.99 -2.54
CA GLU A 49 45.03 63.69 -3.00
C GLU A 49 44.17 62.47 -2.62
N HIS A 50 43.61 61.78 -3.62
CA HIS A 50 42.81 60.59 -3.35
C HIS A 50 43.45 59.34 -3.97
N HIS A 51 43.68 58.32 -3.14
CA HIS A 51 44.32 57.10 -3.58
C HIS A 51 43.37 55.91 -3.43
N THR A 52 43.29 55.06 -4.45
CA THR A 52 42.55 53.80 -4.32
C THR A 52 43.50 52.58 -4.37
N PHE A 53 42.99 51.42 -3.95
CA PHE A 53 43.81 50.23 -3.73
C PHE A 53 42.89 49.00 -3.46
N SER A 54 42.76 48.11 -4.45
CA SER A 54 42.02 46.85 -4.26
C SER A 54 42.92 45.81 -3.56
N ILE A 55 42.48 45.32 -2.39
CA ILE A 55 43.24 44.28 -1.63
C ILE A 55 42.80 42.84 -1.92
N ASP A 56 43.54 42.20 -2.83
CA ASP A 56 43.45 40.75 -3.04
C ASP A 56 44.36 40.13 -1.97
N PRO A 57 44.27 38.80 -1.76
CA PRO A 57 45.44 38.17 -1.14
C PRO A 57 46.71 38.35 -2.04
N ASN A 58 46.50 38.99 -3.19
CA ASN A 58 47.56 39.30 -4.18
C ASN A 58 48.52 40.41 -3.74
N THR A 59 47.97 41.48 -3.16
CA THR A 59 48.78 42.52 -2.54
C THR A 59 49.91 41.87 -1.76
N ASP A 60 51.15 42.04 -2.22
CA ASP A 60 52.32 41.50 -1.52
C ASP A 60 52.51 42.12 -0.11
N TRP A 61 53.62 41.77 0.56
CA TRP A 61 54.09 42.47 1.78
C TRP A 61 54.93 43.73 1.39
N ASN A 62 55.04 43.98 0.07
CA ASN A 62 55.61 45.22 -0.50
C ASN A 62 54.54 46.24 -0.94
N ALA A 63 53.32 45.74 -1.21
CA ALA A 63 52.17 46.58 -1.58
C ALA A 63 51.50 47.20 -0.35
N ILE A 64 51.55 46.49 0.78
CA ILE A 64 51.06 46.97 2.10
C ILE A 64 52.14 47.74 2.91
N PHE A 65 53.36 47.76 2.40
CA PHE A 65 54.44 48.55 2.96
C PHE A 65 54.63 49.87 2.18
N SER A 66 53.82 50.02 1.12
CA SER A 66 53.74 51.26 0.32
C SER A 66 52.44 52.01 0.59
N LEU A 67 51.66 51.47 1.53
CA LEU A 67 50.43 52.09 2.03
C LEU A 67 50.65 52.72 3.41
N CYS A 68 51.34 51.97 4.29
CA CYS A 68 51.74 52.47 5.62
C CYS A 68 52.63 53.70 5.44
N GLN A 69 53.51 53.63 4.44
CA GLN A 69 54.31 54.77 4.01
C GLN A 69 53.46 55.87 3.34
N ALA A 70 52.35 55.48 2.72
CA ALA A 70 51.46 56.42 2.03
C ALA A 70 50.83 57.50 2.92
N MET A 71 51.20 57.51 4.20
CA MET A 71 50.70 58.54 5.14
C MET A 71 51.77 59.16 6.06
N SER A 72 52.30 60.30 5.61
CA SER A 72 53.26 61.08 6.37
C SER A 72 52.84 62.57 6.36
N LEU A 73 53.09 63.28 7.46
CA LEU A 73 52.71 64.71 7.61
C LEU A 73 53.92 65.64 7.29
N PHE A 74 53.71 66.82 6.68
CA PHE A 74 52.39 67.44 6.39
C PHE A 74 52.06 67.56 4.87
N ALA A 75 51.14 66.73 4.38
CA ALA A 75 50.66 66.85 3.00
C ALA A 75 49.21 67.36 2.99
N SER A 76 48.83 68.12 1.97
CA SER A 76 47.42 68.46 1.83
C SER A 76 46.58 67.17 1.97
N ARG A 77 45.59 67.20 2.88
CA ARG A 77 44.76 66.04 3.27
C ARG A 77 44.43 65.01 2.18
N GLN A 78 44.74 63.73 2.43
CA GLN A 78 44.54 62.66 1.43
C GLN A 78 43.62 61.48 1.84
N THR A 79 42.80 61.03 0.89
CA THR A 79 41.75 60.05 1.17
C THR A 79 42.06 58.64 0.66
N LEU A 80 42.63 57.82 1.55
CA LEU A 80 43.07 56.48 1.19
C LEU A 80 41.92 55.46 1.15
N LEU A 81 41.60 54.95 -0.04
CA LEU A 81 40.55 53.92 -0.19
C LEU A 81 41.13 52.49 -0.28
N LEU A 82 40.44 51.52 0.32
CA LEU A 82 40.86 50.13 0.26
C LEU A 82 39.67 49.25 -0.14
N LEU A 83 39.87 48.35 -1.11
CA LEU A 83 38.79 47.43 -1.53
C LEU A 83 39.10 46.02 -1.02
N LEU A 84 38.06 45.19 -0.86
CA LEU A 84 38.21 43.90 -0.15
C LEU A 84 37.95 42.62 -0.96
N PRO A 85 38.55 41.49 -0.51
CA PRO A 85 38.33 40.18 -1.14
C PRO A 85 36.95 39.59 -0.80
N GLU A 86 36.56 38.54 -1.52
CA GLU A 86 35.32 37.83 -1.22
C GLU A 86 35.23 37.42 0.25
N ASN A 87 36.28 36.78 0.74
CA ASN A 87 36.34 36.31 2.13
C ASN A 87 36.33 37.41 3.20
N GLY A 88 36.80 38.60 2.83
CA GLY A 88 37.03 39.66 3.80
C GLY A 88 38.46 39.59 4.29
N PRO A 89 38.73 40.10 5.50
CA PRO A 89 40.11 40.21 6.02
C PRO A 89 40.76 38.89 6.47
N ASN A 90 41.51 38.19 5.60
CA ASN A 90 42.17 36.91 5.98
C ASN A 90 43.25 37.07 7.07
N ALA A 91 43.86 35.97 7.49
CA ALA A 91 44.88 36.06 8.54
C ALA A 91 46.10 36.89 8.11
N ALA A 92 46.35 36.92 6.80
CA ALA A 92 47.45 37.71 6.22
C ALA A 92 47.15 39.21 6.24
N ILE A 93 45.90 39.54 5.90
CA ILE A 93 45.39 40.91 5.84
C ILE A 93 44.77 41.38 7.17
N ASN A 94 44.34 40.43 8.00
CA ASN A 94 43.88 40.70 9.38
C ASN A 94 44.97 41.49 10.13
N GLU A 95 46.23 41.22 9.78
CA GLU A 95 47.41 41.86 10.39
C GLU A 95 47.88 43.18 9.72
N GLN A 96 47.88 43.23 8.39
CA GLN A 96 48.18 44.47 7.66
C GLN A 96 47.32 45.63 8.16
N LEU A 97 46.04 45.32 8.39
CA LEU A 97 45.05 46.28 8.87
C LEU A 97 45.47 46.84 10.23
N LEU A 98 45.82 45.93 11.14
CA LEU A 98 46.35 46.28 12.48
C LEU A 98 47.42 47.38 12.40
N THR A 99 48.21 47.38 11.33
CA THR A 99 49.29 48.36 11.14
C THR A 99 48.78 49.76 10.77
N LEU A 100 47.56 49.83 10.23
CA LEU A 100 46.97 51.11 9.81
C LEU A 100 46.13 51.77 10.89
N THR A 101 45.73 50.99 11.90
CA THR A 101 44.79 51.40 12.95
C THR A 101 45.26 52.55 13.85
N GLY A 102 46.57 52.65 14.06
CA GLY A 102 47.18 53.66 14.91
C GLY A 102 47.75 54.85 14.16
N LEU A 103 48.00 54.68 12.87
CA LEU A 103 48.36 55.78 11.98
C LEU A 103 47.11 56.53 11.47
N LEU A 104 46.54 57.40 12.29
CA LEU A 104 45.34 58.13 11.88
C LEU A 104 45.51 59.64 12.08
N HIS A 105 45.29 60.38 11.01
CA HIS A 105 45.38 61.82 11.09
C HIS A 105 44.05 62.44 10.68
N ASP A 106 43.89 63.75 10.90
CA ASP A 106 42.85 64.55 10.25
C ASP A 106 43.28 64.74 8.80
N ASP A 107 44.56 64.42 8.56
CA ASP A 107 45.21 64.51 7.24
C ASP A 107 44.95 63.26 6.36
N LEU A 108 44.84 62.09 6.98
CA LEU A 108 44.53 60.83 6.28
C LEU A 108 43.14 60.32 6.66
N LEU A 109 42.28 60.08 5.67
CA LEU A 109 40.94 59.58 5.91
C LEU A 109 40.73 58.22 5.25
N LEU A 110 40.54 57.19 6.08
CA LEU A 110 40.41 55.80 5.62
C LEU A 110 38.99 55.41 5.16
N ILE A 111 38.88 54.85 3.95
CA ILE A 111 37.61 54.35 3.44
C ILE A 111 37.74 52.89 2.96
N VAL A 112 36.81 52.04 3.38
CA VAL A 112 36.96 50.61 3.16
C VAL A 112 35.68 49.96 2.63
N ARG A 113 35.76 49.38 1.42
CA ARG A 113 34.58 48.79 0.73
C ARG A 113 34.67 47.27 0.68
N GLY A 114 33.51 46.61 0.87
CA GLY A 114 33.41 45.16 0.77
C GLY A 114 32.13 44.54 1.37
N ASN A 115 32.09 43.20 1.43
CA ASN A 115 30.98 42.44 1.98
C ASN A 115 30.86 42.53 3.50
N LYS A 116 29.86 41.84 4.06
CA LYS A 116 29.74 41.75 5.52
C LYS A 116 30.82 40.81 6.05
N LEU A 117 31.10 40.95 7.33
CA LEU A 117 32.23 40.26 7.93
C LEU A 117 31.78 39.10 8.84
N SER A 118 32.56 38.03 8.91
CA SER A 118 32.29 36.96 9.86
C SER A 118 32.41 37.55 11.28
N LYS A 119 31.66 37.00 12.22
CA LYS A 119 31.57 37.64 13.52
C LYS A 119 32.91 37.75 14.26
N ALA A 120 33.77 36.73 14.15
CA ALA A 120 35.11 36.80 14.76
C ALA A 120 36.12 37.55 13.88
N GLN A 121 35.70 37.87 12.66
CA GLN A 121 36.44 38.77 11.77
C GLN A 121 36.22 40.21 12.21
N GLU A 122 34.96 40.53 12.53
CA GLU A 122 34.61 41.84 13.07
C GLU A 122 35.26 42.04 14.42
N ASN A 123 35.23 40.98 15.23
CA ASN A 123 35.81 41.05 16.57
C ASN A 123 37.35 40.87 16.62
N ALA A 124 38.04 41.05 15.48
CA ALA A 124 39.51 40.96 15.44
C ALA A 124 40.19 42.27 15.88
N ALA A 125 40.97 42.19 16.97
CA ALA A 125 41.47 43.36 17.72
C ALA A 125 41.41 44.70 16.97
N TRP A 126 42.17 44.82 15.88
CA TRP A 126 42.31 46.08 15.14
C TRP A 126 41.01 46.83 14.90
N PHE A 127 39.94 46.07 14.70
CA PHE A 127 38.66 46.60 14.27
C PHE A 127 37.92 47.30 15.41
N THR A 128 38.08 46.78 16.63
CA THR A 128 37.37 47.34 17.79
C THR A 128 38.14 48.52 18.40
N ALA A 129 39.46 48.57 18.18
CA ALA A 129 40.25 49.72 18.61
C ALA A 129 40.15 50.84 17.57
N LEU A 130 39.68 50.48 16.38
CA LEU A 130 39.26 51.49 15.42
C LEU A 130 37.90 52.01 15.89
N ALA A 131 37.23 51.21 16.71
CA ALA A 131 35.79 51.32 16.96
C ALA A 131 35.23 52.69 17.37
N ASN A 132 35.80 53.34 18.38
CA ASN A 132 35.23 54.62 18.79
C ASN A 132 35.56 55.72 17.79
N ARG A 133 36.54 55.47 16.93
CA ARG A 133 36.96 56.41 15.88
C ARG A 133 36.14 56.32 14.60
N SER A 134 35.72 55.10 14.24
CA SER A 134 35.12 54.81 12.94
C SER A 134 33.58 54.89 12.82
N VAL A 135 33.12 55.00 11.59
CA VAL A 135 31.70 54.90 11.26
C VAL A 135 31.54 53.66 10.36
N GLN A 136 30.39 53.00 10.43
CA GLN A 136 30.17 51.75 9.68
C GLN A 136 28.80 51.78 9.01
N VAL A 137 28.75 51.42 7.74
CA VAL A 137 27.50 51.60 7.01
C VAL A 137 26.99 50.30 6.44
N THR A 138 25.84 49.86 6.93
CA THR A 138 25.18 48.66 6.41
C THR A 138 24.66 48.88 4.98
N CYS A 139 25.22 48.12 4.05
CA CYS A 139 24.87 48.26 2.66
C CYS A 139 24.11 47.05 2.12
N GLN A 140 23.61 46.20 3.01
CA GLN A 140 22.80 45.06 2.58
C GLN A 140 21.54 45.62 1.93
N THR A 141 21.06 44.88 0.94
CA THR A 141 19.90 45.26 0.16
C THR A 141 18.69 44.93 0.98
N PRO A 142 17.58 45.61 0.74
CA PRO A 142 16.36 45.24 1.44
C PRO A 142 15.74 44.03 0.78
N GLU A 143 15.04 43.19 1.55
CA GLU A 143 14.31 42.06 0.99
C GLU A 143 12.79 42.29 0.82
N GLN A 144 12.10 41.36 0.16
CA GLN A 144 10.70 41.52 -0.23
C GLN A 144 9.81 42.11 0.86
N ALA A 145 10.25 41.98 2.12
CA ALA A 145 9.57 42.55 3.28
C ALA A 145 9.99 44.00 3.50
N GLN A 146 11.23 44.18 3.93
CA GLN A 146 11.80 45.49 4.25
C GLN A 146 11.83 46.54 3.10
N LEU A 147 11.52 46.12 1.87
CA LEU A 147 11.80 46.93 0.67
C LEU A 147 10.88 48.14 0.44
N PRO A 148 9.56 47.94 0.49
CA PRO A 148 8.70 49.09 0.25
C PRO A 148 9.04 50.29 1.14
N ARG A 149 9.26 50.08 2.43
CA ARG A 149 9.61 51.21 3.30
C ARG A 149 10.80 52.01 2.73
N TRP A 150 11.81 51.31 2.24
CA TRP A 150 13.01 51.93 1.69
C TRP A 150 12.68 52.76 0.45
N VAL A 151 11.61 52.36 -0.22
CA VAL A 151 11.17 53.06 -1.40
C VAL A 151 10.40 54.32 -1.03
N ALA A 152 9.31 54.14 -0.28
CA ALA A 152 8.51 55.28 0.23
C ALA A 152 9.38 56.31 0.97
N ALA A 153 10.57 55.87 1.40
CA ALA A 153 11.54 56.68 2.10
C ALA A 153 12.34 57.52 1.12
N ARG A 154 12.86 56.84 0.12
CA ARG A 154 13.66 57.50 -0.90
C ARG A 154 12.74 58.42 -1.69
N ALA A 155 11.53 57.90 -1.96
CA ALA A 155 10.46 58.64 -2.63
C ALA A 155 10.30 60.01 -2.01
N LYS A 156 10.20 60.03 -0.69
CA LYS A 156 10.06 61.28 0.04
C LYS A 156 11.32 62.14 -0.05
N GLN A 157 12.51 61.61 0.25
CA GLN A 157 13.72 62.42 0.10
C GLN A 157 13.87 63.15 -1.25
N LEU A 158 13.40 62.51 -2.33
CA LEU A 158 13.31 63.13 -3.66
C LEU A 158 12.00 63.93 -3.78
N ASN A 159 11.48 64.33 -2.62
CA ASN A 159 10.12 64.89 -2.44
C ASN A 159 9.00 64.46 -3.39
N LEU A 160 9.13 63.28 -3.98
CA LEU A 160 8.03 62.74 -4.77
C LEU A 160 6.96 62.09 -3.85
N GLU A 161 5.70 62.11 -4.28
CA GLU A 161 4.62 61.45 -3.55
C GLU A 161 4.14 60.19 -4.24
N LEU A 162 4.56 59.05 -3.69
CA LEU A 162 4.20 57.72 -4.20
C LEU A 162 2.92 57.14 -3.59
N ASP A 163 2.17 56.39 -4.39
CA ASP A 163 0.95 55.77 -3.91
C ASP A 163 1.23 54.37 -3.35
N ASP A 164 0.38 53.93 -2.42
CA ASP A 164 0.46 52.58 -1.86
C ASP A 164 0.65 51.61 -2.99
N ALA A 165 -0.14 51.77 -4.05
CA ALA A 165 -0.14 50.86 -5.19
C ALA A 165 1.08 51.00 -6.12
N ALA A 166 1.60 52.21 -6.27
CA ALA A 166 2.77 52.47 -7.13
C ALA A 166 4.04 51.92 -6.50
N ASN A 167 4.13 52.12 -5.18
CA ASN A 167 5.13 51.44 -4.36
C ASN A 167 5.13 49.94 -4.65
N GLN A 168 3.98 49.29 -4.48
CA GLN A 168 3.86 47.87 -4.81
C GLN A 168 4.44 47.53 -6.18
N VAL A 169 4.17 48.38 -7.17
CA VAL A 169 4.56 48.05 -8.54
C VAL A 169 6.05 48.28 -8.86
N LEU A 170 6.65 49.27 -8.21
CA LEU A 170 8.09 49.42 -8.30
C LEU A 170 8.81 48.24 -7.64
N CYS A 171 8.35 47.83 -6.46
CA CYS A 171 8.99 46.78 -5.68
C CYS A 171 8.94 45.46 -6.43
N TYR A 172 7.83 45.20 -7.10
CA TYR A 172 7.75 44.00 -7.91
C TYR A 172 8.83 43.99 -8.98
N CYS A 173 8.87 45.05 -9.78
CA CYS A 173 9.76 45.15 -10.94
C CYS A 173 11.24 45.21 -10.66
N TYR A 174 11.60 45.83 -9.54
CA TYR A 174 13.00 46.12 -9.29
C TYR A 174 13.61 45.44 -8.06
N GLU A 175 12.85 44.54 -7.43
CA GLU A 175 13.33 43.80 -6.28
C GLU A 175 14.76 43.37 -6.54
N GLY A 176 15.61 43.43 -5.51
CA GLY A 176 17.00 42.98 -5.64
C GLY A 176 17.95 43.73 -6.57
N ASN A 177 17.44 44.77 -7.19
CA ASN A 177 18.22 45.61 -8.09
C ASN A 177 17.83 47.04 -7.78
N LEU A 178 18.30 47.54 -6.65
CA LEU A 178 18.01 48.91 -6.23
C LEU A 178 18.48 49.99 -7.22
N LEU A 179 19.65 49.78 -7.82
CA LEU A 179 20.21 50.73 -8.74
C LEU A 179 19.24 51.05 -9.88
N ALA A 180 18.35 50.10 -10.18
CA ALA A 180 17.35 50.34 -11.21
C ALA A 180 16.10 50.97 -10.61
N LEU A 181 15.84 50.64 -9.35
CA LEU A 181 14.73 51.22 -8.64
C LEU A 181 15.04 52.71 -8.48
N ALA A 182 16.30 53.00 -8.19
CA ALA A 182 16.72 54.38 -7.96
C ALA A 182 16.59 55.27 -9.22
N GLN A 183 16.99 54.73 -10.35
CA GLN A 183 16.85 55.44 -11.60
C GLN A 183 15.38 55.46 -11.95
N ALA A 184 14.65 54.47 -11.49
CA ALA A 184 13.21 54.46 -11.68
C ALA A 184 12.55 55.76 -11.17
N LEU A 185 13.01 56.26 -10.03
CA LEU A 185 12.42 57.47 -9.50
C LEU A 185 12.98 58.67 -10.25
N GLU A 186 14.31 58.79 -10.31
CA GLU A 186 15.00 59.78 -11.18
C GLU A 186 14.26 59.99 -12.52
N ARG A 187 14.01 58.91 -13.26
CA ARG A 187 13.24 58.91 -14.52
C ARG A 187 11.77 59.43 -14.34
N LEU A 188 11.13 59.09 -13.23
CA LEU A 188 9.75 59.50 -13.01
C LEU A 188 9.62 60.97 -12.63
N SER A 189 10.60 61.51 -11.92
CA SER A 189 10.56 62.92 -11.54
C SER A 189 10.87 63.83 -12.74
N LEU A 190 11.75 63.39 -13.64
CA LEU A 190 11.93 64.05 -14.92
C LEU A 190 10.65 63.93 -15.74
N LEU A 191 9.92 62.83 -15.56
CA LEU A 191 8.71 62.59 -16.32
C LEU A 191 7.62 63.53 -15.89
N TRP A 192 7.46 63.67 -14.57
CA TRP A 192 6.45 64.58 -13.99
C TRP A 192 7.01 65.43 -12.86
N PRO A 193 7.05 66.74 -13.07
CA PRO A 193 7.46 67.74 -12.08
C PRO A 193 6.45 67.83 -10.96
N ASP A 194 5.19 67.46 -11.23
CA ASP A 194 4.17 67.33 -10.19
C ASP A 194 4.83 66.80 -8.96
N GLY A 195 5.42 65.61 -9.13
CA GLY A 195 5.98 64.80 -8.06
C GLY A 195 4.99 63.72 -7.65
N LYS A 196 3.78 63.78 -8.22
CA LYS A 196 2.72 62.83 -7.84
C LYS A 196 2.75 61.59 -8.74
N LEU A 197 3.02 60.44 -8.13
CA LEU A 197 3.19 59.23 -8.91
C LEU A 197 2.02 58.28 -8.73
N THR A 198 0.90 58.63 -9.36
CA THR A 198 -0.27 57.77 -9.37
C THR A 198 0.16 56.41 -9.87
N LEU A 199 -0.64 55.38 -9.60
CA LEU A 199 -0.31 54.06 -10.11
C LEU A 199 -0.19 54.12 -11.64
N PRO A 200 -1.29 54.42 -12.33
CA PRO A 200 -1.28 54.25 -13.80
C PRO A 200 -0.18 55.07 -14.50
N ARG A 201 0.22 56.20 -13.92
CA ARG A 201 1.32 57.03 -14.43
C ARG A 201 2.63 56.25 -14.36
N VAL A 202 2.93 55.74 -13.16
CA VAL A 202 4.15 54.98 -12.94
C VAL A 202 4.13 53.70 -13.75
N GLU A 203 2.96 53.06 -13.83
CA GLU A 203 2.83 51.86 -14.64
C GLU A 203 3.54 51.97 -16.01
N GLN A 204 3.25 53.04 -16.73
CA GLN A 204 3.65 53.15 -18.13
C GLN A 204 5.14 53.34 -18.35
N ALA A 205 5.88 53.62 -17.28
CA ALA A 205 7.29 53.97 -17.37
C ALA A 205 8.22 52.93 -16.74
N VAL A 206 7.69 51.72 -16.59
CA VAL A 206 8.43 50.68 -15.94
C VAL A 206 8.81 49.54 -16.91
N ASN A 207 9.93 48.88 -16.59
CA ASN A 207 10.33 47.62 -17.21
C ASN A 207 10.68 46.58 -16.13
N ASP A 208 10.45 45.31 -16.42
CA ASP A 208 10.63 44.24 -15.45
C ASP A 208 12.10 43.82 -15.36
N ALA A 209 12.77 44.11 -14.24
CA ALA A 209 14.20 43.76 -14.11
C ALA A 209 14.66 43.44 -12.71
N ALA A 210 14.08 42.40 -12.11
CA ALA A 210 14.46 41.95 -10.78
C ALA A 210 15.68 41.05 -10.84
N HIS A 211 16.43 41.00 -9.74
CA HIS A 211 17.54 40.06 -9.62
C HIS A 211 17.25 39.17 -8.42
N PHE A 212 17.17 37.86 -8.66
CA PHE A 212 16.99 36.88 -7.58
C PHE A 212 18.19 36.00 -7.51
N THR A 213 18.30 35.29 -6.40
CA THR A 213 19.25 34.21 -6.26
C THR A 213 18.39 32.95 -6.28
N PRO A 214 19.01 31.78 -6.47
CA PRO A 214 18.26 30.53 -6.55
C PRO A 214 17.53 30.31 -5.26
N PHE A 215 18.05 30.88 -4.18
CA PHE A 215 17.41 30.78 -2.90
C PHE A 215 16.03 31.37 -2.92
N HIS A 216 15.91 32.56 -3.50
CA HIS A 216 14.60 33.17 -3.62
C HIS A 216 13.60 32.18 -4.20
N TRP A 217 14.04 31.35 -5.13
CA TRP A 217 13.15 30.44 -5.81
C TRP A 217 12.68 29.35 -4.87
N VAL A 218 13.61 28.64 -4.23
CA VAL A 218 13.20 27.57 -3.34
C VAL A 218 12.26 28.12 -2.29
N ASP A 219 12.57 29.29 -1.75
CA ASP A 219 11.67 29.87 -0.78
C ASP A 219 10.25 29.97 -1.33
N ALA A 220 10.09 30.57 -2.49
CA ALA A 220 8.76 30.71 -3.06
C ALA A 220 8.10 29.35 -3.21
N LEU A 221 8.87 28.34 -3.58
CA LEU A 221 8.32 27.00 -3.65
C LEU A 221 7.88 26.55 -2.25
N LEU A 222 8.81 26.45 -1.30
CA LEU A 222 8.41 26.19 0.08
C LEU A 222 7.10 26.90 0.54
N MET A 223 6.91 28.17 0.21
CA MET A 223 5.69 28.84 0.64
C MET A 223 4.57 28.77 -0.39
N GLY A 224 4.70 27.85 -1.33
CA GLY A 224 3.66 27.60 -2.30
C GLY A 224 3.12 28.77 -3.12
N LYS A 225 3.84 29.90 -3.17
CA LYS A 225 3.50 31.02 -4.07
C LYS A 225 4.02 30.77 -5.49
N SER A 226 3.15 30.30 -6.38
CA SER A 226 3.60 29.84 -7.67
C SER A 226 3.87 30.98 -8.66
N LYS A 227 2.94 31.94 -8.77
CA LYS A 227 3.18 33.02 -9.71
C LYS A 227 4.54 33.68 -9.43
N ARG A 228 4.84 33.93 -8.15
CA ARG A 228 6.16 34.43 -7.74
C ARG A 228 7.32 33.57 -8.25
N ALA A 229 7.22 32.27 -8.00
CA ALA A 229 8.20 31.34 -8.50
C ALA A 229 8.45 31.60 -9.96
N LEU A 230 7.42 31.42 -10.78
CA LEU A 230 7.62 31.48 -12.20
C LEU A 230 8.33 32.75 -12.67
N HIS A 231 8.19 33.82 -11.89
CA HIS A 231 8.75 35.13 -12.23
C HIS A 231 10.20 34.99 -11.96
N ILE A 232 10.50 34.39 -10.81
CA ILE A 232 11.87 34.17 -10.41
C ILE A 232 12.66 33.32 -11.43
N LEU A 233 12.08 32.21 -11.86
CA LEU A 233 12.65 31.41 -12.95
C LEU A 233 12.97 32.23 -14.20
N GLN A 234 11.98 32.96 -14.68
CA GLN A 234 12.12 33.70 -15.92
C GLN A 234 13.23 34.73 -15.80
N GLN A 235 13.48 35.22 -14.59
CA GLN A 235 14.50 36.24 -14.44
C GLN A 235 15.84 35.55 -14.24
N LEU A 236 15.80 34.45 -13.53
CA LEU A 236 17.00 33.66 -13.32
C LEU A 236 17.57 33.18 -14.67
N ARG A 237 16.69 32.92 -15.63
CA ARG A 237 17.12 32.58 -16.99
C ARG A 237 17.82 33.76 -17.62
N LEU A 238 17.14 34.89 -17.71
CA LEU A 238 17.68 35.96 -18.49
C LEU A 238 18.97 36.48 -17.87
N GLU A 239 19.24 36.16 -16.61
CA GLU A 239 20.54 36.55 -16.04
C GLU A 239 21.55 35.51 -16.40
N GLY A 240 21.06 34.44 -16.99
CA GLY A 240 21.86 33.28 -17.34
C GLY A 240 22.42 32.49 -16.18
N SER A 241 21.56 32.02 -15.28
CA SER A 241 22.04 31.22 -14.18
C SER A 241 22.30 29.80 -14.65
N GLU A 242 23.40 29.20 -14.20
CA GLU A 242 23.61 27.82 -14.55
C GLU A 242 22.47 27.01 -13.95
N PRO A 243 21.72 26.28 -14.78
CA PRO A 243 20.53 25.64 -14.25
C PRO A 243 20.95 24.54 -13.30
N VAL A 244 22.19 24.07 -13.46
CA VAL A 244 22.69 23.06 -12.55
C VAL A 244 22.62 23.61 -11.15
N ILE A 245 22.88 24.89 -10.98
CA ILE A 245 22.84 25.44 -9.63
C ILE A 245 21.44 25.38 -9.05
N LEU A 246 20.46 25.64 -9.89
CA LEU A 246 19.09 25.63 -9.42
C LEU A 246 18.80 24.22 -8.96
N LEU A 247 19.11 23.22 -9.79
CA LEU A 247 18.81 21.83 -9.41
C LEU A 247 19.38 21.55 -8.05
N ARG A 248 20.63 21.87 -7.83
CA ARG A 248 21.26 21.48 -6.57
C ARG A 248 20.66 22.22 -5.36
N THR A 249 20.28 23.49 -5.50
CA THR A 249 19.70 24.18 -4.36
C THR A 249 18.27 23.74 -4.10
N LEU A 250 17.47 23.50 -5.14
CA LEU A 250 16.16 22.89 -4.91
C LEU A 250 16.30 21.56 -4.20
N GLN A 251 17.34 20.80 -4.54
CA GLN A 251 17.52 19.47 -3.97
C GLN A 251 17.88 19.48 -2.50
N ARG A 252 18.83 20.32 -2.06
CA ARG A 252 19.19 20.34 -0.63
C ARG A 252 17.88 20.37 0.13
N GLU A 253 16.93 21.17 -0.33
CA GLU A 253 15.69 21.40 0.42
C GLU A 253 14.65 20.31 0.21
N LEU A 254 14.49 19.84 -1.02
CA LEU A 254 13.45 18.90 -1.35
C LEU A 254 13.74 17.57 -0.73
N LEU A 255 15.02 17.24 -0.61
CA LEU A 255 15.40 15.99 0.04
C LEU A 255 15.24 16.12 1.54
N LEU A 256 15.53 17.30 2.09
CA LEU A 256 15.26 17.53 3.51
C LEU A 256 13.76 17.42 3.79
N LEU A 257 12.93 18.02 2.93
CA LEU A 257 11.47 17.88 3.08
C LEU A 257 11.08 16.41 3.11
N VAL A 258 11.55 15.60 2.15
CA VAL A 258 11.21 14.18 2.15
C VAL A 258 11.49 13.62 3.52
N ASN A 259 12.67 13.89 4.01
CA ASN A 259 13.10 13.25 5.22
C ASN A 259 12.36 13.76 6.48
N LEU A 260 11.96 15.01 6.49
CA LEU A 260 11.20 15.49 7.65
C LEU A 260 9.83 14.84 7.63
N LYS A 261 9.13 14.97 6.50
CA LYS A 261 7.77 14.47 6.29
C LYS A 261 7.59 13.05 6.81
N ARG A 262 8.56 12.19 6.53
CA ARG A 262 8.51 10.84 7.06
C ARG A 262 8.56 10.87 8.54
N GLN A 263 9.67 11.28 9.13
CA GLN A 263 9.80 11.27 10.59
C GLN A 263 8.69 12.02 11.34
N SER A 264 7.98 12.93 10.66
CA SER A 264 7.04 13.82 11.32
C SER A 264 5.83 13.06 11.88
N ALA A 265 5.70 11.78 11.53
CA ALA A 265 4.68 10.91 12.14
C ALA A 265 5.10 10.45 13.54
N HIS A 266 6.40 10.20 13.71
CA HIS A 266 6.96 9.66 14.94
C HIS A 266 7.31 10.71 16.00
N THR A 267 7.96 11.81 15.59
CA THR A 267 8.46 12.84 16.53
C THR A 267 7.87 14.24 16.24
N PRO A 268 7.75 15.10 17.27
CA PRO A 268 6.93 16.29 17.05
C PRO A 268 7.59 17.11 15.97
N LEU A 269 6.87 18.08 15.41
CA LEU A 269 7.46 18.91 14.37
C LEU A 269 8.77 19.57 14.85
N ARG A 270 8.64 20.30 15.98
CA ARG A 270 9.69 21.15 16.56
C ARG A 270 11.02 20.45 16.85
N ALA A 271 10.95 19.20 17.29
CA ALA A 271 12.12 18.46 17.73
C ALA A 271 12.92 18.09 16.51
N LEU A 272 12.19 17.95 15.41
CA LEU A 272 12.79 17.60 14.14
C LEU A 272 13.61 18.73 13.56
N PHE A 273 13.03 19.92 13.53
CA PHE A 273 13.77 21.09 13.10
C PHE A 273 15.10 21.21 13.89
N ASP A 274 15.01 21.01 15.21
CA ASP A 274 16.18 21.06 16.09
C ASP A 274 17.17 19.99 15.65
N LYS A 275 16.67 18.76 15.57
CA LYS A 275 17.49 17.62 15.14
C LYS A 275 18.38 17.95 13.96
N HIS A 276 17.83 18.73 13.02
CA HIS A 276 18.46 19.00 11.72
C HIS A 276 19.19 20.33 11.59
N ARG A 277 19.14 21.17 12.62
CA ARG A 277 19.74 22.50 12.58
C ARG A 277 19.11 23.32 11.45
N VAL A 278 17.82 23.57 11.61
CA VAL A 278 17.07 24.33 10.65
C VAL A 278 17.03 25.80 11.09
N TRP A 279 17.84 26.65 10.43
CA TRP A 279 17.86 28.09 10.68
C TRP A 279 16.51 28.55 11.18
N GLN A 280 16.45 29.36 12.23
CA GLN A 280 15.16 29.77 12.81
C GLN A 280 14.16 30.49 11.87
N ASN A 281 14.64 31.46 11.06
CA ASN A 281 13.76 32.23 10.20
C ASN A 281 13.12 31.40 9.09
N ARG A 282 13.79 30.29 8.75
CA ARG A 282 13.30 29.34 7.75
C ARG A 282 12.21 28.43 8.32
N ARG A 283 12.14 28.30 9.64
CA ARG A 283 11.39 27.17 10.25
C ARG A 283 9.86 27.19 10.12
N GLY A 284 9.29 28.40 10.09
CA GLY A 284 7.85 28.54 9.98
C GLY A 284 7.45 28.22 8.57
N MET A 285 8.21 28.80 7.65
CA MET A 285 8.11 28.52 6.23
C MET A 285 8.08 27.01 5.89
N MET A 286 9.01 26.27 6.47
CA MET A 286 9.13 24.84 6.25
C MET A 286 7.87 24.08 6.62
N GLY A 287 7.35 24.37 7.81
CA GLY A 287 6.14 23.73 8.29
C GLY A 287 5.00 23.95 7.34
N GLU A 288 4.85 25.20 6.91
CA GLU A 288 3.86 25.51 5.90
C GLU A 288 3.91 24.47 4.79
N ALA A 289 5.12 24.24 4.29
CA ALA A 289 5.34 23.31 3.18
C ALA A 289 4.93 21.93 3.58
N LEU A 290 5.58 21.39 4.61
CA LEU A 290 5.27 20.06 5.15
C LEU A 290 3.77 19.83 5.32
N ASN A 291 3.00 20.88 5.56
CA ASN A 291 1.56 20.75 5.71
C ASN A 291 0.77 20.59 4.43
N ARG A 292 1.26 21.18 3.36
CA ARG A 292 0.49 21.26 2.12
C ARG A 292 0.84 20.09 1.19
N LEU A 293 2.03 19.56 1.40
CA LEU A 293 2.58 18.60 0.48
C LEU A 293 2.49 17.22 1.08
N SER A 294 1.91 16.30 0.31
CA SER A 294 1.85 14.91 0.74
C SER A 294 3.19 14.24 0.65
N GLN A 295 3.26 13.07 1.27
CA GLN A 295 4.44 12.25 1.25
C GLN A 295 4.61 11.71 -0.16
N THR A 296 3.57 11.87 -0.99
CA THR A 296 3.58 11.41 -2.38
C THR A 296 4.01 12.54 -3.28
N GLN A 297 3.37 13.68 -3.18
CA GLN A 297 3.81 14.82 -3.95
C GLN A 297 5.33 14.91 -3.79
N LEU A 298 5.83 14.82 -2.57
CA LEU A 298 7.25 14.97 -2.39
C LEU A 298 7.96 13.98 -3.27
N ARG A 299 7.59 12.71 -3.17
CA ARG A 299 8.16 11.65 -4.00
C ARG A 299 8.11 11.96 -5.52
N GLN A 300 6.98 12.45 -5.99
CA GLN A 300 6.88 12.82 -7.39
C GLN A 300 7.79 13.95 -7.72
N ALA A 301 7.93 14.88 -6.81
CA ALA A 301 8.90 15.95 -7.00
C ALA A 301 10.30 15.36 -7.11
N VAL A 302 10.66 14.43 -6.23
CA VAL A 302 11.96 13.81 -6.34
C VAL A 302 12.15 13.08 -7.67
N GLN A 303 11.15 12.37 -8.14
CA GLN A 303 11.36 11.62 -9.37
C GLN A 303 11.52 12.57 -10.53
N LEU A 304 10.81 13.66 -10.46
CA LEU A 304 10.73 14.56 -11.56
C LEU A 304 11.99 15.40 -11.59
N LEU A 305 12.54 15.72 -10.43
CA LEU A 305 13.81 16.46 -10.36
C LEU A 305 14.96 15.57 -10.84
N THR A 306 14.83 14.27 -10.61
CA THR A 306 15.80 13.32 -11.13
C THR A 306 15.76 13.22 -12.66
N ARG A 307 14.55 13.25 -13.26
CA ARG A 307 14.46 13.07 -14.70
C ARG A 307 15.11 14.23 -15.36
N THR A 308 15.11 15.37 -14.69
CA THR A 308 15.60 16.56 -15.33
C THR A 308 17.10 16.70 -15.15
N GLU A 309 17.63 16.07 -14.10
CA GLU A 309 19.10 15.92 -13.94
C GLU A 309 19.70 15.01 -15.01
N LEU A 310 19.16 13.80 -15.16
CA LEU A 310 19.53 12.95 -16.28
C LEU A 310 19.33 13.67 -17.62
N THR A 311 18.13 14.15 -17.89
CA THR A 311 17.89 14.89 -19.12
C THR A 311 18.97 15.93 -19.37
N LEU A 312 19.45 16.59 -18.32
CA LEU A 312 20.52 17.59 -18.50
C LEU A 312 21.91 17.04 -18.80
N LYS A 313 22.42 16.17 -17.92
CA LYS A 313 23.79 15.66 -18.01
C LYS A 313 24.04 14.40 -18.85
N GLN A 314 23.00 13.61 -19.09
CA GLN A 314 23.13 12.44 -19.95
C GLN A 314 22.68 12.78 -21.37
N ASP A 315 21.42 13.17 -21.51
CA ASP A 315 20.82 13.45 -22.80
C ASP A 315 21.23 14.80 -23.45
N TYR A 316 22.15 15.57 -22.86
CA TYR A 316 22.43 16.98 -23.28
C TYR A 316 21.22 17.79 -23.75
N GLY A 317 20.18 17.83 -22.93
CA GLY A 317 18.89 18.41 -23.35
C GLY A 317 18.62 19.90 -23.14
N GLN A 318 17.63 20.37 -23.90
CA GLN A 318 17.18 21.76 -23.94
C GLN A 318 16.15 22.00 -22.84
N SER A 319 15.12 21.15 -22.85
CA SER A 319 14.07 21.02 -21.83
C SER A 319 14.28 21.74 -20.50
N VAL A 320 15.42 21.48 -19.86
CA VAL A 320 15.69 21.91 -18.48
C VAL A 320 14.91 23.09 -17.92
N TRP A 321 14.96 24.24 -18.57
CA TRP A 321 14.21 25.38 -18.02
C TRP A 321 12.70 25.14 -17.91
N ALA A 322 12.12 24.51 -18.92
CA ALA A 322 10.70 24.24 -18.91
C ALA A 322 10.36 23.09 -17.99
N GLU A 323 11.33 22.22 -17.70
CA GLU A 323 11.07 21.07 -16.80
C GLU A 323 10.98 21.53 -15.37
N LEU A 324 11.68 22.64 -15.13
CA LEU A 324 11.73 23.30 -13.86
C LEU A 324 10.51 24.21 -13.70
N GLU A 325 10.00 24.78 -14.79
CA GLU A 325 8.77 25.56 -14.68
C GLU A 325 7.72 24.61 -14.14
N GLY A 326 7.69 23.40 -14.67
CA GLY A 326 6.72 22.40 -14.28
C GLY A 326 6.95 21.82 -12.90
N LEU A 327 8.17 21.42 -12.61
CA LEU A 327 8.49 21.03 -11.25
C LEU A 327 7.98 22.11 -10.29
N SER A 328 8.14 23.37 -10.64
CA SER A 328 7.82 24.48 -9.76
C SER A 328 6.35 24.49 -9.46
N LEU A 329 5.52 24.23 -10.47
CA LEU A 329 4.07 24.17 -10.28
C LEU A 329 3.69 22.97 -9.38
N LEU A 330 4.27 21.80 -9.62
CA LEU A 330 3.95 20.62 -8.83
C LEU A 330 4.08 20.84 -7.32
N LEU A 331 5.08 21.61 -6.91
CA LEU A 331 5.32 21.82 -5.51
C LEU A 331 4.42 22.92 -4.98
N CYS A 332 3.44 23.33 -5.77
CA CYS A 332 2.48 24.36 -5.32
C CYS A 332 0.99 23.93 -5.52
N HIS A 333 0.55 22.94 -4.73
CA HIS A 333 -0.84 22.52 -4.78
C HIS A 333 -1.49 22.45 -3.39
N VAL B 27 17.31 53.33 -48.93
CA VAL B 27 16.69 52.23 -48.16
C VAL B 27 15.71 52.83 -47.17
N LEU B 28 14.61 52.14 -46.92
CA LEU B 28 13.59 52.70 -46.04
C LEU B 28 14.09 52.87 -44.62
N ALA B 29 14.74 51.85 -44.10
CA ALA B 29 15.32 51.90 -42.76
C ALA B 29 16.21 53.13 -42.55
N ARG B 30 16.96 53.53 -43.59
CA ARG B 30 17.88 54.66 -43.48
C ARG B 30 17.18 56.00 -43.69
N LYS B 31 16.43 56.13 -44.80
CA LYS B 31 15.78 57.39 -45.13
C LYS B 31 15.00 57.91 -43.95
N TRP B 32 14.06 57.11 -43.46
CA TRP B 32 13.06 57.58 -42.50
C TRP B 32 13.48 57.66 -41.05
N ARG B 33 14.80 57.76 -40.82
CA ARG B 33 15.34 57.88 -39.47
C ARG B 33 14.98 59.25 -38.99
N PRO B 34 14.27 59.32 -37.86
CA PRO B 34 13.72 60.56 -37.31
C PRO B 34 14.82 61.60 -37.11
N GLN B 35 14.64 62.81 -37.64
CA GLN B 35 15.60 63.86 -37.40
C GLN B 35 14.99 64.85 -36.43
N THR B 36 13.71 64.66 -36.11
CA THR B 36 13.00 65.47 -35.13
C THR B 36 12.33 64.60 -34.08
N PHE B 37 12.23 65.10 -32.86
CA PHE B 37 11.53 64.38 -31.80
C PHE B 37 10.08 64.04 -32.19
N ALA B 38 9.38 65.02 -32.77
CA ALA B 38 8.02 64.79 -33.27
C ALA B 38 7.97 63.55 -34.15
N ASP B 39 8.95 63.47 -35.06
CA ASP B 39 9.08 62.37 -36.02
C ASP B 39 9.26 60.96 -35.41
N VAL B 40 9.52 60.88 -34.11
CA VAL B 40 9.80 59.59 -33.47
C VAL B 40 8.53 58.82 -33.06
N VAL B 41 8.51 57.54 -33.38
CA VAL B 41 7.38 56.71 -33.00
C VAL B 41 7.49 56.29 -31.53
N GLY B 42 6.41 56.45 -30.78
CA GLY B 42 6.32 55.97 -29.40
C GLY B 42 7.47 56.46 -28.52
N GLN B 43 7.81 55.65 -27.54
CA GLN B 43 9.01 55.93 -26.75
C GLN B 43 8.84 57.13 -25.85
N GLU B 44 7.56 57.44 -25.65
CA GLU B 44 7.16 58.72 -25.12
C GLU B 44 7.68 58.94 -23.72
N HIS B 45 8.06 57.86 -23.06
CA HIS B 45 8.47 57.92 -21.67
C HIS B 45 9.95 58.21 -21.59
N VAL B 46 10.62 58.20 -22.74
CA VAL B 46 12.03 58.56 -22.78
C VAL B 46 12.11 59.98 -23.27
N LEU B 47 11.50 60.18 -24.43
CA LEU B 47 11.45 61.50 -25.00
C LEU B 47 11.00 62.58 -24.02
N THR B 48 9.86 62.38 -23.37
CA THR B 48 9.33 63.38 -22.47
C THR B 48 10.32 63.71 -21.38
N ALA B 49 11.04 62.70 -20.88
CA ALA B 49 11.97 62.95 -19.80
C ALA B 49 13.19 63.68 -20.33
N LEU B 50 13.60 63.32 -21.53
CA LEU B 50 14.67 64.04 -22.18
C LEU B 50 14.26 65.50 -22.45
N ALA B 51 13.10 65.69 -23.07
CA ALA B 51 12.56 67.01 -23.33
C ALA B 51 12.67 67.86 -22.07
N ASN B 52 11.97 67.44 -21.04
CA ASN B 52 11.88 68.20 -19.81
C ASN B 52 13.24 68.44 -19.14
N GLY B 53 14.17 67.51 -19.30
CA GLY B 53 15.50 67.69 -18.71
C GLY B 53 16.31 68.76 -19.41
N LEU B 54 16.28 68.74 -20.74
CA LEU B 54 16.87 69.79 -21.55
C LEU B 54 16.19 71.10 -21.15
N SER B 55 14.88 71.14 -21.34
CA SER B 55 14.02 72.28 -20.96
C SER B 55 14.32 72.89 -19.57
N LEU B 56 14.35 72.06 -18.52
CA LEU B 56 14.50 72.53 -17.13
C LEU B 56 15.92 72.44 -16.55
N GLY B 57 16.91 72.43 -17.45
CA GLY B 57 18.31 72.56 -17.05
C GLY B 57 18.90 71.36 -16.36
N ARG B 58 18.23 70.22 -16.44
CA ARG B 58 18.74 69.05 -15.76
C ARG B 58 19.42 68.09 -16.70
N ILE B 59 20.71 68.33 -16.99
CA ILE B 59 21.45 67.43 -17.86
C ILE B 59 22.42 66.54 -17.10
N HIS B 60 22.17 65.24 -17.15
CA HIS B 60 23.06 64.28 -16.51
C HIS B 60 24.32 64.21 -17.35
N HIS B 61 25.39 63.73 -16.76
CA HIS B 61 26.66 63.71 -17.46
C HIS B 61 26.74 62.52 -18.43
N ALA B 62 25.81 61.56 -18.29
CA ALA B 62 25.86 60.30 -19.05
C ALA B 62 24.50 59.57 -19.18
N TYR B 63 24.04 59.37 -20.41
CA TYR B 63 22.77 58.68 -20.69
C TYR B 63 23.09 57.33 -21.29
N LEU B 64 22.29 56.30 -21.00
CA LEU B 64 22.45 54.99 -21.63
C LEU B 64 21.14 54.56 -22.28
N PHE B 65 21.17 54.35 -23.59
CA PHE B 65 19.96 53.96 -24.28
C PHE B 65 19.96 52.48 -24.67
N SER B 66 18.93 51.77 -24.19
CA SER B 66 18.70 50.31 -24.41
C SER B 66 17.28 49.93 -24.92
N GLY B 67 17.09 48.65 -25.24
CA GLY B 67 15.86 48.11 -25.82
C GLY B 67 16.27 47.26 -26.99
N THR B 68 15.33 46.64 -27.70
CA THR B 68 15.72 45.70 -28.78
C THR B 68 16.11 46.31 -30.10
N ARG B 69 16.58 45.46 -31.00
CA ARG B 69 16.96 45.88 -32.33
C ARG B 69 15.93 46.84 -32.90
N GLY B 70 16.37 47.99 -33.40
CA GLY B 70 15.50 48.83 -34.21
C GLY B 70 14.21 49.35 -33.60
N VAL B 71 14.32 49.96 -32.43
CA VAL B 71 13.20 50.57 -31.75
C VAL B 71 13.46 52.07 -31.44
N GLY B 72 14.64 52.57 -31.83
CA GLY B 72 14.97 53.98 -31.70
C GLY B 72 16.21 54.31 -30.87
N LYS B 73 16.90 53.26 -30.39
CA LYS B 73 18.04 53.44 -29.48
C LYS B 73 19.00 54.50 -29.98
N THR B 74 19.60 54.29 -31.14
CA THR B 74 20.61 55.23 -31.53
C THR B 74 19.98 56.45 -32.18
N SER B 75 18.79 56.28 -32.72
CA SER B 75 18.13 57.41 -33.37
C SER B 75 17.93 58.47 -32.33
N ILE B 76 17.48 58.06 -31.15
CA ILE B 76 17.29 59.01 -30.07
C ILE B 76 18.63 59.55 -29.56
N ALA B 77 19.66 58.70 -29.47
CA ALA B 77 20.97 59.18 -29.09
C ALA B 77 21.37 60.39 -29.96
N ARG B 78 21.17 60.26 -31.28
CA ARG B 78 21.52 61.32 -32.22
C ARG B 78 20.65 62.56 -32.12
N LEU B 79 19.46 62.44 -31.55
CA LEU B 79 18.61 63.59 -31.35
C LEU B 79 19.03 64.34 -30.10
N LEU B 80 19.22 63.61 -29.00
CA LEU B 80 19.78 64.23 -27.80
C LEU B 80 21.02 65.06 -28.13
N ALA B 81 21.76 64.66 -29.16
CA ALA B 81 22.95 65.40 -29.58
C ALA B 81 22.59 66.72 -30.27
N LYS B 82 21.64 66.68 -31.20
CA LYS B 82 21.15 67.88 -31.88
C LYS B 82 20.57 68.86 -30.87
N GLY B 83 19.65 68.38 -30.05
CA GLY B 83 19.04 69.21 -29.02
C GLY B 83 20.04 69.70 -27.98
N LEU B 84 21.21 69.05 -27.88
CA LEU B 84 22.25 69.45 -26.92
C LEU B 84 23.15 70.56 -27.46
N ASN B 85 23.17 70.71 -28.79
CA ASN B 85 24.13 71.60 -29.42
C ASN B 85 23.49 72.53 -30.39
N CYS B 86 22.17 72.52 -30.46
CA CYS B 86 21.47 73.40 -31.39
C CYS B 86 21.96 74.83 -31.27
N GLU B 87 22.02 75.51 -32.43
CA GLU B 87 22.41 76.91 -32.56
C GLU B 87 21.39 77.85 -31.86
N THR B 88 20.12 77.41 -31.83
CA THR B 88 19.05 78.09 -31.08
C THR B 88 19.23 77.99 -29.56
N GLY B 89 19.87 76.93 -29.13
CA GLY B 89 20.12 76.74 -27.72
C GLY B 89 19.89 75.30 -27.35
N ILE B 90 19.91 75.02 -26.05
CA ILE B 90 19.59 73.70 -25.53
C ILE B 90 18.07 73.47 -25.54
N THR B 91 17.59 72.52 -26.35
CA THR B 91 16.14 72.42 -26.57
C THR B 91 15.57 71.04 -26.93
N ALA B 92 14.36 70.84 -26.40
CA ALA B 92 13.52 69.68 -26.67
C ALA B 92 13.06 69.63 -28.11
N THR B 93 13.05 70.81 -28.73
CA THR B 93 12.55 70.97 -30.09
C THR B 93 13.65 71.42 -31.01
N PRO B 94 14.76 70.64 -31.12
CA PRO B 94 15.86 71.02 -32.01
C PRO B 94 15.30 71.43 -33.38
N CYS B 95 16.03 72.23 -34.15
CA CYS B 95 15.43 72.87 -35.33
C CYS B 95 15.69 72.13 -36.65
N GLY B 96 16.72 71.29 -36.68
CA GLY B 96 17.03 70.45 -37.83
C GLY B 96 17.46 71.20 -39.10
N VAL B 97 17.64 72.51 -38.96
CA VAL B 97 17.96 73.35 -40.10
C VAL B 97 19.24 74.18 -39.92
N CYS B 98 19.60 74.53 -38.68
CA CYS B 98 20.83 75.30 -38.43
C CYS B 98 22.06 74.51 -38.87
N ASP B 99 23.17 75.20 -39.15
CA ASP B 99 24.40 74.54 -39.58
C ASP B 99 24.72 73.27 -38.73
N ASN B 100 24.58 73.39 -37.41
CA ASN B 100 24.84 72.28 -36.49
C ASN B 100 23.84 71.13 -36.62
N CYS B 101 22.59 71.44 -36.94
CA CYS B 101 21.56 70.40 -37.00
C CYS B 101 21.53 69.60 -38.32
N ARG B 102 21.77 70.28 -39.45
CA ARG B 102 21.93 69.58 -40.72
C ARG B 102 23.31 68.94 -40.74
N GLU B 103 24.28 69.57 -40.08
CA GLU B 103 25.62 69.00 -39.97
C GLU B 103 25.60 67.63 -39.22
N ILE B 104 24.73 67.48 -38.23
CA ILE B 104 24.69 66.22 -37.52
C ILE B 104 23.84 65.23 -38.34
N GLU B 105 22.71 65.73 -38.86
CA GLU B 105 21.81 64.94 -39.71
C GLU B 105 22.61 64.32 -40.86
N GLN B 106 23.53 65.13 -41.40
CA GLN B 106 24.41 64.75 -42.50
C GLN B 106 25.33 63.58 -42.12
N GLY B 107 26.19 63.81 -41.14
CA GLY B 107 27.15 62.81 -40.73
C GLY B 107 28.40 63.42 -40.15
N ARG B 108 28.75 64.63 -40.59
CA ARG B 108 30.00 65.27 -40.17
C ARG B 108 29.79 66.53 -39.33
N PHE B 109 29.67 66.33 -38.03
CA PHE B 109 29.67 67.42 -37.06
C PHE B 109 30.88 67.27 -36.11
N VAL B 110 31.78 68.25 -36.19
CA VAL B 110 33.09 68.24 -35.54
C VAL B 110 33.06 67.91 -34.05
N ASP B 111 31.95 68.16 -33.41
CA ASP B 111 31.89 67.90 -31.98
C ASP B 111 30.85 66.86 -31.62
N LEU B 112 30.44 66.06 -32.61
CA LEU B 112 29.74 64.80 -32.32
C LEU B 112 30.59 63.59 -32.72
N ILE B 113 31.29 63.02 -31.75
CA ILE B 113 32.20 61.92 -31.96
C ILE B 113 31.47 60.60 -31.76
N GLU B 114 31.01 59.95 -32.83
CA GLU B 114 30.21 58.75 -32.69
C GLU B 114 31.08 57.56 -32.87
N ILE B 115 31.48 56.97 -31.75
CA ILE B 115 32.31 55.79 -31.75
C ILE B 115 31.50 54.51 -32.02
N ASP B 116 31.92 53.73 -33.02
CA ASP B 116 31.38 52.38 -33.26
C ASP B 116 32.12 51.39 -32.37
N ALA B 117 31.68 51.28 -31.13
CA ALA B 117 32.45 50.58 -30.08
C ALA B 117 32.67 49.09 -30.33
N ALA B 118 32.05 48.55 -31.37
CA ALA B 118 32.21 47.15 -31.67
C ALA B 118 33.39 46.91 -32.54
N SER B 119 33.79 47.90 -33.32
CA SER B 119 34.96 47.69 -34.16
C SER B 119 36.20 48.25 -33.54
N ARG B 120 36.00 49.02 -32.47
CA ARG B 120 37.06 49.68 -31.75
C ARG B 120 36.81 49.35 -30.28
N THR B 121 37.25 48.17 -29.85
CA THR B 121 36.93 47.63 -28.52
C THR B 121 38.14 47.46 -27.64
N LYS B 122 39.32 47.37 -28.24
CA LYS B 122 40.58 47.16 -27.52
C LYS B 122 40.89 48.39 -26.63
N VAL B 123 41.79 48.31 -25.66
CA VAL B 123 41.96 49.46 -24.77
C VAL B 123 42.77 50.57 -25.39
N GLU B 124 43.87 50.22 -26.06
CA GLU B 124 44.64 51.18 -26.84
C GLU B 124 43.71 52.23 -27.45
N ASP B 125 42.70 51.77 -28.18
CA ASP B 125 41.72 52.61 -28.87
C ASP B 125 40.83 53.45 -28.00
N THR B 126 40.60 52.98 -26.80
CA THR B 126 39.71 53.71 -25.92
C THR B 126 40.51 54.76 -25.17
N ARG B 127 41.71 54.37 -24.74
CA ARG B 127 42.65 55.36 -24.20
C ARG B 127 42.89 56.53 -25.18
N ASP B 128 43.01 56.24 -26.47
CA ASP B 128 43.24 57.33 -27.41
C ASP B 128 42.02 58.19 -27.59
N LEU B 129 40.83 57.58 -27.58
CA LEU B 129 39.62 58.37 -27.67
C LEU B 129 39.63 59.33 -26.50
N LEU B 130 39.91 58.83 -25.32
CA LEU B 130 39.77 59.64 -24.15
C LEU B 130 40.89 60.67 -23.91
N ASP B 131 41.98 60.65 -24.69
CA ASP B 131 43.04 61.64 -24.46
C ASP B 131 42.63 63.01 -24.95
N ASN B 132 41.71 63.00 -25.91
CA ASN B 132 41.15 64.21 -26.47
C ASN B 132 39.91 64.73 -25.75
N VAL B 133 39.54 64.08 -24.67
CA VAL B 133 38.30 64.42 -23.97
C VAL B 133 38.49 65.75 -23.28
N GLN B 134 39.73 66.02 -22.91
CA GLN B 134 40.08 67.20 -22.15
C GLN B 134 40.02 68.54 -22.93
N TYR B 135 40.56 68.57 -24.15
CA TYR B 135 40.48 69.73 -25.06
C TYR B 135 39.03 70.17 -25.28
N ALA B 136 38.80 71.47 -25.34
CA ALA B 136 37.44 72.01 -25.49
C ALA B 136 36.83 71.72 -26.87
N PRO B 137 35.50 71.87 -27.00
CA PRO B 137 34.71 71.66 -28.22
C PRO B 137 34.82 72.83 -29.22
N ALA B 138 35.10 72.54 -30.48
CA ALA B 138 35.48 73.63 -31.38
C ALA B 138 34.35 74.16 -32.28
N ARG B 139 33.10 73.89 -31.89
CA ARG B 139 31.95 74.40 -32.66
C ARG B 139 30.74 74.71 -31.79
N GLY B 140 30.32 73.74 -31.01
CA GLY B 140 29.07 73.87 -30.27
C GLY B 140 29.26 73.92 -28.77
N ARG B 141 28.16 73.82 -28.03
CA ARG B 141 28.15 73.96 -26.57
C ARG B 141 28.89 72.81 -25.93
N PHE B 142 28.82 71.64 -26.55
CA PHE B 142 29.20 70.41 -25.90
C PHE B 142 29.96 69.45 -26.78
N LYS B 143 30.97 68.82 -26.20
CA LYS B 143 31.56 67.67 -26.81
C LYS B 143 30.70 66.41 -26.47
N VAL B 144 29.94 65.92 -27.45
CA VAL B 144 29.11 64.69 -27.30
C VAL B 144 29.72 63.40 -27.90
N TYR B 145 30.10 62.48 -27.02
CA TYR B 145 30.61 61.18 -27.42
C TYR B 145 29.44 60.21 -27.48
N LEU B 146 29.20 59.63 -28.63
CA LEU B 146 28.04 58.77 -28.80
C LEU B 146 28.45 57.33 -28.97
N ILE B 147 28.64 56.59 -27.89
CA ILE B 147 29.21 55.24 -27.98
C ILE B 147 28.14 54.18 -28.21
N ASP B 148 28.17 53.54 -29.39
CA ASP B 148 27.12 52.64 -29.91
C ASP B 148 27.56 51.20 -29.93
N GLU B 149 26.59 50.30 -29.92
CA GLU B 149 26.81 48.89 -29.59
C GLU B 149 27.97 48.71 -28.54
N VAL B 150 27.81 49.38 -27.40
CA VAL B 150 28.89 49.55 -26.40
C VAL B 150 29.12 48.34 -25.55
N HIS B 151 28.22 47.37 -25.66
CA HIS B 151 28.36 46.16 -24.87
C HIS B 151 29.64 45.43 -25.23
N MET B 152 30.25 45.75 -26.36
CA MET B 152 31.42 45.00 -26.83
C MET B 152 32.80 45.38 -26.26
N LEU B 153 32.93 46.50 -25.55
CA LEU B 153 34.23 46.94 -25.07
C LEU B 153 34.82 45.98 -24.05
N SER B 154 36.14 45.90 -23.93
CA SER B 154 36.77 44.93 -23.04
C SER B 154 36.62 45.29 -21.56
N ARG B 155 37.07 44.42 -20.66
CA ARG B 155 37.05 44.80 -19.25
C ARG B 155 37.77 46.11 -19.22
N HIS B 156 38.92 46.14 -19.89
CA HIS B 156 39.90 47.21 -19.73
C HIS B 156 39.46 48.49 -20.38
N SER B 157 38.77 48.37 -21.50
CA SER B 157 38.19 49.56 -22.08
C SER B 157 37.04 50.09 -21.26
N PHE B 158 36.37 49.26 -20.48
CA PHE B 158 35.39 49.77 -19.53
C PHE B 158 36.05 50.52 -18.41
N ASN B 159 36.95 49.88 -17.69
CA ASN B 159 37.72 50.57 -16.67
C ASN B 159 38.19 51.94 -17.09
N ALA B 160 38.67 52.04 -18.32
CA ALA B 160 39.21 53.30 -18.79
C ALA B 160 38.09 54.27 -19.00
N LEU B 161 36.97 53.80 -19.55
CA LEU B 161 35.79 54.67 -19.74
C LEU B 161 35.33 55.14 -18.37
N LEU B 162 35.20 54.21 -17.45
CA LEU B 162 34.72 54.53 -16.12
C LEU B 162 35.45 55.74 -15.50
N LYS B 163 36.77 55.80 -15.64
CA LYS B 163 37.56 56.81 -14.98
C LYS B 163 37.09 58.20 -15.41
N THR B 164 36.77 58.33 -16.69
CA THR B 164 36.24 59.56 -17.26
C THR B 164 34.75 59.85 -16.96
N LEU B 165 33.96 58.83 -16.65
CA LEU B 165 32.56 59.05 -16.27
C LEU B 165 32.39 59.30 -14.80
N GLU B 166 33.38 58.91 -14.01
CA GLU B 166 33.41 59.24 -12.59
C GLU B 166 33.77 60.72 -12.42
N GLU B 167 34.61 61.25 -13.30
CA GLU B 167 35.00 62.66 -13.26
C GLU B 167 34.72 63.34 -14.59
N PRO B 168 33.43 63.55 -14.87
CA PRO B 168 33.04 64.06 -16.18
C PRO B 168 33.54 65.49 -16.36
N PRO B 169 34.25 65.76 -17.47
CA PRO B 169 34.44 67.18 -17.84
C PRO B 169 33.08 67.86 -18.05
N GLU B 170 33.06 69.19 -17.98
CA GLU B 170 31.81 69.92 -18.04
C GLU B 170 31.26 70.03 -19.47
N HIS B 171 32.16 70.19 -20.43
CA HIS B 171 31.79 70.41 -21.83
C HIS B 171 31.51 69.12 -22.56
N VAL B 172 31.64 68.03 -21.82
CA VAL B 172 31.48 66.68 -22.33
C VAL B 172 30.18 66.04 -21.83
N LYS B 173 29.46 65.42 -22.77
CA LYS B 173 28.37 64.49 -22.43
C LYS B 173 28.60 63.10 -23.11
N PHE B 174 28.06 62.04 -22.52
CA PHE B 174 28.26 60.69 -23.03
C PHE B 174 26.94 59.99 -23.31
N LEU B 175 26.62 59.74 -24.57
CA LEU B 175 25.45 58.97 -24.92
C LEU B 175 25.88 57.57 -25.28
N LEU B 176 25.56 56.60 -24.40
CA LEU B 176 25.90 55.17 -24.54
C LEU B 176 24.70 54.41 -25.03
N ALA B 177 24.86 53.63 -26.10
CA ALA B 177 23.76 52.78 -26.59
C ALA B 177 24.19 51.34 -26.79
N THR B 178 23.35 50.43 -26.32
CA THR B 178 23.53 49.01 -26.61
C THR B 178 22.20 48.34 -26.52
N ALA B 179 22.00 47.31 -27.32
CA ALA B 179 20.76 46.56 -27.23
C ALA B 179 20.80 45.60 -26.06
N ASP B 180 22.01 45.27 -25.61
CA ASP B 180 22.17 44.33 -24.52
C ASP B 180 22.97 44.88 -23.37
N PRO B 181 22.32 45.61 -22.47
CA PRO B 181 22.96 46.32 -21.35
C PRO B 181 23.48 45.42 -20.27
N GLN B 182 22.89 44.22 -20.18
CA GLN B 182 23.21 43.27 -19.14
C GLN B 182 24.72 43.01 -19.10
N LYS B 183 25.38 43.33 -20.20
CA LYS B 183 26.83 43.11 -20.33
C LYS B 183 27.75 44.23 -19.79
N LEU B 184 27.21 45.43 -19.59
CA LEU B 184 28.03 46.49 -19.03
C LEU B 184 28.21 46.20 -17.55
N PRO B 185 29.39 46.47 -16.98
CA PRO B 185 29.65 46.34 -15.54
C PRO B 185 28.63 47.09 -14.72
N VAL B 186 28.37 46.65 -13.50
CA VAL B 186 27.46 47.36 -12.63
C VAL B 186 28.09 48.73 -12.37
N THR B 187 29.43 48.78 -12.45
CA THR B 187 30.16 50.02 -12.18
C THR B 187 30.02 51.05 -13.29
N ILE B 188 29.17 50.81 -14.26
CA ILE B 188 28.97 51.77 -15.33
C ILE B 188 27.49 52.11 -15.38
N LEU B 189 26.70 51.07 -15.19
CA LEU B 189 25.28 51.21 -15.10
C LEU B 189 24.97 52.21 -14.00
N SER B 190 25.86 52.30 -13.02
CA SER B 190 25.62 53.15 -11.86
C SER B 190 26.02 54.59 -12.13
N ARG B 191 26.64 54.82 -13.29
CA ARG B 191 27.07 56.16 -13.65
C ARG B 191 26.35 56.71 -14.88
N CYS B 192 25.30 56.03 -15.33
CA CYS B 192 24.45 56.54 -16.42
C CYS B 192 22.97 56.51 -16.12
N LEU B 193 22.25 57.57 -16.44
CA LEU B 193 20.80 57.49 -16.42
C LEU B 193 20.40 56.57 -17.55
N GLN B 194 19.80 55.44 -17.24
CA GLN B 194 19.48 54.51 -18.30
C GLN B 194 18.04 54.53 -18.76
N PHE B 195 17.86 54.77 -20.04
CA PHE B 195 16.53 54.79 -20.62
C PHE B 195 16.28 53.52 -21.41
N HIS B 196 15.33 52.73 -20.94
CA HIS B 196 15.01 51.51 -21.64
C HIS B 196 13.87 51.75 -22.59
N LEU B 197 14.19 51.72 -23.89
CA LEU B 197 13.19 51.88 -24.94
C LEU B 197 12.28 50.65 -24.99
N LYS B 198 11.01 50.84 -25.32
CA LYS B 198 10.04 49.74 -25.33
C LYS B 198 10.00 49.19 -26.75
N ALA B 199 9.44 48.01 -26.94
CA ALA B 199 9.25 47.51 -28.29
C ALA B 199 8.01 48.19 -28.75
N LEU B 200 7.87 48.37 -30.06
CA LEU B 200 6.73 49.15 -30.53
C LEU B 200 5.55 48.24 -30.79
N ASP B 201 4.39 48.79 -30.46
CA ASP B 201 3.16 48.05 -30.56
C ASP B 201 2.72 47.93 -32.01
N VAL B 202 2.12 46.80 -32.33
CA VAL B 202 1.51 46.54 -33.61
C VAL B 202 0.84 47.77 -34.31
N GLU B 203 0.08 48.56 -33.55
CA GLU B 203 -0.54 49.74 -34.13
C GLU B 203 0.55 50.78 -34.32
N GLN B 204 1.30 51.09 -33.27
CA GLN B 204 2.41 52.04 -33.36
C GLN B 204 3.25 51.81 -34.63
N ILE B 205 3.57 50.55 -34.93
CA ILE B 205 4.32 50.17 -36.14
C ILE B 205 3.49 50.29 -37.40
N ARG B 206 2.24 49.83 -37.33
CA ARG B 206 1.31 49.89 -38.46
C ARG B 206 1.14 51.34 -38.95
N HIS B 207 0.95 52.27 -38.01
CA HIS B 207 0.73 53.66 -38.35
C HIS B 207 1.92 54.24 -39.11
N GLN B 208 3.13 54.04 -38.56
CA GLN B 208 4.36 54.52 -39.22
C GLN B 208 4.54 53.88 -40.59
N LEU B 209 4.13 52.63 -40.72
CA LEU B 209 4.20 51.99 -42.02
C LEU B 209 3.37 52.80 -43.01
N GLU B 210 2.09 52.96 -42.70
CA GLU B 210 1.15 53.74 -43.51
C GLU B 210 1.69 55.15 -43.85
N HIS B 211 2.13 55.89 -42.83
CA HIS B 211 2.73 57.20 -43.05
C HIS B 211 3.72 57.17 -44.18
N ILE B 212 4.87 56.54 -43.92
CA ILE B 212 5.97 56.35 -44.87
C ILE B 212 5.57 55.88 -46.27
N LEU B 213 4.91 54.73 -46.33
CA LEU B 213 4.50 54.21 -47.62
C LEU B 213 3.77 55.25 -48.44
N ASN B 214 2.86 56.00 -47.80
CA ASN B 214 2.15 57.13 -48.45
C ASN B 214 3.08 58.25 -48.94
N GLU B 215 3.89 58.79 -48.04
CA GLU B 215 4.81 59.85 -48.39
C GLU B 215 5.70 59.46 -49.57
N GLU B 216 6.16 58.21 -49.61
CA GLU B 216 6.99 57.76 -50.73
C GLU B 216 6.13 57.60 -51.98
N HIS B 217 4.82 57.73 -51.80
CA HIS B 217 3.84 57.49 -52.86
C HIS B 217 3.87 56.03 -53.36
N ILE B 218 3.35 55.14 -52.54
CA ILE B 218 3.33 53.71 -52.85
C ILE B 218 1.98 53.11 -52.44
N ALA B 219 1.39 52.33 -53.35
CA ALA B 219 0.08 51.73 -53.10
C ALA B 219 0.11 50.66 -51.99
N HIS B 220 -0.95 50.58 -51.19
CA HIS B 220 -1.02 49.59 -50.12
C HIS B 220 -2.46 49.30 -49.69
N GLU B 221 -2.71 48.04 -49.33
CA GLU B 221 -3.99 47.63 -48.80
C GLU B 221 -3.93 47.69 -47.29
N PRO B 222 -5.03 48.15 -46.65
CA PRO B 222 -5.03 48.23 -45.18
C PRO B 222 -4.38 47.01 -44.53
N ARG B 223 -4.74 45.80 -44.99
CA ARG B 223 -4.38 44.60 -44.25
C ARG B 223 -2.97 44.10 -44.53
N ALA B 224 -2.40 44.54 -45.64
CA ALA B 224 -1.01 44.22 -45.92
C ALA B 224 -0.14 44.82 -44.82
N LEU B 225 -0.43 46.06 -44.45
CA LEU B 225 0.30 46.74 -43.40
C LEU B 225 0.06 46.11 -42.04
N GLN B 226 -1.18 45.69 -41.78
CA GLN B 226 -1.46 45.06 -40.49
C GLN B 226 -0.63 43.77 -40.38
N LEU B 227 -0.47 43.07 -41.51
CA LEU B 227 0.33 41.84 -41.57
C LEU B 227 1.83 42.10 -41.41
N LEU B 228 2.31 43.19 -41.99
CA LEU B 228 3.71 43.55 -41.81
C LEU B 228 4.01 43.83 -40.34
N ALA B 229 3.35 44.83 -39.77
CA ALA B 229 3.55 45.23 -38.38
C ALA B 229 3.57 44.03 -37.43
N ARG B 230 2.65 43.09 -37.64
CA ARG B 230 2.56 41.88 -36.81
C ARG B 230 3.83 41.02 -36.98
N ALA B 231 4.33 40.94 -38.21
CA ALA B 231 5.48 40.10 -38.54
C ALA B 231 6.80 40.68 -38.01
N ALA B 232 6.82 41.99 -37.82
CA ALA B 232 8.01 42.72 -37.37
C ALA B 232 8.48 42.29 -35.98
N GLU B 233 7.54 41.75 -35.22
CA GLU B 233 7.80 41.36 -33.86
C GLU B 233 8.33 42.53 -33.03
N GLY B 234 7.65 43.67 -33.15
CA GLY B 234 7.87 44.79 -32.25
C GLY B 234 9.01 45.73 -32.59
N SER B 235 9.72 45.44 -33.68
CA SER B 235 10.81 46.31 -34.15
C SER B 235 10.49 47.15 -35.40
N LEU B 236 10.66 48.46 -35.29
CA LEU B 236 10.38 49.34 -36.41
C LEU B 236 11.40 49.20 -37.52
N ARG B 237 12.56 48.63 -37.22
CA ARG B 237 13.44 48.36 -38.33
C ARG B 237 12.96 47.08 -39.02
N ASP B 238 12.83 45.99 -38.25
CA ASP B 238 12.46 44.70 -38.84
C ASP B 238 11.24 44.93 -39.71
N ALA B 239 10.54 46.01 -39.39
CA ALA B 239 9.36 46.42 -40.14
C ALA B 239 9.72 47.04 -41.49
N LEU B 240 10.51 48.10 -41.46
CA LEU B 240 10.87 48.77 -42.69
C LEU B 240 11.70 47.85 -43.60
N SER B 241 12.46 46.95 -42.99
CA SER B 241 13.23 46.00 -43.78
C SER B 241 12.23 45.06 -44.43
N LEU B 242 11.25 44.62 -43.66
CA LEU B 242 10.25 43.73 -44.24
C LEU B 242 9.46 44.44 -45.35
N THR B 243 9.25 45.75 -45.23
CA THR B 243 8.53 46.47 -46.29
C THR B 243 9.35 46.55 -47.56
N ASP B 244 10.59 47.02 -47.46
CA ASP B 244 11.42 47.23 -48.64
C ASP B 244 11.35 46.00 -49.51
N GLN B 245 11.55 44.87 -48.88
CA GLN B 245 11.41 43.61 -49.57
C GLN B 245 9.99 43.36 -50.14
N ALA B 246 8.98 43.58 -49.33
CA ALA B 246 7.60 43.57 -49.81
C ALA B 246 7.44 44.36 -51.12
N ILE B 247 7.81 45.63 -51.08
CA ILE B 247 7.77 46.49 -52.26
C ILE B 247 8.41 45.87 -53.49
N ALA B 248 9.41 45.01 -53.29
CA ALA B 248 9.98 44.31 -54.42
C ALA B 248 9.04 43.21 -54.95
N SER B 249 8.63 42.29 -54.08
CA SER B 249 7.81 41.18 -54.54
C SER B 249 6.51 41.67 -55.17
N GLY B 250 6.10 42.89 -54.83
CA GLY B 250 4.89 43.45 -55.40
C GLY B 250 5.10 44.26 -56.68
N ASP B 251 6.35 44.38 -57.12
CA ASP B 251 6.76 45.24 -58.25
C ASP B 251 6.23 46.68 -58.09
N GLY B 252 6.43 47.26 -56.89
CA GLY B 252 6.01 48.62 -56.64
C GLY B 252 4.71 48.80 -55.87
N GLN B 253 3.94 47.72 -55.72
CA GLN B 253 2.70 47.74 -54.94
C GLN B 253 2.85 46.89 -53.69
N VAL B 254 2.31 47.34 -52.57
CA VAL B 254 2.29 46.52 -51.36
C VAL B 254 0.92 45.91 -51.18
N SER B 255 0.72 44.70 -51.70
CA SER B 255 -0.59 44.07 -51.63
C SER B 255 -0.70 42.94 -50.60
N THR B 256 -1.91 42.71 -50.10
CA THR B 256 -2.14 41.56 -49.22
C THR B 256 -1.81 40.29 -50.01
N GLN B 257 -2.31 40.21 -51.26
CA GLN B 257 -1.96 39.14 -52.22
C GLN B 257 -0.46 38.84 -52.15
N ALA B 258 0.32 39.91 -52.02
CA ALA B 258 1.77 39.90 -52.14
C ALA B 258 2.47 39.72 -50.82
N VAL B 259 2.12 40.54 -49.83
CA VAL B 259 2.78 40.47 -48.53
C VAL B 259 2.57 39.10 -47.90
N SER B 260 1.31 38.64 -47.87
CA SER B 260 0.99 37.32 -47.32
C SER B 260 1.88 36.27 -47.94
N ALA B 261 2.09 36.38 -49.25
CA ALA B 261 3.01 35.49 -49.96
C ALA B 261 4.38 35.43 -49.28
N MET B 262 5.04 36.57 -49.29
CA MET B 262 6.40 36.75 -48.81
C MET B 262 6.60 36.36 -47.36
N LEU B 263 5.59 36.58 -46.53
CA LEU B 263 5.74 36.24 -45.12
C LEU B 263 5.62 34.72 -44.91
N GLY B 264 4.97 34.04 -45.85
CA GLY B 264 4.88 32.59 -45.79
C GLY B 264 6.20 31.95 -46.19
N THR B 265 6.91 32.65 -47.07
CA THR B 265 8.33 32.37 -47.37
C THR B 265 9.14 32.24 -46.08
N LEU B 266 8.84 33.11 -45.12
CA LEU B 266 9.72 33.33 -43.98
C LEU B 266 9.17 32.81 -42.65
N ASP B 267 8.20 31.90 -42.68
CA ASP B 267 7.50 31.39 -41.46
C ASP B 267 8.37 30.52 -40.53
N ASP B 268 8.53 31.00 -39.29
CA ASP B 268 9.01 30.24 -38.12
C ASP B 268 7.90 29.25 -37.74
N ASP B 269 6.67 29.76 -37.92
CA ASP B 269 5.36 29.18 -37.62
C ASP B 269 5.24 27.66 -37.43
N GLN B 270 5.71 26.92 -38.44
CA GLN B 270 5.37 25.50 -38.63
C GLN B 270 5.03 24.61 -37.45
N ALA B 271 5.70 24.77 -36.30
CA ALA B 271 5.40 23.86 -35.19
C ALA B 271 4.15 24.26 -34.37
N LEU B 272 4.04 25.53 -33.96
CA LEU B 272 2.81 26.00 -33.29
C LEU B 272 1.59 25.76 -34.17
N SER B 273 1.79 25.98 -35.46
CA SER B 273 0.75 25.84 -36.44
C SER B 273 0.27 24.39 -36.55
N LEU B 274 1.19 23.42 -36.45
CA LEU B 274 0.81 22.01 -36.52
C LEU B 274 0.04 21.56 -35.26
N VAL B 275 0.35 22.14 -34.10
CA VAL B 275 -0.42 21.88 -32.87
C VAL B 275 -1.89 22.28 -33.03
N GLU B 276 -2.11 23.54 -33.37
CA GLU B 276 -3.43 24.04 -33.79
C GLU B 276 -4.14 23.13 -34.82
N ALA B 277 -3.49 22.87 -35.97
CA ALA B 277 -4.06 22.04 -37.04
C ALA B 277 -4.19 20.54 -36.70
N MET B 278 -3.52 20.10 -35.63
CA MET B 278 -3.59 18.70 -35.17
C MET B 278 -4.84 18.52 -34.32
N VAL B 279 -5.00 19.41 -33.34
CA VAL B 279 -6.14 19.38 -32.44
C VAL B 279 -7.45 19.50 -33.21
N GLU B 280 -7.48 20.33 -34.25
CA GLU B 280 -8.66 20.55 -35.10
C GLU B 280 -8.95 19.42 -36.13
N ALA B 281 -8.08 18.40 -36.16
CA ALA B 281 -8.22 17.20 -37.02
C ALA B 281 -8.08 17.45 -38.53
N ASN B 282 -7.70 18.68 -38.89
CA ASN B 282 -7.55 19.09 -40.27
C ASN B 282 -6.34 18.47 -40.95
N GLY B 283 -6.54 17.28 -41.51
CA GLY B 283 -5.47 16.52 -42.11
C GLY B 283 -4.81 17.05 -43.37
N GLU B 284 -5.54 17.83 -44.19
CA GLU B 284 -4.91 18.48 -45.35
C GLU B 284 -4.03 19.60 -44.84
N ARG B 285 -4.56 20.39 -43.90
CA ARG B 285 -3.79 21.48 -43.31
C ARG B 285 -2.61 20.91 -42.52
N VAL B 286 -2.79 19.73 -41.96
CA VAL B 286 -1.70 19.10 -41.23
C VAL B 286 -0.58 18.61 -42.15
N MET B 287 -0.94 17.99 -43.29
CA MET B 287 0.09 17.46 -44.19
C MET B 287 0.63 18.51 -45.18
N ALA B 288 -0.05 19.64 -45.28
CA ALA B 288 0.44 20.76 -46.09
C ALA B 288 1.43 21.59 -45.29
N LEU B 289 1.23 21.65 -43.98
CA LEU B 289 2.17 22.32 -43.08
C LEU B 289 3.45 21.54 -43.01
N ILE B 290 3.35 20.21 -43.01
CA ILE B 290 4.53 19.34 -43.08
C ILE B 290 5.30 19.56 -44.37
N ASN B 291 4.60 19.93 -45.43
CA ASN B 291 5.25 20.25 -46.71
C ASN B 291 5.87 21.67 -46.67
N GLU B 292 5.14 22.63 -46.09
CA GLU B 292 5.66 23.98 -45.81
C GLU B 292 6.98 23.88 -45.01
N ALA B 293 7.00 22.98 -44.03
CA ALA B 293 8.20 22.77 -43.23
C ALA B 293 9.37 22.31 -44.08
N ALA B 294 9.11 21.51 -45.10
CA ALA B 294 10.20 20.93 -45.91
C ALA B 294 10.89 21.96 -46.76
N ALA B 295 10.11 22.91 -47.29
CA ALA B 295 10.67 24.02 -48.06
C ALA B 295 11.59 24.89 -47.20
N ARG B 296 11.05 25.49 -46.15
CA ARG B 296 11.88 26.27 -45.25
C ARG B 296 13.15 25.45 -44.91
N GLY B 297 13.10 24.14 -45.10
CA GLY B 297 14.27 23.30 -45.00
C GLY B 297 14.62 22.78 -43.62
N ILE B 298 13.59 22.42 -42.84
CA ILE B 298 13.69 22.07 -41.40
C ILE B 298 14.57 20.87 -41.09
N GLU B 299 15.03 20.79 -39.85
CA GLU B 299 15.64 19.57 -39.33
C GLU B 299 14.52 18.83 -38.59
N TRP B 300 14.20 17.62 -39.01
CA TRP B 300 12.92 17.07 -38.59
C TRP B 300 12.82 16.77 -37.09
N GLU B 301 13.86 16.16 -36.50
CA GLU B 301 13.74 15.81 -35.09
C GLU B 301 13.50 17.09 -34.29
N ALA B 302 13.82 18.21 -34.92
CA ALA B 302 13.68 19.54 -34.32
C ALA B 302 12.27 20.07 -34.33
N LEU B 303 11.57 19.91 -35.45
CA LEU B 303 10.14 20.20 -35.45
C LEU B 303 9.42 19.46 -34.31
N LEU B 304 9.58 18.13 -34.27
CA LEU B 304 9.00 17.30 -33.22
C LEU B 304 9.19 17.93 -31.86
N VAL B 305 10.43 18.35 -31.60
CA VAL B 305 10.80 18.83 -30.26
C VAL B 305 10.21 20.19 -29.92
N GLU B 306 9.99 21.01 -30.95
CA GLU B 306 9.30 22.29 -30.75
C GLU B 306 7.82 22.02 -30.41
N MET B 307 7.29 20.93 -30.96
CA MET B 307 5.91 20.56 -30.70
C MET B 307 5.75 20.02 -29.26
N LEU B 308 6.45 18.95 -28.90
CA LEU B 308 6.42 18.48 -27.51
C LEU B 308 6.53 19.65 -26.56
N GLY B 309 7.34 20.63 -26.96
CA GLY B 309 7.72 21.72 -26.10
C GLY B 309 6.64 22.77 -26.01
N LEU B 310 5.97 23.01 -27.14
CA LEU B 310 4.73 23.79 -27.12
C LEU B 310 3.64 23.07 -26.28
N LEU B 311 3.39 21.78 -26.53
CA LEU B 311 2.38 21.06 -25.77
C LEU B 311 2.60 21.25 -24.28
N HIS B 312 3.83 21.04 -23.81
CA HIS B 312 4.20 21.25 -22.40
C HIS B 312 3.81 22.66 -21.96
N ARG B 313 4.32 23.67 -22.65
CA ARG B 313 4.07 25.06 -22.27
C ARG B 313 2.59 25.36 -22.10
N ILE B 314 1.76 24.73 -22.92
CA ILE B 314 0.32 24.93 -22.86
C ILE B 314 -0.30 24.26 -21.64
N ALA B 315 0.05 22.99 -21.42
CA ALA B 315 -0.41 22.21 -20.26
C ALA B 315 -0.22 22.92 -18.91
N MET B 316 0.66 23.91 -18.86
CA MET B 316 1.01 24.67 -17.65
C MET B 316 0.27 25.99 -17.51
N VAL B 317 -0.09 26.59 -18.65
CA VAL B 317 -0.97 27.75 -18.69
C VAL B 317 -2.40 27.23 -18.43
N GLN B 318 -2.49 25.94 -18.12
CA GLN B 318 -3.72 25.28 -17.62
C GLN B 318 -3.72 25.25 -16.07
N LEU B 319 -2.53 25.31 -15.49
CA LEU B 319 -2.35 25.37 -14.03
C LEU B 319 -2.29 26.83 -13.57
N SER B 320 -1.74 27.70 -14.41
CA SER B 320 -1.86 29.11 -14.13
C SER B 320 -1.61 29.91 -15.38
N PRO B 321 -2.16 31.14 -15.43
CA PRO B 321 -1.97 32.12 -16.52
C PRO B 321 -0.52 32.64 -16.60
N ALA B 322 0.13 32.72 -15.44
CA ALA B 322 1.46 33.32 -15.35
C ALA B 322 2.54 32.49 -16.03
N ALA B 323 2.17 31.29 -16.48
CA ALA B 323 3.10 30.36 -17.15
C ALA B 323 3.47 30.74 -18.59
N LEU B 324 2.81 31.77 -19.15
CA LEU B 324 3.24 32.32 -20.44
C LEU B 324 4.20 33.49 -20.21
N GLY B 325 5.34 33.43 -20.91
CA GLY B 325 6.46 34.34 -20.69
C GLY B 325 6.38 35.79 -21.18
N ASN B 326 7.29 36.58 -20.63
CA ASN B 326 7.68 37.88 -21.16
C ASN B 326 8.10 37.58 -22.61
N ASP B 327 8.71 36.39 -22.71
CA ASP B 327 9.26 35.79 -23.93
C ASP B 327 8.27 35.67 -25.10
N MET B 328 7.14 35.00 -24.82
CA MET B 328 6.17 34.50 -25.82
C MET B 328 5.41 35.49 -26.72
N ALA B 329 5.32 36.76 -26.32
CA ALA B 329 4.43 37.79 -26.94
C ALA B 329 3.78 37.61 -28.36
N ALA B 330 4.57 37.41 -29.42
CA ALA B 330 3.95 37.30 -30.75
C ALA B 330 3.15 35.99 -30.98
N ILE B 331 3.67 34.89 -30.43
CA ILE B 331 3.04 33.56 -30.41
C ILE B 331 1.86 33.53 -29.44
N GLU B 332 1.90 34.45 -28.47
CA GLU B 332 1.09 34.42 -27.23
C GLU B 332 -0.44 34.35 -27.34
N LEU B 333 -1.05 35.27 -28.07
CA LEU B 333 -2.52 35.30 -28.20
C LEU B 333 -3.04 33.90 -28.55
N ARG B 334 -2.48 33.33 -29.63
CA ARG B 334 -2.80 31.98 -30.09
C ARG B 334 -2.77 30.98 -28.93
N MET B 335 -1.70 31.05 -28.12
CA MET B 335 -1.42 30.05 -27.07
C MET B 335 -2.48 29.96 -25.95
N ARG B 336 -2.87 31.10 -25.38
CA ARG B 336 -3.89 31.16 -24.35
C ARG B 336 -5.23 30.55 -24.78
N GLU B 337 -5.55 30.71 -26.07
CA GLU B 337 -6.76 30.15 -26.69
C GLU B 337 -6.65 28.64 -26.90
N LEU B 338 -5.49 28.20 -27.37
CA LEU B 338 -5.22 26.79 -27.43
C LEU B 338 -5.42 26.17 -26.03
N ALA B 339 -4.96 26.84 -24.99
CA ALA B 339 -5.10 26.33 -23.62
C ALA B 339 -6.57 26.14 -23.19
N ARG B 340 -7.33 27.23 -23.24
CA ARG B 340 -8.74 27.19 -22.88
C ARG B 340 -9.46 26.04 -23.59
N THR B 341 -9.38 26.06 -24.91
CA THR B 341 -10.16 25.16 -25.77
C THR B 341 -9.46 23.81 -26.03
N ILE B 342 -9.09 23.12 -24.96
CA ILE B 342 -8.60 21.78 -25.07
C ILE B 342 -8.78 21.08 -23.72
N PRO B 343 -9.02 19.75 -23.73
CA PRO B 343 -9.04 18.83 -22.57
C PRO B 343 -7.64 18.39 -22.08
N PRO B 344 -7.22 18.79 -20.87
CA PRO B 344 -5.90 18.39 -20.34
C PRO B 344 -5.61 16.87 -20.16
N THR B 345 -6.61 16.00 -20.34
CA THR B 345 -6.34 14.54 -20.40
C THR B 345 -5.97 14.17 -21.84
N ASP B 346 -6.54 14.95 -22.77
CA ASP B 346 -6.22 14.94 -24.20
C ASP B 346 -4.80 15.47 -24.48
N ILE B 347 -4.45 16.64 -23.92
CA ILE B 347 -3.08 17.17 -24.04
C ILE B 347 -1.98 16.16 -23.63
N GLN B 348 -2.05 15.52 -22.47
CA GLN B 348 -1.09 14.42 -22.23
C GLN B 348 -1.29 13.21 -23.18
N LEU B 349 -2.42 13.14 -23.89
CA LEU B 349 -2.57 12.07 -24.87
C LEU B 349 -1.68 12.27 -26.14
N TYR B 350 -1.84 13.43 -26.78
CA TYR B 350 -1.02 13.86 -27.93
C TYR B 350 0.48 13.77 -27.56
N TYR B 351 0.83 14.47 -26.50
CA TYR B 351 2.15 14.39 -25.91
C TYR B 351 2.78 12.96 -25.90
N GLN B 352 2.07 11.92 -25.43
CA GLN B 352 2.67 10.58 -25.37
C GLN B 352 3.05 10.13 -26.78
N THR B 353 2.22 10.52 -27.74
CA THR B 353 2.32 10.08 -29.14
C THR B 353 3.50 10.72 -29.85
N LEU B 354 3.69 12.02 -29.62
CA LEU B 354 4.85 12.78 -30.15
C LEU B 354 6.22 12.34 -29.57
N LEU B 355 6.27 12.08 -28.26
CA LEU B 355 7.51 11.62 -27.65
C LEU B 355 7.91 10.27 -28.25
N ILE B 356 6.91 9.42 -28.49
CA ILE B 356 7.11 8.07 -29.07
C ILE B 356 7.59 8.18 -30.52
N GLY B 357 6.92 9.02 -31.29
CA GLY B 357 7.36 9.35 -32.63
C GLY B 357 8.82 9.77 -32.63
N ARG B 358 9.20 10.58 -31.65
CA ARG B 358 10.61 10.91 -31.49
C ARG B 358 11.42 9.63 -31.27
N LYS B 359 11.18 8.96 -30.15
CA LYS B 359 11.88 7.70 -29.84
C LYS B 359 11.99 6.78 -31.10
N GLU B 360 11.00 6.91 -32.00
CA GLU B 360 10.84 6.09 -33.22
C GLU B 360 11.54 6.67 -34.48
N LEU B 361 11.73 7.99 -34.49
CA LEU B 361 12.13 8.76 -35.66
C LEU B 361 13.42 8.34 -36.37
N PRO B 362 14.46 7.98 -35.61
CA PRO B 362 15.67 7.51 -36.30
C PRO B 362 15.42 6.17 -36.98
N TYR B 363 14.28 5.52 -36.68
CA TYR B 363 14.02 4.19 -37.20
C TYR B 363 12.99 4.26 -38.33
N ALA B 364 12.07 5.21 -38.22
CA ALA B 364 11.21 5.56 -39.35
C ALA B 364 12.08 5.72 -40.60
N PRO B 365 11.52 5.45 -41.81
CA PRO B 365 12.38 5.20 -42.99
C PRO B 365 13.02 6.46 -43.54
N ASP B 366 12.27 7.55 -43.42
CA ASP B 366 12.62 8.87 -43.92
C ASP B 366 12.29 9.70 -42.69
N ARG B 367 13.17 10.62 -42.28
CA ARG B 367 12.88 11.42 -41.09
C ARG B 367 11.54 12.12 -41.31
N ARG B 368 11.31 12.53 -42.57
CA ARG B 368 10.06 13.14 -42.97
C ARG B 368 8.97 12.12 -42.73
N MET B 369 9.07 10.98 -43.41
CA MET B 369 8.07 9.94 -43.26
C MET B 369 7.78 9.76 -41.77
N GLY B 370 8.83 9.81 -40.95
CA GLY B 370 8.68 9.61 -39.51
C GLY B 370 7.74 10.63 -38.89
N VAL B 371 8.07 11.90 -39.07
CA VAL B 371 7.21 12.95 -38.59
C VAL B 371 5.79 12.81 -39.15
N GLU B 372 5.68 12.51 -40.46
CA GLU B 372 4.37 12.27 -41.11
C GLU B 372 3.56 11.17 -40.42
N MET B 373 4.09 9.95 -40.35
CA MET B 373 3.41 8.81 -39.71
C MET B 373 3.17 8.99 -38.23
N THR B 374 3.85 9.98 -37.66
CA THR B 374 3.72 10.34 -36.25
C THR B 374 2.54 11.23 -36.04
N LEU B 375 2.37 12.15 -36.97
CA LEU B 375 1.13 12.89 -37.03
C LEU B 375 -0.03 12.00 -37.52
N LEU B 376 0.17 11.20 -38.59
CA LEU B 376 -0.90 10.32 -39.12
C LEU B 376 -1.43 9.42 -38.00
N ARG B 377 -0.53 9.01 -37.10
CA ARG B 377 -0.87 8.27 -35.86
C ARG B 377 -1.62 9.14 -34.86
N ALA B 378 -1.08 10.32 -34.58
CA ALA B 378 -1.79 11.36 -33.85
C ALA B 378 -3.21 11.56 -34.36
N LEU B 379 -3.42 11.43 -35.67
CA LEU B 379 -4.72 11.72 -36.25
C LEU B 379 -5.75 10.58 -36.14
N ALA B 380 -5.35 9.35 -36.52
CA ALA B 380 -6.22 8.15 -36.47
C ALA B 380 -6.66 7.78 -35.05
N PHE B 381 -5.81 8.14 -34.08
CA PHE B 381 -6.10 7.93 -32.67
C PHE B 381 -6.57 9.23 -32.02
N HIS B 382 -7.03 10.13 -32.87
CA HIS B 382 -7.62 11.36 -32.39
C HIS B 382 -8.86 10.94 -31.59
N PRO B 383 -8.96 11.43 -30.34
CA PRO B 383 -10.19 11.28 -29.52
C PRO B 383 -11.37 12.07 -30.12
N ARG B 384 -11.17 13.38 -30.32
CA ARG B 384 -12.23 14.31 -30.73
C ARG B 384 -12.91 14.09 -32.12
N MET B 385 -12.12 13.98 -33.21
CA MET B 385 -12.64 13.62 -34.55
C MET B 385 -11.78 12.56 -35.26
N PRO B 386 -11.98 11.25 -34.97
CA PRO B 386 -11.11 10.15 -35.45
C PRO B 386 -10.97 10.00 -37.00
N LEU B 387 -10.15 9.03 -37.47
CA LEU B 387 -9.87 8.83 -38.91
C LEU B 387 -10.74 7.72 -39.57
N PRO B 388 -11.33 8.00 -40.76
CA PRO B 388 -12.34 7.13 -41.39
C PRO B 388 -11.85 5.69 -41.72
N GLU B 389 -12.61 4.68 -41.29
CA GLU B 389 -12.26 3.27 -41.55
C GLU B 389 -13.20 2.54 -42.55
N PRO B 390 -12.61 1.71 -43.44
CA PRO B 390 -13.34 0.95 -44.48
C PRO B 390 -14.13 -0.26 -43.95
N GLN C 26 34.98 16.21 -66.37
CA GLN C 26 34.99 17.11 -65.22
C GLN C 26 33.75 16.98 -64.29
N VAL C 27 33.47 18.01 -63.45
CA VAL C 27 32.40 17.91 -62.41
C VAL C 27 31.11 18.68 -62.65
N LEU C 28 30.00 17.97 -62.60
CA LEU C 28 28.70 18.54 -62.95
C LEU C 28 28.30 19.67 -62.02
N ALA C 29 28.34 19.36 -60.74
CA ALA C 29 27.82 20.26 -59.75
C ALA C 29 28.40 21.66 -59.96
N ARG C 30 29.64 21.73 -60.45
CA ARG C 30 30.33 23.01 -60.60
C ARG C 30 30.14 23.63 -61.99
N LYS C 31 30.23 22.80 -63.02
CA LYS C 31 30.03 23.23 -64.39
C LYS C 31 28.69 23.93 -64.60
N TRP C 32 27.65 23.52 -63.88
CA TRP C 32 26.30 24.00 -64.22
C TRP C 32 25.76 25.18 -63.41
N ARG C 33 26.58 25.67 -62.48
CA ARG C 33 26.23 26.89 -61.77
C ARG C 33 25.66 27.91 -62.75
N PRO C 34 24.42 28.32 -62.55
CA PRO C 34 23.70 29.21 -63.47
C PRO C 34 24.52 30.46 -63.65
N GLN C 35 24.56 30.98 -64.87
CA GLN C 35 25.35 32.15 -65.13
C GLN C 35 24.47 33.31 -65.49
N THR C 36 23.19 33.05 -65.69
CA THR C 36 22.18 34.12 -65.69
C THR C 36 20.91 33.74 -64.93
N PHE C 37 20.12 34.74 -64.53
CA PHE C 37 18.89 34.50 -63.76
C PHE C 37 18.01 33.50 -64.50
N ALA C 38 18.00 33.65 -65.83
CA ALA C 38 17.31 32.71 -66.70
C ALA C 38 17.67 31.28 -66.30
N ASP C 39 18.94 31.00 -66.03
CA ASP C 39 19.42 29.63 -65.82
C ASP C 39 19.13 29.03 -64.44
N VAL C 40 18.55 29.83 -63.54
CA VAL C 40 18.38 29.43 -62.15
C VAL C 40 17.07 28.68 -62.05
N VAL C 41 17.07 27.62 -61.26
CA VAL C 41 15.89 26.77 -61.12
C VAL C 41 15.15 27.20 -59.88
N GLY C 42 13.85 27.43 -60.03
CA GLY C 42 13.02 27.78 -58.90
C GLY C 42 13.41 29.11 -58.30
N GLN C 43 12.97 29.33 -57.06
CA GLN C 43 13.31 30.55 -56.35
C GLN C 43 12.70 31.78 -57.01
N GLU C 44 11.58 31.60 -57.72
CA GLU C 44 10.93 32.73 -58.37
C GLU C 44 10.84 33.88 -57.38
N HIS C 45 10.36 33.59 -56.19
CA HIS C 45 10.13 34.65 -55.20
C HIS C 45 11.39 35.44 -54.88
N VAL C 46 12.56 34.84 -54.99
CA VAL C 46 13.80 35.59 -54.79
C VAL C 46 14.22 36.31 -56.06
N LEU C 47 14.17 35.59 -57.17
CA LEU C 47 14.57 36.15 -58.46
C LEU C 47 13.70 37.34 -58.88
N THR C 48 12.39 37.13 -58.86
CA THR C 48 11.45 38.20 -59.11
C THR C 48 11.72 39.42 -58.25
N ALA C 49 11.80 39.24 -56.93
CA ALA C 49 12.01 40.39 -56.06
C ALA C 49 13.25 41.16 -56.50
N LEU C 50 14.36 40.46 -56.66
CA LEU C 50 15.61 41.15 -57.03
C LEU C 50 15.42 41.95 -58.32
N ALA C 51 15.06 41.25 -59.38
CA ALA C 51 14.86 41.86 -60.68
C ALA C 51 13.87 43.03 -60.63
N ASN C 52 12.72 42.80 -59.99
CA ASN C 52 11.73 43.85 -59.79
C ASN C 52 12.32 45.07 -59.10
N GLY C 53 13.40 44.85 -58.35
CA GLY C 53 14.03 45.91 -57.59
C GLY C 53 15.20 46.61 -58.25
N LEU C 54 15.94 45.90 -59.10
CA LEU C 54 17.04 46.51 -59.85
C LEU C 54 16.47 47.54 -60.82
N SER C 55 15.47 47.13 -61.60
CA SER C 55 14.88 48.07 -62.56
C SER C 55 14.09 49.13 -61.81
N LEU C 56 13.48 48.72 -60.70
CA LEU C 56 12.76 49.67 -59.86
C LEU C 56 13.66 50.70 -59.19
N GLY C 57 14.97 50.48 -59.32
CA GLY C 57 15.96 51.35 -58.69
C GLY C 57 15.97 51.37 -57.18
N ARG C 58 15.13 50.55 -56.55
CA ARG C 58 15.12 50.36 -55.09
C ARG C 58 16.04 49.21 -54.76
N ILE C 59 17.24 49.50 -54.29
CA ILE C 59 18.28 48.48 -54.13
C ILE C 59 18.93 48.51 -52.77
N HIS C 60 18.67 47.49 -51.94
CA HIS C 60 19.19 47.46 -50.55
C HIS C 60 20.71 47.45 -50.53
N HIS C 61 21.29 47.46 -49.32
CA HIS C 61 22.73 47.40 -49.17
C HIS C 61 23.12 46.12 -48.44
N ALA C 62 22.16 45.42 -47.87
CA ALA C 62 22.46 44.16 -47.22
C ALA C 62 21.41 43.14 -47.63
N TYR C 63 21.78 42.30 -48.57
CA TYR C 63 20.97 41.14 -48.93
C TYR C 63 21.48 39.91 -48.17
N LEU C 64 20.56 39.08 -47.66
CA LEU C 64 20.92 37.87 -46.92
C LEU C 64 20.26 36.69 -47.54
N PHE C 65 21.02 35.64 -47.84
CA PHE C 65 20.47 34.49 -48.54
C PHE C 65 20.58 33.25 -47.73
N SER C 66 19.46 32.52 -47.57
CA SER C 66 19.40 31.37 -46.67
C SER C 66 18.57 30.25 -47.24
N GLY C 67 18.75 29.03 -46.71
CA GLY C 67 18.05 27.83 -47.17
C GLY C 67 18.97 26.61 -47.29
N THR C 68 18.45 25.40 -47.39
CA THR C 68 19.39 24.31 -47.20
C THR C 68 20.40 24.25 -48.29
N ARG C 69 21.41 23.45 -48.00
CA ARG C 69 22.52 23.25 -48.89
C ARG C 69 22.04 22.98 -50.29
N GLY C 70 22.66 23.63 -51.27
CA GLY C 70 22.49 23.24 -52.65
C GLY C 70 21.27 23.81 -53.33
N VAL C 71 20.74 24.91 -52.83
CA VAL C 71 19.48 25.38 -53.39
C VAL C 71 19.67 26.62 -54.23
N GLY C 72 20.88 27.12 -54.22
CA GLY C 72 21.21 28.18 -55.13
C GLY C 72 21.59 29.50 -54.51
N LYS C 73 21.82 29.51 -53.20
CA LYS C 73 22.13 30.78 -52.54
C LYS C 73 23.49 31.42 -52.96
N THR C 74 24.59 30.69 -52.89
CA THR C 74 25.87 31.20 -53.41
C THR C 74 25.74 31.61 -54.89
N SER C 75 25.04 30.84 -55.70
CA SER C 75 25.08 31.14 -57.12
C SER C 75 24.18 32.31 -57.48
N ILE C 76 23.11 32.48 -56.70
CA ILE C 76 22.29 33.66 -56.83
C ILE C 76 23.14 34.84 -56.41
N ALA C 77 23.66 34.81 -55.19
CA ALA C 77 24.51 35.90 -54.71
C ALA C 77 25.49 36.41 -55.78
N ARG C 78 26.18 35.50 -56.44
CA ARG C 78 27.19 35.91 -57.41
C ARG C 78 26.51 36.50 -58.60
N LEU C 79 25.39 35.93 -59.04
CA LEU C 79 24.62 36.52 -60.13
C LEU C 79 24.19 37.97 -59.85
N LEU C 80 23.79 38.25 -58.60
CA LEU C 80 23.37 39.60 -58.21
C LEU C 80 24.54 40.54 -58.41
N ALA C 81 25.67 40.21 -57.80
CA ALA C 81 26.90 40.96 -57.99
C ALA C 81 27.24 41.22 -59.46
N LYS C 82 27.21 40.17 -60.26
CA LYS C 82 27.43 40.28 -61.70
C LYS C 82 26.48 41.30 -62.32
N GLY C 83 25.22 41.28 -61.90
CA GLY C 83 24.22 42.19 -62.40
C GLY C 83 24.41 43.61 -61.92
N LEU C 84 24.97 43.77 -60.72
CA LEU C 84 25.15 45.10 -60.15
C LEU C 84 26.25 45.87 -60.86
N ASN C 85 27.17 45.16 -61.50
CA ASN C 85 28.36 45.81 -62.00
C ASN C 85 28.50 45.76 -63.49
N CYS C 86 27.51 45.18 -64.15
CA CYS C 86 27.54 45.02 -65.61
C CYS C 86 27.68 46.31 -66.40
N GLU C 87 28.70 46.37 -67.25
CA GLU C 87 29.03 47.61 -67.91
C GLU C 87 27.88 48.26 -68.67
N THR C 88 26.81 47.50 -68.91
CA THR C 88 25.64 48.02 -69.64
C THR C 88 24.75 48.93 -68.76
N GLY C 89 24.70 48.60 -67.46
CA GLY C 89 23.94 49.33 -66.46
C GLY C 89 23.50 48.38 -65.37
N ILE C 90 23.13 48.89 -64.21
CA ILE C 90 22.58 48.01 -63.18
C ILE C 90 21.42 47.27 -63.79
N THR C 91 21.53 45.97 -64.04
CA THR C 91 20.46 45.27 -64.75
C THR C 91 20.26 43.86 -64.24
N ALA C 92 19.05 43.35 -64.40
CA ALA C 92 18.68 42.05 -63.86
C ALA C 92 19.14 40.98 -64.81
N THR C 93 19.57 41.42 -65.99
CA THR C 93 20.04 40.50 -67.00
C THR C 93 21.42 40.89 -67.43
N PRO C 94 22.41 40.56 -66.59
CA PRO C 94 23.81 40.86 -66.89
C PRO C 94 24.13 40.25 -68.25
N CYS C 95 25.09 40.83 -68.95
CA CYS C 95 25.32 40.48 -70.35
C CYS C 95 26.29 39.30 -70.59
N GLY C 96 27.02 38.88 -69.54
CA GLY C 96 27.94 37.76 -69.64
C GLY C 96 29.07 37.89 -70.69
N VAL C 97 29.38 39.11 -71.12
CA VAL C 97 30.43 39.35 -72.14
C VAL C 97 31.41 40.52 -71.83
N CYS C 98 30.89 41.63 -71.28
CA CYS C 98 31.73 42.77 -70.89
C CYS C 98 32.79 42.30 -69.89
N ASP C 99 33.92 43.00 -69.87
CA ASP C 99 35.07 42.56 -69.06
C ASP C 99 34.62 42.18 -67.64
N ASN C 100 33.89 43.08 -67.00
CA ASN C 100 33.35 42.81 -65.67
C ASN C 100 32.53 41.52 -65.57
N CYS C 101 31.61 41.31 -66.50
CA CYS C 101 30.78 40.11 -66.42
C CYS C 101 31.64 38.85 -66.49
N ARG C 102 32.44 38.74 -67.56
CA ARG C 102 33.31 37.56 -67.75
C ARG C 102 34.25 37.39 -66.56
N GLU C 103 34.88 38.48 -66.16
CA GLU C 103 35.75 38.46 -64.98
C GLU C 103 35.09 37.89 -63.71
N ILE C 104 33.86 38.32 -63.41
CA ILE C 104 33.15 37.79 -62.24
C ILE C 104 32.88 36.29 -62.41
N GLU C 105 32.65 35.87 -63.65
CA GLU C 105 32.41 34.47 -63.96
C GLU C 105 33.60 33.58 -63.70
N GLN C 106 34.80 34.10 -63.97
CA GLN C 106 36.06 33.39 -63.72
C GLN C 106 36.57 33.61 -62.30
N GLY C 107 35.81 34.38 -61.52
CA GLY C 107 36.11 34.58 -60.10
C GLY C 107 37.25 35.53 -59.86
N ARG C 108 37.65 36.26 -60.91
CA ARG C 108 38.79 37.16 -60.82
C ARG C 108 38.42 38.58 -61.23
N PHE C 109 37.50 39.18 -60.47
CA PHE C 109 37.05 40.55 -60.68
C PHE C 109 37.44 41.35 -59.46
N VAL C 110 38.20 42.40 -59.70
CA VAL C 110 38.88 43.12 -58.65
C VAL C 110 37.93 43.87 -57.74
N ASP C 111 36.62 43.74 -57.94
CA ASP C 111 35.65 44.48 -57.10
C ASP C 111 34.53 43.63 -56.53
N LEU C 112 34.62 42.33 -56.76
CA LEU C 112 33.78 41.38 -56.04
C LEU C 112 34.67 40.59 -55.09
N ILE C 113 34.62 40.98 -53.82
CA ILE C 113 35.47 40.38 -52.80
C ILE C 113 34.72 39.24 -52.16
N GLU C 114 35.01 37.99 -52.56
CA GLU C 114 34.23 36.85 -52.04
C GLU C 114 34.89 36.41 -50.78
N ILE C 115 34.19 36.66 -49.69
CA ILE C 115 34.81 36.39 -48.42
C ILE C 115 34.31 35.11 -47.84
N ASP C 116 35.28 34.23 -47.53
CA ASP C 116 35.02 32.91 -46.97
C ASP C 116 34.90 32.96 -45.46
N ALA C 117 33.70 33.30 -45.00
CA ALA C 117 33.51 33.69 -43.63
C ALA C 117 34.02 32.61 -42.72
N ALA C 118 33.95 31.38 -43.18
CA ALA C 118 34.36 30.23 -42.38
C ALA C 118 35.89 30.11 -42.14
N SER C 119 36.70 30.80 -42.93
CA SER C 119 38.12 30.94 -42.60
C SER C 119 38.43 32.34 -42.01
N ARG C 120 37.87 33.39 -42.59
CA ARG C 120 37.99 34.67 -41.94
C ARG C 120 36.94 34.83 -40.83
N THR C 121 37.05 34.07 -39.75
CA THR C 121 35.99 34.15 -38.75
C THR C 121 36.29 35.16 -37.65
N LYS C 122 37.54 35.45 -37.42
CA LYS C 122 37.87 36.26 -36.28
C LYS C 122 37.54 37.77 -36.40
N VAL C 123 37.69 38.52 -35.32
CA VAL C 123 37.39 39.95 -35.41
C VAL C 123 38.51 40.59 -36.19
N GLU C 124 39.74 40.25 -35.84
CA GLU C 124 40.83 40.96 -36.45
C GLU C 124 40.75 40.83 -37.96
N ASP C 125 40.19 39.74 -38.44
CA ASP C 125 39.83 39.64 -39.83
C ASP C 125 38.71 40.56 -40.28
N THR C 126 37.56 40.42 -39.65
CA THR C 126 36.49 41.35 -39.96
C THR C 126 36.98 42.80 -39.95
N ARG C 127 37.78 43.19 -38.96
CA ARG C 127 38.27 44.55 -38.88
C ARG C 127 39.02 44.97 -40.13
N ASP C 128 39.92 44.14 -40.67
CA ASP C 128 40.50 44.38 -41.99
C ASP C 128 39.50 44.54 -43.09
N LEU C 129 38.40 43.83 -43.04
CA LEU C 129 37.49 43.99 -44.17
C LEU C 129 36.92 45.37 -44.06
N LEU C 130 36.46 45.72 -42.88
CA LEU C 130 36.01 47.07 -42.57
C LEU C 130 36.97 48.19 -42.93
N ASP C 131 38.24 48.07 -42.56
CA ASP C 131 39.22 49.13 -42.80
C ASP C 131 39.24 49.49 -44.25
N ASN C 132 39.06 48.50 -45.11
CA ASN C 132 39.13 48.74 -46.54
C ASN C 132 37.78 48.96 -47.21
N VAL C 133 36.76 49.25 -46.42
CA VAL C 133 35.43 49.51 -46.98
C VAL C 133 35.42 50.90 -47.60
N GLN C 134 35.88 51.89 -46.83
CA GLN C 134 35.97 53.28 -47.27
C GLN C 134 36.50 53.41 -48.71
N TYR C 135 37.62 52.77 -49.03
CA TYR C 135 38.21 52.88 -50.35
C TYR C 135 37.27 52.49 -51.51
N ALA C 136 37.26 53.34 -52.54
CA ALA C 136 36.39 53.17 -53.69
C ALA C 136 36.88 52.10 -54.65
N PRO C 137 35.94 51.49 -55.36
CA PRO C 137 36.12 50.42 -56.35
C PRO C 137 37.12 50.71 -57.46
N ALA C 138 37.83 49.68 -57.88
CA ALA C 138 38.87 49.80 -58.87
C ALA C 138 38.33 49.84 -60.30
N ARG C 139 37.26 49.12 -60.55
CA ARG C 139 36.79 49.05 -61.92
C ARG C 139 35.28 49.10 -62.08
N GLY C 140 34.53 49.01 -60.99
CA GLY C 140 33.09 48.89 -61.13
C GLY C 140 32.26 49.95 -60.43
N ARG C 141 30.96 49.94 -60.68
CA ARG C 141 30.03 50.84 -60.01
C ARG C 141 30.06 50.70 -58.51
N PHE C 142 30.30 49.46 -58.05
CA PHE C 142 30.15 49.06 -56.66
C PHE C 142 31.28 48.14 -56.23
N LYS C 143 31.68 48.25 -54.95
CA LYS C 143 32.53 47.26 -54.29
C LYS C 143 31.51 46.31 -53.66
N VAL C 144 31.50 45.04 -54.07
CA VAL C 144 30.55 44.08 -53.51
C VAL C 144 31.25 43.00 -52.66
N TYR C 145 31.00 43.01 -51.35
CA TYR C 145 31.47 41.96 -50.46
C TYR C 145 30.38 40.92 -50.47
N LEU C 146 30.74 39.70 -50.81
CA LEU C 146 29.86 38.56 -50.65
C LEU C 146 30.44 37.68 -49.54
N ILE C 147 29.80 37.72 -48.38
CA ILE C 147 30.30 37.00 -47.22
C ILE C 147 29.59 35.62 -47.10
N ASP C 148 30.24 34.57 -47.60
CA ASP C 148 29.63 33.24 -47.69
C ASP C 148 29.95 32.40 -46.45
N GLU C 149 29.07 31.42 -46.17
CA GLU C 149 29.05 30.68 -44.90
C GLU C 149 29.16 31.58 -43.63
N VAL C 150 28.38 32.67 -43.63
CA VAL C 150 28.53 33.81 -42.72
C VAL C 150 28.08 33.52 -41.31
N HIS C 151 27.56 32.34 -41.09
CA HIS C 151 27.09 32.01 -39.78
C HIS C 151 28.23 31.60 -38.87
N MET C 152 29.46 31.65 -39.39
CA MET C 152 30.61 31.11 -38.66
C MET C 152 31.40 32.21 -37.93
N LEU C 153 31.09 33.46 -38.30
CA LEU C 153 31.68 34.62 -37.70
C LEU C 153 31.53 34.61 -36.18
N SER C 154 32.61 34.89 -35.45
CA SER C 154 32.54 35.00 -34.01
C SER C 154 31.53 36.02 -33.60
N ARG C 155 31.09 35.98 -32.36
CA ARG C 155 30.11 36.92 -31.88
C ARG C 155 30.71 38.25 -32.05
N HIS C 156 32.02 38.32 -31.84
CA HIS C 156 32.71 39.60 -31.89
C HIS C 156 32.69 40.25 -33.24
N SER C 157 32.99 39.45 -34.23
CA SER C 157 33.03 39.98 -35.55
C SER C 157 31.63 40.25 -36.12
N PHE C 158 30.59 39.59 -35.59
CA PHE C 158 29.21 40.04 -35.94
C PHE C 158 28.97 41.53 -35.57
N ASN C 159 29.09 41.87 -34.28
CA ASN C 159 28.83 43.22 -33.86
C ASN C 159 29.75 44.21 -34.56
N ALA C 160 30.96 43.77 -34.89
CA ALA C 160 31.87 44.65 -35.60
C ALA C 160 31.27 45.05 -36.96
N LEU C 161 30.49 44.14 -37.53
CA LEU C 161 29.75 44.41 -38.74
C LEU C 161 28.56 45.37 -38.55
N LEU C 162 28.08 45.51 -37.31
CA LEU C 162 26.74 46.08 -37.10
C LEU C 162 26.58 47.42 -37.73
N LYS C 163 27.43 48.37 -37.33
CA LYS C 163 27.25 49.74 -37.77
C LYS C 163 27.55 49.87 -39.25
N THR C 164 28.57 49.22 -39.75
CA THR C 164 28.89 49.35 -41.17
C THR C 164 27.85 48.68 -42.04
N LEU C 165 27.03 47.86 -41.43
CA LEU C 165 26.10 47.10 -42.22
C LEU C 165 24.79 47.86 -42.26
N GLU C 166 24.61 48.77 -41.30
CA GLU C 166 23.40 49.54 -41.22
C GLU C 166 23.51 50.80 -42.11
N GLU C 167 24.73 51.35 -42.25
CA GLU C 167 24.97 52.65 -42.87
C GLU C 167 26.27 52.70 -43.69
N PRO C 168 26.35 51.90 -44.74
CA PRO C 168 27.54 51.76 -45.60
C PRO C 168 27.76 53.02 -46.39
N PRO C 169 28.81 53.06 -47.21
CA PRO C 169 29.05 54.15 -48.16
C PRO C 169 28.27 53.89 -49.44
N GLU C 170 28.02 54.92 -50.24
CA GLU C 170 27.15 54.76 -51.40
C GLU C 170 27.59 53.63 -52.32
N HIS C 171 28.88 53.36 -52.37
CA HIS C 171 29.44 52.50 -53.39
C HIS C 171 29.71 51.10 -52.85
N VAL C 172 29.19 50.80 -51.66
CA VAL C 172 29.36 49.49 -51.05
C VAL C 172 28.05 48.68 -50.99
N LYS C 173 28.14 47.37 -51.25
CA LYS C 173 27.01 46.46 -51.04
C LYS C 173 27.43 45.14 -50.34
N PHE C 174 26.63 44.67 -49.38
CA PHE C 174 26.85 43.39 -48.68
C PHE C 174 25.86 42.30 -49.08
N LEU C 175 26.43 41.19 -49.52
CA LEU C 175 25.73 39.97 -49.86
C LEU C 175 26.18 38.90 -48.89
N LEU C 176 25.35 38.64 -47.88
CA LEU C 176 25.61 37.58 -46.93
C LEU C 176 24.86 36.35 -47.37
N ALA C 177 25.49 35.20 -47.33
CA ALA C 177 24.71 33.99 -47.58
C ALA C 177 25.07 32.91 -46.55
N THR C 178 24.08 32.10 -46.18
CA THR C 178 24.30 31.02 -45.22
C THR C 178 23.25 29.93 -45.21
N ALA C 179 23.75 28.73 -45.03
CA ALA C 179 22.95 27.54 -44.81
C ALA C 179 21.97 27.65 -43.65
N ASP C 180 22.43 28.10 -42.48
CA ASP C 180 21.51 28.34 -41.36
C ASP C 180 21.61 29.70 -40.73
N PRO C 181 20.52 30.46 -40.83
CA PRO C 181 20.46 31.87 -40.45
C PRO C 181 20.25 32.07 -38.96
N GLN C 182 19.76 31.03 -38.28
CA GLN C 182 19.33 31.22 -36.91
C GLN C 182 20.54 31.57 -36.05
N LYS C 183 21.70 31.11 -36.51
CA LYS C 183 23.00 31.41 -35.89
C LYS C 183 23.34 32.90 -35.82
N LEU C 184 22.81 33.69 -36.77
CA LEU C 184 23.00 35.16 -36.86
C LEU C 184 22.23 35.90 -35.76
N PRO C 185 22.91 36.80 -35.05
CA PRO C 185 22.33 37.67 -34.02
C PRO C 185 21.14 38.44 -34.61
N VAL C 186 20.11 38.75 -33.80
CA VAL C 186 18.97 39.48 -34.36
C VAL C 186 19.38 40.87 -34.89
N THR C 187 20.27 41.51 -34.13
CA THR C 187 20.87 42.74 -34.53
C THR C 187 21.43 42.68 -35.94
N ILE C 188 21.90 41.51 -36.39
CA ILE C 188 22.32 41.47 -37.81
C ILE C 188 21.13 41.45 -38.72
N LEU C 189 20.20 40.54 -38.42
CA LEU C 189 19.05 40.26 -39.27
C LEU C 189 18.17 41.50 -39.52
N SER C 190 17.69 42.13 -38.46
CA SER C 190 16.93 43.35 -38.60
C SER C 190 17.53 44.33 -39.64
N ARG C 191 18.81 44.16 -40.01
CA ARG C 191 19.48 45.13 -40.88
C ARG C 191 19.45 44.75 -42.34
N CYS C 192 19.07 43.51 -42.67
CA CYS C 192 19.10 43.09 -44.09
C CYS C 192 17.82 42.51 -44.64
N LEU C 193 17.74 42.49 -45.97
CA LEU C 193 16.63 41.85 -46.65
C LEU C 193 16.89 40.39 -46.61
N GLN C 194 15.96 39.58 -46.09
CA GLN C 194 16.17 38.13 -46.04
C GLN C 194 15.38 37.40 -47.11
N PHE C 195 16.12 36.76 -48.01
CA PHE C 195 15.54 35.92 -49.03
C PHE C 195 15.79 34.48 -48.65
N HIS C 196 14.74 33.78 -48.25
CA HIS C 196 14.92 32.39 -47.89
C HIS C 196 14.58 31.48 -49.05
N LEU C 197 15.59 30.92 -49.70
CA LEU C 197 15.32 30.07 -50.86
C LEU C 197 14.71 28.77 -50.36
N LYS C 198 13.71 28.30 -51.08
CA LYS C 198 13.02 27.06 -50.74
C LYS C 198 13.75 25.86 -51.34
N ALA C 199 13.63 24.72 -50.68
CA ALA C 199 14.19 23.49 -51.23
C ALA C 199 13.40 23.13 -52.48
N LEU C 200 13.95 22.30 -53.35
CA LEU C 200 13.32 22.06 -54.65
C LEU C 200 12.43 20.80 -54.77
N ASP C 201 11.32 20.95 -55.49
CA ASP C 201 10.38 19.87 -55.77
C ASP C 201 11.06 18.73 -56.45
N VAL C 202 10.58 17.54 -56.18
CA VAL C 202 10.96 16.39 -57.00
C VAL C 202 10.95 16.78 -58.49
N GLU C 203 9.84 17.39 -58.93
CA GLU C 203 9.69 17.74 -60.34
C GLU C 203 10.73 18.73 -60.84
N GLN C 204 10.97 19.78 -60.06
CA GLN C 204 11.95 20.81 -60.45
C GLN C 204 13.34 20.20 -60.61
N ILE C 205 13.78 19.42 -59.63
CA ILE C 205 15.06 18.74 -59.76
C ILE C 205 15.08 17.87 -61.00
N ARG C 206 14.07 17.02 -61.15
CA ARG C 206 14.02 16.11 -62.29
C ARG C 206 14.24 16.83 -63.60
N HIS C 207 13.42 17.82 -63.90
CA HIS C 207 13.58 18.64 -65.11
C HIS C 207 15.04 19.10 -65.34
N GLN C 208 15.67 19.62 -64.30
CA GLN C 208 17.06 20.01 -64.44
C GLN C 208 17.97 18.82 -64.77
N LEU C 209 17.82 17.74 -64.03
CA LEU C 209 18.70 16.60 -64.22
C LEU C 209 18.64 16.15 -65.66
N GLU C 210 17.46 16.32 -66.28
CA GLU C 210 17.24 15.93 -67.67
C GLU C 210 17.94 16.94 -68.56
N HIS C 211 17.59 18.21 -68.40
CA HIS C 211 18.18 19.26 -69.21
C HIS C 211 19.70 19.06 -69.26
N ILE C 212 20.30 18.89 -68.10
CA ILE C 212 21.76 18.79 -68.02
C ILE C 212 22.24 17.56 -68.74
N LEU C 213 21.61 16.43 -68.49
CA LEU C 213 22.08 15.23 -69.12
C LEU C 213 21.94 15.33 -70.63
N ASN C 214 20.87 15.96 -71.10
CA ASN C 214 20.72 16.17 -72.54
C ASN C 214 21.82 17.03 -73.09
N GLU C 215 21.89 18.27 -72.63
CA GLU C 215 22.96 19.18 -73.00
C GLU C 215 24.37 18.58 -72.91
N GLU C 216 24.59 17.71 -71.92
CA GLU C 216 25.89 17.08 -71.70
C GLU C 216 26.05 15.81 -72.49
N HIS C 217 25.05 15.52 -73.33
CA HIS C 217 24.93 14.28 -74.15
C HIS C 217 25.24 12.98 -73.44
N ILE C 218 24.30 12.57 -72.59
CA ILE C 218 24.40 11.39 -71.75
C ILE C 218 23.09 10.63 -71.72
N ALA C 219 23.10 9.46 -72.35
CA ALA C 219 21.97 8.54 -72.34
C ALA C 219 21.40 8.37 -70.93
N HIS C 220 20.08 8.33 -70.82
CA HIS C 220 19.45 8.11 -69.53
C HIS C 220 18.04 7.50 -69.65
N GLU C 221 17.68 6.70 -68.66
CA GLU C 221 16.33 6.17 -68.56
C GLU C 221 15.50 7.14 -67.72
N PRO C 222 14.30 7.50 -68.19
CA PRO C 222 13.48 8.55 -67.57
C PRO C 222 13.24 8.33 -66.07
N ARG C 223 13.12 7.08 -65.62
CA ARG C 223 12.86 6.75 -64.20
C ARG C 223 14.08 6.91 -63.30
N ALA C 224 15.25 6.53 -63.80
CA ALA C 224 16.48 6.75 -63.07
C ALA C 224 16.54 8.20 -62.61
N LEU C 225 15.91 9.08 -63.38
CA LEU C 225 15.86 10.49 -63.05
C LEU C 225 14.86 10.76 -61.91
N GLN C 226 13.66 10.19 -62.00
CA GLN C 226 12.71 10.33 -60.89
C GLN C 226 13.32 9.83 -59.60
N LEU C 227 14.12 8.77 -59.70
CA LEU C 227 14.68 8.10 -58.53
C LEU C 227 15.74 8.94 -57.88
N LEU C 228 16.58 9.57 -58.71
CA LEU C 228 17.61 10.49 -58.24
C LEU C 228 16.97 11.78 -57.67
N ALA C 229 16.05 12.38 -58.43
CA ALA C 229 15.41 13.61 -57.99
C ALA C 229 14.88 13.40 -56.59
N ARG C 230 14.52 12.17 -56.26
CA ARG C 230 13.93 11.92 -54.96
C ARG C 230 15.01 11.74 -53.91
N ALA C 231 16.00 10.89 -54.21
CA ALA C 231 17.10 10.64 -53.29
C ALA C 231 17.82 11.95 -52.89
N ALA C 232 17.58 12.99 -53.70
CA ALA C 232 18.27 14.25 -53.58
C ALA C 232 17.83 15.02 -52.34
N GLU C 233 16.66 14.64 -51.85
CA GLU C 233 16.07 15.25 -50.65
C GLU C 233 16.14 16.77 -50.71
N GLY C 234 15.59 17.31 -51.81
CA GLY C 234 15.37 18.72 -51.94
C GLY C 234 16.53 19.54 -52.49
N SER C 235 17.75 18.99 -52.41
CA SER C 235 18.97 19.72 -52.80
C SER C 235 19.40 19.49 -54.26
N LEU C 236 19.52 20.57 -55.03
CA LEU C 236 19.93 20.43 -56.43
C LEU C 236 21.39 20.02 -56.53
N ARG C 237 22.22 20.43 -55.59
CA ARG C 237 23.57 19.94 -55.62
C ARG C 237 23.58 18.46 -55.27
N ASP C 238 22.97 18.10 -54.15
CA ASP C 238 22.94 16.71 -53.72
C ASP C 238 22.59 15.90 -54.98
N ALA C 239 21.69 16.47 -55.79
CA ALA C 239 21.21 15.84 -57.00
C ALA C 239 22.32 15.61 -57.99
N LEU C 240 23.02 16.68 -58.33
CA LEU C 240 24.08 16.56 -59.31
C LEU C 240 25.20 15.65 -58.79
N SER C 241 25.62 15.86 -57.54
CA SER C 241 26.58 14.95 -56.95
C SER C 241 26.14 13.51 -57.13
N LEU C 242 24.86 13.27 -56.92
CA LEU C 242 24.34 11.93 -57.07
C LEU C 242 24.44 11.46 -58.52
N THR C 243 24.00 12.29 -59.46
CA THR C 243 24.09 11.97 -60.87
C THR C 243 25.52 11.65 -61.25
N ASP C 244 26.46 12.50 -60.82
CA ASP C 244 27.84 12.32 -61.21
C ASP C 244 28.27 10.89 -60.97
N GLN C 245 27.96 10.36 -59.80
CA GLN C 245 28.46 9.03 -59.51
C GLN C 245 27.56 7.95 -60.09
N ALA C 246 26.38 8.37 -60.53
CA ALA C 246 25.53 7.50 -61.37
C ALA C 246 26.17 7.31 -62.74
N ILE C 247 26.53 8.42 -63.41
CA ILE C 247 27.26 8.35 -64.66
C ILE C 247 28.46 7.41 -64.53
N ALA C 248 29.14 7.43 -63.40
CA ALA C 248 30.32 6.60 -63.23
C ALA C 248 29.90 5.17 -62.96
N SER C 249 28.83 4.99 -62.20
CA SER C 249 28.50 3.63 -61.78
C SER C 249 27.89 2.85 -62.94
N GLY C 250 27.16 3.56 -63.79
CA GLY C 250 26.49 2.96 -64.93
C GLY C 250 27.30 3.02 -66.20
N ASP C 251 28.54 3.48 -66.09
CA ASP C 251 29.44 3.62 -67.24
C ASP C 251 28.85 4.48 -68.35
N GLY C 252 28.92 5.79 -68.17
CA GLY C 252 28.53 6.72 -69.22
C GLY C 252 27.05 6.79 -69.50
N GLN C 253 26.29 5.92 -68.86
CA GLN C 253 24.83 5.87 -68.98
C GLN C 253 24.22 6.08 -67.60
N VAL C 254 23.17 6.87 -67.53
CA VAL C 254 22.40 6.98 -66.31
C VAL C 254 21.21 6.05 -66.48
N SER C 255 21.36 4.81 -66.03
CA SER C 255 20.34 3.76 -66.21
C SER C 255 19.64 3.37 -64.89
N THR C 256 18.40 2.93 -64.98
CA THR C 256 17.64 2.62 -63.78
C THR C 256 18.33 1.53 -62.96
N GLN C 257 18.89 0.54 -63.63
CA GLN C 257 19.60 -0.51 -62.91
C GLN C 257 20.73 0.12 -62.11
N ALA C 258 21.52 0.94 -62.78
CA ALA C 258 22.62 1.65 -62.11
C ALA C 258 22.17 2.41 -60.87
N VAL C 259 21.20 3.29 -61.06
CA VAL C 259 20.75 4.19 -60.02
C VAL C 259 20.26 3.42 -58.80
N SER C 260 19.33 2.49 -58.98
CA SER C 260 18.82 1.74 -57.83
C SER C 260 19.84 0.81 -57.18
N ALA C 261 20.76 0.25 -57.97
CA ALA C 261 21.96 -0.35 -57.39
C ALA C 261 22.60 0.62 -56.34
N MET C 262 23.04 1.77 -56.82
CA MET C 262 23.70 2.76 -56.00
C MET C 262 22.83 3.29 -54.85
N LEU C 263 21.52 3.28 -55.01
CA LEU C 263 20.71 3.91 -53.98
C LEU C 263 20.32 2.87 -52.93
N GLY C 264 20.42 1.60 -53.32
CA GLY C 264 20.00 0.53 -52.44
C GLY C 264 18.50 0.29 -52.51
N THR C 265 17.83 1.05 -53.37
CA THR C 265 16.47 0.73 -53.74
C THR C 265 16.53 -0.59 -54.44
N LEU C 266 15.48 -1.39 -54.33
CA LEU C 266 15.25 -2.46 -55.30
C LEU C 266 14.03 -2.05 -56.13
N ASP C 267 14.00 -2.47 -57.40
CA ASP C 267 12.88 -2.03 -58.26
C ASP C 267 11.50 -2.61 -57.91
N ASP C 268 10.64 -1.62 -57.65
CA ASP C 268 9.60 -1.55 -56.61
C ASP C 268 8.63 -2.70 -56.36
N ASP C 269 8.52 -3.63 -57.31
CA ASP C 269 7.56 -4.71 -57.17
C ASP C 269 7.89 -5.60 -55.97
N GLN C 270 9.13 -6.07 -55.89
CA GLN C 270 9.50 -7.06 -54.88
C GLN C 270 9.29 -6.63 -53.41
N ALA C 271 9.38 -5.32 -53.16
CA ALA C 271 9.13 -4.80 -51.82
C ALA C 271 7.65 -4.88 -51.50
N LEU C 272 6.85 -4.31 -52.39
CA LEU C 272 5.41 -4.28 -52.23
C LEU C 272 4.80 -5.66 -52.09
N SER C 273 5.22 -6.56 -52.98
CA SER C 273 4.72 -7.93 -53.04
C SER C 273 4.85 -8.63 -51.69
N LEU C 274 5.87 -8.28 -50.92
CA LEU C 274 6.07 -8.88 -49.60
C LEU C 274 5.14 -8.18 -48.58
N VAL C 275 4.84 -6.89 -48.79
CA VAL C 275 3.89 -6.22 -47.92
C VAL C 275 2.57 -6.91 -48.05
N GLU C 276 2.05 -6.91 -49.28
CA GLU C 276 0.81 -7.59 -49.62
C GLU C 276 0.72 -8.99 -49.01
N ALA C 277 1.76 -9.79 -49.25
CA ALA C 277 1.80 -11.15 -48.74
C ALA C 277 1.58 -11.13 -47.25
N MET C 278 2.05 -10.06 -46.61
CA MET C 278 1.99 -9.93 -45.16
C MET C 278 0.59 -9.62 -44.67
N VAL C 279 -0.04 -8.62 -45.28
CA VAL C 279 -1.38 -8.25 -44.90
C VAL C 279 -2.34 -9.40 -45.19
N GLU C 280 -2.01 -10.19 -46.20
CA GLU C 280 -2.89 -11.28 -46.58
C GLU C 280 -2.65 -12.51 -45.71
N ALA C 281 -1.75 -12.35 -44.75
CA ALA C 281 -1.46 -13.39 -43.75
C ALA C 281 -0.84 -14.67 -44.28
N ASN C 282 -0.66 -14.80 -45.59
CA ASN C 282 -0.11 -16.04 -46.13
C ASN C 282 1.42 -16.14 -45.93
N GLY C 283 1.80 -17.01 -44.99
CA GLY C 283 3.18 -17.25 -44.63
C GLY C 283 4.04 -17.79 -45.76
N GLU C 284 3.70 -18.99 -46.26
CA GLU C 284 4.40 -19.60 -47.39
C GLU C 284 5.02 -18.54 -48.35
N ARG C 285 4.18 -17.63 -48.83
CA ARG C 285 4.59 -16.63 -49.81
C ARG C 285 5.51 -15.59 -49.22
N VAL C 286 5.26 -15.22 -47.97
CA VAL C 286 6.14 -14.26 -47.31
C VAL C 286 7.56 -14.80 -47.29
N MET C 287 7.68 -16.01 -46.74
CA MET C 287 8.97 -16.67 -46.60
C MET C 287 9.63 -16.90 -47.94
N ALA C 288 8.88 -17.49 -48.88
CA ALA C 288 9.34 -17.60 -50.25
C ALA C 288 9.91 -16.25 -50.76
N LEU C 289 9.09 -15.19 -50.75
CA LEU C 289 9.54 -13.87 -51.18
C LEU C 289 10.82 -13.38 -50.49
N ILE C 290 11.09 -13.90 -49.30
CA ILE C 290 12.29 -13.59 -48.54
C ILE C 290 13.47 -14.42 -49.03
N ASN C 291 13.25 -15.72 -49.20
CA ASN C 291 14.22 -16.59 -49.84
C ASN C 291 14.64 -15.99 -51.19
N GLU C 292 13.68 -15.45 -51.96
CA GLU C 292 13.99 -14.80 -53.24
C GLU C 292 14.74 -13.46 -53.07
N ALA C 293 14.38 -12.70 -52.04
CA ALA C 293 15.13 -11.51 -51.68
C ALA C 293 16.58 -11.92 -51.44
N ALA C 294 16.73 -13.15 -50.94
CA ALA C 294 17.98 -13.72 -50.38
C ALA C 294 19.02 -14.22 -51.41
N ALA C 295 18.54 -14.88 -52.47
CA ALA C 295 19.41 -15.23 -53.59
C ALA C 295 19.92 -13.97 -54.34
N ARG C 296 19.14 -12.89 -54.31
CA ARG C 296 19.59 -11.63 -54.90
C ARG C 296 20.59 -10.96 -53.99
N GLY C 297 20.58 -11.37 -52.72
CA GLY C 297 21.55 -10.90 -51.76
C GLY C 297 21.17 -9.54 -51.21
N ILE C 298 20.05 -9.00 -51.73
CA ILE C 298 19.54 -7.69 -51.30
C ILE C 298 19.88 -7.38 -49.81
N GLU C 299 20.08 -6.11 -49.46
CA GLU C 299 20.46 -5.79 -48.07
C GLU C 299 19.31 -5.73 -47.07
N TRP C 300 19.43 -6.50 -45.99
CA TRP C 300 18.28 -6.75 -45.14
C TRP C 300 17.64 -5.47 -44.55
N GLU C 301 18.45 -4.54 -44.02
CA GLU C 301 17.81 -3.35 -43.44
C GLU C 301 17.13 -2.62 -44.56
N ALA C 302 17.77 -2.64 -45.72
CA ALA C 302 17.25 -1.97 -46.89
C ALA C 302 15.77 -2.33 -47.10
N LEU C 303 15.52 -3.64 -47.15
CA LEU C 303 14.19 -4.18 -47.43
C LEU C 303 13.21 -3.66 -46.39
N LEU C 304 13.49 -3.93 -45.12
CA LEU C 304 12.63 -3.44 -44.05
C LEU C 304 12.26 -2.00 -44.25
N VAL C 305 13.18 -1.25 -44.83
CA VAL C 305 12.95 0.17 -45.00
C VAL C 305 11.96 0.50 -46.11
N GLU C 306 12.20 -0.03 -47.32
CA GLU C 306 11.24 0.18 -48.39
C GLU C 306 9.82 -0.21 -47.93
N MET C 307 9.71 -1.20 -47.05
CA MET C 307 8.40 -1.67 -46.57
C MET C 307 7.71 -0.65 -45.67
N LEU C 308 8.45 0.01 -44.79
CA LEU C 308 7.89 1.06 -43.98
C LEU C 308 7.59 2.17 -44.94
N GLY C 309 8.52 2.35 -45.86
CA GLY C 309 8.37 3.32 -46.91
C GLY C 309 7.06 3.19 -47.69
N LEU C 310 6.60 1.95 -47.85
CA LEU C 310 5.33 1.70 -48.54
C LEU C 310 4.18 1.82 -47.54
N LEU C 311 4.31 1.15 -46.39
CA LEU C 311 3.29 1.17 -45.34
C LEU C 311 2.86 2.58 -44.96
N HIS C 312 3.77 3.52 -45.20
CA HIS C 312 3.57 4.91 -44.88
C HIS C 312 2.74 5.55 -45.96
N ARG C 313 3.23 5.52 -47.18
CA ARG C 313 2.54 6.17 -48.29
C ARG C 313 1.11 5.66 -48.29
N ILE C 314 0.93 4.41 -47.86
CA ILE C 314 -0.41 3.85 -47.77
C ILE C 314 -1.22 4.54 -46.68
N ALA C 315 -0.72 4.54 -45.45
CA ALA C 315 -1.39 5.25 -44.37
C ALA C 315 -1.62 6.70 -44.80
N MET C 316 -0.72 7.19 -45.63
CA MET C 316 -0.82 8.52 -46.14
C MET C 316 -2.05 8.62 -47.04
N VAL C 317 -2.07 7.83 -48.11
CA VAL C 317 -3.14 7.88 -49.14
C VAL C 317 -4.55 7.79 -48.54
N GLN C 318 -4.69 6.95 -47.53
CA GLN C 318 -5.89 6.92 -46.70
C GLN C 318 -6.30 8.34 -46.36
N LEU C 319 -5.52 8.99 -45.50
CA LEU C 319 -5.75 10.38 -45.13
C LEU C 319 -6.19 11.29 -46.31
N SER C 320 -5.24 11.80 -47.09
CA SER C 320 -5.58 12.54 -48.30
C SER C 320 -5.32 11.73 -49.57
N PRO C 321 -6.37 11.54 -50.39
CA PRO C 321 -6.28 10.71 -51.61
C PRO C 321 -5.20 11.10 -52.64
N ALA C 322 -5.16 12.34 -53.11
CA ALA C 322 -4.16 12.74 -54.12
C ALA C 322 -2.70 12.58 -53.64
N ALA C 323 -2.53 12.35 -52.34
CA ALA C 323 -1.22 12.25 -51.70
C ALA C 323 -0.29 11.14 -52.20
N LEU C 324 -0.80 10.19 -52.99
CA LEU C 324 0.04 9.12 -53.53
C LEU C 324 1.01 9.63 -54.59
N GLY C 325 2.28 9.25 -54.42
CA GLY C 325 3.39 9.80 -55.16
C GLY C 325 3.29 9.78 -56.67
N ASN C 326 4.17 10.56 -57.30
CA ASN C 326 4.24 10.59 -58.75
C ASN C 326 5.26 9.58 -59.30
N ASP C 327 6.13 9.06 -58.40
CA ASP C 327 7.13 8.07 -58.79
C ASP C 327 6.56 6.66 -59.04
N MET C 328 5.52 6.29 -58.28
CA MET C 328 4.95 4.94 -58.36
C MET C 328 3.67 4.85 -59.19
N ALA C 329 3.80 5.19 -60.45
CA ALA C 329 2.73 4.96 -61.40
C ALA C 329 2.57 3.44 -61.62
N ALA C 330 3.69 2.73 -61.82
CA ALA C 330 3.69 1.30 -62.15
C ALA C 330 3.11 0.40 -61.04
N ILE C 331 2.79 0.99 -59.90
CA ILE C 331 2.41 0.21 -58.73
C ILE C 331 1.09 0.70 -58.09
N GLU C 332 0.65 1.89 -58.51
CA GLU C 332 -0.51 2.58 -57.93
C GLU C 332 -1.83 1.75 -57.86
N LEU C 333 -2.13 1.00 -58.93
CA LEU C 333 -3.33 0.15 -58.98
C LEU C 333 -3.47 -0.67 -57.71
N ARG C 334 -2.33 -1.19 -57.26
CA ARG C 334 -2.26 -2.15 -56.18
C ARG C 334 -2.25 -1.42 -54.84
N MET C 335 -1.59 -0.24 -54.81
CA MET C 335 -1.41 0.56 -53.60
C MET C 335 -2.74 1.12 -53.17
N ARG C 336 -3.38 1.76 -54.12
CA ARG C 336 -4.72 2.27 -53.95
C ARG C 336 -5.59 1.20 -53.32
N GLU C 337 -5.50 0.00 -53.89
CA GLU C 337 -6.31 -1.12 -53.44
C GLU C 337 -6.09 -1.38 -51.96
N LEU C 338 -4.82 -1.40 -51.55
CA LEU C 338 -4.46 -1.72 -50.15
C LEU C 338 -4.97 -0.68 -49.14
N ALA C 339 -4.97 0.58 -49.53
CA ALA C 339 -5.44 1.65 -48.65
C ALA C 339 -6.93 1.49 -48.43
N ARG C 340 -7.61 1.13 -49.52
CA ARG C 340 -9.03 0.85 -49.52
C ARG C 340 -9.37 -0.27 -48.53
N THR C 341 -8.69 -1.40 -48.65
CA THR C 341 -9.13 -2.63 -47.99
C THR C 341 -8.67 -2.83 -46.53
N ILE C 342 -7.69 -2.06 -46.09
CA ILE C 342 -7.14 -2.30 -44.76
C ILE C 342 -7.35 -1.13 -43.80
N PRO C 343 -7.81 -1.44 -42.57
CA PRO C 343 -8.10 -0.46 -41.52
C PRO C 343 -6.85 0.22 -41.04
N PRO C 344 -6.83 1.55 -41.02
CA PRO C 344 -5.72 2.36 -40.50
C PRO C 344 -5.11 1.80 -39.21
N THR C 345 -5.95 1.35 -38.26
CA THR C 345 -5.47 0.84 -36.96
C THR C 345 -4.59 -0.41 -37.15
N ASP C 346 -5.02 -1.26 -38.09
CA ASP C 346 -4.24 -2.39 -38.60
C ASP C 346 -2.86 -1.99 -39.18
N ILE C 347 -2.85 -1.00 -40.09
CA ILE C 347 -1.61 -0.53 -40.73
C ILE C 347 -0.60 0.08 -39.76
N GLN C 348 -1.09 0.85 -38.79
CA GLN C 348 -0.19 1.45 -37.82
C GLN C 348 0.46 0.29 -37.10
N LEU C 349 -0.28 -0.80 -36.95
CA LEU C 349 0.31 -2.01 -36.39
C LEU C 349 1.46 -2.55 -37.23
N TYR C 350 1.24 -2.76 -38.52
CA TYR C 350 2.29 -3.35 -39.35
C TYR C 350 3.57 -2.49 -39.35
N TYR C 351 3.41 -1.16 -39.37
CA TYR C 351 4.54 -0.23 -39.34
C TYR C 351 5.30 -0.33 -38.01
N GLN C 352 4.57 -0.08 -36.93
CA GLN C 352 5.06 -0.33 -35.59
C GLN C 352 5.95 -1.56 -35.57
N THR C 353 5.37 -2.69 -35.99
CA THR C 353 6.02 -3.98 -35.88
C THR C 353 7.29 -4.06 -36.72
N LEU C 354 7.21 -3.53 -37.95
CA LEU C 354 8.36 -3.48 -38.87
C LEU C 354 9.41 -2.47 -38.41
N LEU C 355 8.99 -1.52 -37.59
CA LEU C 355 9.88 -0.50 -37.08
C LEU C 355 10.79 -1.04 -35.99
N ILE C 356 10.19 -1.61 -34.95
CA ILE C 356 11.00 -2.19 -33.88
C ILE C 356 11.82 -3.34 -34.47
N GLY C 357 11.30 -3.95 -35.53
CA GLY C 357 12.08 -4.92 -36.27
C GLY C 357 13.41 -4.29 -36.61
N ARG C 358 13.37 -3.04 -37.07
CA ARG C 358 14.58 -2.30 -37.46
C ARG C 358 15.42 -2.10 -36.20
N LYS C 359 14.85 -1.38 -35.24
CA LYS C 359 15.46 -1.21 -33.93
C LYS C 359 16.18 -2.50 -33.49
N GLU C 360 15.54 -3.66 -33.70
CA GLU C 360 16.10 -4.95 -33.30
C GLU C 360 17.22 -5.51 -34.19
N LEU C 361 17.21 -5.17 -35.49
CA LEU C 361 18.09 -5.86 -36.45
C LEU C 361 19.57 -5.97 -36.07
N PRO C 362 20.17 -4.90 -35.51
CA PRO C 362 21.55 -4.83 -35.01
C PRO C 362 21.85 -5.98 -34.08
N TYR C 363 20.84 -6.35 -33.30
CA TYR C 363 21.01 -7.25 -32.18
C TYR C 363 20.60 -8.67 -32.47
N ALA C 364 19.72 -8.85 -33.45
CA ALA C 364 19.33 -10.16 -33.90
C ALA C 364 20.54 -10.99 -34.35
N PRO C 365 20.46 -12.31 -34.17
CA PRO C 365 21.60 -13.20 -34.40
C PRO C 365 22.26 -12.96 -35.77
N ASP C 366 21.42 -12.63 -36.74
CA ASP C 366 21.81 -12.76 -38.12
C ASP C 366 20.83 -11.84 -38.86
N ARG C 367 21.35 -10.88 -39.60
CA ARG C 367 20.49 -9.85 -40.18
C ARG C 367 19.26 -10.38 -40.94
N ARG C 368 19.42 -11.50 -41.66
CA ARG C 368 18.31 -12.17 -42.32
C ARG C 368 17.34 -12.64 -41.27
N MET C 369 17.80 -13.63 -40.51
CA MET C 369 17.07 -14.25 -39.43
C MET C 369 16.19 -13.23 -38.70
N GLY C 370 16.73 -12.03 -38.54
CA GLY C 370 16.05 -10.96 -37.84
C GLY C 370 14.91 -10.43 -38.68
N VAL C 371 15.18 -10.18 -39.95
CA VAL C 371 14.08 -9.76 -40.79
C VAL C 371 13.00 -10.85 -40.85
N GLU C 372 13.42 -12.10 -41.07
CA GLU C 372 12.51 -13.24 -41.04
C GLU C 372 11.66 -13.24 -39.76
N MET C 373 12.34 -13.23 -38.62
CA MET C 373 11.67 -13.24 -37.31
C MET C 373 10.73 -12.04 -37.13
N THR C 374 11.05 -10.91 -37.75
CA THR C 374 10.20 -9.75 -37.58
C THR C 374 8.85 -9.99 -38.24
N LEU C 375 8.86 -10.61 -39.41
CA LEU C 375 7.62 -10.85 -40.14
C LEU C 375 6.81 -11.96 -39.46
N LEU C 376 7.53 -12.90 -38.85
CA LEU C 376 6.89 -13.96 -38.07
C LEU C 376 6.14 -13.35 -36.91
N ARG C 377 6.72 -12.33 -36.28
CA ARG C 377 5.99 -11.58 -35.27
C ARG C 377 4.74 -10.99 -35.92
N ALA C 378 4.91 -10.42 -37.10
CA ALA C 378 3.79 -9.90 -37.87
C ALA C 378 2.68 -10.95 -37.96
N LEU C 379 3.02 -12.12 -38.46
CA LEU C 379 2.00 -13.15 -38.65
C LEU C 379 1.38 -13.60 -37.32
N ALA C 380 2.22 -13.85 -36.31
CA ALA C 380 1.75 -14.34 -35.01
C ALA C 380 0.75 -13.37 -34.38
N PHE C 381 1.03 -12.08 -34.52
CA PHE C 381 0.14 -11.03 -34.04
C PHE C 381 -0.74 -10.44 -35.13
N HIS C 382 -0.82 -11.10 -36.26
CA HIS C 382 -1.66 -10.61 -37.33
C HIS C 382 -3.09 -10.41 -36.81
N PRO C 383 -3.72 -9.28 -37.15
CA PRO C 383 -5.06 -8.97 -36.64
C PRO C 383 -6.19 -9.79 -37.28
N ARG C 384 -6.09 -10.08 -38.59
CA ARG C 384 -7.21 -10.69 -39.31
C ARG C 384 -7.16 -12.22 -39.45
N MET C 385 -5.97 -12.80 -39.30
CA MET C 385 -5.79 -14.25 -39.38
C MET C 385 -4.53 -14.62 -38.60
N PRO C 386 -4.62 -14.63 -37.26
CA PRO C 386 -3.42 -15.00 -36.50
C PRO C 386 -2.89 -16.40 -36.86
N LEU C 387 -1.60 -16.60 -36.66
CA LEU C 387 -0.94 -17.91 -36.75
C LEU C 387 -1.58 -18.90 -35.77
N PRO C 388 -1.68 -20.21 -36.14
CA PRO C 388 -2.45 -21.24 -35.42
C PRO C 388 -1.90 -21.67 -34.04
N GLU C 389 -2.69 -21.39 -33.02
CA GLU C 389 -2.37 -21.78 -31.65
C GLU C 389 -2.57 -23.29 -31.49
N PRO C 390 -1.79 -23.94 -30.60
CA PRO C 390 -1.77 -25.41 -30.36
C PRO C 390 -3.11 -26.09 -30.03
N SER D 24 61.83 -7.41 -40.26
CA SER D 24 60.94 -6.31 -40.64
C SER D 24 59.44 -6.69 -40.47
N TYR D 25 59.13 -7.48 -39.45
CA TYR D 25 57.79 -8.06 -39.30
C TYR D 25 56.64 -7.07 -39.09
N GLN D 26 55.43 -7.49 -39.51
CA GLN D 26 54.18 -6.76 -39.33
C GLN D 26 53.00 -7.71 -39.37
N VAL D 27 52.03 -7.45 -38.50
CA VAL D 27 50.76 -8.18 -38.43
C VAL D 27 50.12 -8.38 -39.81
N LEU D 28 49.45 -9.51 -40.02
CA LEU D 28 48.75 -9.74 -41.30
C LEU D 28 47.89 -8.52 -41.69
N ALA D 29 47.06 -8.14 -40.73
CA ALA D 29 46.17 -7.01 -40.88
C ALA D 29 46.83 -5.87 -41.61
N ARG D 30 48.17 -5.83 -41.58
CA ARG D 30 48.97 -4.70 -42.05
C ARG D 30 49.75 -5.01 -43.32
N LYS D 31 50.49 -6.10 -43.28
CA LYS D 31 51.13 -6.68 -44.44
C LYS D 31 50.21 -6.75 -45.67
N TRP D 32 49.01 -7.25 -45.48
CA TRP D 32 48.23 -7.65 -46.63
C TRP D 32 47.35 -6.54 -47.15
N ARG D 33 47.60 -5.32 -46.71
CA ARG D 33 46.81 -4.22 -47.24
C ARG D 33 46.93 -4.25 -48.74
N PRO D 34 45.78 -4.32 -49.44
CA PRO D 34 45.81 -4.48 -50.89
C PRO D 34 46.59 -3.32 -51.50
N GLN D 35 47.53 -3.67 -52.38
CA GLN D 35 48.41 -2.67 -52.90
C GLN D 35 48.13 -2.35 -54.37
N THR D 36 47.27 -3.16 -55.00
CA THR D 36 46.63 -2.84 -56.31
C THR D 36 45.13 -3.16 -56.28
N PHE D 37 44.31 -2.41 -57.01
CA PHE D 37 42.86 -2.68 -57.08
C PHE D 37 42.62 -4.19 -57.19
N ALA D 38 43.37 -4.83 -58.07
CA ALA D 38 43.27 -6.27 -58.29
C ALA D 38 43.23 -7.08 -56.99
N ASP D 39 43.81 -6.53 -55.92
CA ASP D 39 44.03 -7.28 -54.68
C ASP D 39 42.97 -7.00 -53.65
N VAL D 40 41.97 -6.23 -54.04
CA VAL D 40 40.93 -5.81 -53.10
C VAL D 40 39.77 -6.82 -53.10
N VAL D 41 39.25 -7.10 -51.90
CA VAL D 41 38.16 -8.06 -51.72
C VAL D 41 36.82 -7.36 -51.73
N GLY D 42 35.88 -7.84 -52.54
CA GLY D 42 34.58 -7.20 -52.67
C GLY D 42 34.61 -5.71 -52.97
N GLN D 43 33.58 -5.02 -52.49
CA GLN D 43 33.42 -3.59 -52.72
C GLN D 43 33.35 -3.32 -54.19
N GLU D 44 32.86 -4.29 -54.93
CA GLU D 44 33.01 -4.23 -56.36
C GLU D 44 32.29 -3.02 -57.01
N HIS D 45 31.29 -2.46 -56.32
CA HIS D 45 30.57 -1.27 -56.84
C HIS D 45 31.38 0.01 -56.76
N VAL D 46 32.23 0.09 -55.74
CA VAL D 46 33.12 1.21 -55.57
C VAL D 46 34.24 1.07 -56.55
N LEU D 47 34.89 -0.09 -56.54
CA LEU D 47 36.01 -0.30 -57.43
C LEU D 47 35.64 -0.03 -58.89
N THR D 48 34.39 -0.30 -59.24
CA THR D 48 33.89 -0.12 -60.60
C THR D 48 33.72 1.34 -61.02
N ALA D 49 33.01 2.10 -60.20
CA ALA D 49 32.78 3.51 -60.47
C ALA D 49 34.07 4.30 -60.45
N LEU D 50 35.04 3.82 -59.66
CA LEU D 50 36.36 4.44 -59.56
C LEU D 50 37.17 4.19 -60.81
N ALA D 51 37.36 2.91 -61.12
CA ALA D 51 38.07 2.54 -62.33
C ALA D 51 37.35 3.16 -63.52
N ASN D 52 36.02 3.20 -63.41
CA ASN D 52 35.15 3.61 -64.51
C ASN D 52 35.26 5.08 -64.84
N GLY D 53 35.24 5.90 -63.80
CA GLY D 53 35.45 7.32 -63.93
C GLY D 53 36.87 7.71 -64.26
N LEU D 54 37.85 7.02 -63.69
CA LEU D 54 39.25 7.27 -64.06
C LEU D 54 39.40 7.09 -65.56
N SER D 55 38.78 6.04 -66.10
CA SER D 55 38.87 5.81 -67.54
C SER D 55 38.05 6.78 -68.38
N LEU D 56 36.78 6.95 -68.02
CA LEU D 56 35.89 7.92 -68.72
C LEU D 56 36.42 9.37 -68.76
N GLY D 57 37.29 9.66 -67.81
CA GLY D 57 37.85 10.99 -67.65
C GLY D 57 37.05 11.82 -66.68
N ARG D 58 36.06 11.20 -66.04
CA ARG D 58 35.18 11.89 -65.09
C ARG D 58 35.64 11.80 -63.64
N ILE D 59 36.71 12.51 -63.34
CA ILE D 59 37.32 12.46 -62.03
C ILE D 59 36.87 13.61 -61.15
N HIS D 60 36.17 13.27 -60.05
CA HIS D 60 35.66 14.25 -59.09
C HIS D 60 36.78 14.87 -58.27
N HIS D 61 36.48 15.81 -57.36
CA HIS D 61 37.53 16.44 -56.55
C HIS D 61 37.40 16.08 -55.11
N ALA D 62 36.28 15.47 -54.75
CA ALA D 62 36.03 15.11 -53.36
C ALA D 62 35.32 13.78 -53.20
N TYR D 63 36.09 12.72 -53.12
CA TYR D 63 35.52 11.42 -52.86
C TYR D 63 35.44 11.20 -51.37
N LEU D 64 34.30 10.68 -50.90
CA LEU D 64 34.12 10.35 -49.49
C LEU D 64 33.90 8.84 -49.42
N PHE D 65 34.59 8.17 -48.50
CA PHE D 65 34.54 6.71 -48.43
C PHE D 65 34.00 6.24 -47.07
N SER D 66 32.87 5.54 -47.05
CA SER D 66 32.35 5.10 -45.75
C SER D 66 32.05 3.59 -45.61
N GLY D 67 31.81 3.16 -44.37
CA GLY D 67 31.56 1.75 -44.06
C GLY D 67 32.02 1.39 -42.66
N THR D 68 31.71 0.19 -42.18
CA THR D 68 32.15 -0.21 -40.85
C THR D 68 33.62 -0.50 -40.84
N ARG D 69 34.12 -0.67 -39.63
CA ARG D 69 35.54 -0.81 -39.41
C ARG D 69 36.11 -1.90 -40.33
N GLY D 70 37.25 -1.63 -40.96
CA GLY D 70 38.02 -2.70 -41.60
C GLY D 70 37.48 -3.40 -42.84
N VAL D 71 36.81 -2.66 -43.73
CA VAL D 71 36.22 -3.21 -44.94
C VAL D 71 36.80 -2.59 -46.21
N GLY D 72 37.88 -1.82 -46.06
CA GLY D 72 38.59 -1.28 -47.21
C GLY D 72 38.52 0.21 -47.49
N LYS D 73 37.95 0.95 -46.54
CA LYS D 73 37.88 2.40 -46.65
C LYS D 73 39.23 3.04 -46.99
N THR D 74 40.19 2.97 -46.09
CA THR D 74 41.38 3.76 -46.35
C THR D 74 42.39 2.99 -47.20
N SER D 75 42.20 1.68 -47.31
CA SER D 75 43.01 0.92 -48.26
C SER D 75 42.72 1.35 -49.69
N ILE D 76 41.43 1.55 -49.96
CA ILE D 76 40.99 2.06 -51.25
C ILE D 76 41.38 3.53 -51.50
N ALA D 77 41.25 4.41 -50.49
CA ALA D 77 41.66 5.80 -50.70
C ALA D 77 43.08 5.77 -51.24
N ARG D 78 43.93 5.07 -50.50
CA ARG D 78 45.32 4.99 -50.86
C ARG D 78 45.47 4.40 -52.27
N LEU D 79 44.59 3.49 -52.65
CA LEU D 79 44.73 2.95 -53.99
C LEU D 79 44.37 3.98 -55.05
N LEU D 80 43.28 4.72 -54.82
CA LEU D 80 42.86 5.79 -55.73
C LEU D 80 43.96 6.82 -55.87
N ALA D 81 44.63 7.16 -54.77
CA ALA D 81 45.77 8.07 -54.86
C ALA D 81 46.94 7.57 -55.74
N LYS D 82 47.32 6.30 -55.68
CA LYS D 82 48.40 5.80 -56.55
C LYS D 82 47.94 5.96 -57.99
N GLY D 83 46.67 5.66 -58.19
CA GLY D 83 46.05 5.70 -59.49
C GLY D 83 46.06 7.08 -60.11
N LEU D 84 45.94 8.13 -59.31
CA LEU D 84 45.91 9.48 -59.87
C LEU D 84 47.34 9.91 -60.19
N ASN D 85 48.30 9.52 -59.36
CA ASN D 85 49.64 10.05 -59.50
C ASN D 85 50.62 9.22 -60.26
N CYS D 86 50.22 8.00 -60.65
CA CYS D 86 51.15 7.03 -61.25
C CYS D 86 51.96 7.52 -62.44
N GLU D 87 53.26 7.24 -62.41
CA GLU D 87 54.15 7.77 -63.41
C GLU D 87 53.69 7.36 -64.83
N THR D 88 53.00 6.22 -64.94
CA THR D 88 52.56 5.67 -66.24
C THR D 88 51.44 6.47 -66.93
N GLY D 89 50.64 7.15 -66.13
CA GLY D 89 49.50 7.95 -66.59
C GLY D 89 48.46 7.90 -65.48
N ILE D 90 47.41 8.74 -65.57
CA ILE D 90 46.26 8.56 -64.71
C ILE D 90 45.65 7.21 -65.07
N THR D 91 45.70 6.26 -64.14
CA THR D 91 45.20 4.91 -64.41
C THR D 91 44.18 4.44 -63.37
N ALA D 92 43.45 3.39 -63.71
CA ALA D 92 42.56 2.70 -62.79
C ALA D 92 43.24 1.41 -62.32
N THR D 93 44.38 1.10 -62.94
CA THR D 93 45.14 -0.12 -62.71
C THR D 93 46.61 0.24 -62.47
N PRO D 94 46.91 0.90 -61.34
CA PRO D 94 48.23 1.48 -61.06
C PRO D 94 49.33 0.44 -60.84
N CYS D 95 50.47 0.68 -61.50
CA CYS D 95 51.55 -0.31 -61.57
C CYS D 95 52.11 -0.76 -60.20
N GLY D 96 52.46 0.17 -59.32
CA GLY D 96 53.17 -0.16 -58.10
C GLY D 96 54.68 -0.33 -58.28
N VAL D 97 55.25 0.27 -59.32
CA VAL D 97 56.64 0.03 -59.71
C VAL D 97 57.30 1.30 -60.24
N CYS D 98 56.66 2.43 -60.00
CA CYS D 98 57.31 3.69 -60.26
C CYS D 98 57.63 4.32 -58.91
N ASP D 99 58.64 5.18 -58.88
CA ASP D 99 58.91 5.96 -57.67
C ASP D 99 57.59 6.37 -56.98
N ASN D 100 56.59 6.78 -57.75
CA ASN D 100 55.35 7.32 -57.21
C ASN D 100 54.40 6.33 -56.51
N CYS D 101 54.33 5.09 -56.99
CA CYS D 101 53.46 4.12 -56.33
C CYS D 101 54.18 3.48 -55.14
N ARG D 102 55.48 3.26 -55.29
CA ARG D 102 56.29 2.71 -54.20
C ARG D 102 56.24 3.65 -53.01
N GLU D 103 56.47 4.94 -53.28
CA GLU D 103 56.52 5.94 -52.22
C GLU D 103 55.18 5.99 -51.46
N ILE D 104 54.05 5.86 -52.19
CA ILE D 104 52.72 5.87 -51.55
C ILE D 104 52.55 4.64 -50.72
N GLU D 105 52.94 3.48 -51.26
CA GLU D 105 52.95 2.22 -50.51
C GLU D 105 53.59 2.41 -49.13
N GLN D 106 54.74 3.07 -49.11
CA GLN D 106 55.53 3.26 -47.90
C GLN D 106 55.22 4.55 -47.11
N GLY D 107 54.21 5.32 -47.53
CA GLY D 107 53.85 6.58 -46.87
C GLY D 107 54.73 7.81 -47.17
N ARG D 108 55.90 7.56 -47.79
CA ARG D 108 56.95 8.56 -48.04
C ARG D 108 56.63 9.56 -49.17
N PHE D 109 55.61 9.25 -49.97
CA PHE D 109 55.23 10.09 -51.10
C PHE D 109 54.72 11.47 -50.68
N VAL D 110 55.41 12.45 -51.25
CA VAL D 110 55.33 13.84 -50.88
C VAL D 110 54.03 14.51 -51.29
N ASP D 111 53.40 14.01 -52.34
CA ASP D 111 52.20 14.66 -52.82
C ASP D 111 50.87 13.96 -52.50
N LEU D 112 50.92 13.04 -51.55
CA LEU D 112 49.74 12.47 -50.92
C LEU D 112 49.81 12.83 -49.47
N ILE D 113 49.06 13.84 -49.11
CA ILE D 113 49.16 14.35 -47.77
C ILE D 113 48.12 13.63 -46.97
N GLU D 114 48.56 12.78 -46.06
CA GLU D 114 47.62 11.98 -45.29
C GLU D 114 47.39 12.59 -43.93
N ILE D 115 46.15 12.96 -43.69
CA ILE D 115 45.80 13.60 -42.43
C ILE D 115 45.01 12.70 -41.50
N ASP D 116 45.51 12.61 -40.26
CA ASP D 116 44.83 11.95 -39.15
C ASP D 116 43.87 12.98 -38.58
N ALA D 117 42.67 13.01 -39.10
CA ALA D 117 41.75 14.06 -38.75
C ALA D 117 41.37 13.98 -37.28
N ALA D 118 41.43 12.76 -36.76
CA ALA D 118 40.96 12.44 -35.42
C ALA D 118 41.96 12.99 -34.45
N SER D 119 43.13 13.33 -34.98
CA SER D 119 44.17 13.93 -34.18
C SER D 119 44.26 15.44 -34.46
N ARG D 120 44.12 15.83 -35.73
CA ARG D 120 44.28 17.22 -36.15
C ARG D 120 42.90 17.76 -36.50
N THR D 121 42.17 18.04 -35.44
CA THR D 121 40.74 18.26 -35.52
C THR D 121 40.46 19.72 -35.53
N LYS D 122 41.46 20.50 -35.11
CA LYS D 122 41.27 21.90 -34.80
C LYS D 122 41.20 22.79 -36.04
N VAL D 123 40.49 23.93 -35.98
CA VAL D 123 40.37 24.78 -37.18
C VAL D 123 41.70 25.37 -37.52
N GLU D 124 42.37 25.90 -36.52
CA GLU D 124 43.69 26.44 -36.79
C GLU D 124 44.50 25.44 -37.59
N ASP D 125 44.46 24.18 -37.23
CA ASP D 125 45.16 23.16 -37.99
C ASP D 125 44.68 23.04 -39.42
N THR D 126 43.37 23.12 -39.64
CA THR D 126 42.86 22.80 -40.97
C THR D 126 42.88 24.01 -41.86
N ARG D 127 42.88 25.17 -41.24
CA ARG D 127 43.20 26.42 -41.94
C ARG D 127 44.62 26.43 -42.53
N ASP D 128 45.58 25.77 -41.86
CA ASP D 128 46.92 25.60 -42.42
C ASP D 128 46.81 24.75 -43.65
N LEU D 129 46.03 23.68 -43.54
CA LEU D 129 45.81 22.74 -44.63
C LEU D 129 45.45 23.58 -45.82
N LEU D 130 44.42 24.39 -45.68
CA LEU D 130 43.99 25.24 -46.77
C LEU D 130 45.05 26.24 -47.32
N ASP D 131 45.71 26.99 -46.45
CA ASP D 131 46.74 27.94 -46.90
C ASP D 131 47.82 27.33 -47.77
N ASN D 132 47.88 25.99 -47.80
CA ASN D 132 48.91 25.30 -48.56
C ASN D 132 48.32 24.44 -49.70
N VAL D 133 47.08 24.77 -50.05
CA VAL D 133 46.39 24.09 -51.13
C VAL D 133 46.71 24.79 -52.40
N GLN D 134 46.63 26.12 -52.36
CA GLN D 134 46.89 26.93 -53.54
C GLN D 134 48.20 26.48 -54.24
N TYR D 135 49.22 26.15 -53.45
CA TYR D 135 50.52 25.75 -54.01
C TYR D 135 50.51 24.42 -54.78
N ALA D 136 51.10 24.45 -55.98
CA ALA D 136 51.19 23.28 -56.86
C ALA D 136 52.01 22.13 -56.28
N PRO D 137 51.77 20.91 -56.80
CA PRO D 137 52.41 19.66 -56.34
C PRO D 137 53.90 19.63 -56.59
N ALA D 138 54.59 18.98 -55.64
CA ALA D 138 56.03 18.77 -55.70
C ALA D 138 56.50 17.90 -56.88
N ARG D 139 56.25 16.60 -56.81
CA ARG D 139 56.75 15.70 -57.85
C ARG D 139 55.62 14.90 -58.48
N GLY D 140 54.42 15.19 -58.06
CA GLY D 140 53.29 14.44 -58.56
C GLY D 140 52.52 15.27 -59.54
N ARG D 141 51.39 14.73 -59.97
CA ARG D 141 50.54 15.35 -60.96
C ARG D 141 49.38 16.08 -60.30
N PHE D 142 48.92 15.47 -59.19
CA PHE D 142 47.88 16.04 -58.33
C PHE D 142 48.41 16.14 -56.91
N LYS D 143 47.91 17.10 -56.14
CA LYS D 143 48.17 17.16 -54.71
C LYS D 143 46.93 16.55 -54.17
N VAL D 144 47.05 15.35 -53.57
CA VAL D 144 45.91 14.64 -52.96
C VAL D 144 45.88 14.61 -51.42
N TYR D 145 44.89 15.28 -50.85
CA TYR D 145 44.69 15.31 -49.40
C TYR D 145 43.83 14.11 -49.04
N LEU D 146 44.31 13.29 -48.11
CA LEU D 146 43.56 12.13 -47.67
C LEU D 146 43.26 12.36 -46.23
N ILE D 147 42.04 12.78 -45.97
CA ILE D 147 41.64 13.12 -44.62
C ILE D 147 40.87 11.91 -44.12
N ASP D 148 41.45 11.19 -43.14
CA ASP D 148 40.90 9.90 -42.63
C ASP D 148 40.43 10.10 -41.21
N GLU D 149 39.40 9.34 -40.85
CA GLU D 149 38.67 9.51 -39.58
C GLU D 149 38.01 10.90 -39.53
N VAL D 150 37.61 11.38 -40.70
CA VAL D 150 37.16 12.76 -40.91
C VAL D 150 35.97 13.17 -40.03
N HIS D 151 35.18 12.20 -39.60
CA HIS D 151 34.10 12.51 -38.69
C HIS D 151 34.52 13.24 -37.38
N MET D 152 35.81 13.40 -37.10
CA MET D 152 36.24 13.99 -35.82
C MET D 152 36.62 15.48 -35.94
N LEU D 153 36.74 16.00 -37.16
CA LEU D 153 37.04 17.41 -37.38
C LEU D 153 35.99 18.17 -36.62
N SER D 154 36.37 19.26 -35.99
CA SER D 154 35.43 20.08 -35.24
C SER D 154 34.36 20.62 -36.15
N ARG D 155 33.28 21.15 -35.58
CA ARG D 155 32.26 21.82 -36.37
C ARG D 155 32.92 22.93 -37.22
N HIS D 156 33.74 23.75 -36.57
CA HIS D 156 34.42 24.81 -37.26
C HIS D 156 35.32 24.26 -38.35
N SER D 157 36.02 23.17 -38.11
CA SER D 157 36.82 22.60 -39.19
C SER D 157 35.99 22.20 -40.41
N PHE D 158 34.90 21.49 -40.19
CA PHE D 158 34.03 21.11 -41.29
C PHE D 158 33.67 22.33 -42.10
N ASN D 159 33.17 23.40 -41.49
CA ASN D 159 32.76 24.58 -42.26
C ASN D 159 33.90 25.30 -42.93
N ALA D 160 35.10 25.28 -42.35
CA ALA D 160 36.24 25.91 -42.99
C ALA D 160 36.46 25.33 -44.39
N LEU D 161 36.34 24.00 -44.46
CA LEU D 161 36.47 23.25 -45.72
C LEU D 161 35.38 23.50 -46.73
N LEU D 162 34.24 24.01 -46.28
CA LEU D 162 33.11 24.09 -47.18
C LEU D 162 33.45 24.75 -48.51
N LYS D 163 33.91 26.01 -48.48
CA LYS D 163 34.17 26.75 -49.72
C LYS D 163 35.22 26.05 -50.60
N THR D 164 36.31 25.58 -50.01
CA THR D 164 37.37 24.93 -50.76
C THR D 164 36.97 23.57 -51.32
N LEU D 165 36.22 22.77 -50.55
CA LEU D 165 35.87 21.42 -50.96
C LEU D 165 34.98 21.46 -52.17
N GLU D 166 34.12 22.46 -52.25
CA GLU D 166 33.24 22.66 -53.39
C GLU D 166 34.00 23.15 -54.63
N GLU D 167 35.08 23.89 -54.43
CA GLU D 167 35.76 24.61 -55.52
C GLU D 167 37.31 24.55 -55.59
N PRO D 168 37.87 23.38 -55.40
CA PRO D 168 39.33 23.28 -55.34
C PRO D 168 40.01 23.69 -56.62
N PRO D 169 41.31 24.02 -56.53
CA PRO D 169 42.22 24.23 -57.66
C PRO D 169 42.18 23.00 -58.53
N GLU D 170 42.53 23.13 -59.80
CA GLU D 170 42.45 21.99 -60.68
C GLU D 170 43.47 20.93 -60.31
N HIS D 171 44.50 21.31 -59.54
CA HIS D 171 45.57 20.36 -59.20
C HIS D 171 45.39 19.64 -57.88
N VAL D 172 44.20 19.72 -57.33
CA VAL D 172 43.96 19.29 -55.97
C VAL D 172 42.82 18.24 -55.96
N LYS D 173 42.95 17.20 -55.14
CA LYS D 173 41.87 16.24 -54.98
C LYS D 173 41.71 15.93 -53.51
N PHE D 174 40.47 15.86 -53.04
CA PHE D 174 40.18 15.52 -51.66
C PHE D 174 39.62 14.13 -51.59
N LEU D 175 40.20 13.29 -50.71
CA LEU D 175 39.77 11.93 -50.44
C LEU D 175 39.53 11.84 -48.94
N LEU D 176 38.26 11.93 -48.55
CA LEU D 176 37.79 11.71 -47.17
C LEU D 176 37.32 10.26 -46.90
N ALA D 177 37.76 9.70 -45.78
CA ALA D 177 37.27 8.41 -45.35
C ALA D 177 36.77 8.53 -43.92
N THR D 178 35.63 7.91 -43.63
CA THR D 178 35.20 7.72 -42.23
C THR D 178 34.29 6.55 -42.01
N ALA D 179 34.46 5.96 -40.84
CA ALA D 179 33.63 4.84 -40.44
C ALA D 179 32.22 5.31 -40.06
N ASP D 180 32.13 6.55 -39.60
CA ASP D 180 30.90 7.10 -39.03
C ASP D 180 30.40 8.38 -39.74
N PRO D 181 29.87 8.25 -40.97
CA PRO D 181 29.56 9.41 -41.81
C PRO D 181 28.34 10.19 -41.33
N GLN D 182 27.50 9.60 -40.48
CA GLN D 182 26.37 10.34 -39.91
C GLN D 182 26.82 11.66 -39.35
N LYS D 183 27.99 11.66 -38.72
CA LYS D 183 28.51 12.82 -38.01
C LYS D 183 28.93 14.03 -38.87
N LEU D 184 29.11 13.84 -40.18
CA LEU D 184 29.48 14.96 -41.05
C LEU D 184 28.24 15.77 -41.34
N PRO D 185 28.38 17.11 -41.36
CA PRO D 185 27.32 18.05 -41.69
C PRO D 185 26.80 17.67 -43.04
N VAL D 186 25.56 18.00 -43.30
CA VAL D 186 24.96 17.72 -44.59
C VAL D 186 25.54 18.65 -45.67
N THR D 187 26.19 19.73 -45.26
CA THR D 187 26.81 20.58 -46.24
C THR D 187 28.05 19.96 -46.80
N ILE D 188 28.73 19.20 -45.95
CA ILE D 188 29.92 18.47 -46.38
C ILE D 188 29.55 17.36 -47.35
N LEU D 189 28.49 16.59 -47.02
CA LEU D 189 28.02 15.51 -47.89
C LEU D 189 27.56 16.06 -49.26
N SER D 190 26.70 17.06 -49.25
CA SER D 190 26.32 17.68 -50.51
C SER D 190 27.47 17.81 -51.51
N ARG D 191 28.67 18.08 -51.03
CA ARG D 191 29.76 18.41 -51.96
C ARG D 191 30.61 17.24 -52.40
N CYS D 192 30.31 16.05 -51.87
CA CYS D 192 31.13 14.85 -52.10
C CYS D 192 30.48 13.78 -52.95
N LEU D 193 31.28 12.90 -53.51
CA LEU D 193 30.74 11.65 -54.02
C LEU D 193 30.83 10.68 -52.86
N GLN D 194 29.71 10.12 -52.45
CA GLN D 194 29.78 9.20 -51.32
C GLN D 194 29.75 7.74 -51.77
N PHE D 195 30.78 6.98 -51.41
CA PHE D 195 30.80 5.56 -51.73
C PHE D 195 30.66 4.84 -50.43
N HIS D 196 29.54 4.11 -50.29
CA HIS D 196 29.31 3.29 -49.10
C HIS D 196 29.77 1.86 -49.31
N LEU D 197 30.94 1.56 -48.78
CA LEU D 197 31.48 0.24 -48.84
C LEU D 197 30.59 -0.61 -47.98
N LYS D 198 30.24 -1.80 -48.52
CA LYS D 198 29.41 -2.83 -47.87
C LYS D 198 30.28 -3.60 -46.88
N ALA D 199 29.66 -4.30 -45.95
CA ALA D 199 30.43 -5.25 -45.15
C ALA D 199 30.79 -6.46 -46.00
N LEU D 200 31.91 -7.06 -45.65
CA LEU D 200 32.35 -8.16 -46.45
C LEU D 200 31.61 -9.39 -46.04
N ASP D 201 31.16 -10.08 -47.08
CA ASP D 201 30.41 -11.31 -47.04
C ASP D 201 31.17 -12.44 -46.35
N VAL D 202 30.51 -13.20 -45.50
CA VAL D 202 31.11 -14.41 -44.91
C VAL D 202 32.04 -15.25 -45.81
N GLU D 203 31.57 -15.63 -47.00
CA GLU D 203 32.46 -16.34 -47.90
C GLU D 203 33.56 -15.43 -48.37
N GLN D 204 33.24 -14.17 -48.68
CA GLN D 204 34.25 -13.21 -49.14
C GLN D 204 35.43 -13.20 -48.20
N ILE D 205 35.15 -12.98 -46.91
CA ILE D 205 36.15 -13.02 -45.85
C ILE D 205 36.90 -14.35 -45.77
N ARG D 206 36.19 -15.44 -46.03
CA ARG D 206 36.77 -16.75 -45.86
C ARG D 206 37.80 -17.10 -46.95
N HIS D 207 37.41 -16.95 -48.22
CA HIS D 207 38.30 -17.19 -49.37
C HIS D 207 39.56 -16.39 -49.14
N GLN D 208 39.40 -15.15 -48.68
CA GLN D 208 40.53 -14.25 -48.38
C GLN D 208 41.42 -14.75 -47.25
N LEU D 209 40.81 -15.41 -46.27
CA LEU D 209 41.57 -15.97 -45.17
C LEU D 209 42.40 -17.15 -45.66
N GLU D 210 41.76 -17.98 -46.49
CA GLU D 210 42.40 -19.13 -47.11
C GLU D 210 43.62 -18.69 -47.92
N HIS D 211 43.42 -17.71 -48.81
CA HIS D 211 44.49 -17.23 -49.68
C HIS D 211 45.68 -16.83 -48.83
N ILE D 212 45.41 -16.03 -47.81
CA ILE D 212 46.48 -15.44 -47.00
C ILE D 212 47.26 -16.53 -46.23
N LEU D 213 46.53 -17.38 -45.53
CA LEU D 213 47.19 -18.43 -44.77
C LEU D 213 48.01 -19.34 -45.67
N ASN D 214 47.54 -19.51 -46.91
CA ASN D 214 48.31 -20.24 -47.92
C ASN D 214 49.62 -19.55 -48.30
N GLU D 215 49.55 -18.32 -48.80
CA GLU D 215 50.76 -17.60 -49.17
C GLU D 215 51.76 -17.47 -47.99
N GLU D 216 51.25 -17.33 -46.78
CA GLU D 216 52.09 -17.25 -45.59
C GLU D 216 52.73 -18.57 -45.22
N HIS D 217 52.20 -19.64 -45.82
CA HIS D 217 52.60 -21.03 -45.56
C HIS D 217 52.26 -21.47 -44.13
N ILE D 218 50.98 -21.33 -43.78
CA ILE D 218 50.50 -21.74 -42.46
C ILE D 218 49.39 -22.76 -42.61
N ALA D 219 49.41 -23.77 -41.76
CA ALA D 219 48.43 -24.84 -41.81
C ALA D 219 47.06 -24.44 -41.25
N HIS D 220 45.98 -24.75 -41.97
CA HIS D 220 44.62 -24.44 -41.49
C HIS D 220 43.62 -25.55 -41.74
N GLU D 221 42.56 -25.56 -40.94
CA GLU D 221 41.48 -26.53 -41.11
C GLU D 221 40.22 -25.78 -41.56
N PRO D 222 39.70 -26.11 -42.76
CA PRO D 222 38.52 -25.48 -43.35
C PRO D 222 37.52 -24.91 -42.34
N ARG D 223 37.02 -25.76 -41.43
CA ARG D 223 35.95 -25.36 -40.50
C ARG D 223 36.39 -24.27 -39.54
N ALA D 224 37.68 -24.13 -39.30
CA ALA D 224 38.14 -23.08 -38.41
C ALA D 224 38.12 -21.74 -39.15
N LEU D 225 38.20 -21.77 -40.48
CA LEU D 225 38.10 -20.55 -41.23
C LEU D 225 36.66 -20.16 -41.18
N GLN D 226 35.77 -21.15 -41.22
CA GLN D 226 34.33 -20.91 -41.07
C GLN D 226 34.02 -20.12 -39.81
N LEU D 227 34.50 -20.59 -38.66
CA LEU D 227 34.28 -19.91 -37.38
C LEU D 227 34.84 -18.51 -37.37
N LEU D 228 36.04 -18.35 -37.93
CA LEU D 228 36.69 -17.05 -37.98
C LEU D 228 35.90 -16.01 -38.80
N ALA D 229 35.42 -16.39 -39.99
CA ALA D 229 34.64 -15.47 -40.84
C ALA D 229 33.34 -15.02 -40.19
N ARG D 230 32.63 -15.98 -39.61
CA ARG D 230 31.40 -15.69 -38.88
C ARG D 230 31.73 -14.62 -37.87
N ALA D 231 32.75 -14.91 -37.06
CA ALA D 231 33.15 -14.05 -35.95
C ALA D 231 33.76 -12.71 -36.38
N ALA D 232 34.20 -12.60 -37.63
CA ALA D 232 34.65 -11.34 -38.16
C ALA D 232 33.51 -10.31 -38.09
N GLU D 233 32.28 -10.83 -38.13
CA GLU D 233 31.09 -9.97 -38.02
C GLU D 233 31.24 -8.88 -39.10
N GLY D 234 31.50 -9.35 -40.32
CA GLY D 234 31.47 -8.53 -41.51
C GLY D 234 32.74 -7.82 -41.95
N SER D 235 33.79 -7.88 -41.12
CA SER D 235 34.99 -7.04 -41.30
C SER D 235 36.32 -7.78 -41.50
N LEU D 236 36.95 -7.57 -42.65
CA LEU D 236 38.25 -8.14 -42.92
C LEU D 236 39.32 -7.84 -41.87
N ARG D 237 39.36 -6.63 -41.33
CA ARG D 237 40.45 -6.39 -40.39
C ARG D 237 40.17 -7.20 -39.17
N ASP D 238 38.94 -7.06 -38.67
CA ASP D 238 38.48 -7.82 -37.52
C ASP D 238 38.94 -9.27 -37.73
N ALA D 239 38.68 -9.77 -38.94
CA ALA D 239 38.94 -11.17 -39.29
C ALA D 239 40.41 -11.49 -39.20
N LEU D 240 41.24 -10.57 -39.66
CA LEU D 240 42.68 -10.80 -39.68
C LEU D 240 43.22 -10.74 -38.29
N SER D 241 42.66 -9.87 -37.47
CA SER D 241 43.11 -9.81 -36.11
C SER D 241 42.77 -11.07 -35.34
N LEU D 242 41.57 -11.59 -35.53
CA LEU D 242 41.27 -12.86 -34.93
C LEU D 242 42.25 -13.94 -35.40
N THR D 243 42.59 -13.97 -36.70
CA THR D 243 43.50 -14.98 -37.22
C THR D 243 44.85 -14.86 -36.59
N ASP D 244 45.34 -13.66 -36.37
CA ASP D 244 46.67 -13.56 -35.81
C ASP D 244 46.62 -14.04 -34.38
N GLN D 245 45.45 -13.90 -33.76
CA GLN D 245 45.25 -14.41 -32.41
C GLN D 245 45.21 -15.94 -32.39
N ALA D 246 44.54 -16.52 -33.38
CA ALA D 246 44.60 -17.97 -33.57
C ALA D 246 46.08 -18.41 -33.59
N ILE D 247 46.90 -17.81 -34.46
CA ILE D 247 48.29 -18.22 -34.64
C ILE D 247 49.22 -18.17 -33.43
N ALA D 248 49.00 -17.25 -32.49
CA ALA D 248 49.70 -17.31 -31.21
C ALA D 248 49.04 -18.34 -30.28
N SER D 249 47.75 -18.20 -30.01
CA SER D 249 47.07 -19.21 -29.21
C SER D 249 47.38 -20.65 -29.68
N GLY D 250 47.51 -20.85 -30.98
CA GLY D 250 47.59 -22.18 -31.57
C GLY D 250 48.98 -22.77 -31.68
N ASP D 251 50.01 -22.00 -31.30
CA ASP D 251 51.36 -22.52 -31.29
C ASP D 251 51.94 -22.60 -32.70
N GLY D 252 51.20 -22.05 -33.67
CA GLY D 252 51.66 -22.07 -35.05
C GLY D 252 50.61 -22.53 -36.03
N GLN D 253 49.71 -23.41 -35.59
CA GLN D 253 48.63 -23.87 -36.46
C GLN D 253 47.30 -23.13 -36.22
N VAL D 254 46.52 -22.93 -37.28
CA VAL D 254 45.16 -22.43 -37.11
C VAL D 254 44.22 -23.62 -37.25
N SER D 255 44.07 -24.39 -36.17
CA SER D 255 43.29 -25.62 -36.24
C SER D 255 41.85 -25.38 -35.81
N THR D 256 40.93 -26.29 -36.14
CA THR D 256 39.54 -26.15 -35.71
C THR D 256 39.47 -26.16 -34.20
N GLN D 257 40.14 -27.15 -33.59
CA GLN D 257 40.18 -27.30 -32.14
C GLN D 257 40.51 -26.01 -31.45
N ALA D 258 41.58 -25.37 -31.92
CA ALA D 258 42.13 -24.14 -31.32
C ALA D 258 41.21 -22.95 -31.43
N VAL D 259 40.87 -22.56 -32.66
CA VAL D 259 39.98 -21.41 -32.91
C VAL D 259 38.75 -21.44 -32.03
N SER D 260 38.12 -22.63 -31.95
CA SER D 260 36.86 -22.81 -31.23
C SER D 260 37.02 -22.64 -29.72
N ALA D 261 38.11 -23.14 -29.17
CA ALA D 261 38.41 -22.88 -27.76
C ALA D 261 38.55 -21.38 -27.56
N MET D 262 39.30 -20.74 -28.46
CA MET D 262 39.63 -19.33 -28.35
C MET D 262 38.39 -18.45 -28.49
N LEU D 263 37.68 -18.61 -29.59
CA LEU D 263 36.48 -17.86 -29.87
C LEU D 263 35.41 -17.99 -28.79
N GLY D 264 35.30 -19.17 -28.19
CA GLY D 264 34.30 -19.43 -27.16
C GLY D 264 33.14 -20.29 -27.65
N THR D 265 33.28 -20.84 -28.87
CA THR D 265 32.27 -21.68 -29.53
C THR D 265 31.61 -22.75 -28.67
N LEU D 266 30.35 -23.01 -29.00
CA LEU D 266 29.51 -23.95 -28.27
C LEU D 266 29.45 -25.38 -28.86
N ASP D 267 29.36 -26.39 -28.00
CA ASP D 267 28.98 -27.73 -28.44
C ASP D 267 27.45 -27.78 -28.47
N ASP D 268 26.84 -28.16 -29.60
CA ASP D 268 25.40 -27.83 -29.82
C ASP D 268 24.39 -28.20 -28.71
N ASP D 269 24.62 -29.29 -27.98
CA ASP D 269 23.65 -29.65 -26.96
C ASP D 269 23.30 -28.49 -25.97
N GLN D 270 24.32 -28.02 -25.23
CA GLN D 270 24.14 -27.12 -24.08
C GLN D 270 23.16 -25.98 -24.33
N ALA D 271 23.14 -25.48 -25.58
CA ALA D 271 22.30 -24.33 -25.94
C ALA D 271 20.82 -24.66 -25.89
N LEU D 272 20.46 -25.68 -26.66
CA LEU D 272 19.11 -26.22 -26.69
C LEU D 272 18.61 -26.61 -25.29
N SER D 273 19.36 -27.45 -24.58
CA SER D 273 18.98 -27.85 -23.23
C SER D 273 18.45 -26.64 -22.44
N LEU D 274 19.10 -25.49 -22.64
CA LEU D 274 18.72 -24.26 -21.96
C LEU D 274 17.44 -23.68 -22.52
N VAL D 275 17.35 -23.59 -23.84
CA VAL D 275 16.07 -23.25 -24.44
C VAL D 275 14.93 -24.09 -23.88
N GLU D 276 15.14 -25.40 -23.84
CA GLU D 276 14.18 -26.29 -23.24
C GLU D 276 13.85 -25.93 -21.79
N ALA D 277 14.79 -26.09 -20.87
CA ALA D 277 14.50 -25.75 -19.50
C ALA D 277 13.82 -24.39 -19.37
N MET D 278 14.10 -23.47 -20.31
CA MET D 278 13.55 -22.11 -20.28
C MET D 278 12.05 -22.08 -20.52
N VAL D 279 11.63 -22.79 -21.56
CA VAL D 279 10.21 -22.81 -21.89
C VAL D 279 9.37 -23.69 -20.97
N GLU D 280 10.03 -24.69 -20.34
CA GLU D 280 9.45 -25.56 -19.29
C GLU D 280 9.40 -24.83 -17.94
N ALA D 281 9.75 -23.56 -17.92
CA ALA D 281 9.66 -22.75 -16.72
C ALA D 281 10.45 -23.39 -15.61
N ASN D 282 11.42 -24.23 -16.00
CA ASN D 282 12.26 -24.93 -15.04
C ASN D 282 13.45 -24.15 -14.48
N GLY D 283 13.14 -23.27 -13.53
CA GLY D 283 14.12 -22.41 -12.93
C GLY D 283 15.34 -23.18 -12.47
N GLU D 284 15.10 -24.12 -11.55
CA GLU D 284 16.21 -24.76 -10.87
C GLU D 284 17.19 -25.32 -11.87
N ARG D 285 16.67 -25.78 -13.00
CA ARG D 285 17.55 -26.31 -14.04
C ARG D 285 18.19 -25.25 -14.93
N VAL D 286 17.46 -24.21 -15.32
CA VAL D 286 18.13 -23.21 -16.15
C VAL D 286 19.36 -22.70 -15.44
N MET D 287 19.23 -22.34 -14.15
CA MET D 287 20.36 -21.76 -13.39
C MET D 287 21.48 -22.78 -13.28
N ALA D 288 21.12 -23.97 -12.81
CA ALA D 288 22.06 -25.05 -12.56
C ALA D 288 22.82 -25.40 -13.85
N LEU D 289 22.18 -25.13 -14.99
CA LEU D 289 22.73 -25.43 -16.32
C LEU D 289 23.65 -24.31 -16.84
N ILE D 290 23.36 -23.08 -16.42
CA ILE D 290 24.19 -21.91 -16.71
C ILE D 290 25.46 -22.02 -15.89
N ASN D 291 25.35 -22.71 -14.74
CA ASN D 291 26.46 -22.79 -13.80
C ASN D 291 27.51 -23.72 -14.31
N GLU D 292 27.10 -24.77 -14.99
CA GLU D 292 28.10 -25.66 -15.57
C GLU D 292 28.67 -25.04 -16.83
N ALA D 293 27.89 -24.18 -17.45
CA ALA D 293 28.38 -23.38 -18.57
C ALA D 293 29.49 -22.40 -18.11
N ALA D 294 29.21 -21.65 -17.05
CA ALA D 294 30.19 -20.81 -16.34
C ALA D 294 31.55 -21.50 -16.03
N ALA D 295 31.44 -22.73 -15.54
CA ALA D 295 32.60 -23.55 -15.25
C ALA D 295 33.33 -23.91 -16.52
N ARG D 296 32.63 -24.32 -17.59
CA ARG D 296 33.32 -24.67 -18.85
C ARG D 296 33.92 -23.45 -19.56
N GLY D 297 33.60 -22.26 -19.04
CA GLY D 297 34.07 -21.01 -19.61
C GLY D 297 33.49 -20.70 -20.98
N ILE D 298 32.19 -20.53 -21.06
CA ILE D 298 31.47 -20.38 -22.32
C ILE D 298 31.39 -18.91 -22.65
N GLU D 299 31.43 -18.51 -23.92
CA GLU D 299 31.19 -17.09 -24.12
C GLU D 299 29.74 -16.63 -24.15
N TRP D 300 29.33 -15.97 -23.09
CA TRP D 300 27.95 -15.59 -22.90
C TRP D 300 27.29 -15.00 -24.12
N GLU D 301 27.92 -14.06 -24.82
CA GLU D 301 27.20 -13.51 -25.96
C GLU D 301 26.91 -14.62 -26.99
N ALA D 302 27.84 -15.55 -27.14
CA ALA D 302 27.59 -16.73 -27.98
C ALA D 302 26.33 -17.55 -27.57
N LEU D 303 26.20 -17.89 -26.28
CA LEU D 303 25.03 -18.58 -25.74
C LEU D 303 23.80 -17.88 -26.25
N LEU D 304 23.58 -16.68 -25.75
CA LEU D 304 22.48 -15.85 -26.17
C LEU D 304 22.23 -15.85 -27.66
N VAL D 305 23.29 -15.88 -28.43
CA VAL D 305 23.11 -15.89 -29.87
C VAL D 305 22.65 -17.23 -30.44
N GLU D 306 23.37 -18.29 -30.07
CA GLU D 306 22.95 -19.63 -30.41
C GLU D 306 21.47 -19.81 -29.98
N MET D 307 21.11 -19.31 -28.80
CA MET D 307 19.73 -19.42 -28.29
C MET D 307 18.75 -18.67 -29.15
N LEU D 308 19.11 -17.46 -29.52
CA LEU D 308 18.30 -16.73 -30.47
C LEU D 308 18.10 -17.53 -31.75
N GLY D 309 19.14 -18.23 -32.16
CA GLY D 309 19.08 -19.01 -33.39
C GLY D 309 18.12 -20.18 -33.38
N LEU D 310 18.09 -20.93 -32.29
CA LEU D 310 17.18 -22.07 -32.12
C LEU D 310 15.74 -21.59 -32.09
N LEU D 311 15.48 -20.54 -31.30
CA LEU D 311 14.17 -19.91 -31.23
C LEU D 311 13.73 -19.51 -32.60
N HIS D 312 14.70 -19.16 -33.43
CA HIS D 312 14.34 -18.78 -34.77
C HIS D 312 13.94 -19.97 -35.63
N ARG D 313 14.76 -21.02 -35.66
CA ARG D 313 14.36 -22.27 -36.31
C ARG D 313 12.95 -22.51 -35.86
N ILE D 314 12.82 -22.95 -34.61
CA ILE D 314 11.54 -23.31 -34.06
C ILE D 314 10.35 -22.49 -34.62
N ALA D 315 10.41 -21.18 -34.49
CA ALA D 315 9.31 -20.33 -34.94
C ALA D 315 9.06 -20.50 -36.42
N MET D 316 10.15 -20.80 -37.12
CA MET D 316 10.14 -21.05 -38.56
C MET D 316 9.41 -22.33 -38.98
N VAL D 317 9.81 -23.44 -38.37
CA VAL D 317 9.24 -24.73 -38.66
C VAL D 317 7.74 -24.63 -38.51
N GLN D 318 7.30 -24.02 -37.41
CA GLN D 318 5.87 -23.81 -37.17
C GLN D 318 5.17 -23.25 -38.39
N LEU D 319 5.94 -22.60 -39.28
CA LEU D 319 5.40 -22.08 -40.54
C LEU D 319 5.24 -23.15 -41.64
N SER D 320 6.33 -23.79 -42.04
CA SER D 320 6.26 -25.02 -42.83
C SER D 320 7.24 -26.06 -42.30
N PRO D 321 6.73 -27.27 -42.01
CA PRO D 321 7.52 -28.41 -41.50
C PRO D 321 8.91 -28.60 -42.15
N ALA D 322 9.06 -28.30 -43.44
CA ALA D 322 10.29 -28.59 -44.20
C ALA D 322 11.43 -27.57 -43.95
N ALA D 323 11.12 -26.49 -43.22
CA ALA D 323 12.06 -25.40 -42.90
C ALA D 323 13.19 -25.75 -41.91
N LEU D 324 13.13 -26.91 -41.27
CA LEU D 324 14.25 -27.39 -40.45
C LEU D 324 15.35 -27.96 -41.36
N GLY D 325 16.62 -27.63 -41.07
CA GLY D 325 17.72 -28.06 -41.92
C GLY D 325 18.18 -29.53 -41.85
N ASN D 326 18.93 -29.97 -42.88
CA ASN D 326 19.61 -31.27 -42.85
C ASN D 326 20.58 -31.32 -41.67
N ASP D 327 21.09 -30.12 -41.36
CA ASP D 327 22.17 -29.85 -40.39
C ASP D 327 21.82 -30.16 -38.95
N MET D 328 20.55 -30.44 -38.69
CA MET D 328 20.05 -30.57 -37.33
C MET D 328 19.86 -32.02 -36.90
N ALA D 329 19.76 -32.91 -37.88
CA ALA D 329 19.50 -34.35 -37.68
C ALA D 329 19.54 -34.84 -36.21
N ALA D 330 20.67 -34.65 -35.53
CA ALA D 330 20.81 -35.13 -34.16
C ALA D 330 19.89 -34.40 -33.17
N ILE D 331 19.44 -33.20 -33.55
CA ILE D 331 18.52 -32.41 -32.72
C ILE D 331 17.04 -32.56 -33.09
N GLU D 332 16.77 -32.93 -34.34
CA GLU D 332 15.47 -32.66 -34.95
C GLU D 332 14.27 -33.16 -34.17
N LEU D 333 14.47 -34.22 -33.39
CA LEU D 333 13.39 -34.76 -32.57
C LEU D 333 12.91 -33.76 -31.49
N ARG D 334 13.85 -33.00 -30.94
CA ARG D 334 13.60 -32.07 -29.83
C ARG D 334 13.12 -30.77 -30.36
N MET D 335 13.52 -30.48 -31.60
CA MET D 335 13.09 -29.25 -32.22
C MET D 335 11.62 -29.32 -32.55
N ARG D 336 11.25 -30.33 -33.33
CA ARG D 336 9.89 -30.42 -33.77
C ARG D 336 8.94 -30.36 -32.58
N GLU D 337 9.31 -30.98 -31.46
CA GLU D 337 8.41 -31.00 -30.30
C GLU D 337 8.13 -29.57 -29.92
N LEU D 338 9.19 -28.84 -29.58
CA LEU D 338 9.12 -27.43 -29.18
C LEU D 338 8.29 -26.58 -30.14
N ALA D 339 8.44 -26.88 -31.43
CA ALA D 339 7.60 -26.29 -32.45
C ALA D 339 6.12 -26.59 -32.23
N ARG D 340 5.77 -27.87 -32.11
CA ARG D 340 4.37 -28.26 -31.87
C ARG D 340 3.78 -27.70 -30.56
N THR D 341 4.50 -27.87 -29.44
CA THR D 341 3.98 -27.52 -28.11
C THR D 341 3.76 -26.02 -27.91
N ILE D 342 4.84 -25.27 -28.08
CA ILE D 342 4.89 -23.85 -27.71
C ILE D 342 4.22 -22.94 -28.72
N PRO D 343 3.33 -22.05 -28.25
CA PRO D 343 2.60 -21.19 -29.19
C PRO D 343 3.55 -20.18 -29.82
N PRO D 344 3.38 -19.89 -31.12
CA PRO D 344 4.19 -18.93 -31.88
C PRO D 344 4.33 -17.60 -31.14
N THR D 345 3.20 -17.11 -30.69
CA THR D 345 3.17 -15.91 -29.90
C THR D 345 4.19 -15.95 -28.76
N ASP D 346 4.19 -17.04 -28.00
CA ASP D 346 5.03 -17.14 -26.80
C ASP D 346 6.52 -17.33 -27.13
N ILE D 347 6.80 -17.73 -28.36
CA ILE D 347 8.18 -17.87 -28.82
C ILE D 347 8.74 -16.52 -29.20
N GLN D 348 7.90 -15.66 -29.75
CA GLN D 348 8.33 -14.33 -30.06
C GLN D 348 8.68 -13.59 -28.79
N LEU D 349 7.95 -13.82 -27.71
CA LEU D 349 8.28 -13.13 -26.47
C LEU D 349 9.59 -13.62 -25.90
N TYR D 350 9.86 -14.90 -26.14
CA TYR D 350 11.13 -15.48 -25.72
C TYR D 350 12.28 -14.85 -26.52
N TYR D 351 12.13 -14.80 -27.84
CA TYR D 351 13.16 -14.26 -28.73
C TYR D 351 13.45 -12.81 -28.41
N GLN D 352 12.42 -11.99 -28.53
CA GLN D 352 12.37 -10.65 -27.96
C GLN D 352 13.11 -10.48 -26.65
N THR D 353 12.85 -11.33 -25.68
CA THR D 353 13.39 -11.08 -24.36
C THR D 353 14.87 -11.38 -24.29
N LEU D 354 15.32 -12.38 -25.03
CA LEU D 354 16.75 -12.71 -25.05
C LEU D 354 17.51 -11.76 -25.95
N LEU D 355 16.82 -11.15 -26.93
CA LEU D 355 17.45 -10.18 -27.86
C LEU D 355 17.80 -8.89 -27.16
N ILE D 356 16.80 -8.29 -26.56
CA ILE D 356 17.00 -7.19 -25.63
C ILE D 356 18.06 -7.53 -24.57
N GLY D 357 18.13 -8.78 -24.16
CA GLY D 357 19.05 -9.14 -23.10
C GLY D 357 20.49 -9.12 -23.57
N ARG D 358 20.71 -9.62 -24.79
CA ARG D 358 22.01 -9.50 -25.47
C ARG D 358 22.40 -8.05 -25.67
N LYS D 359 21.44 -7.26 -26.10
CA LYS D 359 21.74 -5.85 -26.27
C LYS D 359 22.26 -5.27 -24.98
N GLU D 360 21.55 -5.54 -23.88
CA GLU D 360 21.87 -4.89 -22.62
C GLU D 360 22.90 -5.65 -21.80
N LEU D 361 23.50 -6.64 -22.45
CA LEU D 361 24.43 -7.52 -21.77
C LEU D 361 25.66 -6.76 -21.22
N PRO D 362 26.37 -6.03 -22.09
CA PRO D 362 27.67 -5.52 -21.65
C PRO D 362 27.48 -4.42 -20.65
N TYR D 363 26.26 -4.18 -20.21
CA TYR D 363 26.03 -3.08 -19.30
C TYR D 363 25.85 -3.59 -17.89
N ALA D 364 25.44 -4.86 -17.76
CA ALA D 364 25.20 -5.45 -16.43
C ALA D 364 26.51 -5.80 -15.77
N PRO D 365 26.52 -5.82 -14.43
CA PRO D 365 27.76 -5.93 -13.62
C PRO D 365 28.72 -7.12 -13.96
N ASP D 366 28.23 -8.24 -14.50
CA ASP D 366 29.09 -9.32 -14.98
C ASP D 366 28.54 -9.57 -16.34
N ARG D 367 29.22 -10.37 -17.13
CA ARG D 367 28.54 -10.88 -18.28
C ARG D 367 27.60 -12.00 -17.78
N ARG D 368 28.08 -12.84 -16.87
CA ARG D 368 27.25 -13.89 -16.31
C ARG D 368 26.00 -13.32 -15.70
N MET D 369 26.14 -12.34 -14.81
CA MET D 369 24.92 -11.81 -14.19
C MET D 369 23.86 -11.38 -15.23
N GLY D 370 24.30 -10.95 -16.40
CA GLY D 370 23.38 -10.46 -17.41
C GLY D 370 22.58 -11.56 -18.03
N VAL D 371 23.24 -12.65 -18.31
CA VAL D 371 22.53 -13.84 -18.78
C VAL D 371 21.57 -14.41 -17.73
N GLU D 372 21.94 -14.27 -16.45
CA GLU D 372 21.09 -14.71 -15.36
C GLU D 372 19.86 -13.81 -15.23
N MET D 373 20.01 -12.50 -15.36
CA MET D 373 18.84 -11.64 -15.23
C MET D 373 17.98 -11.87 -16.43
N THR D 374 18.61 -12.11 -17.57
CA THR D 374 17.85 -12.29 -18.81
C THR D 374 16.97 -13.57 -18.81
N LEU D 375 17.58 -14.68 -18.43
CA LEU D 375 16.87 -15.93 -18.42
C LEU D 375 15.85 -15.97 -17.30
N LEU D 376 16.24 -15.56 -16.10
CA LEU D 376 15.27 -15.39 -15.03
C LEU D 376 14.00 -14.66 -15.48
N ARG D 377 14.16 -13.54 -16.20
CA ARG D 377 13.02 -12.73 -16.65
C ARG D 377 12.18 -13.56 -17.58
N ALA D 378 12.85 -14.25 -18.48
CA ALA D 378 12.18 -15.05 -19.49
C ALA D 378 11.47 -16.21 -18.84
N LEU D 379 12.05 -16.67 -17.75
CA LEU D 379 11.64 -17.92 -17.10
C LEU D 379 10.17 -17.80 -16.80
N ALA D 380 9.86 -16.78 -15.98
CA ALA D 380 8.55 -16.51 -15.44
C ALA D 380 7.56 -15.98 -16.49
N PHE D 381 7.58 -16.56 -17.69
CA PHE D 381 6.56 -16.27 -18.66
C PHE D 381 5.53 -17.37 -18.63
N HIS D 382 6.04 -18.60 -18.53
CA HIS D 382 5.30 -19.78 -19.00
C HIS D 382 3.75 -19.75 -18.97
N PRO D 383 3.18 -19.51 -17.78
CA PRO D 383 1.72 -19.61 -17.88
C PRO D 383 1.00 -18.29 -18.26
N ARG D 384 0.08 -18.43 -19.21
CA ARG D 384 -0.73 -17.34 -19.78
C ARG D 384 -1.95 -16.95 -18.94
N MET D 385 -2.98 -17.81 -18.95
CA MET D 385 -4.23 -17.68 -18.15
C MET D 385 -5.40 -18.46 -18.79
N MET E 1 51.13 -2.80 -7.01
CA MET E 1 50.90 -3.69 -8.15
C MET E 1 51.52 -5.07 -7.94
N ARG E 2 50.69 -6.08 -7.67
CA ARG E 2 51.22 -7.40 -7.35
C ARG E 2 51.21 -8.36 -8.53
N TRP E 3 51.97 -9.44 -8.41
CA TRP E 3 52.04 -10.45 -9.45
C TRP E 3 51.43 -11.71 -8.88
N TYR E 4 50.45 -12.27 -9.56
CA TYR E 4 49.77 -13.45 -9.08
C TYR E 4 50.21 -14.66 -9.88
N PRO E 5 50.19 -15.85 -9.23
CA PRO E 5 50.74 -17.10 -9.75
C PRO E 5 50.06 -17.52 -11.04
N TRP E 6 48.80 -17.11 -11.25
CA TRP E 6 48.03 -17.60 -12.40
C TRP E 6 48.37 -16.90 -13.70
N LEU E 7 49.37 -16.02 -13.61
CA LEU E 7 49.91 -15.24 -14.72
C LEU E 7 51.04 -15.98 -15.43
N ARG E 8 51.81 -16.78 -14.68
CA ARG E 8 52.95 -17.46 -15.25
C ARG E 8 52.69 -17.97 -16.67
N PRO E 9 51.58 -18.69 -16.88
CA PRO E 9 51.55 -19.34 -18.20
C PRO E 9 51.03 -18.39 -19.26
N ASP E 10 50.18 -17.45 -18.84
CA ASP E 10 49.65 -16.47 -19.77
C ASP E 10 50.84 -15.61 -20.26
N PHE E 11 51.64 -15.14 -19.31
CA PHE E 11 52.91 -14.47 -19.59
C PHE E 11 53.83 -15.29 -20.52
N GLU E 12 54.12 -16.54 -20.13
CA GLU E 12 54.99 -17.41 -20.94
C GLU E 12 54.53 -17.60 -22.40
N LYS E 13 53.23 -17.54 -22.67
CA LYS E 13 52.71 -17.68 -24.03
C LYS E 13 52.80 -16.37 -24.80
N LEU E 14 52.64 -15.28 -24.08
CA LEU E 14 52.62 -14.01 -24.73
C LEU E 14 54.05 -13.56 -24.98
N VAL E 15 54.98 -13.88 -24.08
CA VAL E 15 56.36 -13.41 -24.28
C VAL E 15 56.88 -14.09 -25.51
N ALA E 16 56.69 -15.39 -25.57
CA ALA E 16 57.11 -16.23 -26.68
C ALA E 16 57.05 -15.53 -28.01
N SER E 17 55.83 -15.22 -28.40
CA SER E 17 55.63 -14.44 -29.64
C SER E 17 56.55 -13.23 -29.74
N TYR E 18 56.64 -12.43 -28.67
CA TYR E 18 57.58 -11.34 -28.64
C TYR E 18 59.03 -11.80 -28.84
N GLN E 19 59.42 -12.85 -28.12
CA GLN E 19 60.79 -13.36 -28.18
C GLN E 19 61.17 -13.70 -29.59
N ALA E 20 60.21 -14.16 -30.38
CA ALA E 20 60.46 -14.41 -31.79
C ALA E 20 60.47 -13.13 -32.68
N GLY E 21 60.07 -11.99 -32.10
CA GLY E 21 59.93 -10.75 -32.86
C GLY E 21 58.63 -10.69 -33.67
N ARG E 22 57.76 -11.67 -33.44
CA ARG E 22 56.46 -11.75 -34.11
C ARG E 22 55.31 -11.32 -33.19
N GLY E 23 55.67 -10.66 -32.10
CA GLY E 23 54.66 -10.10 -31.20
C GLY E 23 53.80 -9.12 -31.93
N HIS E 24 52.54 -8.96 -31.51
CA HIS E 24 51.60 -8.02 -32.12
C HIS E 24 51.65 -6.61 -31.44
N HIS E 25 51.67 -5.56 -32.25
CA HIS E 25 52.04 -4.23 -31.75
C HIS E 25 50.99 -3.60 -30.92
N ALA E 26 49.85 -4.27 -30.82
CA ALA E 26 48.70 -3.67 -30.18
C ALA E 26 47.86 -4.71 -29.49
N LEU E 27 48.28 -5.07 -28.29
CA LEU E 27 47.62 -6.16 -27.56
C LEU E 27 46.65 -5.52 -26.62
N LEU E 28 45.42 -5.98 -26.68
CA LEU E 28 44.40 -5.55 -25.75
C LEU E 28 44.10 -6.76 -24.88
N ILE E 29 44.45 -6.67 -23.61
CA ILE E 29 44.24 -7.77 -22.68
C ILE E 29 42.93 -7.52 -22.01
N GLN E 30 42.08 -8.52 -21.87
CA GLN E 30 40.84 -8.32 -21.12
C GLN E 30 40.82 -9.16 -19.91
N ALA E 31 40.66 -8.48 -18.79
CA ALA E 31 40.78 -9.11 -17.50
C ALA E 31 39.83 -8.40 -16.56
N LEU E 32 39.25 -9.13 -15.61
CA LEU E 32 38.52 -8.49 -14.52
C LEU E 32 39.48 -7.57 -13.76
N PRO E 33 38.94 -6.63 -12.96
CA PRO E 33 39.79 -5.90 -12.01
C PRO E 33 40.43 -6.90 -11.07
N GLY E 34 41.62 -6.60 -10.60
CA GLY E 34 42.31 -7.48 -9.68
C GLY E 34 42.81 -8.82 -10.20
N MET E 35 42.73 -9.05 -11.50
CA MET E 35 43.26 -10.27 -12.07
C MET E 35 44.75 -10.15 -12.30
N GLY E 36 45.27 -8.92 -12.11
CA GLY E 36 46.67 -8.60 -12.30
C GLY E 36 47.16 -8.37 -13.73
N ASP E 37 46.33 -7.79 -14.58
CA ASP E 37 46.78 -7.51 -15.94
C ASP E 37 47.88 -6.44 -15.91
N ASP E 38 47.81 -5.53 -14.94
CA ASP E 38 48.80 -4.48 -14.81
C ASP E 38 50.23 -5.00 -14.61
N ALA E 39 50.35 -6.17 -13.99
CA ALA E 39 51.63 -6.78 -13.68
C ALA E 39 51.99 -7.67 -14.82
N LEU E 40 50.99 -8.26 -15.46
CA LEU E 40 51.29 -9.09 -16.62
C LEU E 40 51.97 -8.21 -17.66
N ILE E 41 51.44 -7.01 -17.82
CA ILE E 41 51.95 -6.07 -18.80
C ILE E 41 53.31 -5.62 -18.38
N TYR E 42 53.44 -5.14 -17.14
CA TYR E 42 54.71 -4.65 -16.64
C TYR E 42 55.78 -5.65 -17.06
N ALA E 43 55.65 -6.90 -16.65
CA ALA E 43 56.52 -7.96 -17.09
C ALA E 43 56.83 -7.90 -18.58
N LEU E 44 55.83 -7.72 -19.41
CA LEU E 44 56.05 -7.71 -20.85
C LEU E 44 56.77 -6.45 -21.24
N SER E 45 56.36 -5.34 -20.65
CA SER E 45 57.06 -4.07 -20.84
C SER E 45 58.56 -4.23 -20.50
N ARG E 46 58.86 -4.57 -19.26
CA ARG E 46 60.23 -4.67 -18.80
C ARG E 46 61.09 -5.48 -19.73
N TYR E 47 60.53 -6.54 -20.30
CA TYR E 47 61.29 -7.44 -21.16
C TYR E 47 61.63 -6.75 -22.45
N LEU E 48 60.64 -6.09 -23.00
CA LEU E 48 60.85 -5.35 -24.24
C LEU E 48 61.90 -4.25 -24.12
N LEU E 49 62.01 -3.63 -22.94
CA LEU E 49 62.91 -2.51 -22.71
C LEU E 49 64.32 -2.89 -22.25
N CYS E 50 64.54 -4.15 -21.87
CA CYS E 50 65.87 -4.54 -21.41
C CYS E 50 66.81 -4.91 -22.54
N GLN E 51 68.02 -4.35 -22.48
CA GLN E 51 69.01 -4.45 -23.55
C GLN E 51 69.86 -5.72 -23.43
N GLN E 52 69.81 -6.37 -22.26
CA GLN E 52 70.56 -7.61 -22.04
C GLN E 52 69.62 -8.69 -21.45
N PRO E 53 68.51 -8.99 -22.16
CA PRO E 53 67.49 -9.90 -21.62
C PRO E 53 68.07 -11.30 -21.37
N GLN E 54 67.84 -11.85 -20.17
CA GLN E 54 68.20 -13.23 -19.87
C GLN E 54 67.01 -14.16 -20.17
N GLY E 55 66.81 -14.49 -21.45
CA GLY E 55 65.62 -15.21 -21.89
C GLY E 55 64.33 -14.40 -21.74
N HIS E 56 63.36 -14.89 -20.96
CA HIS E 56 62.12 -14.14 -20.64
C HIS E 56 62.43 -12.99 -19.72
N LYS E 57 63.42 -13.19 -18.85
CA LYS E 57 63.70 -12.30 -17.73
C LYS E 57 64.35 -10.93 -18.10
N SER E 58 64.00 -9.89 -17.35
CA SER E 58 64.73 -8.63 -17.36
C SER E 58 65.85 -8.65 -16.29
N CYS E 59 67.08 -8.31 -16.71
CA CYS E 59 68.33 -8.51 -15.94
C CYS E 59 68.48 -7.63 -14.68
N GLY E 60 68.13 -6.36 -14.82
CA GLY E 60 68.21 -5.41 -13.72
C GLY E 60 69.38 -4.45 -13.77
N HIS E 61 70.43 -4.80 -14.53
CA HIS E 61 71.69 -4.10 -14.47
C HIS E 61 72.03 -3.30 -15.72
N CYS E 62 71.21 -3.41 -16.76
CA CYS E 62 71.40 -2.59 -17.98
C CYS E 62 70.85 -1.18 -17.83
N ARG E 63 71.29 -0.25 -18.66
CA ARG E 63 70.81 1.12 -18.50
C ARG E 63 69.29 1.11 -18.49
N GLY E 64 68.69 0.64 -19.59
CA GLY E 64 67.25 0.45 -19.68
C GLY E 64 66.61 0.02 -18.37
N CYS E 65 66.93 -1.18 -17.91
CA CYS E 65 66.31 -1.69 -16.67
C CYS E 65 66.45 -0.73 -15.48
N GLN E 66 67.60 -0.05 -15.39
CA GLN E 66 67.88 0.89 -14.30
C GLN E 66 66.85 2.03 -14.33
N LEU E 67 66.74 2.67 -15.49
CA LEU E 67 65.86 3.80 -15.72
C LEU E 67 64.42 3.43 -15.46
N MET E 68 64.01 2.32 -16.07
CA MET E 68 62.69 1.74 -15.86
C MET E 68 62.53 1.61 -14.36
N GLN E 69 63.53 1.03 -13.73
CA GLN E 69 63.49 0.81 -12.29
C GLN E 69 63.24 2.07 -11.49
N ALA E 70 63.62 3.21 -12.05
CA ALA E 70 63.57 4.49 -11.34
C ALA E 70 62.55 5.45 -11.92
N GLY E 71 61.36 4.94 -12.23
CA GLY E 71 60.33 5.76 -12.83
C GLY E 71 60.68 6.12 -14.25
N THR E 72 61.77 6.87 -14.41
CA THR E 72 62.06 7.50 -15.70
C THR E 72 62.84 6.71 -16.72
N HIS E 73 62.13 6.26 -17.75
CA HIS E 73 62.74 5.72 -18.93
C HIS E 73 61.93 6.27 -20.07
N PRO E 74 62.51 7.22 -20.76
CA PRO E 74 62.19 8.01 -21.94
C PRO E 74 61.26 7.34 -22.93
N ASP E 75 61.20 6.02 -22.94
CA ASP E 75 60.52 5.34 -24.03
C ASP E 75 59.35 4.47 -23.59
N TYR E 76 58.96 4.62 -22.33
CA TYR E 76 57.81 3.96 -21.70
C TYR E 76 56.80 5.04 -21.39
N TYR E 77 55.67 4.99 -22.08
CA TYR E 77 54.63 5.97 -21.82
C TYR E 77 53.46 5.32 -21.08
N THR E 78 53.11 5.87 -19.92
CA THR E 78 51.87 5.48 -19.24
C THR E 78 50.65 6.40 -19.52
N LEU E 79 49.58 5.85 -20.10
CA LEU E 79 48.38 6.63 -20.28
C LEU E 79 47.29 6.27 -19.27
N ALA E 80 47.40 6.72 -18.01
CA ALA E 80 46.27 6.65 -17.08
C ALA E 80 45.61 8.04 -16.95
N PRO E 81 44.65 8.20 -16.01
CA PRO E 81 44.05 9.54 -16.00
C PRO E 81 44.69 10.58 -15.06
N GLU E 82 44.46 11.86 -15.34
CA GLU E 82 44.93 12.91 -14.45
C GLU E 82 44.45 12.61 -13.06
N LYS E 83 45.20 13.01 -12.04
CA LYS E 83 44.94 12.47 -10.71
C LYS E 83 43.52 12.70 -10.18
N GLY E 84 43.04 13.94 -10.27
CA GLY E 84 41.67 14.27 -9.87
C GLY E 84 40.51 13.60 -10.61
N LYS E 85 40.79 12.99 -11.77
CA LYS E 85 39.72 12.62 -12.69
C LYS E 85 39.49 11.11 -12.92
N ASN E 86 38.53 10.78 -13.78
CA ASN E 86 38.19 9.38 -14.06
C ASN E 86 37.99 9.10 -15.55
N THR E 87 38.35 10.07 -16.37
CA THR E 87 38.48 9.86 -17.81
C THR E 87 39.92 10.11 -18.29
N LEU E 88 40.22 9.57 -19.46
CA LEU E 88 41.57 9.65 -19.98
C LEU E 88 41.45 10.41 -21.29
N GLY E 89 41.86 11.68 -21.29
CA GLY E 89 41.50 12.61 -22.36
C GLY E 89 42.35 12.64 -23.62
N VAL E 90 41.93 13.43 -24.62
CA VAL E 90 42.53 13.34 -25.94
C VAL E 90 43.86 13.99 -25.94
N ASP E 91 43.99 15.05 -25.16
CA ASP E 91 45.25 15.77 -25.16
C ASP E 91 46.36 14.87 -24.67
N ALA E 92 46.04 14.10 -23.66
CA ALA E 92 46.99 13.16 -23.10
C ALA E 92 47.46 12.11 -24.11
N VAL E 93 46.57 11.69 -24.99
CA VAL E 93 46.93 10.71 -26.01
C VAL E 93 47.85 11.35 -26.97
N ARG E 94 47.49 12.56 -27.40
CA ARG E 94 48.22 13.26 -28.46
C ARG E 94 49.70 13.54 -28.15
N GLU E 95 50.03 13.80 -26.88
CA GLU E 95 51.42 13.86 -26.45
C GLU E 95 52.11 12.59 -26.81
N VAL E 96 51.58 11.48 -26.32
CA VAL E 96 52.14 10.17 -26.59
C VAL E 96 52.19 9.90 -28.08
N THR E 97 51.11 10.10 -28.82
CA THR E 97 51.24 9.84 -30.25
C THR E 97 52.34 10.66 -30.96
N GLU E 98 52.52 11.93 -30.58
CA GLU E 98 53.59 12.75 -31.14
C GLU E 98 54.98 12.27 -30.76
N LYS E 99 55.30 12.31 -29.48
CA LYS E 99 56.63 11.93 -29.02
C LYS E 99 57.05 10.60 -29.63
N LEU E 100 56.07 9.76 -29.96
CA LEU E 100 56.33 8.43 -30.54
C LEU E 100 57.02 8.47 -31.90
N ASN E 101 56.96 9.61 -32.59
CA ASN E 101 57.65 9.79 -33.87
C ASN E 101 59.11 10.17 -33.70
N GLU E 102 59.44 10.84 -32.61
CA GLU E 102 60.84 10.99 -32.24
C GLU E 102 61.48 9.60 -32.13
N HIS E 103 62.65 9.44 -32.74
CA HIS E 103 63.47 8.25 -32.52
C HIS E 103 63.56 7.97 -31.04
N ALA E 104 63.49 6.72 -30.66
CA ALA E 104 63.57 6.34 -29.25
C ALA E 104 64.70 7.07 -28.49
N ARG E 105 64.35 7.91 -27.51
CA ARG E 105 65.29 8.79 -26.79
C ARG E 105 66.40 8.03 -26.04
N LEU E 106 66.43 6.72 -26.23
CA LEU E 106 67.47 5.82 -25.68
C LEU E 106 67.66 4.64 -26.67
N GLY E 107 67.27 4.89 -27.93
CA GLY E 107 67.46 3.94 -29.02
C GLY E 107 67.10 2.51 -28.73
N GLY E 108 65.95 2.34 -28.08
CA GLY E 108 65.38 1.03 -27.85
C GLY E 108 64.03 0.96 -28.49
N ALA E 109 63.17 0.17 -27.89
CA ALA E 109 61.78 0.09 -28.28
C ALA E 109 60.97 1.07 -27.48
N LYS E 110 59.81 1.41 -27.98
CA LYS E 110 58.93 2.28 -27.22
C LYS E 110 57.67 1.50 -26.83
N VAL E 111 57.28 1.55 -25.56
CA VAL E 111 56.07 0.85 -25.14
C VAL E 111 55.08 1.83 -24.51
N VAL E 112 53.81 1.68 -24.90
CA VAL E 112 52.71 2.48 -24.35
C VAL E 112 51.75 1.59 -23.58
N TRP E 113 51.59 1.88 -22.30
CA TRP E 113 50.62 1.19 -21.47
C TRP E 113 49.39 2.06 -21.26
N VAL E 114 48.26 1.64 -21.82
CA VAL E 114 47.00 2.34 -21.57
C VAL E 114 46.30 1.57 -20.48
N THR E 115 46.23 2.17 -19.31
CA THR E 115 45.78 1.42 -18.15
C THR E 115 44.38 0.81 -18.27
N ASP E 116 43.40 1.64 -18.59
CA ASP E 116 42.07 1.11 -18.84
C ASP E 116 41.36 1.80 -20.04
N ALA E 117 41.30 1.06 -21.14
CA ALA E 117 40.73 1.52 -22.41
C ALA E 117 39.30 2.05 -22.28
N ALA E 118 38.66 1.63 -21.22
CA ALA E 118 37.29 1.98 -20.95
C ALA E 118 37.27 3.45 -20.69
N LEU E 119 38.38 3.95 -20.15
CA LEU E 119 38.46 5.35 -19.72
C LEU E 119 38.84 6.35 -20.85
N LEU E 120 39.24 5.80 -21.99
CA LEU E 120 39.46 6.62 -23.15
C LEU E 120 38.18 7.37 -23.39
N THR E 121 38.22 8.68 -23.43
CA THR E 121 37.14 9.48 -23.98
C THR E 121 36.87 9.11 -25.41
N ASP E 122 35.68 9.37 -25.93
CA ASP E 122 35.41 9.09 -27.32
C ASP E 122 36.46 9.76 -28.21
N ALA E 123 36.84 10.98 -27.85
CA ALA E 123 37.81 11.72 -28.64
C ALA E 123 39.20 11.12 -28.46
N ALA E 124 39.57 10.84 -27.21
CA ALA E 124 40.79 10.14 -26.94
C ALA E 124 40.91 8.84 -27.71
N ALA E 125 39.88 8.00 -27.72
CA ALA E 125 39.90 6.76 -28.52
C ALA E 125 40.25 7.00 -30.00
N ASN E 126 39.51 7.86 -30.70
CA ASN E 126 39.78 8.05 -32.09
C ASN E 126 41.18 8.58 -32.32
N ALA E 127 41.67 9.45 -31.46
CA ALA E 127 43.01 10.03 -31.63
C ALA E 127 44.09 8.95 -31.59
N LEU E 128 43.71 7.83 -31.03
CA LEU E 128 44.61 6.75 -30.83
C LEU E 128 44.63 5.83 -32.07
N LEU E 129 43.65 6.03 -32.95
CA LEU E 129 43.38 5.08 -34.04
C LEU E 129 44.43 4.96 -35.14
N LYS E 130 44.84 6.08 -35.70
CA LYS E 130 45.78 5.98 -36.78
C LYS E 130 47.13 5.55 -36.24
N THR E 131 47.63 6.14 -35.16
CA THR E 131 48.90 5.63 -34.58
C THR E 131 48.86 4.13 -34.19
N LEU E 132 47.68 3.65 -33.81
CA LEU E 132 47.55 2.30 -33.33
C LEU E 132 47.51 1.29 -34.46
N GLU E 133 47.05 1.71 -35.62
CA GLU E 133 47.01 0.81 -36.77
C GLU E 133 48.40 0.56 -37.30
N GLU E 134 49.20 1.62 -37.37
CA GLU E 134 50.54 1.52 -37.92
C GLU E 134 51.51 2.43 -37.19
N PRO E 135 52.00 1.95 -36.06
CA PRO E 135 52.93 2.76 -35.29
C PRO E 135 54.24 2.77 -36.02
N PRO E 136 55.14 3.64 -35.58
CA PRO E 136 56.54 3.55 -36.02
C PRO E 136 57.06 2.15 -35.68
N ALA E 137 58.30 1.85 -36.00
CA ALA E 137 58.78 0.49 -35.72
C ALA E 137 59.14 0.31 -34.25
N GLU E 138 59.20 -0.93 -33.81
CA GLU E 138 59.67 -1.19 -32.46
C GLU E 138 58.89 -0.38 -31.43
N THR E 139 57.63 -0.15 -31.77
CA THR E 139 56.68 0.43 -30.84
C THR E 139 55.74 -0.66 -30.41
N TRP E 140 55.47 -0.74 -29.11
CA TRP E 140 54.62 -1.77 -28.57
C TRP E 140 53.52 -1.22 -27.66
N PHE E 141 52.28 -1.46 -28.05
CA PHE E 141 51.10 -1.09 -27.26
C PHE E 141 50.46 -2.22 -26.40
N PHE E 142 50.06 -1.82 -25.20
CA PHE E 142 49.28 -2.64 -24.26
C PHE E 142 48.07 -1.89 -23.71
N LEU E 143 46.87 -2.36 -24.01
CA LEU E 143 45.66 -1.81 -23.40
C LEU E 143 44.91 -2.90 -22.57
N ALA E 144 44.08 -2.50 -21.60
CA ALA E 144 43.28 -3.47 -20.84
C ALA E 144 41.85 -2.99 -20.59
N THR E 145 40.90 -3.93 -20.60
CA THR E 145 39.56 -3.62 -20.11
C THR E 145 38.94 -4.75 -19.40
N ARG E 146 37.77 -4.42 -18.82
CA ARG E 146 36.82 -5.39 -18.33
C ARG E 146 36.05 -5.89 -19.52
N GLU E 147 35.53 -4.96 -20.30
CA GLU E 147 34.58 -5.32 -21.29
C GLU E 147 34.95 -4.77 -22.63
N PRO E 148 35.54 -5.58 -23.52
CA PRO E 148 35.86 -5.03 -24.83
C PRO E 148 34.66 -4.51 -25.58
N GLU E 149 33.44 -4.99 -25.32
CA GLU E 149 32.30 -4.56 -26.17
C GLU E 149 31.88 -3.09 -25.90
N ARG E 150 32.38 -2.54 -24.82
CA ARG E 150 32.15 -1.15 -24.51
C ARG E 150 33.15 -0.20 -25.21
N LEU E 151 33.99 -0.73 -26.08
CA LEU E 151 35.16 -0.03 -26.58
C LEU E 151 34.85 0.38 -27.99
N LEU E 152 35.31 1.53 -28.40
CA LEU E 152 35.09 1.95 -29.76
C LEU E 152 35.36 0.85 -30.82
N ALA E 153 34.33 0.54 -31.59
CA ALA E 153 34.41 -0.38 -32.74
C ALA E 153 35.73 -0.41 -33.53
N THR E 154 36.22 0.74 -33.93
CA THR E 154 37.41 0.79 -34.80
C THR E 154 38.72 0.58 -34.02
N LEU E 155 38.68 0.90 -32.73
CA LEU E 155 39.82 0.77 -31.87
C LEU E 155 39.97 -0.73 -31.65
N ARG E 156 38.84 -1.38 -31.63
CA ARG E 156 38.88 -2.76 -31.25
C ARG E 156 39.55 -3.60 -32.31
N SER E 157 39.35 -3.25 -33.57
CA SER E 157 39.86 -4.13 -34.63
C SER E 157 41.33 -3.94 -34.97
N ARG E 158 41.98 -3.02 -34.28
CA ARG E 158 43.38 -2.80 -34.52
C ARG E 158 44.15 -3.58 -33.48
N CYS E 159 43.44 -4.08 -32.45
CA CYS E 159 44.11 -4.89 -31.42
C CYS E 159 43.99 -6.38 -31.59
N ARG E 160 44.90 -7.08 -30.92
CA ARG E 160 44.81 -8.51 -30.75
C ARG E 160 44.31 -8.69 -29.37
N LEU E 161 43.40 -9.63 -29.23
CA LEU E 161 42.81 -9.87 -27.94
C LEU E 161 43.56 -10.96 -27.12
N HIS E 162 43.85 -10.68 -25.84
CA HIS E 162 44.25 -11.78 -24.98
C HIS E 162 43.38 -11.80 -23.75
N TYR E 163 42.82 -12.99 -23.44
CA TYR E 163 41.88 -13.17 -22.34
C TYR E 163 42.56 -13.72 -21.07
N LEU E 164 42.44 -12.97 -20.00
CA LEU E 164 43.03 -13.35 -18.74
C LEU E 164 41.98 -14.09 -17.90
N ALA E 165 41.76 -15.37 -18.20
CA ALA E 165 40.72 -16.09 -17.50
C ALA E 165 41.20 -16.30 -16.07
N PRO E 166 40.30 -16.14 -15.07
CA PRO E 166 40.57 -16.44 -13.66
C PRO E 166 40.65 -17.94 -13.35
N PRO E 167 41.46 -18.26 -12.35
CA PRO E 167 41.70 -19.64 -11.95
C PRO E 167 40.39 -20.21 -11.50
N PRO E 168 40.20 -21.54 -11.62
CA PRO E 168 39.19 -22.32 -10.94
C PRO E 168 38.87 -21.81 -9.54
N GLU E 169 37.58 -21.82 -9.18
CA GLU E 169 37.09 -21.33 -7.90
C GLU E 169 37.86 -21.99 -6.77
N GLN E 170 38.03 -23.30 -6.87
CA GLN E 170 38.71 -24.03 -5.84
C GLN E 170 40.11 -23.46 -5.58
N TYR E 171 40.89 -23.30 -6.65
CA TYR E 171 42.22 -22.76 -6.55
C TYR E 171 42.17 -21.42 -5.85
N ALA E 172 41.21 -20.60 -6.22
CA ALA E 172 41.18 -19.22 -5.74
C ALA E 172 40.86 -19.16 -4.25
N VAL E 173 40.16 -20.16 -3.77
CA VAL E 173 39.72 -20.12 -2.41
C VAL E 173 40.86 -20.58 -1.57
N THR E 174 41.60 -21.55 -2.09
CA THR E 174 42.81 -22.00 -1.44
C THR E 174 43.88 -20.89 -1.50
N TRP E 175 43.99 -20.18 -2.62
CA TRP E 175 44.82 -18.98 -2.63
C TRP E 175 44.47 -18.03 -1.49
N LEU E 176 43.19 -17.71 -1.36
CA LEU E 176 42.69 -16.74 -0.38
C LEU E 176 42.91 -17.13 1.07
N SER E 177 42.56 -18.37 1.40
CA SER E 177 42.74 -18.91 2.74
C SER E 177 44.16 -18.67 3.25
N ARG E 178 45.08 -18.34 2.37
CA ARG E 178 46.45 -18.17 2.81
C ARG E 178 46.79 -16.72 2.94
N GLU E 179 45.88 -15.84 2.50
CA GLU E 179 46.07 -14.37 2.56
C GLU E 179 45.22 -13.67 3.64
N VAL E 180 44.03 -14.20 3.88
CA VAL E 180 43.19 -13.65 4.92
C VAL E 180 42.68 -14.80 5.72
N THR E 181 42.22 -14.53 6.93
CA THR E 181 41.60 -15.57 7.72
C THR E 181 40.12 -15.25 7.92
N MET E 182 39.28 -15.93 7.18
CA MET E 182 37.86 -15.62 7.12
C MET E 182 37.23 -16.98 7.04
N SER E 183 35.90 -17.05 7.14
CA SER E 183 35.25 -18.34 7.03
C SER E 183 35.38 -18.84 5.60
N GLN E 184 35.34 -20.14 5.42
CA GLN E 184 35.28 -20.64 4.06
C GLN E 184 34.09 -20.03 3.29
N ASP E 185 32.92 -19.98 3.93
CA ASP E 185 31.74 -19.43 3.30
C ASP E 185 32.00 -17.99 2.85
N ALA E 186 32.73 -17.25 3.68
CA ALA E 186 33.09 -15.85 3.41
C ALA E 186 33.85 -15.73 2.10
N LEU E 187 35.07 -16.27 2.08
CA LEU E 187 35.91 -16.28 0.89
C LEU E 187 35.07 -16.50 -0.33
N LEU E 188 34.50 -17.68 -0.39
CA LEU E 188 33.61 -18.07 -1.45
C LEU E 188 32.66 -16.97 -1.89
N ALA E 189 32.08 -16.23 -0.97
CA ALA E 189 31.19 -15.16 -1.41
C ALA E 189 31.99 -14.00 -1.99
N ALA E 190 32.99 -13.57 -1.26
CA ALA E 190 33.82 -12.48 -1.70
C ALA E 190 34.27 -12.81 -3.12
N LEU E 191 34.71 -14.04 -3.31
CA LEU E 191 35.21 -14.44 -4.61
C LEU E 191 34.13 -14.33 -5.67
N ARG E 192 32.92 -14.63 -5.27
CA ARG E 192 31.83 -14.78 -6.23
C ARG E 192 31.19 -13.47 -6.53
N LEU E 193 31.34 -12.56 -5.57
CA LEU E 193 30.96 -11.18 -5.71
C LEU E 193 31.82 -10.58 -6.81
N SER E 194 33.07 -11.03 -6.83
CA SER E 194 34.14 -10.49 -7.66
C SER E 194 34.34 -11.21 -9.00
N ALA E 195 33.31 -11.89 -9.44
CA ALA E 195 33.27 -12.62 -10.69
C ALA E 195 34.37 -13.62 -10.89
N GLY E 196 35.01 -14.04 -9.82
CA GLY E 196 35.95 -15.12 -9.95
C GLY E 196 37.35 -14.69 -9.61
N SER E 197 37.58 -13.39 -9.72
CA SER E 197 38.91 -12.80 -9.54
C SER E 197 39.48 -12.81 -8.11
N PRO E 198 40.50 -13.65 -7.85
CA PRO E 198 40.98 -13.68 -6.47
C PRO E 198 41.62 -12.35 -6.32
N GLY E 199 41.86 -11.85 -5.13
CA GLY E 199 42.57 -10.59 -5.13
C GLY E 199 41.73 -9.37 -5.40
N ALA E 200 40.90 -9.38 -6.43
CA ALA E 200 39.75 -8.48 -6.46
C ALA E 200 38.88 -8.87 -5.26
N ALA E 201 38.79 -10.20 -5.05
CA ALA E 201 38.20 -10.83 -3.89
C ALA E 201 38.93 -10.34 -2.68
N LEU E 202 40.20 -10.74 -2.61
CA LEU E 202 41.10 -10.36 -1.53
C LEU E 202 40.97 -8.88 -1.14
N ALA E 203 40.79 -8.00 -2.14
CA ALA E 203 40.69 -6.56 -1.93
C ALA E 203 39.49 -6.17 -1.06
N LEU E 204 38.39 -6.93 -1.14
CA LEU E 204 37.18 -6.76 -0.28
C LEU E 204 37.51 -6.87 1.19
N PHE E 205 38.38 -7.79 1.53
CA PHE E 205 38.74 -7.95 2.93
C PHE E 205 39.69 -6.89 3.43
N GLN E 206 40.35 -6.22 2.52
CA GLN E 206 41.38 -5.33 2.95
C GLN E 206 40.83 -4.01 3.38
N GLY E 207 39.87 -3.49 2.62
CA GLY E 207 39.42 -2.14 2.88
C GLY E 207 38.63 -1.93 4.17
N ASP E 208 37.80 -0.90 4.10
CA ASP E 208 36.71 -0.65 5.02
C ASP E 208 35.57 -1.48 4.51
N ASN E 209 35.83 -2.14 3.38
CA ASN E 209 34.83 -2.66 2.47
C ASN E 209 33.93 -3.73 3.03
N TRP E 210 34.52 -4.83 3.47
CA TRP E 210 33.71 -5.89 4.05
C TRP E 210 32.94 -5.38 5.27
N GLN E 211 33.53 -4.52 6.08
CA GLN E 211 32.76 -3.99 7.20
C GLN E 211 31.48 -3.30 6.72
N ALA E 212 31.47 -2.82 5.48
CA ALA E 212 30.38 -2.00 4.93
C ALA E 212 29.36 -2.87 4.26
N ARG E 213 29.77 -4.04 3.79
CA ARG E 213 28.80 -5.02 3.30
C ARG E 213 27.97 -5.49 4.46
N GLU E 214 28.61 -5.75 5.61
CA GLU E 214 27.89 -6.20 6.78
C GLU E 214 26.90 -5.14 7.19
N THR E 215 27.18 -3.89 6.90
CA THR E 215 26.28 -2.79 7.25
C THR E 215 25.07 -2.68 6.33
N LEU E 216 25.31 -2.94 5.05
CA LEU E 216 24.28 -3.07 4.02
C LEU E 216 23.42 -4.20 4.35
N CYS E 217 24.02 -5.33 4.66
CA CYS E 217 23.26 -6.49 5.11
C CYS E 217 22.45 -6.25 6.36
N GLN E 218 22.98 -5.55 7.33
CA GLN E 218 22.20 -5.26 8.53
C GLN E 218 20.98 -4.46 8.12
N ALA E 219 21.22 -3.35 7.43
CA ALA E 219 20.17 -2.42 7.07
C ALA E 219 19.09 -3.13 6.28
N LEU E 220 19.53 -3.95 5.35
CA LEU E 220 18.65 -4.67 4.44
C LEU E 220 17.75 -5.61 5.22
N ALA E 221 18.36 -6.29 6.16
CA ALA E 221 17.63 -7.18 7.04
C ALA E 221 16.47 -6.43 7.72
N TYR E 222 16.50 -5.08 7.72
CA TYR E 222 15.43 -4.33 8.36
C TYR E 222 14.43 -3.83 7.36
N SER E 223 14.94 -3.34 6.24
CA SER E 223 14.06 -2.74 5.26
C SER E 223 13.11 -3.80 4.73
N VAL E 224 13.62 -4.99 4.47
CA VAL E 224 12.77 -6.00 3.85
C VAL E 224 11.46 -6.16 4.63
N PRO E 225 11.50 -6.77 5.81
CA PRO E 225 10.27 -6.97 6.57
C PRO E 225 9.42 -5.74 6.72
N SER E 226 10.02 -4.58 6.92
CA SER E 226 9.27 -3.38 7.26
C SER E 226 8.76 -2.57 6.08
N GLY E 227 9.42 -2.72 4.93
CA GLY E 227 9.10 -1.93 3.76
C GLY E 227 9.79 -0.57 3.73
N ASP E 228 10.71 -0.34 4.66
CA ASP E 228 11.45 0.90 4.65
C ASP E 228 12.74 0.79 3.83
N TRP E 229 12.66 1.06 2.55
CA TRP E 229 13.86 0.97 1.76
C TRP E 229 14.58 2.32 1.65
N TYR E 230 13.89 3.43 1.91
CA TYR E 230 14.56 4.72 1.91
C TYR E 230 15.66 4.68 3.00
N SER E 231 15.40 3.87 4.04
CA SER E 231 16.32 3.56 5.10
C SER E 231 17.70 3.10 4.59
N LEU E 232 17.75 2.48 3.41
CA LEU E 232 19.05 2.10 2.82
C LEU E 232 20.00 3.24 2.41
N LEU E 233 19.50 4.49 2.34
CA LEU E 233 20.29 5.59 1.78
C LEU E 233 21.62 5.55 2.47
N ALA E 234 21.59 5.63 3.78
CA ALA E 234 22.84 5.73 4.49
C ALA E 234 23.89 4.66 4.11
N ALA E 235 23.52 3.40 3.92
CA ALA E 235 24.51 2.40 3.58
C ALA E 235 24.89 2.40 2.10
N LEU E 236 24.11 3.10 1.27
CA LEU E 236 24.42 3.12 -0.15
C LEU E 236 25.03 4.43 -0.59
N ASN E 237 24.58 5.51 0.02
CA ASN E 237 25.08 6.82 -0.38
C ASN E 237 26.49 7.06 0.07
N HIS E 238 27.42 6.83 -0.83
CA HIS E 238 28.82 6.83 -0.50
C HIS E 238 29.48 6.74 -1.83
N GLU E 239 30.77 7.02 -1.90
CA GLU E 239 31.37 7.17 -3.20
C GLU E 239 31.47 5.81 -3.84
N GLN E 240 31.53 4.80 -2.97
CA GLN E 240 31.63 3.41 -3.41
C GLN E 240 30.28 2.78 -3.81
N ALA E 241 29.29 3.62 -4.11
CA ALA E 241 27.92 3.21 -4.43
C ALA E 241 27.83 2.20 -5.55
N PRO E 242 28.61 2.37 -6.62
CA PRO E 242 28.37 1.42 -7.72
C PRO E 242 28.62 0.02 -7.24
N ALA E 243 29.62 -0.13 -6.40
CA ALA E 243 29.97 -1.43 -5.85
C ALA E 243 28.91 -1.96 -4.88
N ARG E 244 28.55 -1.16 -3.91
CA ARG E 244 27.54 -1.55 -2.96
C ARG E 244 26.18 -1.82 -3.61
N LEU E 245 25.78 -1.02 -4.57
CA LEU E 245 24.59 -1.34 -5.37
C LEU E 245 24.71 -2.74 -5.99
N HIS E 246 25.89 -3.07 -6.50
CA HIS E 246 26.12 -4.39 -7.09
C HIS E 246 26.02 -5.49 -6.05
N TRP E 247 26.39 -5.16 -4.81
CA TRP E 247 26.20 -6.11 -3.71
C TRP E 247 24.72 -6.39 -3.52
N LEU E 248 23.94 -5.31 -3.46
CA LEU E 248 22.49 -5.36 -3.32
C LEU E 248 21.87 -6.09 -4.50
N ALA E 249 22.40 -5.86 -5.69
CA ALA E 249 21.91 -6.55 -6.86
C ALA E 249 22.03 -8.04 -6.65
N THR E 250 23.18 -8.49 -6.17
CA THR E 250 23.40 -9.94 -6.08
C THR E 250 22.54 -10.59 -5.00
N LEU E 251 22.13 -9.81 -4.02
CA LEU E 251 21.30 -10.36 -2.99
C LEU E 251 19.90 -10.64 -3.58
N LEU E 252 19.38 -9.64 -4.31
CA LEU E 252 18.10 -9.74 -4.95
C LEU E 252 18.14 -10.90 -5.88
N MET E 253 19.26 -11.08 -6.56
CA MET E 253 19.27 -12.17 -7.48
C MET E 253 19.32 -13.54 -6.80
N ASP E 254 19.89 -13.62 -5.61
CA ASP E 254 20.06 -14.91 -4.98
C ASP E 254 18.71 -15.36 -4.53
N ALA E 255 17.93 -14.39 -4.10
CA ALA E 255 16.54 -14.62 -3.68
C ALA E 255 15.71 -15.11 -4.86
N LEU E 256 15.95 -14.50 -6.01
CA LEU E 256 15.26 -14.91 -7.21
C LEU E 256 15.68 -16.28 -7.57
N LYS E 257 16.87 -16.69 -7.15
CA LYS E 257 17.36 -18.01 -7.52
C LYS E 257 16.71 -19.03 -6.62
N ARG E 258 16.53 -18.70 -5.36
CA ARG E 258 15.84 -19.61 -4.50
C ARG E 258 14.36 -19.78 -4.90
N HIS E 259 13.72 -18.75 -5.45
CA HIS E 259 12.32 -18.93 -5.86
C HIS E 259 12.23 -19.97 -6.92
N HIS E 260 13.41 -20.33 -7.42
CA HIS E 260 13.58 -21.31 -8.49
C HIS E 260 14.38 -22.51 -8.03
N GLY E 261 14.87 -22.46 -6.78
CA GLY E 261 15.47 -23.62 -6.13
C GLY E 261 16.83 -24.02 -6.65
N ALA E 262 17.50 -23.02 -7.22
CA ALA E 262 18.87 -23.12 -7.72
C ALA E 262 19.93 -23.43 -6.67
N ALA E 263 20.89 -24.29 -7.07
CA ALA E 263 22.01 -24.70 -6.22
C ALA E 263 23.02 -23.57 -5.87
N GLN E 264 23.68 -22.96 -6.85
CA GLN E 264 24.58 -21.87 -6.52
C GLN E 264 23.80 -20.66 -6.16
N VAL E 265 24.06 -20.07 -4.99
CA VAL E 265 23.89 -18.61 -4.82
C VAL E 265 25.23 -17.86 -4.79
N THR E 266 25.16 -16.55 -4.84
CA THR E 266 26.40 -15.79 -4.78
C THR E 266 26.76 -15.46 -3.35
N ASN E 267 25.84 -14.88 -2.59
CA ASN E 267 26.12 -14.54 -1.20
C ASN E 267 26.01 -15.73 -0.28
N VAL E 268 26.87 -16.70 -0.52
CA VAL E 268 26.93 -17.93 0.22
C VAL E 268 26.98 -17.73 1.71
N ASP E 269 27.53 -16.63 2.15
CA ASP E 269 27.76 -16.42 3.57
C ASP E 269 26.60 -15.80 4.31
N VAL E 270 25.54 -15.39 3.65
CA VAL E 270 24.42 -14.76 4.35
C VAL E 270 23.07 -15.39 4.03
N PRO E 271 22.92 -16.73 4.18
CA PRO E 271 21.79 -17.41 3.53
C PRO E 271 20.52 -17.04 4.23
N GLY E 272 20.65 -16.42 5.40
CA GLY E 272 19.51 -15.92 6.13
C GLY E 272 18.92 -14.67 5.52
N LEU E 273 19.75 -13.75 5.03
CA LEU E 273 19.23 -12.55 4.39
C LEU E 273 18.63 -12.99 3.09
N VAL E 274 19.27 -13.91 2.38
CA VAL E 274 18.73 -14.37 1.11
C VAL E 274 17.36 -14.93 1.30
N ALA E 275 17.19 -15.82 2.27
CA ALA E 275 15.88 -16.38 2.53
C ALA E 275 14.89 -15.27 2.85
N GLU E 276 15.23 -14.29 3.68
CA GLU E 276 14.19 -13.34 3.99
C GLU E 276 13.76 -12.51 2.81
N LEU E 277 14.59 -12.40 1.80
CA LEU E 277 14.18 -11.68 0.63
C LEU E 277 13.17 -12.57 -0.07
N ALA E 278 13.49 -13.84 -0.19
CA ALA E 278 12.62 -14.78 -0.88
C ALA E 278 11.23 -14.82 -0.26
N ASN E 279 11.15 -14.58 1.03
CA ASN E 279 9.94 -14.77 1.76
C ASN E 279 9.05 -13.56 1.69
N HIS E 280 9.62 -12.38 1.81
CA HIS E 280 8.79 -11.19 1.86
C HIS E 280 8.61 -10.45 0.56
N LEU E 281 9.14 -10.96 -0.54
CA LEU E 281 8.96 -10.28 -1.83
C LEU E 281 8.59 -11.27 -2.92
N SER E 282 7.64 -10.87 -3.76
CA SER E 282 7.22 -11.71 -4.86
C SER E 282 8.37 -11.77 -5.81
N PRO E 283 8.48 -12.87 -6.54
CA PRO E 283 9.30 -12.92 -7.73
C PRO E 283 9.18 -11.63 -8.58
N SER E 284 7.95 -11.23 -8.90
CA SER E 284 7.69 -10.07 -9.73
C SER E 284 8.44 -8.85 -9.22
N ARG E 285 8.52 -8.68 -7.91
CA ARG E 285 9.15 -7.49 -7.39
C ARG E 285 10.61 -7.71 -7.11
N LEU E 286 11.01 -8.93 -6.80
CA LEU E 286 12.43 -9.16 -6.61
C LEU E 286 13.04 -8.77 -7.92
N GLN E 287 12.42 -9.23 -8.99
CA GLN E 287 13.00 -9.05 -10.31
C GLN E 287 13.03 -7.64 -10.79
N ALA E 288 11.90 -6.97 -10.67
CA ALA E 288 11.84 -5.56 -11.01
C ALA E 288 12.92 -4.78 -10.26
N ILE E 289 13.05 -4.98 -8.96
CA ILE E 289 14.01 -4.23 -8.14
C ILE E 289 15.43 -4.54 -8.57
N LEU E 290 15.70 -5.78 -8.92
CA LEU E 290 17.00 -6.12 -9.49
C LEU E 290 17.24 -5.26 -10.74
N GLY E 291 16.28 -5.24 -11.64
CA GLY E 291 16.32 -4.34 -12.79
C GLY E 291 16.77 -2.94 -12.44
N ASP E 292 16.03 -2.24 -11.60
CA ASP E 292 16.30 -0.83 -11.31
C ASP E 292 17.64 -0.62 -10.65
N VAL E 293 17.98 -1.51 -9.73
CA VAL E 293 19.22 -1.36 -8.99
C VAL E 293 20.45 -1.39 -9.90
N CYS E 294 20.48 -2.35 -10.84
CA CYS E 294 21.49 -2.34 -11.90
C CYS E 294 21.44 -1.12 -12.77
N HIS E 295 20.28 -0.79 -13.28
CA HIS E 295 20.16 0.35 -14.16
C HIS E 295 20.71 1.64 -13.57
N ILE E 296 20.47 1.91 -12.30
CA ILE E 296 21.01 3.07 -11.62
C ILE E 296 22.48 2.92 -11.50
N ARG E 297 22.92 1.75 -11.06
CA ARG E 297 24.35 1.54 -10.97
C ARG E 297 25.00 2.01 -12.28
N GLU E 298 24.48 1.59 -13.43
CA GLU E 298 25.11 1.99 -14.67
C GLU E 298 25.26 3.51 -14.74
N GLN E 299 24.12 4.21 -14.73
CA GLN E 299 24.04 5.66 -14.69
C GLN E 299 25.01 6.26 -13.70
N LEU E 300 25.04 5.70 -12.52
CA LEU E 300 25.96 6.21 -11.54
C LEU E 300 27.38 6.14 -12.01
N MET E 301 27.65 5.28 -12.96
CA MET E 301 29.02 5.04 -13.38
C MET E 301 29.33 5.70 -14.71
N SER E 302 28.29 5.97 -15.47
CA SER E 302 28.43 6.27 -16.87
C SER E 302 27.93 7.65 -17.23
N VAL E 303 27.46 8.41 -16.24
CA VAL E 303 26.98 9.77 -16.49
C VAL E 303 27.92 10.69 -15.72
N THR E 304 28.68 11.48 -16.47
CA THR E 304 29.73 12.28 -15.87
C THR E 304 29.12 13.34 -14.99
N GLY E 305 29.48 13.25 -13.71
CA GLY E 305 29.07 14.22 -12.71
C GLY E 305 27.71 14.05 -12.04
N ILE E 306 27.02 12.95 -12.34
CA ILE E 306 25.63 12.88 -11.92
C ILE E 306 25.54 12.79 -10.41
N ASN E 307 24.47 13.34 -9.85
CA ASN E 307 24.37 13.45 -8.39
C ASN E 307 23.91 12.15 -7.74
N ARG E 308 24.85 11.50 -7.06
CA ARG E 308 24.61 10.22 -6.38
C ARG E 308 23.40 10.25 -5.44
N GLU E 309 23.45 11.10 -4.42
CA GLU E 309 22.35 11.23 -3.49
C GLU E 309 21.00 11.32 -4.19
N LEU E 310 20.85 12.23 -5.15
CA LEU E 310 19.54 12.35 -5.77
C LEU E 310 19.13 11.01 -6.42
N LEU E 311 20.04 10.40 -7.17
CA LEU E 311 19.70 9.18 -7.87
C LEU E 311 19.40 8.04 -6.93
N ILE E 312 20.25 7.79 -5.94
CA ILE E 312 19.95 6.69 -5.05
C ILE E 312 18.64 6.97 -4.31
N THR E 313 18.45 8.22 -3.86
CA THR E 313 17.22 8.59 -3.17
C THR E 313 15.99 8.31 -4.02
N ASP E 314 15.94 8.78 -5.26
CA ASP E 314 14.84 8.43 -6.15
C ASP E 314 14.67 6.90 -6.31
N LEU E 315 15.75 6.16 -6.46
CA LEU E 315 15.64 4.72 -6.59
C LEU E 315 14.97 4.09 -5.36
N LEU E 316 15.27 4.59 -4.17
CA LEU E 316 14.72 3.99 -2.97
C LEU E 316 13.26 4.36 -2.80
N LEU E 317 12.91 5.61 -3.07
CA LEU E 317 11.52 6.07 -2.93
C LEU E 317 10.67 5.30 -3.90
N ARG E 318 11.24 5.00 -5.06
CA ARG E 318 10.51 4.34 -6.12
C ARG E 318 10.36 2.83 -5.90
N ILE E 319 11.32 2.21 -5.25
CA ILE E 319 11.25 0.78 -4.95
C ILE E 319 10.08 0.60 -4.04
N GLU E 320 9.99 1.44 -3.00
CA GLU E 320 8.87 1.39 -2.10
C GLU E 320 7.55 1.45 -2.80
N HIS E 321 7.49 2.19 -3.89
CA HIS E 321 6.27 2.24 -4.66
C HIS E 321 5.98 0.89 -5.31
N TYR E 322 6.92 0.31 -6.04
CA TYR E 322 6.76 -1.03 -6.53
C TYR E 322 6.21 -2.02 -5.51
N LEU E 323 6.53 -1.85 -4.24
CA LEU E 323 6.13 -2.80 -3.23
C LEU E 323 4.60 -2.89 -3.08
N GLN E 324 3.93 -1.77 -3.34
CA GLN E 324 2.48 -1.64 -3.34
C GLN E 324 1.84 -2.59 -4.29
N PRO E 325 0.62 -3.00 -3.98
CA PRO E 325 0.07 -4.03 -4.87
C PRO E 325 -0.41 -3.34 -6.15
N GLY E 326 -0.20 -3.95 -7.29
CA GLY E 326 -0.88 -3.45 -8.47
C GLY E 326 -0.22 -2.28 -9.17
N VAL E 327 0.85 -1.74 -8.58
CA VAL E 327 1.66 -0.76 -9.31
C VAL E 327 2.29 -1.41 -10.53
N VAL E 328 2.51 -0.62 -11.56
CA VAL E 328 3.07 -1.14 -12.81
C VAL E 328 4.59 -1.18 -12.77
N LEU E 329 5.15 -2.36 -12.99
CA LEU E 329 6.58 -2.57 -12.89
C LEU E 329 7.24 -2.49 -14.25
N PRO E 330 8.50 -1.94 -14.30
CA PRO E 330 9.51 -1.77 -15.38
C PRO E 330 9.85 -3.02 -16.22
N VAL E 331 10.03 -2.92 -17.52
CA VAL E 331 10.38 -4.10 -18.32
C VAL E 331 11.38 -3.69 -19.42
N PRO E 332 12.61 -4.25 -19.43
CA PRO E 332 13.63 -3.70 -20.34
C PRO E 332 13.19 -3.41 -21.82
N HIS E 333 13.97 -2.52 -22.46
CA HIS E 333 13.57 -1.80 -23.67
C HIS E 333 14.44 -1.94 -24.91
N LEU E 334 13.78 -2.18 -26.06
CA LEU E 334 14.37 -2.04 -27.41
C LEU E 334 15.05 -3.28 -28.00
N MET F 1 -60.25 15.82 -2.00
CA MET F 1 -59.99 15.30 -0.67
C MET F 1 -59.11 16.22 0.17
N ILE F 2 -59.73 16.90 1.13
CA ILE F 2 -59.04 17.88 1.97
C ILE F 2 -58.00 17.26 2.93
N ARG F 3 -56.72 17.32 2.55
CA ARG F 3 -55.64 16.79 3.40
C ARG F 3 -55.33 17.72 4.58
N LEU F 4 -55.07 17.14 5.75
CA LEU F 4 -54.94 17.93 6.99
C LEU F 4 -53.84 17.45 7.93
N TYR F 5 -53.30 18.39 8.71
CA TYR F 5 -52.40 18.09 9.84
C TYR F 5 -53.23 18.11 11.10
N PRO F 6 -52.98 17.16 12.03
CA PRO F 6 -53.94 16.95 13.13
C PRO F 6 -54.37 18.25 13.83
N GLU F 7 -53.46 19.22 13.92
CA GLU F 7 -53.79 20.51 14.52
C GLU F 7 -54.95 21.23 13.80
N GLN F 8 -54.90 21.25 12.47
CA GLN F 8 -55.92 21.87 11.60
C GLN F 8 -57.30 21.17 11.66
N LEU F 9 -57.30 19.87 11.90
CA LEU F 9 -58.54 19.08 11.88
C LEU F 9 -59.68 19.73 12.67
N ARG F 10 -59.38 20.21 13.88
CA ARG F 10 -60.42 20.71 14.77
C ARG F 10 -61.31 21.73 14.07
N ALA F 11 -60.69 22.58 13.26
CA ALA F 11 -61.39 23.64 12.52
C ALA F 11 -62.23 23.17 11.30
N GLN F 12 -61.68 22.24 10.52
CA GLN F 12 -62.34 21.74 9.30
C GLN F 12 -63.33 20.62 9.56
N LEU F 13 -63.49 20.25 10.83
CA LEU F 13 -64.57 19.37 11.26
C LEU F 13 -65.74 20.21 11.79
N ASN F 14 -65.45 21.46 12.12
CA ASN F 14 -66.47 22.40 12.56
C ASN F 14 -67.21 23.00 11.39
N GLU F 15 -66.44 23.35 10.36
CA GLU F 15 -67.03 23.80 9.11
C GLU F 15 -68.11 22.79 8.67
N GLY F 16 -67.68 21.77 7.94
CA GLY F 16 -68.60 20.73 7.52
C GLY F 16 -68.08 19.34 7.83
N LEU F 17 -68.93 18.51 8.41
CA LEU F 17 -68.60 17.09 8.48
C LEU F 17 -68.63 16.56 7.05
N ARG F 18 -67.93 15.45 6.82
CA ARG F 18 -67.96 14.82 5.50
C ARG F 18 -68.07 13.30 5.64
N ALA F 19 -68.64 12.63 4.63
CA ALA F 19 -69.04 11.22 4.77
C ALA F 19 -67.90 10.27 5.13
N ALA F 20 -66.65 10.68 4.89
CA ALA F 20 -65.48 9.82 5.15
C ALA F 20 -64.32 10.55 5.85
N TYR F 21 -63.86 10.01 6.97
CA TYR F 21 -62.72 10.57 7.68
C TYR F 21 -61.54 9.60 7.72
N LEU F 22 -60.54 9.86 6.87
CA LEU F 22 -59.37 8.99 6.74
C LEU F 22 -58.16 9.36 7.63
N LEU F 23 -57.97 8.58 8.70
CA LEU F 23 -56.90 8.83 9.65
C LEU F 23 -55.69 7.96 9.35
N LEU F 24 -54.71 8.52 8.66
CA LEU F 24 -53.53 7.77 8.17
C LEU F 24 -52.21 8.24 8.74
N GLY F 25 -51.39 7.30 9.18
CA GLY F 25 -50.13 7.65 9.78
C GLY F 25 -49.58 6.60 10.71
N ASN F 26 -48.55 7.00 11.46
CA ASN F 26 -47.82 6.07 12.31
C ASN F 26 -47.86 6.48 13.77
N ASP F 27 -47.99 7.77 14.04
CA ASP F 27 -47.86 8.27 15.41
C ASP F 27 -49.08 8.02 16.26
N PRO F 28 -48.90 7.33 17.39
CA PRO F 28 -49.98 6.77 18.22
C PRO F 28 -50.86 7.85 18.83
N LEU F 29 -50.30 9.05 19.05
CA LEU F 29 -51.01 10.14 19.69
C LEU F 29 -51.86 10.94 18.69
N LEU F 30 -51.28 11.19 17.50
CA LEU F 30 -51.96 11.94 16.47
C LEU F 30 -53.17 11.17 15.98
N LEU F 31 -53.06 9.85 15.93
CA LEU F 31 -54.21 9.00 15.67
C LEU F 31 -55.28 9.12 16.79
N GLN F 32 -54.97 8.72 18.03
CA GLN F 32 -55.97 8.81 19.10
C GLN F 32 -56.63 10.19 19.14
N GLU F 33 -55.82 11.25 19.07
CA GLU F 33 -56.33 12.62 19.22
C GLU F 33 -57.28 13.02 18.12
N SER F 34 -56.96 12.61 16.89
CA SER F 34 -57.79 12.90 15.75
C SER F 34 -59.07 12.07 15.81
N GLN F 35 -58.90 10.75 15.97
CA GLN F 35 -59.99 9.81 16.22
C GLN F 35 -61.05 10.35 17.17
N ASP F 36 -60.61 10.77 18.36
CA ASP F 36 -61.47 11.30 19.41
C ASP F 36 -62.12 12.66 19.05
N ALA F 37 -61.39 13.49 18.31
CA ALA F 37 -61.89 14.79 17.85
C ALA F 37 -63.09 14.61 16.93
N VAL F 38 -63.08 13.51 16.19
CA VAL F 38 -64.19 13.19 15.30
C VAL F 38 -65.38 12.51 16.03
N ARG F 39 -65.13 11.46 16.83
CA ARG F 39 -66.18 10.77 17.59
C ARG F 39 -66.95 11.75 18.48
N GLN F 40 -66.22 12.67 19.10
CA GLN F 40 -66.77 13.75 19.93
C GLN F 40 -67.79 14.63 19.17
N VAL F 41 -67.39 15.08 17.98
CA VAL F 41 -68.24 16.01 17.22
C VAL F 41 -69.38 15.26 16.51
N ALA F 42 -69.29 13.93 16.45
CA ALA F 42 -70.36 13.08 15.86
C ALA F 42 -71.51 12.78 16.85
N ALA F 43 -71.18 12.34 18.07
CA ALA F 43 -72.17 12.31 19.14
C ALA F 43 -72.96 13.64 19.07
N ALA F 44 -72.22 14.75 19.14
CA ALA F 44 -72.79 16.10 19.12
C ALA F 44 -73.55 16.51 17.83
N GLN F 45 -73.63 15.62 16.83
CA GLN F 45 -74.47 15.88 15.64
C GLN F 45 -75.61 14.86 15.56
N GLY F 46 -75.89 14.18 16.67
CA GLY F 46 -77.02 13.26 16.77
C GLY F 46 -76.64 11.78 16.76
N PHE F 47 -75.33 11.51 16.71
CA PHE F 47 -74.81 10.14 16.59
C PHE F 47 -74.79 9.40 17.94
N GLU F 48 -75.72 8.46 18.13
CA GLU F 48 -75.68 7.53 19.28
C GLU F 48 -74.83 6.25 19.04
N GLU F 49 -75.23 5.41 18.08
CA GLU F 49 -74.62 4.08 17.85
C GLU F 49 -73.23 4.12 17.20
N HIS F 50 -72.21 3.66 17.94
CA HIS F 50 -70.85 3.64 17.42
C HIS F 50 -70.32 2.20 17.32
N HIS F 51 -69.88 1.81 16.13
CA HIS F 51 -69.39 0.45 15.90
C HIS F 51 -67.91 0.48 15.54
N THR F 52 -67.11 -0.41 16.13
CA THR F 52 -65.72 -0.60 15.70
C THR F 52 -65.49 -1.96 15.02
N PHE F 53 -64.38 -2.09 14.30
CA PHE F 53 -64.12 -3.25 13.45
C PHE F 53 -62.66 -3.22 12.94
N SER F 54 -61.80 -4.08 13.49
CA SER F 54 -60.42 -4.24 13.00
C SER F 54 -60.42 -5.15 11.76
N ILE F 55 -59.94 -4.63 10.62
CA ILE F 55 -59.86 -5.42 9.38
C ILE F 55 -58.48 -6.07 9.18
N ASP F 56 -58.39 -7.34 9.58
CA ASP F 56 -57.27 -8.20 9.21
C ASP F 56 -57.57 -8.71 7.77
N PRO F 57 -56.57 -9.33 7.10
CA PRO F 57 -57.03 -10.24 6.03
C PRO F 57 -57.91 -11.40 6.59
N ASN F 58 -58.06 -11.42 7.93
CA ASN F 58 -58.88 -12.39 8.69
C ASN F 58 -60.40 -12.21 8.52
N THR F 59 -60.86 -10.95 8.56
CA THR F 59 -62.25 -10.62 8.22
C THR F 59 -62.66 -11.44 7.00
N ASP F 60 -63.57 -12.39 7.19
CA ASP F 60 -64.07 -13.21 6.08
C ASP F 60 -64.84 -12.35 5.04
N TRP F 61 -65.43 -13.01 4.03
CA TRP F 61 -66.41 -12.39 3.13
C TRP F 61 -67.83 -12.39 3.78
N ASN F 62 -67.93 -12.90 5.02
CA ASN F 62 -69.14 -12.85 5.88
C ASN F 62 -69.07 -11.72 6.94
N ALA F 63 -67.84 -11.30 7.27
CA ALA F 63 -67.59 -10.17 8.18
C ALA F 63 -67.73 -8.81 7.47
N ILE F 64 -67.40 -8.76 6.18
CA ILE F 64 -67.58 -7.56 5.32
C ILE F 64 -68.98 -7.49 4.65
N PHE F 65 -69.78 -8.55 4.83
CA PHE F 65 -71.16 -8.59 4.38
C PHE F 65 -72.11 -8.32 5.55
N SER F 66 -71.52 -8.15 6.74
CA SER F 66 -72.24 -7.70 7.95
C SER F 66 -71.92 -6.23 8.31
N LEU F 67 -71.13 -5.60 7.44
CA LEU F 67 -70.79 -4.18 7.52
C LEU F 67 -71.58 -3.37 6.50
N CYS F 68 -71.62 -3.89 5.28
CA CYS F 68 -72.42 -3.30 4.21
C CYS F 68 -73.88 -3.26 4.64
N GLN F 69 -74.30 -4.34 5.32
CA GLN F 69 -75.62 -4.41 5.94
C GLN F 69 -75.72 -3.47 7.15
N ALA F 70 -74.58 -3.20 7.78
CA ALA F 70 -74.55 -2.37 8.99
C ALA F 70 -75.02 -0.93 8.76
N MET F 71 -75.47 -0.61 7.55
CA MET F 71 -75.98 0.73 7.25
C MET F 71 -77.28 0.76 6.42
N SER F 72 -78.40 0.84 7.15
CA SER F 72 -79.74 0.97 6.57
C SER F 72 -80.52 2.11 7.28
N LEU F 73 -81.34 2.85 6.52
CA LEU F 73 -82.10 4.00 7.04
C LEU F 73 -83.56 3.60 7.41
N PHE F 74 -84.16 4.17 8.47
CA PHE F 74 -83.66 5.30 9.27
C PHE F 74 -83.31 4.94 10.75
N ALA F 75 -82.02 4.88 11.07
CA ALA F 75 -81.58 4.66 12.46
C ALA F 75 -80.95 5.94 13.00
N SER F 76 -81.07 6.18 14.31
CA SER F 76 -80.32 7.29 14.89
C SER F 76 -78.83 7.18 14.45
N ARG F 77 -78.31 8.27 13.91
CA ARG F 77 -76.99 8.35 13.25
C ARG F 77 -75.88 7.49 13.89
N GLN F 78 -75.20 6.65 13.10
CA GLN F 78 -74.18 5.73 13.64
C GLN F 78 -72.76 5.86 13.03
N THR F 79 -71.74 5.76 13.88
CA THR F 79 -70.35 6.02 13.49
C THR F 79 -69.50 4.75 13.32
N LEU F 80 -69.41 4.30 12.06
CA LEU F 80 -68.70 3.06 11.73
C LEU F 80 -67.17 3.25 11.62
N LEU F 81 -66.43 2.67 12.56
CA LEU F 81 -64.96 2.70 12.53
C LEU F 81 -64.36 1.43 11.93
N LEU F 82 -63.28 1.59 11.14
CA LEU F 82 -62.56 0.47 10.55
C LEU F 82 -61.05 0.60 10.82
N LEU F 83 -60.41 -0.47 11.29
CA LEU F 83 -58.96 -0.46 11.55
C LEU F 83 -58.26 -1.25 10.46
N LEU F 84 -56.98 -0.97 10.21
CA LEU F 84 -56.28 -1.52 9.03
C LEU F 84 -55.07 -2.44 9.33
N PRO F 85 -54.72 -3.31 8.36
CA PRO F 85 -53.55 -4.21 8.46
C PRO F 85 -52.24 -3.46 8.24
N GLU F 86 -51.14 -4.11 8.55
CA GLU F 86 -49.82 -3.54 8.32
C GLU F 86 -49.67 -3.08 6.87
N ASN F 87 -49.99 -3.96 5.94
CA ASN F 87 -49.87 -3.66 4.52
C ASN F 87 -50.80 -2.54 4.03
N GLY F 88 -51.93 -2.34 4.71
CA GLY F 88 -52.97 -1.44 4.22
C GLY F 88 -53.97 -2.25 3.41
N PRO F 89 -54.67 -1.61 2.46
CA PRO F 89 -55.77 -2.26 1.70
C PRO F 89 -55.36 -3.28 0.63
N ASN F 90 -55.27 -4.58 0.96
CA ASN F 90 -54.86 -5.61 -0.03
C ASN F 90 -55.86 -5.78 -1.17
N ALA F 91 -55.55 -6.64 -2.15
CA ALA F 91 -56.45 -6.84 -3.30
C ALA F 91 -57.82 -7.39 -2.87
N ALA F 92 -57.84 -8.11 -1.73
CA ALA F 92 -59.06 -8.67 -1.15
C ALA F 92 -59.90 -7.57 -0.52
N ILE F 93 -59.23 -6.68 0.21
CA ILE F 93 -59.85 -5.56 0.92
C ILE F 93 -59.95 -4.28 0.06
N ASN F 94 -59.09 -4.18 -0.96
CA ASN F 94 -59.17 -3.10 -1.95
C ASN F 94 -60.57 -3.05 -2.56
N GLU F 95 -61.19 -4.24 -2.65
CA GLU F 95 -62.53 -4.40 -3.21
C GLU F 95 -63.69 -4.23 -2.20
N GLN F 96 -63.55 -4.79 -1.00
CA GLN F 96 -64.56 -4.60 0.07
C GLN F 96 -64.87 -3.11 0.27
N LEU F 97 -63.81 -2.30 0.23
CA LEU F 97 -63.89 -0.85 0.41
C LEU F 97 -64.74 -0.22 -0.68
N LEU F 98 -64.43 -0.58 -1.92
CA LEU F 98 -65.23 -0.17 -3.08
C LEU F 98 -66.75 -0.31 -2.82
N THR F 99 -67.15 -1.33 -2.05
CA THR F 99 -68.57 -1.60 -1.77
C THR F 99 -69.16 -0.58 -0.78
N LEU F 100 -68.30 0.06 0.01
CA LEU F 100 -68.72 1.03 1.03
C LEU F 100 -68.75 2.48 0.53
N THR F 101 -68.05 2.74 -0.58
CA THR F 101 -67.85 4.09 -1.13
C THR F 101 -69.12 4.81 -1.60
N GLY F 102 -70.13 4.05 -2.02
CA GLY F 102 -71.37 4.61 -2.52
C GLY F 102 -72.53 4.58 -1.51
N LEU F 103 -72.40 3.75 -0.48
CA LEU F 103 -73.33 3.75 0.65
C LEU F 103 -72.92 4.82 1.67
N LEU F 104 -73.25 6.08 1.41
CA LEU F 104 -72.88 7.14 2.34
C LEU F 104 -74.09 7.99 2.72
N HIS F 105 -74.33 8.11 4.02
CA HIS F 105 -75.46 8.89 4.49
C HIS F 105 -74.92 9.99 5.40
N ASP F 106 -75.77 10.96 5.76
CA ASP F 106 -75.53 11.84 6.90
C ASP F 106 -75.76 11.02 8.19
N ASP F 107 -76.36 9.83 7.98
CA ASP F 107 -76.73 8.89 9.05
C ASP F 107 -75.56 7.95 9.39
N LEU F 108 -74.72 7.64 8.40
CA LEU F 108 -73.51 6.82 8.60
C LEU F 108 -72.23 7.64 8.38
N LEU F 109 -71.33 7.62 9.36
CA LEU F 109 -70.06 8.36 9.27
C LEU F 109 -68.87 7.43 9.37
N LEU F 110 -68.13 7.32 8.27
CA LEU F 110 -67.00 6.41 8.16
C LEU F 110 -65.69 6.96 8.73
N ILE F 111 -65.05 6.17 9.60
CA ILE F 111 -63.74 6.53 10.14
C ILE F 111 -62.74 5.40 9.94
N VAL F 112 -61.55 5.73 9.46
CA VAL F 112 -60.60 4.71 9.08
C VAL F 112 -59.18 4.98 9.61
N ARG F 113 -58.68 4.08 10.46
CA ARG F 113 -57.35 4.22 11.09
C ARG F 113 -56.32 3.26 10.49
N GLY F 114 -55.09 3.73 10.29
CA GLY F 114 -53.97 2.93 9.79
C GLY F 114 -52.72 3.68 9.34
N ASN F 115 -51.75 2.94 8.78
CA ASN F 115 -50.51 3.51 8.27
C ASN F 115 -50.69 4.34 7.00
N LYS F 116 -49.60 4.89 6.48
CA LYS F 116 -49.66 5.56 5.17
C LYS F 116 -49.81 4.49 4.10
N LEU F 117 -50.26 4.91 2.93
CA LEU F 117 -50.63 3.99 1.86
C LEU F 117 -49.61 4.03 0.70
N SER F 118 -49.40 2.88 0.04
CA SER F 118 -48.60 2.88 -1.18
C SER F 118 -49.29 3.77 -2.22
N LYS F 119 -48.52 4.40 -3.09
CA LYS F 119 -49.09 5.40 -3.98
C LYS F 119 -50.17 4.86 -4.91
N ALA F 120 -50.03 3.63 -5.41
CA ALA F 120 -51.07 3.02 -6.25
C ALA F 120 -52.19 2.38 -5.41
N GLN F 121 -51.95 2.31 -4.10
CA GLN F 121 -52.98 1.93 -3.13
C GLN F 121 -53.92 3.11 -2.93
N GLU F 122 -53.33 4.30 -2.77
CA GLU F 122 -54.10 5.53 -2.63
C GLU F 122 -54.88 5.79 -3.90
N ASN F 123 -54.23 5.55 -5.04
CA ASN F 123 -54.85 5.79 -6.34
C ASN F 123 -55.77 4.65 -6.82
N ALA F 124 -56.21 3.79 -5.90
CA ALA F 124 -57.17 2.72 -6.25
C ALA F 124 -58.62 3.21 -6.28
N ALA F 125 -59.24 3.08 -7.46
CA ALA F 125 -60.52 3.72 -7.77
C ALA F 125 -61.32 4.21 -6.55
N TRP F 126 -61.79 3.29 -5.72
CA TRP F 126 -62.69 3.60 -4.58
C TRP F 126 -62.28 4.83 -3.77
N PHE F 127 -60.97 5.04 -3.67
CA PHE F 127 -60.40 6.03 -2.79
C PHE F 127 -60.52 7.46 -3.33
N THR F 128 -60.42 7.59 -4.65
CA THR F 128 -60.51 8.91 -5.29
C THR F 128 -61.96 9.34 -5.57
N ALA F 129 -62.88 8.37 -5.64
CA ALA F 129 -64.32 8.67 -5.76
C ALA F 129 -64.91 8.92 -4.36
N LEU F 130 -64.18 8.51 -3.34
CA LEU F 130 -64.47 8.97 -2.00
C LEU F 130 -63.93 10.40 -1.88
N ALA F 131 -63.02 10.75 -2.79
CA ALA F 131 -62.15 11.94 -2.64
C ALA F 131 -62.79 13.30 -2.33
N ASN F 132 -63.77 13.73 -3.12
CA ASN F 132 -64.34 15.04 -2.82
C ASN F 132 -65.22 15.03 -1.56
N ARG F 133 -65.63 13.83 -1.14
CA ARG F 133 -66.44 13.63 0.08
C ARG F 133 -65.63 13.58 1.37
N SER F 134 -64.43 13.01 1.29
CA SER F 134 -63.65 12.66 2.48
C SER F 134 -62.66 13.72 2.98
N VAL F 135 -62.25 13.58 4.24
CA VAL F 135 -61.15 14.34 4.82
C VAL F 135 -60.01 13.33 5.19
N GLN F 136 -58.75 13.76 5.08
CA GLN F 136 -57.60 12.86 5.30
C GLN F 136 -56.59 13.52 6.22
N VAL F 137 -56.11 12.79 7.22
CA VAL F 137 -55.28 13.44 8.22
C VAL F 137 -53.93 12.77 8.32
N THR F 138 -52.87 13.52 7.99
CA THR F 138 -51.48 13.05 8.15
C THR F 138 -51.09 12.91 9.62
N CYS F 139 -50.84 11.68 10.04
CA CYS F 139 -50.51 11.43 11.44
C CYS F 139 -49.06 10.98 11.60
N GLN F 140 -48.24 11.21 10.58
CA GLN F 140 -46.82 10.92 10.70
C GLN F 140 -46.25 11.81 11.78
N THR F 141 -45.24 11.28 12.47
CA THR F 141 -44.59 11.94 13.58
C THR F 141 -43.60 12.92 13.02
N PRO F 142 -43.35 14.01 13.72
CA PRO F 142 -42.33 14.93 13.23
C PRO F 142 -40.96 14.35 13.47
N GLU F 143 -39.99 14.72 12.65
CA GLU F 143 -38.60 14.32 12.89
C GLU F 143 -37.70 15.42 13.50
N GLN F 144 -36.46 15.06 13.84
CA GLN F 144 -35.55 15.94 14.59
C GLN F 144 -35.49 17.37 14.04
N ALA F 145 -35.90 17.52 12.79
CA ALA F 145 -36.00 18.82 12.14
C ALA F 145 -37.35 19.47 12.43
N GLN F 146 -38.40 18.90 11.83
CA GLN F 146 -39.75 19.42 11.93
C GLN F 146 -40.34 19.52 13.36
N LEU F 147 -39.67 18.91 14.35
CA LEU F 147 -40.26 18.70 15.69
C LEU F 147 -40.46 19.92 16.57
N PRO F 148 -39.42 20.73 16.76
CA PRO F 148 -39.61 21.90 17.63
C PRO F 148 -40.82 22.77 17.23
N ARG F 149 -41.00 23.05 15.95
CA ARG F 149 -42.16 23.85 15.54
C ARG F 149 -43.46 23.27 16.09
N TRP F 150 -43.60 21.94 16.01
CA TRP F 150 -44.82 21.24 16.45
C TRP F 150 -45.02 21.44 17.94
N VAL F 151 -43.91 21.67 18.63
CA VAL F 151 -43.91 21.85 20.07
C VAL F 151 -44.36 23.26 20.39
N ALA F 152 -43.58 24.24 19.94
CA ALA F 152 -43.92 25.67 20.12
C ALA F 152 -45.35 25.98 19.66
N ALA F 153 -45.90 25.11 18.82
CA ALA F 153 -47.26 25.22 18.29
C ALA F 153 -48.27 24.70 19.30
N ARG F 154 -48.00 23.51 19.81
CA ARG F 154 -48.85 22.91 20.82
C ARG F 154 -48.76 23.71 22.13
N ALA F 155 -47.52 24.11 22.46
CA ALA F 155 -47.23 25.01 23.59
C ALA F 155 -48.18 26.19 23.60
N LYS F 156 -48.31 26.86 22.46
CA LYS F 156 -49.22 27.97 22.32
C LYS F 156 -50.68 27.57 22.45
N GLN F 157 -51.19 26.63 21.67
CA GLN F 157 -52.58 26.20 21.85
C GLN F 157 -52.98 25.94 23.32
N LEU F 158 -52.07 25.37 24.12
CA LEU F 158 -52.27 25.21 25.56
C LEU F 158 -51.95 26.53 26.30
N ASN F 159 -51.98 27.61 25.54
CA ASN F 159 -51.49 28.97 25.92
C ASN F 159 -50.27 29.07 26.86
N LEU F 160 -49.43 28.06 26.86
CA LEU F 160 -48.19 28.15 27.62
C LEU F 160 -47.11 28.86 26.79
N GLU F 161 -46.22 29.58 27.46
CA GLU F 161 -45.12 30.25 26.80
C GLU F 161 -43.79 29.54 27.03
N LEU F 162 -43.33 28.81 25.99
CA LEU F 162 -42.07 28.05 26.02
C LEU F 162 -40.84 28.87 25.57
N ASP F 163 -39.68 28.60 26.16
CA ASP F 163 -38.46 29.30 25.76
C ASP F 163 -37.74 28.56 24.65
N ASP F 164 -36.97 29.29 23.84
CA ASP F 164 -36.14 28.68 22.81
C ASP F 164 -35.41 27.49 23.38
N ALA F 165 -34.87 27.66 24.58
CA ALA F 165 -34.05 26.63 25.21
C ALA F 165 -34.85 25.46 25.86
N ALA F 166 -36.07 25.75 26.30
CA ALA F 166 -36.92 24.72 26.91
C ALA F 166 -37.51 23.82 25.83
N ASN F 167 -37.91 24.44 24.71
CA ASN F 167 -38.25 23.70 23.52
C ASN F 167 -37.12 22.69 23.17
N GLN F 168 -35.89 23.17 23.04
CA GLN F 168 -34.74 22.30 22.78
C GLN F 168 -34.68 21.10 23.73
N VAL F 169 -34.96 21.32 25.00
CA VAL F 169 -34.80 20.24 25.98
C VAL F 169 -35.95 19.21 26.00
N LEU F 170 -37.16 19.66 25.69
CA LEU F 170 -38.29 18.74 25.49
C LEU F 170 -38.05 17.88 24.27
N CYS F 171 -37.65 18.50 23.17
CA CYS F 171 -37.41 17.77 21.92
C CYS F 171 -36.32 16.73 22.07
N TYR F 172 -35.29 17.04 22.84
CA TYR F 172 -34.26 16.03 23.09
C TYR F 172 -34.84 14.81 23.83
N CYS F 173 -35.54 15.07 24.93
CA CYS F 173 -36.07 14.02 25.79
C CYS F 173 -37.17 13.14 25.19
N TYR F 174 -38.02 13.73 24.36
CA TYR F 174 -39.22 13.04 23.95
C TYR F 174 -39.31 12.76 22.46
N GLU F 175 -38.23 13.03 21.73
CA GLU F 175 -38.17 12.78 20.29
C GLU F 175 -38.81 11.44 20.01
N GLY F 176 -39.57 11.32 18.91
CA GLY F 176 -40.20 10.06 18.52
C GLY F 176 -41.25 9.43 19.45
N ASN F 177 -41.59 10.13 20.52
CA ASN F 177 -42.60 9.69 21.47
C ASN F 177 -43.38 10.91 21.85
N LEU F 178 -44.20 11.39 20.93
CA LEU F 178 -45.01 12.58 21.16
C LEU F 178 -45.94 12.47 22.36
N LEU F 179 -46.51 11.26 22.57
CA LEU F 179 -47.51 11.02 23.63
C LEU F 179 -46.92 11.36 24.98
N ALA F 180 -45.61 11.33 25.07
CA ALA F 180 -44.93 11.71 26.29
C ALA F 180 -44.60 13.20 26.30
N LEU F 181 -44.32 13.74 25.12
CA LEU F 181 -44.11 15.16 24.97
C LEU F 181 -45.40 15.89 25.32
N ALA F 182 -46.52 15.30 24.92
CA ALA F 182 -47.84 15.88 25.16
C ALA F 182 -48.21 15.94 26.65
N GLN F 183 -47.97 14.84 27.36
CA GLN F 183 -48.17 14.83 28.80
C GLN F 183 -47.14 15.71 29.52
N ALA F 184 -45.98 15.85 28.88
CA ALA F 184 -44.94 16.76 29.33
C ALA F 184 -45.45 18.20 29.51
N LEU F 185 -46.24 18.69 28.58
CA LEU F 185 -46.80 20.01 28.74
C LEU F 185 -47.94 19.96 29.77
N GLU F 186 -48.90 19.03 29.58
CA GLU F 186 -50.01 18.80 30.54
C GLU F 186 -49.51 18.82 31.98
N ARG F 187 -48.41 18.10 32.23
CA ARG F 187 -47.71 18.05 33.54
C ARG F 187 -47.09 19.42 33.95
N LEU F 188 -46.50 20.14 33.01
CA LEU F 188 -45.93 21.45 33.31
C LEU F 188 -46.97 22.55 33.57
N SER F 189 -48.13 22.48 32.93
CA SER F 189 -49.15 23.51 33.14
C SER F 189 -49.85 23.31 34.49
N LEU F 190 -50.00 22.05 34.91
CA LEU F 190 -50.45 21.75 36.27
C LEU F 190 -49.39 22.22 37.25
N LEU F 191 -48.13 22.18 36.81
CA LEU F 191 -47.00 22.54 37.67
C LEU F 191 -46.94 24.03 37.90
N TRP F 192 -47.14 24.79 36.83
CA TRP F 192 -47.17 26.24 36.92
C TRP F 192 -48.29 26.87 36.13
N PRO F 193 -49.23 27.49 36.83
CA PRO F 193 -50.36 28.21 36.25
C PRO F 193 -49.88 29.46 35.51
N ASP F 194 -48.70 29.97 35.88
CA ASP F 194 -48.07 31.08 35.17
C ASP F 194 -48.31 30.85 33.71
N GLY F 195 -47.86 29.68 33.25
CA GLY F 195 -47.81 29.34 31.84
C GLY F 195 -46.41 29.53 31.30
N LYS F 196 -45.54 30.14 32.11
CA LYS F 196 -44.18 30.47 31.65
C LYS F 196 -43.20 29.34 31.94
N LEU F 197 -42.68 28.73 30.88
CA LEU F 197 -41.82 27.57 31.03
C LEU F 197 -40.36 27.91 30.77
N THR F 198 -39.76 28.61 31.74
CA THR F 198 -38.33 28.90 31.72
C THR F 198 -37.58 27.58 31.52
N LEU F 199 -36.34 27.65 31.03
CA LEU F 199 -35.57 26.42 30.90
C LEU F 199 -35.48 25.71 32.25
N PRO F 200 -34.85 26.36 33.26
CA PRO F 200 -34.54 25.62 34.49
C PRO F 200 -35.78 25.06 35.15
N ARG F 201 -36.93 25.72 35.03
CA ARG F 201 -38.22 25.23 35.53
C ARG F 201 -38.59 23.90 34.86
N VAL F 202 -38.60 23.91 33.53
CA VAL F 202 -38.90 22.70 32.75
C VAL F 202 -37.84 21.61 32.93
N GLU F 203 -36.58 21.99 33.02
CA GLU F 203 -35.53 21.03 33.29
C GLU F 203 -35.95 20.03 34.39
N GLN F 204 -36.40 20.54 35.53
CA GLN F 204 -36.56 19.71 36.73
C GLN F 204 -37.65 18.68 36.64
N ALA F 205 -38.48 18.78 35.61
CA ALA F 205 -39.73 17.99 35.53
C ALA F 205 -39.72 17.05 34.32
N VAL F 206 -38.54 16.83 33.81
CA VAL F 206 -38.38 15.97 32.67
C VAL F 206 -37.70 14.60 32.98
N ASN F 207 -38.06 13.61 32.18
CA ASN F 207 -37.38 12.33 32.18
C ASN F 207 -37.02 11.95 30.72
N ASP F 208 -35.91 11.22 30.53
CA ASP F 208 -35.41 10.94 29.19
C ASP F 208 -36.12 9.74 28.63
N ALA F 209 -36.94 9.93 27.60
CA ALA F 209 -37.68 8.79 27.04
C ALA F 209 -37.96 8.87 25.53
N ALA F 210 -36.89 8.94 24.74
CA ALA F 210 -37.01 8.96 23.29
C ALA F 210 -37.27 7.59 22.72
N HIS F 211 -37.85 7.52 21.53
CA HIS F 211 -37.96 6.25 20.83
C HIS F 211 -37.30 6.45 19.48
N PHE F 212 -36.26 5.66 19.22
CA PHE F 212 -35.59 5.67 17.93
C PHE F 212 -35.84 4.36 17.21
N THR F 213 -35.59 4.39 15.91
CA THR F 213 -35.44 3.18 15.11
C THR F 213 -33.95 3.01 14.83
N PRO F 214 -33.52 1.81 14.44
CA PRO F 214 -32.11 1.58 14.20
C PRO F 214 -31.63 2.53 13.14
N PHE F 215 -32.54 2.99 12.29
CA PHE F 215 -32.18 3.91 11.23
C PHE F 215 -31.65 5.20 11.80
N HIS F 216 -32.31 5.72 12.83
CA HIS F 216 -31.84 6.92 13.49
C HIS F 216 -30.37 6.79 13.84
N TRP F 217 -29.97 5.62 14.25
CA TRP F 217 -28.61 5.37 14.66
C TRP F 217 -27.67 5.45 13.48
N VAL F 218 -27.88 4.66 12.43
CA VAL F 218 -26.95 4.71 11.31
C VAL F 218 -26.83 6.12 10.81
N ASP F 219 -27.95 6.84 10.73
CA ASP F 219 -27.88 8.22 10.32
C ASP F 219 -26.91 9.01 11.19
N ALA F 220 -27.09 8.96 12.50
CA ALA F 220 -26.19 9.69 13.38
C ALA F 220 -24.74 9.30 13.12
N LEU F 221 -24.50 8.04 12.84
CA LEU F 221 -23.16 7.61 12.48
C LEU F 221 -22.75 8.26 11.17
N LEU F 222 -23.44 8.01 10.06
CA LEU F 222 -23.15 8.71 8.82
C LEU F 222 -22.81 10.20 8.99
N MET F 223 -23.53 10.92 9.85
CA MET F 223 -23.23 12.34 10.03
C MET F 223 -22.25 12.61 11.14
N GLY F 224 -21.52 11.58 11.57
CA GLY F 224 -20.51 11.71 12.61
C GLY F 224 -20.89 12.34 13.94
N LYS F 225 -22.18 12.44 14.24
CA LYS F 225 -22.61 13.01 15.53
C LYS F 225 -22.59 11.91 16.56
N SER F 226 -21.57 11.86 17.39
CA SER F 226 -21.38 10.73 18.29
C SER F 226 -22.22 10.77 19.56
N LYS F 227 -22.24 11.92 20.25
CA LYS F 227 -23.05 11.99 21.46
C LYS F 227 -24.48 11.59 21.15
N ARG F 228 -25.02 12.04 20.02
CA ARG F 228 -26.36 11.63 19.55
C ARG F 228 -26.46 10.13 19.40
N ALA F 229 -25.48 9.53 18.73
CA ALA F 229 -25.44 8.08 18.57
C ALA F 229 -25.57 7.36 19.88
N LEU F 230 -24.67 7.66 20.80
CA LEU F 230 -24.66 6.93 22.06
C LEU F 230 -25.98 6.96 22.81
N HIS F 231 -26.75 8.04 22.61
CA HIS F 231 -28.06 8.27 23.26
C HIS F 231 -29.04 7.32 22.63
N ILE F 232 -29.00 7.28 21.31
CA ILE F 232 -29.84 6.39 20.53
C ILE F 232 -29.60 4.92 20.90
N LEU F 233 -28.33 4.50 21.03
CA LEU F 233 -28.02 3.12 21.48
C LEU F 233 -28.64 2.84 22.84
N GLN F 234 -28.39 3.74 23.79
CA GLN F 234 -28.85 3.54 25.15
C GLN F 234 -30.35 3.41 25.22
N GLN F 235 -31.06 4.04 24.29
CA GLN F 235 -32.52 4.02 24.32
C GLN F 235 -32.94 2.79 23.57
N LEU F 236 -32.20 2.47 22.52
CA LEU F 236 -32.55 1.32 21.71
C LEU F 236 -32.45 0.07 22.57
N ARG F 237 -31.53 0.09 23.55
CA ARG F 237 -31.39 -1.00 24.51
C ARG F 237 -32.61 -1.10 25.41
N LEU F 238 -32.94 -0.04 26.12
CA LEU F 238 -34.00 -0.14 27.10
C LEU F 238 -35.35 -0.40 26.45
N GLU F 239 -35.46 -0.22 25.14
CA GLU F 239 -36.68 -0.64 24.46
C GLU F 239 -36.58 -2.11 24.11
N GLY F 240 -35.40 -2.65 24.35
CA GLY F 240 -35.07 -4.03 24.02
C GLY F 240 -35.06 -4.33 22.54
N SER F 241 -34.22 -3.65 21.78
CA SER F 241 -34.14 -3.96 20.35
C SER F 241 -33.27 -5.20 20.18
N GLU F 242 -33.64 -6.07 19.25
CA GLU F 242 -32.77 -7.18 18.95
C GLU F 242 -31.49 -6.58 18.37
N PRO F 243 -30.32 -6.89 18.98
CA PRO F 243 -29.09 -6.24 18.54
C PRO F 243 -28.69 -6.78 17.20
N VAL F 244 -29.18 -7.96 16.89
CA VAL F 244 -29.01 -8.45 15.54
C VAL F 244 -29.57 -7.46 14.56
N ILE F 245 -30.67 -6.80 14.88
CA ILE F 245 -31.23 -5.90 13.89
C ILE F 245 -30.29 -4.75 13.65
N LEU F 246 -29.69 -4.24 14.73
CA LEU F 246 -28.77 -3.12 14.60
C LEU F 246 -27.60 -3.52 13.72
N LEU F 247 -27.01 -4.67 13.97
CA LEU F 247 -25.90 -5.11 13.14
C LEU F 247 -26.27 -5.08 11.68
N ARG F 248 -27.41 -5.64 11.33
CA ARG F 248 -27.72 -5.78 9.92
C ARG F 248 -28.01 -4.42 9.29
N THR F 249 -28.62 -3.48 10.00
CA THR F 249 -28.88 -2.18 9.40
C THR F 249 -27.61 -1.34 9.32
N LEU F 250 -26.74 -1.39 10.34
CA LEU F 250 -25.43 -0.76 10.21
C LEU F 250 -24.66 -1.35 9.05
N GLN F 251 -24.84 -2.63 8.80
CA GLN F 251 -24.14 -3.26 7.72
C GLN F 251 -24.60 -2.89 6.32
N ARG F 252 -25.89 -2.78 6.04
CA ARG F 252 -26.31 -2.39 4.69
C ARG F 252 -25.56 -1.12 4.31
N GLU F 253 -25.41 -0.22 5.28
CA GLU F 253 -24.83 1.08 5.00
C GLU F 253 -23.30 1.07 4.96
N LEU F 254 -22.70 0.38 5.91
CA LEU F 254 -21.26 0.37 6.05
C LEU F 254 -20.62 -0.35 4.89
N LEU F 255 -21.32 -1.34 4.36
CA LEU F 255 -20.81 -2.03 3.22
C LEU F 255 -20.96 -1.20 1.98
N LEU F 256 -22.06 -0.47 1.88
CA LEU F 256 -22.21 0.46 0.78
C LEU F 256 -21.11 1.57 0.85
N LEU F 257 -20.91 2.18 2.02
CA LEU F 257 -19.79 3.12 2.19
C LEU F 257 -18.48 2.52 1.69
N VAL F 258 -18.11 1.32 2.16
CA VAL F 258 -16.89 0.69 1.66
C VAL F 258 -16.86 0.83 0.15
N ASN F 259 -17.97 0.43 -0.48
CA ASN F 259 -17.97 0.24 -1.92
C ASN F 259 -17.99 1.55 -2.69
N LEU F 260 -18.57 2.59 -2.13
CA LEU F 260 -18.52 3.90 -2.79
C LEU F 260 -17.11 4.49 -2.70
N LYS F 261 -16.62 4.63 -1.47
CA LYS F 261 -15.27 5.12 -1.20
C LYS F 261 -14.22 4.60 -2.16
N ARG F 262 -14.25 3.30 -2.47
CA ARG F 262 -13.31 2.76 -3.43
C ARG F 262 -13.53 3.41 -4.74
N GLN F 263 -14.71 3.21 -5.33
CA GLN F 263 -14.97 3.73 -6.68
C GLN F 263 -14.85 5.24 -6.83
N SER F 264 -14.93 5.96 -5.72
CA SER F 264 -14.95 7.42 -5.74
C SER F 264 -13.63 8.04 -6.24
N ALA F 265 -12.59 7.23 -6.39
CA ALA F 265 -11.33 7.67 -7.06
C ALA F 265 -11.50 7.75 -8.60
N HIS F 266 -12.25 6.79 -9.14
CA HIS F 266 -12.41 6.62 -10.60
C HIS F 266 -13.54 7.45 -11.21
N THR F 267 -14.70 7.46 -10.58
CA THR F 267 -15.89 8.12 -11.12
C THR F 267 -16.45 9.20 -10.15
N PRO F 268 -17.17 10.22 -10.66
CA PRO F 268 -17.39 11.40 -9.82
C PRO F 268 -18.31 10.98 -8.71
N LEU F 269 -18.44 11.82 -7.68
CA LEU F 269 -19.25 11.42 -6.53
C LEU F 269 -20.69 11.11 -6.97
N ARG F 270 -21.27 12.07 -7.69
CA ARG F 270 -22.68 12.10 -8.09
C ARG F 270 -23.15 10.94 -8.97
N ALA F 271 -22.28 10.50 -9.87
CA ALA F 271 -22.62 9.42 -10.79
C ALA F 271 -22.74 8.11 -10.01
N LEU F 272 -21.96 8.02 -8.94
CA LEU F 272 -21.96 6.84 -8.09
C LEU F 272 -23.26 6.70 -7.33
N PHE F 273 -23.72 7.80 -6.72
CA PHE F 273 -25.01 7.80 -6.02
C PHE F 273 -26.14 7.33 -6.94
N ASP F 274 -26.10 7.80 -8.18
CA ASP F 274 -27.06 7.41 -9.21
C ASP F 274 -26.89 5.93 -9.49
N LYS F 275 -25.66 5.53 -9.81
CA LYS F 275 -25.34 4.13 -10.07
C LYS F 275 -26.06 3.20 -9.09
N HIS F 276 -26.06 3.60 -7.80
CA HIS F 276 -26.51 2.75 -6.69
C HIS F 276 -27.98 2.94 -6.21
N ARG F 277 -28.66 3.94 -6.77
CA ARG F 277 -30.03 4.27 -6.35
C ARG F 277 -30.00 4.66 -4.89
N VAL F 278 -29.32 5.75 -4.62
CA VAL F 278 -29.23 6.30 -3.28
C VAL F 278 -30.28 7.39 -3.12
N TRP F 279 -31.33 7.06 -2.37
CA TRP F 279 -32.43 7.99 -2.03
C TRP F 279 -31.90 9.42 -2.00
N GLN F 280 -32.62 10.38 -2.57
CA GLN F 280 -32.11 11.75 -2.64
C GLN F 280 -31.79 12.46 -1.31
N ASN F 281 -32.69 12.35 -0.31
CA ASN F 281 -32.50 13.02 0.98
C ASN F 281 -31.30 12.48 1.78
N ARG F 282 -30.94 11.20 1.52
CA ARG F 282 -29.78 10.55 2.13
C ARG F 282 -28.46 11.03 1.52
N ARG F 283 -28.51 11.56 0.30
CA ARG F 283 -27.30 11.71 -0.51
C ARG F 283 -26.27 12.72 -0.03
N GLY F 284 -26.72 13.81 0.57
CA GLY F 284 -25.80 14.83 1.07
C GLY F 284 -25.10 14.29 2.30
N MET F 285 -25.90 13.67 3.16
CA MET F 285 -25.43 12.95 4.36
C MET F 285 -24.30 11.92 4.09
N MET F 286 -24.49 11.10 3.07
CA MET F 286 -23.50 10.13 2.62
C MET F 286 -22.17 10.77 2.31
N GLY F 287 -22.22 11.80 1.48
CA GLY F 287 -21.01 12.48 1.05
C GLY F 287 -20.23 12.93 2.27
N GLU F 288 -20.93 13.56 3.20
CA GLU F 288 -20.34 13.98 4.46
C GLU F 288 -19.47 12.86 5.04
N ALA F 289 -20.08 11.68 5.14
CA ALA F 289 -19.41 10.51 5.68
C ALA F 289 -18.21 10.15 4.87
N LEU F 290 -18.43 9.87 3.59
CA LEU F 290 -17.34 9.57 2.65
C LEU F 290 -16.14 10.55 2.73
N ASN F 291 -16.40 11.79 3.13
CA ASN F 291 -15.33 12.75 3.29
C ASN F 291 -14.53 12.65 4.57
N ARG F 292 -15.16 12.19 5.63
CA ARG F 292 -14.52 12.18 6.91
C ARG F 292 -13.82 10.85 7.19
N LEU F 293 -14.30 9.82 6.50
CA LEU F 293 -13.82 8.48 6.77
C LEU F 293 -12.84 8.00 5.72
N SER F 294 -11.65 7.60 6.18
CA SER F 294 -10.68 6.98 5.28
C SER F 294 -11.14 5.63 4.78
N GLN F 295 -10.51 5.21 3.70
CA GLN F 295 -10.71 3.89 3.18
C GLN F 295 -10.22 2.81 4.21
N THR F 296 -9.50 3.26 5.23
CA THR F 296 -8.97 2.40 6.29
C THR F 296 -9.96 2.38 7.40
N GLN F 297 -10.34 3.55 7.90
CA GLN F 297 -11.34 3.56 8.94
C GLN F 297 -12.50 2.67 8.50
N LEU F 298 -12.92 2.76 7.24
CA LEU F 298 -14.02 1.91 6.81
C LEU F 298 -13.67 0.47 7.06
N ARG F 299 -12.52 0.05 6.58
CA ARG F 299 -12.04 -1.33 6.80
C ARG F 299 -12.09 -1.75 8.27
N GLN F 300 -11.57 -0.90 9.16
CA GLN F 300 -11.56 -1.23 10.57
C GLN F 300 -12.96 -1.39 11.09
N ALA F 301 -13.86 -0.56 10.60
CA ALA F 301 -15.26 -0.67 10.98
C ALA F 301 -15.78 -2.00 10.50
N VAL F 302 -15.53 -2.38 9.25
CA VAL F 302 -15.99 -3.68 8.79
C VAL F 302 -15.41 -4.80 9.65
N GLN F 303 -14.12 -4.75 10.01
CA GLN F 303 -13.50 -5.83 10.78
C GLN F 303 -14.12 -5.98 12.16
N LEU F 304 -14.43 -4.84 12.73
CA LEU F 304 -14.87 -4.74 14.09
C LEU F 304 -16.33 -5.10 14.14
N LEU F 305 -17.07 -4.83 13.08
CA LEU F 305 -18.47 -5.21 13.04
C LEU F 305 -18.53 -6.70 12.84
N THR F 306 -17.53 -7.24 12.14
CA THR F 306 -17.44 -8.68 11.98
C THR F 306 -17.11 -9.39 13.28
N ARG F 307 -16.29 -8.79 14.15
CA ARG F 307 -15.93 -9.47 15.38
C ARG F 307 -17.13 -9.51 16.30
N THR F 308 -17.99 -8.52 16.17
CA THR F 308 -19.10 -8.50 17.09
C THR F 308 -20.19 -9.45 16.63
N GLU F 309 -20.26 -9.71 15.32
CA GLU F 309 -21.18 -10.69 14.76
C GLU F 309 -20.77 -12.05 15.27
N LEU F 310 -19.51 -12.41 15.06
CA LEU F 310 -19.05 -13.67 15.60
C LEU F 310 -19.27 -13.74 17.10
N THR F 311 -18.78 -12.77 17.82
CA THR F 311 -18.98 -12.75 19.26
C THR F 311 -20.45 -13.03 19.64
N LEU F 312 -21.40 -12.50 18.87
CA LEU F 312 -22.80 -12.71 19.17
C LEU F 312 -23.20 -14.14 18.88
N LYS F 313 -23.03 -14.59 17.64
CA LYS F 313 -23.66 -15.81 17.19
C LYS F 313 -22.86 -17.07 17.38
N GLN F 314 -21.55 -16.92 17.53
CA GLN F 314 -20.72 -18.08 17.77
C GLN F 314 -20.39 -18.23 19.25
N ASP F 315 -19.80 -17.22 19.86
CA ASP F 315 -19.44 -17.24 21.27
C ASP F 315 -20.56 -16.95 22.30
N TYR F 316 -21.83 -16.88 21.88
CA TYR F 316 -22.93 -16.49 22.79
C TYR F 316 -22.53 -15.41 23.83
N GLY F 317 -21.99 -14.30 23.35
CA GLY F 317 -21.48 -13.25 24.23
C GLY F 317 -22.39 -12.07 24.61
N GLN F 318 -22.01 -11.47 25.73
CA GLN F 318 -22.73 -10.36 26.39
C GLN F 318 -22.32 -8.99 25.78
N SER F 319 -21.01 -8.77 25.75
CA SER F 319 -20.35 -7.69 25.01
C SER F 319 -21.20 -6.90 24.02
N VAL F 320 -21.87 -7.57 23.08
CA VAL F 320 -22.56 -6.88 21.96
C VAL F 320 -22.93 -5.42 22.14
N TRP F 321 -23.70 -5.07 23.16
CA TRP F 321 -24.08 -3.65 23.27
C TRP F 321 -22.90 -2.70 23.43
N ALA F 322 -21.88 -3.11 24.18
CA ALA F 322 -20.70 -2.26 24.40
C ALA F 322 -19.77 -2.31 23.21
N GLU F 323 -19.85 -3.36 22.40
CA GLU F 323 -19.00 -3.44 21.22
C GLU F 323 -19.50 -2.46 20.19
N LEU F 324 -20.80 -2.22 20.25
CA LEU F 324 -21.45 -1.35 19.32
C LEU F 324 -21.24 0.10 19.80
N GLU F 325 -21.17 0.32 21.11
CA GLU F 325 -20.91 1.68 21.60
C GLU F 325 -19.60 2.10 20.99
N GLY F 326 -18.65 1.17 20.96
CA GLY F 326 -17.31 1.44 20.46
C GLY F 326 -17.22 1.53 18.96
N LEU F 327 -17.84 0.61 18.26
CA LEU F 327 -17.97 0.74 16.82
C LEU F 327 -18.53 2.12 16.50
N SER F 328 -19.45 2.58 17.34
CA SER F 328 -20.16 3.81 17.07
C SER F 328 -19.16 4.92 17.10
N LEU F 329 -18.31 4.93 18.13
CA LEU F 329 -17.28 5.97 18.26
C LEU F 329 -16.32 5.93 17.09
N LEU F 330 -15.83 4.76 16.72
CA LEU F 330 -14.87 4.62 15.60
C LEU F 330 -15.34 5.33 14.32
N LEU F 331 -16.65 5.32 14.09
CA LEU F 331 -17.20 5.84 12.85
C LEU F 331 -17.43 7.33 12.98
N CYS F 332 -16.95 7.91 14.08
CA CYS F 332 -17.01 9.36 14.30
C CYS F 332 -15.64 10.06 14.62
N HIS F 333 -14.75 10.13 13.63
CA HIS F 333 -13.47 10.84 13.83
C HIS F 333 -13.13 11.83 12.72
N GLY G 13 -28.77 -16.27 80.38
CA GLY G 13 -28.27 -16.69 81.68
C GLY G 13 -28.66 -15.74 82.80
N LEU G 14 -27.67 -15.09 83.39
CA LEU G 14 -27.94 -14.11 84.44
C LEU G 14 -28.42 -12.70 83.98
N GLU G 15 -28.21 -12.36 82.70
CA GLU G 15 -28.55 -11.01 82.23
C GLU G 15 -30.06 -10.81 82.12
N VAL G 16 -30.79 -11.92 82.19
CA VAL G 16 -32.25 -11.88 81.99
C VAL G 16 -32.93 -10.85 82.88
N LEU G 17 -32.57 -10.84 84.17
CA LEU G 17 -33.23 -10.03 85.19
C LEU G 17 -33.40 -8.54 84.84
N PHE G 18 -32.58 -8.02 83.93
CA PHE G 18 -32.57 -6.59 83.69
C PHE G 18 -33.10 -6.17 82.35
N GLN G 19 -33.12 -7.09 81.38
CA GLN G 19 -33.80 -6.80 80.11
C GLN G 19 -35.26 -6.43 80.37
N GLY G 20 -35.84 -5.58 79.53
CA GLY G 20 -37.20 -5.08 79.75
C GLY G 20 -38.27 -5.90 79.07
N PRO G 21 -39.49 -5.37 79.02
CA PRO G 21 -40.55 -6.17 78.40
C PRO G 21 -40.28 -6.32 76.90
N HIS G 22 -40.34 -7.55 76.38
CA HIS G 22 -39.95 -7.75 75.01
C HIS G 22 -40.96 -7.04 74.14
N MET G 23 -40.51 -6.00 73.45
CA MET G 23 -41.34 -5.28 72.50
C MET G 23 -40.80 -5.54 71.09
N SER G 24 -41.65 -5.42 70.08
CA SER G 24 -41.17 -5.62 68.71
C SER G 24 -41.55 -4.45 67.83
N TYR G 25 -40.51 -3.76 67.34
CA TYR G 25 -40.67 -2.60 66.49
C TYR G 25 -41.13 -2.99 65.08
N GLN G 26 -41.76 -2.00 64.42
CA GLN G 26 -42.18 -2.12 63.04
C GLN G 26 -40.94 -2.03 62.22
N VAL G 27 -40.97 -2.67 61.07
CA VAL G 27 -39.90 -2.53 60.11
C VAL G 27 -39.81 -1.09 59.68
N LEU G 28 -38.59 -0.59 59.46
CA LEU G 28 -38.45 0.82 59.12
C LEU G 28 -39.12 1.15 57.81
N ALA G 29 -38.92 0.30 56.82
CA ALA G 29 -39.56 0.49 55.54
C ALA G 29 -41.07 0.68 55.66
N ARG G 30 -41.72 -0.07 56.56
CA ARG G 30 -43.16 0.00 56.71
C ARG G 30 -43.59 1.20 57.54
N LYS G 31 -43.06 1.30 58.77
CA LYS G 31 -43.45 2.38 59.68
C LYS G 31 -43.42 3.70 58.98
N TRP G 32 -42.29 4.09 58.42
CA TRP G 32 -42.09 5.45 57.93
C TRP G 32 -42.63 5.82 56.55
N ARG G 33 -43.59 5.03 56.07
CA ARG G 33 -44.30 5.32 54.82
C ARG G 33 -45.08 6.59 55.06
N PRO G 34 -44.84 7.61 54.23
CA PRO G 34 -45.47 8.93 54.34
C PRO G 34 -46.98 8.85 54.32
N GLN G 35 -47.64 9.46 55.30
CA GLN G 35 -49.11 9.51 55.28
C GLN G 35 -49.58 10.93 54.93
N THR G 36 -48.61 11.83 54.80
CA THR G 36 -48.83 13.20 54.41
C THR G 36 -47.91 13.57 53.26
N PHE G 37 -48.39 14.46 52.39
CA PHE G 37 -47.56 15.01 51.34
C PHE G 37 -46.27 15.67 51.84
N ALA G 38 -46.38 16.51 52.88
CA ALA G 38 -45.19 17.07 53.52
C ALA G 38 -44.16 15.99 53.86
N ASP G 39 -44.63 14.86 54.39
CA ASP G 39 -43.79 13.74 54.81
C ASP G 39 -42.97 13.06 53.71
N VAL G 40 -43.32 13.34 52.44
CA VAL G 40 -42.68 12.68 51.29
C VAL G 40 -41.34 13.30 50.89
N VAL G 41 -40.36 12.43 50.67
CA VAL G 41 -39.05 12.90 50.27
C VAL G 41 -39.05 13.19 48.78
N GLY G 42 -38.56 14.37 48.41
CA GLY G 42 -38.37 14.74 47.01
C GLY G 42 -39.62 14.57 46.18
N GLN G 43 -39.42 14.18 44.92
CA GLN G 43 -40.53 13.87 44.04
C GLN G 43 -41.40 15.10 43.79
N GLU G 44 -40.79 16.26 43.99
CA GLU G 44 -41.50 17.51 44.06
C GLU G 44 -42.20 17.85 42.76
N HIS G 45 -41.78 17.23 41.66
CA HIS G 45 -42.33 17.56 40.35
C HIS G 45 -43.58 16.74 40.07
N VAL G 46 -43.88 15.80 40.95
CA VAL G 46 -45.09 15.00 40.80
C VAL G 46 -46.07 15.54 41.79
N LEU G 47 -45.65 15.59 43.04
CA LEU G 47 -46.46 16.17 44.12
C LEU G 47 -47.07 17.54 43.77
N THR G 48 -46.24 18.48 43.35
CA THR G 48 -46.72 19.83 43.03
C THR G 48 -47.81 19.80 41.96
N ALA G 49 -47.65 18.96 40.95
CA ALA G 49 -48.65 18.89 39.89
C ALA G 49 -49.88 18.17 40.38
N LEU G 50 -49.71 17.17 41.23
CA LEU G 50 -50.86 16.56 41.86
C LEU G 50 -51.58 17.57 42.77
N ALA G 51 -50.82 18.27 43.60
CA ALA G 51 -51.37 19.28 44.50
C ALA G 51 -52.25 20.23 43.70
N ASN G 52 -51.62 20.96 42.79
CA ASN G 52 -52.30 21.98 41.99
C ASN G 52 -53.51 21.41 41.20
N GLY G 53 -53.45 20.14 40.79
CA GLY G 53 -54.54 19.56 40.05
C GLY G 53 -55.76 19.31 40.92
N LEU G 54 -55.51 18.81 42.12
CA LEU G 54 -56.56 18.63 43.09
C LEU G 54 -57.10 20.01 43.38
N SER G 55 -56.18 20.88 43.81
CA SER G 55 -56.46 22.30 44.09
C SER G 55 -57.34 23.04 43.02
N LEU G 56 -56.93 22.98 41.75
CA LEU G 56 -57.57 23.74 40.66
C LEU G 56 -58.57 22.94 39.81
N GLY G 57 -59.15 21.92 40.42
CA GLY G 57 -60.23 21.16 39.81
C GLY G 57 -59.87 20.31 38.60
N ARG G 58 -58.59 20.06 38.38
CA ARG G 58 -58.18 19.30 37.21
C ARG G 58 -57.82 17.86 37.55
N ILE G 59 -58.84 17.00 37.65
CA ILE G 59 -58.60 15.58 37.90
C ILE G 59 -58.73 14.69 36.66
N HIS G 60 -57.61 14.08 36.27
CA HIS G 60 -57.62 13.17 35.12
C HIS G 60 -58.27 11.90 35.59
N HIS G 61 -58.74 11.11 34.65
CA HIS G 61 -59.51 9.93 35.02
C HIS G 61 -58.56 8.78 35.39
N ALA G 62 -57.27 8.94 35.11
CA ALA G 62 -56.27 7.86 35.28
C ALA G 62 -54.82 8.35 35.40
N TYR G 63 -54.19 8.06 36.53
CA TYR G 63 -52.79 8.40 36.78
C TYR G 63 -51.97 7.13 36.71
N LEU G 64 -50.75 7.22 36.17
CA LEU G 64 -49.78 6.09 36.19
C LEU G 64 -48.50 6.50 36.90
N PHE G 65 -48.18 5.80 37.98
CA PHE G 65 -46.96 6.12 38.71
C PHE G 65 -45.87 5.10 38.47
N SER G 66 -44.71 5.60 38.00
CA SER G 66 -43.49 4.83 37.70
C SER G 66 -42.16 5.39 38.24
N GLY G 67 -41.08 4.62 38.08
CA GLY G 67 -39.78 4.90 38.70
C GLY G 67 -39.24 3.64 39.36
N THR G 68 -38.05 3.71 39.95
CA THR G 68 -37.44 2.47 40.51
C THR G 68 -37.99 1.97 41.85
N ARG G 69 -37.56 0.77 42.19
CA ARG G 69 -37.92 0.18 43.46
C ARG G 69 -37.82 1.24 44.54
N GLY G 70 -38.89 1.39 45.32
CA GLY G 70 -38.83 2.10 46.58
C GLY G 70 -38.44 3.56 46.51
N VAL G 71 -39.12 4.33 45.67
CA VAL G 71 -38.82 5.74 45.54
C VAL G 71 -40.09 6.59 45.81
N GLY G 72 -41.20 5.91 46.06
CA GLY G 72 -42.44 6.59 46.42
C GLY G 72 -43.65 6.23 45.60
N LYS G 73 -43.48 5.34 44.61
CA LYS G 73 -44.53 5.01 43.63
C LYS G 73 -45.88 4.71 44.22
N THR G 74 -45.96 3.71 45.08
CA THR G 74 -47.26 3.39 45.60
C THR G 74 -47.57 4.26 46.81
N SER G 75 -46.55 4.77 47.47
CA SER G 75 -46.82 5.61 48.60
C SER G 75 -47.62 6.80 48.12
N ILE G 76 -47.19 7.39 47.02
CA ILE G 76 -47.89 8.55 46.47
C ILE G 76 -49.27 8.17 45.94
N ALA G 77 -49.38 7.02 45.30
CA ALA G 77 -50.70 6.49 44.89
C ALA G 77 -51.69 6.52 46.05
N ARG G 78 -51.28 6.01 47.21
CA ARG G 78 -52.14 5.99 48.41
C ARG G 78 -52.42 7.37 48.98
N LEU G 79 -51.60 8.37 48.65
CA LEU G 79 -51.87 9.72 49.12
C LEU G 79 -52.92 10.37 48.21
N LEU G 80 -52.71 10.31 46.90
CA LEU G 80 -53.70 10.77 45.95
C LEU G 80 -55.06 10.25 46.31
N ALA G 81 -55.11 9.09 46.96
CA ALA G 81 -56.39 8.49 47.33
C ALA G 81 -56.99 9.20 48.53
N LYS G 82 -56.16 9.48 49.54
CA LYS G 82 -56.60 10.21 50.72
C LYS G 82 -57.05 11.61 50.31
N GLY G 83 -56.20 12.31 49.57
CA GLY G 83 -56.53 13.64 49.10
C GLY G 83 -57.70 13.68 48.15
N LEU G 84 -58.05 12.53 47.57
CA LEU G 84 -59.20 12.44 46.65
C LEU G 84 -60.52 12.23 47.38
N ASN G 85 -60.46 11.77 48.61
CA ASN G 85 -61.65 11.35 49.32
C ASN G 85 -61.74 11.95 50.69
N CYS G 86 -60.82 12.83 51.03
CA CYS G 86 -60.81 13.41 52.37
C CYS G 86 -62.19 13.96 52.75
N GLU G 87 -62.53 13.81 54.03
CA GLU G 87 -63.77 14.33 54.60
C GLU G 87 -63.83 15.88 54.52
N THR G 88 -62.67 16.53 54.56
CA THR G 88 -62.54 17.99 54.40
C THR G 88 -62.83 18.44 52.97
N GLY G 89 -62.63 17.54 52.02
CA GLY G 89 -62.82 17.85 50.62
C GLY G 89 -61.68 17.33 49.78
N ILE G 90 -61.69 17.67 48.50
CA ILE G 90 -60.60 17.31 47.60
C ILE G 90 -59.40 18.24 47.86
N THR G 91 -58.27 17.70 48.33
CA THR G 91 -57.18 18.58 48.77
C THR G 91 -55.75 18.05 48.67
N ALA G 92 -54.85 18.98 48.34
CA ALA G 92 -53.41 18.78 48.30
C ALA G 92 -52.85 18.49 49.69
N THR G 93 -53.61 18.90 50.70
CA THR G 93 -53.19 18.79 52.09
C THR G 93 -54.16 17.90 52.86
N PRO G 94 -54.32 16.63 52.43
CA PRO G 94 -55.22 15.70 53.15
C PRO G 94 -54.91 15.77 54.64
N CYS G 95 -55.87 15.44 55.50
CA CYS G 95 -55.74 15.70 56.94
C CYS G 95 -55.18 14.54 57.79
N GLY G 96 -55.24 13.31 57.27
CA GLY G 96 -54.69 12.13 57.93
C GLY G 96 -55.32 11.76 59.26
N VAL G 97 -56.41 12.45 59.61
CA VAL G 97 -57.08 12.25 60.89
C VAL G 97 -58.58 11.91 60.78
N CYS G 98 -59.26 12.39 59.73
CA CYS G 98 -60.68 12.09 59.54
C CYS G 98 -60.88 10.58 59.37
N ASP G 99 -62.11 10.11 59.63
CA ASP G 99 -62.40 8.66 59.53
C ASP G 99 -61.86 8.05 58.23
N ASN G 100 -62.06 8.75 57.11
CA ASN G 100 -61.58 8.32 55.80
C ASN G 100 -60.05 8.28 55.68
N CYS G 101 -59.35 9.20 56.35
CA CYS G 101 -57.89 9.29 56.21
C CYS G 101 -57.08 8.29 57.09
N ARG G 102 -57.57 8.04 58.31
CA ARG G 102 -56.99 7.00 59.16
C ARG G 102 -57.48 5.65 58.63
N GLU G 103 -58.70 5.60 58.10
CA GLU G 103 -59.24 4.38 57.47
C GLU G 103 -58.36 3.91 56.28
N ILE G 104 -57.84 4.83 55.49
CA ILE G 104 -56.98 4.45 54.38
C ILE G 104 -55.55 4.15 54.89
N GLU G 105 -55.06 4.99 55.81
CA GLU G 105 -53.75 4.79 56.47
C GLU G 105 -53.67 3.40 57.08
N GLN G 106 -54.79 2.99 57.68
CA GLN G 106 -54.97 1.70 58.35
C GLN G 106 -54.84 0.54 57.39
N GLY G 107 -55.72 0.47 56.40
CA GLY G 107 -55.72 -0.61 55.44
C GLY G 107 -57.11 -0.92 54.90
N ARG G 108 -58.15 -0.63 55.70
CA ARG G 108 -59.52 -0.92 55.29
C ARG G 108 -60.41 0.31 55.08
N PHE G 109 -60.39 0.82 53.84
CA PHE G 109 -61.32 1.86 53.41
C PHE G 109 -62.16 1.29 52.26
N VAL G 110 -63.47 1.20 52.51
CA VAL G 110 -64.44 0.55 51.62
C VAL G 110 -64.44 1.02 50.18
N ASP G 111 -63.94 2.22 49.93
CA ASP G 111 -63.92 2.69 48.55
C ASP G 111 -62.52 2.94 48.01
N LEU G 112 -61.52 2.35 48.66
CA LEU G 112 -60.18 2.24 48.08
C LEU G 112 -59.83 0.76 47.84
N ILE G 113 -60.08 0.33 46.62
CA ILE G 113 -59.89 -1.05 46.21
C ILE G 113 -58.49 -1.17 45.68
N GLU G 114 -57.55 -1.69 46.49
CA GLU G 114 -56.15 -1.82 46.07
C GLU G 114 -55.88 -3.20 45.53
N ILE G 115 -55.80 -3.31 44.22
CA ILE G 115 -55.59 -4.58 43.57
C ILE G 115 -54.09 -4.86 43.46
N ASP G 116 -53.67 -6.03 43.96
CA ASP G 116 -52.31 -6.53 43.78
C ASP G 116 -52.26 -7.25 42.44
N ALA G 117 -52.02 -6.50 41.37
CA ALA G 117 -52.23 -7.02 40.01
C ALA G 117 -51.30 -8.13 39.60
N ALA G 118 -50.31 -8.42 40.44
CA ALA G 118 -49.34 -9.46 40.14
C ALA G 118 -49.84 -10.81 40.60
N SER G 119 -50.69 -10.84 41.61
CA SER G 119 -51.21 -12.13 42.05
C SER G 119 -52.56 -12.38 41.48
N ARG G 120 -53.12 -11.36 40.83
CA ARG G 120 -54.43 -11.43 40.22
C ARG G 120 -54.24 -10.87 38.82
N THR G 121 -53.83 -11.70 37.88
CA THR G 121 -53.45 -11.21 36.55
C THR G 121 -54.27 -11.80 35.43
N LYS G 122 -54.89 -12.95 35.70
CA LYS G 122 -55.68 -13.65 34.70
C LYS G 122 -56.93 -12.79 34.35
N VAL G 123 -57.66 -13.12 33.27
CA VAL G 123 -58.71 -12.17 32.86
C VAL G 123 -59.92 -12.32 33.70
N GLU G 124 -60.28 -13.57 33.99
CA GLU G 124 -61.43 -13.85 34.82
C GLU G 124 -61.47 -12.84 35.95
N ASP G 125 -60.34 -12.65 36.61
CA ASP G 125 -60.18 -11.80 37.81
C ASP G 125 -60.29 -10.31 37.55
N THR G 126 -59.96 -9.89 36.35
CA THR G 126 -60.03 -8.47 36.05
C THR G 126 -61.45 -8.11 35.63
N ARG G 127 -62.05 -8.99 34.82
CA ARG G 127 -63.46 -8.91 34.48
C ARG G 127 -64.31 -8.81 35.74
N ASP G 128 -63.97 -9.57 36.77
CA ASP G 128 -64.74 -9.51 38.00
C ASP G 128 -64.50 -8.22 38.75
N LEU G 129 -63.26 -7.78 38.80
CA LEU G 129 -63.01 -6.49 39.40
C LEU G 129 -63.90 -5.45 38.72
N LEU G 130 -63.84 -5.43 37.40
CA LEU G 130 -64.56 -4.41 36.65
C LEU G 130 -66.11 -4.50 36.61
N ASP G 131 -66.72 -5.59 37.09
CA ASP G 131 -68.18 -5.65 37.07
C ASP G 131 -68.82 -4.77 38.15
N ASN G 132 -68.04 -4.51 39.19
CA ASN G 132 -68.44 -3.62 40.28
C ASN G 132 -68.05 -2.15 40.10
N VAL G 133 -67.44 -1.84 38.97
CA VAL G 133 -66.98 -0.48 38.71
C VAL G 133 -68.17 0.44 38.56
N GLN G 134 -69.28 -0.12 38.10
CA GLN G 134 -70.49 0.63 37.78
C GLN G 134 -71.32 1.14 38.97
N TYR G 135 -71.52 0.28 39.96
CA TYR G 135 -72.13 0.64 41.23
C TYR G 135 -71.41 1.82 41.94
N ALA G 136 -72.19 2.72 42.52
CA ALA G 136 -71.62 3.91 43.14
C ALA G 136 -70.79 3.59 44.39
N PRO G 137 -69.98 4.55 44.86
CA PRO G 137 -69.11 4.46 46.05
C PRO G 137 -69.87 4.64 47.37
N ALA G 138 -69.66 3.76 48.33
CA ALA G 138 -70.53 3.75 49.50
C ALA G 138 -70.02 4.48 50.75
N ARG G 139 -69.02 5.35 50.57
CA ARG G 139 -68.50 6.15 51.68
C ARG G 139 -68.03 7.53 51.29
N GLY G 140 -67.15 7.61 50.30
CA GLY G 140 -66.52 8.86 49.94
C GLY G 140 -66.92 9.37 48.57
N ARG G 141 -66.22 10.39 48.10
CA ARG G 141 -66.54 11.06 46.83
C ARG G 141 -66.33 10.11 45.65
N PHE G 142 -65.34 9.23 45.80
CA PHE G 142 -64.81 8.56 44.64
C PHE G 142 -64.50 7.10 44.91
N LYS G 143 -64.76 6.28 43.91
CA LYS G 143 -64.27 4.92 43.92
C LYS G 143 -62.85 4.89 43.32
N VAL G 144 -61.84 4.75 44.19
CA VAL G 144 -60.43 4.70 43.76
C VAL G 144 -59.84 3.28 43.65
N TYR G 145 -59.57 2.85 42.41
CA TYR G 145 -58.93 1.59 42.12
C TYR G 145 -57.43 1.83 42.04
N LEU G 146 -56.67 1.13 42.89
CA LEU G 146 -55.23 1.35 42.98
C LEU G 146 -54.49 0.13 42.49
N ILE G 147 -54.30 0.04 41.20
CA ILE G 147 -53.67 -1.14 40.63
C ILE G 147 -52.14 -1.06 40.70
N ASP G 148 -51.54 -1.97 41.49
CA ASP G 148 -50.09 -1.97 41.81
C ASP G 148 -49.36 -3.12 41.14
N GLU G 149 -48.06 -2.94 40.94
CA GLU G 149 -47.24 -3.80 40.09
C GLU G 149 -48.03 -4.29 38.85
N VAL G 150 -48.64 -3.33 38.13
CA VAL G 150 -49.61 -3.59 37.07
C VAL G 150 -48.98 -4.11 35.80
N HIS G 151 -47.67 -4.08 35.73
CA HIS G 151 -47.03 -4.52 34.51
C HIS G 151 -47.39 -5.99 34.24
N MET G 152 -47.83 -6.70 35.28
CA MET G 152 -48.01 -8.16 35.16
C MET G 152 -49.28 -8.66 34.45
N LEU G 153 -50.25 -7.79 34.18
CA LEU G 153 -51.54 -8.24 33.67
C LEU G 153 -51.39 -8.81 32.28
N SER G 154 -52.26 -9.74 31.89
CA SER G 154 -52.14 -10.43 30.59
C SER G 154 -52.54 -9.52 29.46
N ARG G 155 -52.39 -9.96 28.20
CA ARG G 155 -52.86 -9.13 27.09
C ARG G 155 -54.32 -8.83 27.40
N HIS G 156 -55.02 -9.89 27.75
CA HIS G 156 -56.45 -9.90 27.86
C HIS G 156 -56.91 -9.10 29.03
N SER G 157 -56.20 -9.17 30.15
CA SER G 157 -56.59 -8.33 31.25
C SER G 157 -56.35 -6.87 30.92
N PHE G 158 -55.41 -6.57 30.04
CA PHE G 158 -55.23 -5.17 29.64
C PHE G 158 -56.37 -4.70 28.80
N ASN G 159 -56.68 -5.44 27.72
CA ASN G 159 -57.81 -5.11 26.87
C ASN G 159 -59.04 -4.82 27.67
N ALA G 160 -59.26 -5.61 28.72
CA ALA G 160 -60.45 -5.44 29.55
C ALA G 160 -60.37 -4.17 30.35
N LEU G 161 -59.20 -3.88 30.92
CA LEU G 161 -59.01 -2.65 31.66
C LEU G 161 -59.20 -1.52 30.68
N LEU G 162 -58.57 -1.62 29.52
CA LEU G 162 -58.69 -0.53 28.54
C LEU G 162 -60.14 -0.06 28.31
N LYS G 163 -61.07 -1.01 28.20
CA LYS G 163 -62.45 -0.69 27.84
C LYS G 163 -63.08 0.25 28.86
N THR G 164 -62.78 0.01 30.12
CA THR G 164 -63.18 0.89 31.21
C THR G 164 -62.42 2.24 31.33
N LEU G 165 -61.17 2.29 30.88
CA LEU G 165 -60.41 3.54 30.92
C LEU G 165 -60.75 4.47 29.74
N GLU G 166 -61.28 3.88 28.67
CA GLU G 166 -61.69 4.64 27.49
C GLU G 166 -63.02 5.31 27.80
N GLU G 167 -63.83 4.65 28.63
CA GLU G 167 -65.11 5.22 29.05
C GLU G 167 -65.22 5.29 30.57
N PRO G 168 -64.46 6.21 31.17
CA PRO G 168 -64.36 6.20 32.64
C PRO G 168 -65.69 6.61 33.24
N PRO G 169 -66.23 5.80 34.17
CA PRO G 169 -67.29 6.36 35.01
C PRO G 169 -66.80 7.63 35.73
N GLU G 170 -67.74 8.45 36.21
CA GLU G 170 -67.40 9.72 36.84
C GLU G 170 -66.85 9.56 38.28
N HIS G 171 -67.46 8.65 39.04
CA HIS G 171 -67.16 8.44 40.46
C HIS G 171 -65.94 7.55 40.67
N VAL G 172 -65.38 7.14 39.55
CA VAL G 172 -64.23 6.27 39.50
C VAL G 172 -62.93 7.01 39.07
N LYS G 173 -61.86 6.78 39.83
CA LYS G 173 -60.51 7.13 39.38
C LYS G 173 -59.61 5.88 39.42
N PHE G 174 -58.57 5.86 38.58
CA PHE G 174 -57.64 4.73 38.50
C PHE G 174 -56.22 5.15 38.79
N LEU G 175 -55.65 4.63 39.87
CA LEU G 175 -54.25 4.89 40.12
C LEU G 175 -53.48 3.64 39.74
N LEU G 176 -52.66 3.74 38.68
CA LEU G 176 -51.83 2.63 38.21
C LEU G 176 -50.40 2.82 38.60
N ALA G 177 -49.79 1.80 39.21
CA ALA G 177 -48.35 1.84 39.54
C ALA G 177 -47.58 0.59 39.09
N THR G 178 -46.44 0.84 38.47
CA THR G 178 -45.51 -0.22 38.13
C THR G 178 -44.13 0.39 38.06
N ALA G 179 -43.13 -0.36 38.48
CA ALA G 179 -41.79 0.16 38.35
C ALA G 179 -41.32 0.02 36.90
N ASP G 180 -41.98 -0.85 36.12
CA ASP G 180 -41.59 -1.11 34.74
C ASP G 180 -42.72 -0.88 33.76
N PRO G 181 -42.95 0.38 33.41
CA PRO G 181 -44.04 0.82 32.53
C PRO G 181 -43.88 0.41 31.07
N GLN G 182 -42.64 0.11 30.67
CA GLN G 182 -42.33 -0.26 29.29
C GLN G 182 -43.21 -1.44 28.84
N LYS G 183 -43.76 -2.15 29.82
CA LYS G 183 -44.53 -3.37 29.56
C LYS G 183 -46.02 -3.18 29.32
N LEU G 184 -46.55 -2.01 29.68
CA LEU G 184 -47.95 -1.67 29.42
C LEU G 184 -48.07 -1.34 27.95
N PRO G 185 -49.16 -1.80 27.32
CA PRO G 185 -49.45 -1.48 25.92
C PRO G 185 -49.39 0.01 25.70
N VAL G 186 -49.11 0.45 24.47
CA VAL G 186 -49.14 1.88 24.15
C VAL G 186 -50.59 2.37 24.28
N THR G 187 -51.52 1.44 24.10
CA THR G 187 -52.94 1.72 24.20
C THR G 187 -53.43 1.97 25.63
N ILE G 188 -52.52 2.06 26.59
CA ILE G 188 -52.95 2.28 27.98
C ILE G 188 -52.14 3.45 28.47
N LEU G 189 -50.90 3.49 28.03
CA LEU G 189 -50.03 4.59 28.35
C LEU G 189 -50.69 5.84 27.83
N SER G 190 -51.50 5.68 26.78
CA SER G 190 -52.09 6.84 26.12
C SER G 190 -53.32 7.33 26.83
N ARG G 191 -53.75 6.57 27.83
CA ARG G 191 -54.96 6.89 28.57
C ARG G 191 -54.70 7.14 30.05
N CYS G 192 -53.44 7.37 30.42
CA CYS G 192 -53.10 7.77 31.78
C CYS G 192 -52.10 8.90 31.78
N LEU G 193 -52.30 9.87 32.67
CA LEU G 193 -51.27 10.85 32.93
C LEU G 193 -50.16 10.16 33.67
N GLN G 194 -48.98 10.03 33.07
CA GLN G 194 -47.94 9.25 33.71
C GLN G 194 -46.92 10.10 34.43
N PHE G 195 -46.77 9.83 35.72
CA PHE G 195 -45.77 10.51 36.53
C PHE G 195 -44.56 9.62 36.82
N HIS G 196 -43.41 9.99 36.26
CA HIS G 196 -42.20 9.22 36.47
C HIS G 196 -41.44 9.79 37.65
N LEU G 197 -41.46 9.08 38.76
CA LEU G 197 -40.74 9.47 39.96
C LEU G 197 -39.24 9.32 39.71
N LYS G 198 -38.45 10.18 40.35
CA LYS G 198 -37.01 10.19 40.14
C LYS G 198 -36.35 9.29 41.20
N ALA G 199 -35.12 8.86 40.98
CA ALA G 199 -34.41 8.19 42.05
C ALA G 199 -33.94 9.26 43.00
N LEU G 200 -33.89 8.97 44.29
CA LEU G 200 -33.55 10.00 45.27
C LEU G 200 -32.05 10.20 45.39
N ASP G 201 -31.70 11.45 45.56
CA ASP G 201 -30.32 11.84 45.64
C ASP G 201 -29.71 11.46 46.97
N VAL G 202 -28.40 11.20 46.95
CA VAL G 202 -27.59 10.92 48.11
C VAL G 202 -27.93 11.79 49.32
N GLU G 203 -28.13 13.08 49.10
CA GLU G 203 -28.47 13.94 50.21
C GLU G 203 -29.92 13.72 50.61
N GLN G 204 -30.83 13.85 49.64
CA GLN G 204 -32.24 13.56 49.88
C GLN G 204 -32.45 12.28 50.73
N ILE G 205 -31.75 11.18 50.40
CA ILE G 205 -31.81 9.94 51.18
C ILE G 205 -31.13 10.07 52.55
N ARG G 206 -29.97 10.73 52.58
CA ARG G 206 -29.21 10.91 53.82
C ARG G 206 -30.03 11.66 54.86
N HIS G 207 -30.70 12.72 54.41
CA HIS G 207 -31.50 13.54 55.31
C HIS G 207 -32.63 12.73 55.96
N GLN G 208 -33.40 12.03 55.16
CA GLN G 208 -34.47 11.20 55.69
C GLN G 208 -33.90 10.14 56.63
N LEU G 209 -32.73 9.63 56.34
CA LEU G 209 -32.15 8.63 57.22
C LEU G 209 -32.01 9.27 58.58
N GLU G 210 -31.32 10.42 58.62
CA GLU G 210 -31.09 11.17 59.85
C GLU G 210 -32.38 11.49 60.59
N HIS G 211 -33.37 12.02 59.87
CA HIS G 211 -34.67 12.26 60.48
C HIS G 211 -35.19 11.07 61.28
N ILE G 212 -35.58 10.03 60.54
CA ILE G 212 -36.05 8.76 61.09
C ILE G 212 -35.22 8.19 62.24
N LEU G 213 -33.94 7.94 61.99
CA LEU G 213 -33.08 7.39 63.03
C LEU G 213 -33.21 8.18 64.32
N ASN G 214 -33.24 9.51 64.22
CA ASN G 214 -33.45 10.39 65.39
C ASN G 214 -34.81 10.17 66.08
N GLU G 215 -35.88 10.31 65.31
CA GLU G 215 -37.22 10.14 65.86
C GLU G 215 -37.36 8.81 66.58
N GLU G 216 -36.80 7.75 66.03
CA GLU G 216 -36.88 6.47 66.71
C GLU G 216 -36.00 6.45 67.93
N HIS G 217 -35.20 7.51 68.09
CA HIS G 217 -34.19 7.60 69.16
C HIS G 217 -33.09 6.53 69.05
N ILE G 218 -32.22 6.70 68.05
CA ILE G 218 -31.16 5.74 67.75
C ILE G 218 -29.85 6.49 67.43
N ALA G 219 -28.76 6.07 68.07
CA ALA G 219 -27.48 6.74 67.90
C ALA G 219 -26.90 6.56 66.49
N HIS G 220 -26.23 7.59 65.97
CA HIS G 220 -25.63 7.51 64.64
C HIS G 220 -24.51 8.52 64.44
N GLU G 221 -23.48 8.13 63.72
CA GLU G 221 -22.40 9.02 63.35
C GLU G 221 -22.72 9.62 62.00
N PRO G 222 -22.40 10.90 61.79
CA PRO G 222 -22.65 11.55 60.51
C PRO G 222 -22.30 10.63 59.32
N ARG G 223 -21.12 10.01 59.33
CA ARG G 223 -20.62 9.38 58.11
C ARG G 223 -21.19 8.00 57.89
N ALA G 224 -21.76 7.44 58.94
CA ALA G 224 -22.42 6.16 58.77
C ALA G 224 -23.60 6.34 57.83
N LEU G 225 -24.33 7.43 58.04
CA LEU G 225 -25.49 7.73 57.23
C LEU G 225 -25.09 8.11 55.82
N GLN G 226 -23.98 8.83 55.67
CA GLN G 226 -23.55 9.18 54.32
C GLN G 226 -23.20 7.89 53.53
N LEU G 227 -22.63 6.93 54.25
CA LEU G 227 -22.28 5.63 53.67
C LEU G 227 -23.53 4.80 53.31
N LEU G 228 -24.56 4.90 54.14
CA LEU G 228 -25.81 4.20 53.87
C LEU G 228 -26.44 4.73 52.59
N ALA G 229 -26.79 6.01 52.61
CA ALA G 229 -27.39 6.69 51.43
C ALA G 229 -26.69 6.39 50.11
N ARG G 230 -25.36 6.40 50.13
CA ARG G 230 -24.56 6.07 48.95
C ARG G 230 -24.82 4.61 48.52
N ALA G 231 -24.90 3.69 49.49
CA ALA G 231 -25.04 2.26 49.18
C ALA G 231 -26.42 1.91 48.67
N ALA G 232 -27.38 2.81 48.95
CA ALA G 232 -28.79 2.60 48.62
C ALA G 232 -29.01 2.59 47.13
N GLU G 233 -28.09 3.22 46.42
CA GLU G 233 -28.19 3.34 44.98
C GLU G 233 -29.53 3.97 44.57
N GLY G 234 -29.86 5.06 45.27
CA GLY G 234 -30.95 5.92 44.85
C GLY G 234 -32.35 5.54 45.31
N SER G 235 -32.47 4.42 46.01
CA SER G 235 -33.77 3.97 46.50
C SER G 235 -33.97 4.17 48.02
N LEU G 236 -35.04 4.87 48.40
CA LEU G 236 -35.31 5.12 49.81
C LEU G 236 -35.73 3.85 50.56
N ARG G 237 -36.21 2.83 49.84
CA ARG G 237 -36.40 1.57 50.53
C ARG G 237 -35.04 0.85 50.73
N ASP G 238 -34.29 0.64 49.65
CA ASP G 238 -33.00 -0.07 49.75
C ASP G 238 -32.23 0.55 50.90
N ALA G 239 -32.59 1.80 51.20
CA ALA G 239 -31.97 2.57 52.28
C ALA G 239 -32.44 2.12 53.66
N LEU G 240 -33.75 2.21 53.86
CA LEU G 240 -34.31 1.81 55.13
C LEU G 240 -34.13 0.33 55.40
N SER G 241 -34.08 -0.48 54.34
CA SER G 241 -33.75 -1.88 54.50
C SER G 241 -32.31 -2.01 54.94
N LEU G 242 -31.44 -1.24 54.32
CA LEU G 242 -30.05 -1.28 54.72
C LEU G 242 -29.81 -0.78 56.15
N THR G 243 -30.63 0.16 56.60
CA THR G 243 -30.54 0.64 57.99
C THR G 243 -30.96 -0.44 58.99
N ASP G 244 -32.17 -0.97 58.85
CA ASP G 244 -32.69 -1.92 59.82
C ASP G 244 -31.62 -2.95 60.14
N GLN G 245 -31.00 -3.45 59.08
CA GLN G 245 -29.95 -4.41 59.25
C GLN G 245 -28.75 -3.81 59.98
N ALA G 246 -28.33 -2.63 59.54
CA ALA G 246 -27.27 -1.90 60.24
C ALA G 246 -27.52 -1.86 61.76
N ILE G 247 -28.67 -1.33 62.15
CA ILE G 247 -29.08 -1.30 63.55
C ILE G 247 -28.88 -2.62 64.24
N ALA G 248 -29.03 -3.73 63.50
CA ALA G 248 -28.73 -5.03 64.12
C ALA G 248 -27.25 -5.19 64.38
N SER G 249 -26.44 -5.10 63.32
CA SER G 249 -25.01 -5.33 63.45
C SER G 249 -24.39 -4.42 64.49
N GLY G 250 -25.01 -3.27 64.75
CA GLY G 250 -24.53 -2.36 65.78
C GLY G 250 -25.07 -2.56 67.20
N ASP G 251 -25.95 -3.56 67.35
CA ASP G 251 -26.66 -3.84 68.62
C ASP G 251 -27.28 -2.57 69.12
N GLY G 252 -27.95 -1.85 68.22
CA GLY G 252 -28.73 -0.71 68.62
C GLY G 252 -28.10 0.60 68.21
N GLN G 253 -26.82 0.60 67.88
CA GLN G 253 -26.13 1.84 67.47
C GLN G 253 -25.82 1.75 66.01
N VAL G 254 -25.95 2.87 65.28
CA VAL G 254 -25.55 2.90 63.87
C VAL G 254 -24.20 3.57 63.76
N SER G 255 -23.11 2.79 63.78
CA SER G 255 -21.76 3.36 63.77
C SER G 255 -21.05 3.21 62.44
N THR G 256 -20.12 4.13 62.15
CA THR G 256 -19.28 3.98 60.98
C THR G 256 -18.49 2.64 61.11
N GLN G 257 -17.86 2.45 62.28
CA GLN G 257 -17.20 1.17 62.65
C GLN G 257 -18.03 0.00 62.17
N ALA G 258 -19.35 0.16 62.30
CA ALA G 258 -20.33 -0.91 62.11
C ALA G 258 -20.91 -0.97 60.71
N VAL G 259 -21.35 0.17 60.19
CA VAL G 259 -21.98 0.18 58.89
C VAL G 259 -20.95 -0.19 57.85
N SER G 260 -19.77 0.44 57.92
CA SER G 260 -18.69 0.15 56.97
C SER G 260 -18.46 -1.36 56.90
N ALA G 261 -18.45 -2.01 58.06
CA ALA G 261 -18.34 -3.47 58.18
C ALA G 261 -19.33 -4.20 57.29
N MET G 262 -20.60 -4.00 57.65
CA MET G 262 -21.75 -4.58 56.98
C MET G 262 -21.79 -4.36 55.47
N LEU G 263 -21.38 -3.19 55.00
CA LEU G 263 -21.41 -2.90 53.57
C LEU G 263 -20.29 -3.61 52.81
N GLY G 264 -19.23 -3.96 53.53
CA GLY G 264 -18.16 -4.73 52.93
C GLY G 264 -18.55 -6.17 52.77
N THR G 265 -19.43 -6.65 53.66
CA THR G 265 -20.14 -7.91 53.55
C THR G 265 -20.78 -8.02 52.18
N LEU G 266 -21.36 -6.89 51.76
CA LEU G 266 -22.26 -6.85 50.63
C LEU G 266 -21.68 -6.26 49.36
N ASP G 267 -20.35 -6.15 49.22
CA ASP G 267 -19.73 -5.50 48.05
C ASP G 267 -19.83 -6.22 46.68
N ASP G 268 -20.47 -5.57 45.70
CA ASP G 268 -20.44 -5.86 44.25
C ASP G 268 -19.04 -5.50 43.75
N ASP G 269 -18.53 -4.42 44.36
CA ASP G 269 -17.27 -3.69 44.14
C ASP G 269 -16.14 -4.36 43.43
N GLN G 270 -15.76 -5.53 43.94
CA GLN G 270 -14.47 -6.24 43.63
C GLN G 270 -13.77 -6.04 42.30
N ALA G 271 -14.49 -5.97 41.19
CA ALA G 271 -13.81 -5.84 39.91
C ALA G 271 -13.38 -4.39 39.60
N LEU G 272 -14.27 -3.41 39.72
CA LEU G 272 -13.87 -2.01 39.54
C LEU G 272 -12.72 -1.70 40.50
N SER G 273 -12.83 -2.25 41.70
CA SER G 273 -11.90 -1.96 42.78
C SER G 273 -10.52 -2.47 42.45
N LEU G 274 -10.44 -3.62 41.78
CA LEU G 274 -9.15 -4.21 41.36
C LEU G 274 -8.49 -3.42 40.21
N VAL G 275 -9.29 -2.87 39.31
CA VAL G 275 -8.76 -2.00 38.28
C VAL G 275 -8.05 -0.83 38.96
N GLU G 276 -8.77 -0.07 39.79
CA GLU G 276 -8.18 0.99 40.62
C GLU G 276 -6.89 0.56 41.33
N ALA G 277 -6.95 -0.56 42.04
CA ALA G 277 -5.80 -1.05 42.81
C ALA G 277 -4.69 -1.66 41.95
N MET G 278 -5.00 -1.94 40.69
CA MET G 278 -4.02 -2.54 39.79
C MET G 278 -3.15 -1.45 39.20
N VAL G 279 -3.83 -0.42 38.69
CA VAL G 279 -3.16 0.73 38.12
C VAL G 279 -2.22 1.41 39.14
N GLU G 280 -2.66 1.52 40.40
CA GLU G 280 -1.89 2.14 41.48
C GLU G 280 -0.73 1.27 42.01
N ALA G 281 -0.63 0.04 41.49
CA ALA G 281 0.44 -0.93 41.83
C ALA G 281 0.40 -1.54 43.24
N ASN G 282 -0.66 -1.24 43.98
CA ASN G 282 -0.81 -1.66 45.36
C ASN G 282 -1.08 -3.15 45.49
N GLY G 283 -0.02 -3.94 45.56
CA GLY G 283 -0.13 -5.38 45.57
C GLY G 283 -0.76 -6.04 46.78
N GLU G 284 -0.74 -5.41 47.95
CA GLU G 284 -1.45 -5.97 49.09
C GLU G 284 -2.94 -5.73 48.89
N ARG G 285 -3.28 -4.51 48.46
CA ARG G 285 -4.68 -4.19 48.23
C ARG G 285 -5.17 -5.02 47.08
N VAL G 286 -4.29 -5.35 46.15
CA VAL G 286 -4.69 -6.19 45.04
C VAL G 286 -4.97 -7.64 45.43
N MET G 287 -4.12 -8.22 46.27
CA MET G 287 -4.32 -9.61 46.65
C MET G 287 -5.29 -9.75 47.82
N ALA G 288 -5.59 -8.66 48.51
CA ALA G 288 -6.61 -8.68 49.56
C ALA G 288 -8.00 -8.57 48.94
N LEU G 289 -8.08 -7.88 47.80
CA LEU G 289 -9.31 -7.74 47.05
C LEU G 289 -9.67 -9.06 46.38
N ILE G 290 -8.64 -9.77 45.93
CA ILE G 290 -8.83 -11.12 45.43
C ILE G 290 -9.35 -12.09 46.51
N ASN G 291 -8.99 -11.81 47.76
CA ASN G 291 -9.47 -12.60 48.88
C ASN G 291 -10.90 -12.17 49.23
N GLU G 292 -11.18 -10.87 49.23
CA GLU G 292 -12.53 -10.32 49.42
C GLU G 292 -13.47 -10.98 48.43
N ALA G 293 -12.98 -11.14 47.21
CA ALA G 293 -13.75 -11.76 46.14
C ALA G 293 -14.10 -13.20 46.42
N ALA G 294 -13.20 -13.94 47.04
CA ALA G 294 -13.44 -15.35 47.35
C ALA G 294 -14.53 -15.56 48.39
N ALA G 295 -14.58 -14.71 49.41
CA ALA G 295 -15.63 -14.78 50.41
C ALA G 295 -16.99 -14.54 49.75
N ARG G 296 -17.18 -13.38 49.14
CA ARG G 296 -18.43 -13.14 48.45
C ARG G 296 -18.80 -14.33 47.60
N GLY G 297 -17.80 -15.13 47.25
CA GLY G 297 -18.07 -16.39 46.62
C GLY G 297 -18.16 -16.37 45.11
N ILE G 298 -17.33 -15.51 44.50
CA ILE G 298 -17.32 -15.22 43.06
C ILE G 298 -17.08 -16.40 42.13
N GLU G 299 -17.50 -16.24 40.88
CA GLU G 299 -17.14 -17.17 39.83
C GLU G 299 -15.96 -16.52 39.12
N TRP G 300 -14.81 -17.18 39.09
CA TRP G 300 -13.57 -16.45 38.72
C TRP G 300 -13.49 -15.94 37.29
N GLU G 301 -13.85 -16.75 36.31
CA GLU G 301 -13.75 -16.26 34.95
C GLU G 301 -14.62 -15.02 34.78
N ALA G 302 -15.58 -14.88 35.68
CA ALA G 302 -16.51 -13.77 35.69
C ALA G 302 -15.88 -12.49 36.21
N LEU G 303 -15.12 -12.57 37.28
CA LEU G 303 -14.36 -11.40 37.72
C LEU G 303 -13.54 -10.88 36.56
N LEU G 304 -12.71 -11.74 35.99
CA LEU G 304 -11.90 -11.38 34.83
C LEU G 304 -12.65 -10.59 33.78
N VAL G 305 -13.82 -11.10 33.41
CA VAL G 305 -14.61 -10.48 32.35
C VAL G 305 -15.19 -9.09 32.75
N GLU G 306 -15.51 -8.90 34.03
CA GLU G 306 -16.03 -7.62 34.49
C GLU G 306 -14.90 -6.60 34.40
N MET G 307 -13.67 -7.09 34.54
CA MET G 307 -12.49 -6.26 34.49
C MET G 307 -12.14 -5.85 33.07
N LEU G 308 -11.94 -6.80 32.18
CA LEU G 308 -11.85 -6.45 30.74
C LEU G 308 -12.93 -5.45 30.29
N GLY G 309 -14.13 -5.62 30.83
CA GLY G 309 -15.29 -4.89 30.41
C GLY G 309 -15.26 -3.50 30.95
N LEU G 310 -14.83 -3.34 32.21
CA LEU G 310 -14.52 -2.02 32.79
C LEU G 310 -13.38 -1.32 32.02
N LEU G 311 -12.25 -1.99 31.79
CA LEU G 311 -11.18 -1.41 30.98
C LEU G 311 -11.70 -0.84 29.68
N HIS G 312 -12.43 -1.65 28.89
CA HIS G 312 -13.05 -1.18 27.66
C HIS G 312 -13.89 0.11 27.91
N ARG G 313 -14.86 0.05 28.81
CA ARG G 313 -15.76 1.19 29.08
C ARG G 313 -15.00 2.49 29.36
N ILE G 314 -13.81 2.34 29.97
CA ILE G 314 -12.98 3.49 30.33
C ILE G 314 -12.25 4.04 29.11
N ALA G 315 -11.66 3.13 28.34
CA ALA G 315 -10.95 3.48 27.12
C ALA G 315 -11.78 4.32 26.14
N MET G 316 -13.10 4.31 26.32
CA MET G 316 -14.06 5.01 25.46
C MET G 316 -14.50 6.36 26.00
N VAL G 317 -14.51 6.47 27.33
CA VAL G 317 -14.70 7.74 27.99
C VAL G 317 -13.40 8.52 27.86
N GLN G 318 -12.47 7.95 27.09
CA GLN G 318 -11.27 8.65 26.65
C GLN G 318 -11.49 9.28 25.26
N LEU G 319 -12.43 8.72 24.50
CA LEU G 319 -12.79 9.24 23.17
C LEU G 319 -13.95 10.23 23.30
N SER G 320 -14.78 10.05 24.30
CA SER G 320 -15.77 11.06 24.63
C SER G 320 -16.30 10.83 26.04
N PRO G 321 -16.76 11.93 26.69
CA PRO G 321 -17.44 11.90 27.99
C PRO G 321 -18.79 11.16 27.94
N ALA G 322 -19.48 11.27 26.81
CA ALA G 322 -20.84 10.72 26.65
C ALA G 322 -20.90 9.20 26.72
N ALA G 323 -19.71 8.56 26.77
CA ALA G 323 -19.57 7.09 26.79
C ALA G 323 -19.87 6.43 28.15
N LEU G 324 -20.07 7.25 29.19
CA LEU G 324 -20.62 6.75 30.45
C LEU G 324 -22.15 6.85 30.50
N GLY G 325 -22.77 5.72 30.85
CA GLY G 325 -24.22 5.57 30.75
C GLY G 325 -25.14 6.29 31.75
N ASN G 326 -26.42 6.34 31.38
CA ASN G 326 -27.53 6.59 32.29
C ASN G 326 -27.40 5.52 33.39
N ASP G 327 -26.94 4.36 32.91
CA ASP G 327 -26.71 3.13 33.65
C ASP G 327 -25.75 3.24 34.86
N MET G 328 -24.54 3.72 34.58
CA MET G 328 -23.38 3.72 35.49
C MET G 328 -23.45 4.45 36.87
N ALA G 329 -24.31 5.45 36.99
CA ALA G 329 -24.33 6.44 38.10
C ALA G 329 -23.57 6.21 39.44
N ALA G 330 -23.76 5.07 40.12
CA ALA G 330 -23.11 4.89 41.43
C ALA G 330 -21.60 4.55 41.31
N ILE G 331 -21.26 3.76 40.29
CA ILE G 331 -19.85 3.46 39.91
C ILE G 331 -19.18 4.68 39.27
N GLU G 332 -20.02 5.59 38.76
CA GLU G 332 -19.64 6.67 37.81
C GLU G 332 -18.53 7.64 38.21
N LEU G 333 -18.67 8.29 39.38
CA LEU G 333 -17.67 9.27 39.78
C LEU G 333 -16.26 8.69 39.66
N ARG G 334 -16.08 7.53 40.29
CA ARG G 334 -14.82 6.78 40.23
C ARG G 334 -14.30 6.65 38.79
N MET G 335 -15.19 6.23 37.88
CA MET G 335 -14.81 5.89 36.50
C MET G 335 -14.17 7.07 35.70
N ARG G 336 -14.82 8.25 35.73
CA ARG G 336 -14.32 9.44 35.01
C ARG G 336 -12.90 9.81 35.45
N GLU G 337 -12.61 9.57 36.72
CA GLU G 337 -11.28 9.87 37.31
C GLU G 337 -10.26 8.83 36.88
N LEU G 338 -10.68 7.58 36.86
CA LEU G 338 -9.81 6.56 36.32
C LEU G 338 -9.43 6.93 34.87
N ALA G 339 -10.39 7.47 34.13
CA ALA G 339 -10.12 7.74 32.71
C ALA G 339 -9.08 8.82 32.56
N ARG G 340 -9.31 9.97 33.19
CA ARG G 340 -8.40 11.10 33.13
C ARG G 340 -6.99 10.66 33.48
N THR G 341 -6.86 10.03 34.65
CA THR G 341 -5.55 9.71 35.23
C THR G 341 -4.99 8.33 34.85
N ILE G 342 -4.90 8.11 33.54
CA ILE G 342 -4.25 6.92 32.97
C ILE G 342 -3.85 7.21 31.51
N PRO G 343 -2.74 6.59 31.07
CA PRO G 343 -2.24 6.59 29.67
C PRO G 343 -2.94 5.55 28.77
N PRO G 344 -3.69 6.01 27.75
CA PRO G 344 -4.41 5.08 26.85
C PRO G 344 -3.58 4.04 26.05
N THR G 345 -2.24 4.14 26.08
CA THR G 345 -1.36 3.09 25.52
C THR G 345 -1.13 2.03 26.59
N ASP G 346 -1.19 2.48 27.85
CA ASP G 346 -1.17 1.65 29.06
C ASP G 346 -2.48 0.86 29.22
N ILE G 347 -3.63 1.53 29.08
CA ILE G 347 -4.93 0.85 29.11
C ILE G 347 -4.99 -0.34 28.14
N GLN G 348 -4.68 -0.18 26.85
CA GLN G 348 -4.63 -1.39 26.00
C GLN G 348 -3.48 -2.36 26.43
N LEU G 349 -2.55 -1.91 27.26
CA LEU G 349 -1.54 -2.86 27.75
C LEU G 349 -2.10 -3.89 28.77
N TYR G 350 -2.70 -3.38 29.84
CA TYR G 350 -3.39 -4.18 30.85
C TYR G 350 -4.39 -5.09 30.15
N TYR G 351 -5.27 -4.49 29.39
CA TYR G 351 -6.22 -5.22 28.61
C TYR G 351 -5.66 -6.49 27.93
N GLN G 352 -4.49 -6.41 27.28
CA GLN G 352 -3.96 -7.58 26.56
C GLN G 352 -3.68 -8.69 27.55
N THR G 353 -3.26 -8.29 28.74
CA THR G 353 -2.82 -9.19 29.80
C THR G 353 -4.00 -9.95 30.44
N LEU G 354 -5.07 -9.20 30.70
CA LEU G 354 -6.30 -9.77 31.23
C LEU G 354 -6.99 -10.73 30.25
N LEU G 355 -7.03 -10.36 28.96
CA LEU G 355 -7.61 -11.23 27.95
C LEU G 355 -6.82 -12.56 27.85
N ILE G 356 -5.52 -12.47 28.00
CA ILE G 356 -4.64 -13.64 27.98
C ILE G 356 -4.84 -14.50 29.20
N GLY G 357 -4.84 -13.86 30.37
CA GLY G 357 -5.20 -14.55 31.60
C GLY G 357 -6.49 -15.35 31.46
N ARG G 358 -7.51 -14.73 30.85
CA ARG G 358 -8.70 -15.48 30.53
C ARG G 358 -8.36 -16.69 29.65
N LYS G 359 -7.87 -16.44 28.43
CA LYS G 359 -7.53 -17.54 27.52
C LYS G 359 -6.75 -18.68 28.24
N GLU G 360 -6.03 -18.30 29.30
CA GLU G 360 -5.16 -19.19 30.10
C GLU G 360 -5.87 -19.84 31.29
N LEU G 361 -6.94 -19.22 31.77
CA LEU G 361 -7.57 -19.54 33.07
C LEU G 361 -8.02 -21.01 33.28
N PRO G 362 -8.54 -21.66 32.21
CA PRO G 362 -8.97 -23.04 32.39
C PRO G 362 -7.77 -23.95 32.49
N TYR G 363 -6.59 -23.42 32.25
CA TYR G 363 -5.35 -24.22 32.30
C TYR G 363 -4.54 -23.89 33.56
N ALA G 364 -4.57 -22.65 34.03
CA ALA G 364 -4.07 -22.30 35.36
C ALA G 364 -4.64 -23.35 36.30
N PRO G 365 -3.90 -23.69 37.37
CA PRO G 365 -4.15 -24.88 38.21
C PRO G 365 -5.40 -24.80 39.11
N ASP G 366 -5.75 -23.58 39.50
CA ASP G 366 -6.82 -23.24 40.43
C ASP G 366 -7.33 -22.01 39.67
N ARG G 367 -8.65 -21.89 39.51
CA ARG G 367 -9.19 -20.72 38.83
C ARG G 367 -8.74 -19.51 39.63
N ARG G 368 -8.76 -19.63 40.96
CA ARG G 368 -8.27 -18.55 41.80
C ARG G 368 -6.83 -18.26 41.45
N MET G 369 -5.98 -19.28 41.55
CA MET G 369 -4.57 -19.14 41.17
C MET G 369 -4.44 -18.48 39.81
N GLY G 370 -5.28 -18.88 38.88
CA GLY G 370 -5.29 -18.20 37.59
C GLY G 370 -5.45 -16.68 37.68
N VAL G 371 -6.56 -16.25 38.25
CA VAL G 371 -6.80 -14.84 38.35
C VAL G 371 -5.64 -14.20 39.09
N GLU G 372 -5.18 -14.84 40.18
CA GLU G 372 -4.01 -14.36 40.95
C GLU G 372 -2.76 -14.10 40.05
N MET G 373 -2.26 -15.15 39.40
CA MET G 373 -1.08 -15.07 38.55
C MET G 373 -1.24 -14.17 37.33
N THR G 374 -2.48 -13.86 37.02
CA THR G 374 -2.84 -12.97 35.91
C THR G 374 -2.70 -11.54 36.37
N LEU G 375 -3.11 -11.29 37.62
CA LEU G 375 -2.81 -10.02 38.23
C LEU G 375 -1.32 -9.93 38.54
N LEU G 376 -0.73 -10.99 39.12
CA LEU G 376 0.72 -10.95 39.49
C LEU G 376 1.57 -10.61 38.26
N ARG G 377 1.13 -11.13 37.11
CA ARG G 377 1.71 -10.78 35.81
C ARG G 377 1.43 -9.31 35.45
N ALA G 378 0.17 -8.91 35.53
CA ALA G 378 -0.19 -7.52 35.36
C ALA G 378 0.72 -6.66 36.19
N LEU G 379 1.13 -7.14 37.37
CA LEU G 379 1.89 -6.27 38.30
C LEU G 379 3.42 -6.15 38.00
N ALA G 380 4.08 -7.31 37.80
CA ALA G 380 5.51 -7.41 37.43
C ALA G 380 5.86 -6.71 36.10
N PHE G 381 4.90 -6.68 35.18
CA PHE G 381 5.03 -5.99 33.90
C PHE G 381 4.33 -4.64 33.94
N HIS G 382 4.10 -4.15 35.16
CA HIS G 382 3.54 -2.84 35.32
C HIS G 382 4.56 -1.89 34.69
N PRO G 383 4.10 -1.01 33.77
CA PRO G 383 4.90 0.11 33.24
C PRO G 383 5.27 1.15 34.32
N ARG G 384 4.25 1.72 34.94
CA ARG G 384 4.38 2.81 35.90
C ARG G 384 5.22 2.54 37.20
N MET G 385 4.91 1.49 37.96
CA MET G 385 5.69 1.08 39.15
C MET G 385 5.97 -0.44 39.21
N PRO G 386 7.00 -0.92 38.50
CA PRO G 386 7.25 -2.37 38.33
C PRO G 386 7.46 -3.18 39.63
N LEU G 387 7.70 -4.50 39.50
CA LEU G 387 7.87 -5.42 40.66
C LEU G 387 9.35 -5.76 40.98
N PRO G 388 9.74 -5.68 42.28
CA PRO G 388 11.15 -5.73 42.71
C PRO G 388 11.90 -7.03 42.36
N GLU G 389 13.06 -6.93 41.73
CA GLU G 389 13.85 -8.11 41.36
C GLU G 389 15.18 -8.28 42.17
N PRO G 390 15.50 -9.56 42.55
CA PRO G 390 16.69 -9.93 43.35
C PRO G 390 18.04 -9.89 42.57
N GLN H 26 -23.74 -43.92 58.39
CA GLN H 26 -24.53 -42.86 57.74
C GLN H 26 -23.73 -41.66 57.16
N VAL H 27 -24.42 -40.49 56.91
CA VAL H 27 -23.78 -39.38 56.12
C VAL H 27 -23.39 -38.13 56.88
N LEU H 28 -22.14 -37.72 56.73
CA LEU H 28 -21.58 -36.69 57.59
C LEU H 28 -22.19 -35.39 57.32
N ALA H 29 -22.20 -35.04 56.04
CA ALA H 29 -22.66 -33.73 55.61
C ALA H 29 -24.04 -33.42 56.23
N ARG H 30 -24.88 -34.43 56.38
CA ARG H 30 -26.24 -34.24 56.87
C ARG H 30 -26.33 -34.35 58.40
N LYS H 31 -25.65 -35.32 59.01
CA LYS H 31 -25.58 -35.48 60.47
C LYS H 31 -25.12 -34.28 61.25
N TRP H 32 -24.24 -33.48 60.66
CA TRP H 32 -23.58 -32.38 61.40
C TRP H 32 -24.18 -30.98 61.23
N ARG H 33 -25.21 -30.87 60.39
CA ARG H 33 -25.98 -29.63 60.34
C ARG H 33 -26.20 -29.07 61.73
N PRO H 34 -25.66 -27.85 61.98
CA PRO H 34 -25.73 -27.16 63.27
C PRO H 34 -27.17 -27.02 63.71
N GLN H 35 -27.40 -27.27 65.00
CA GLN H 35 -28.74 -27.30 65.52
C GLN H 35 -28.89 -26.17 66.49
N THR H 36 -27.78 -25.51 66.87
CA THR H 36 -27.86 -24.20 67.51
C THR H 36 -26.81 -23.24 66.98
N PHE H 37 -26.99 -21.94 67.20
CA PHE H 37 -26.09 -20.92 66.65
C PHE H 37 -24.69 -21.19 67.11
N ALA H 38 -24.58 -21.64 68.36
CA ALA H 38 -23.32 -22.10 68.90
C ALA H 38 -22.58 -22.98 67.89
N ASP H 39 -23.29 -23.93 67.29
CA ASP H 39 -22.66 -24.99 66.49
C ASP H 39 -22.23 -24.59 65.08
N VAL H 40 -22.51 -23.34 64.71
CA VAL H 40 -22.36 -22.83 63.33
C VAL H 40 -20.97 -22.30 63.24
N VAL H 41 -20.32 -22.60 62.11
CA VAL H 41 -18.91 -22.25 61.93
C VAL H 41 -18.87 -20.96 61.15
N GLY H 42 -18.17 -19.95 61.69
CA GLY H 42 -18.02 -18.67 61.02
C GLY H 42 -19.33 -17.92 60.88
N GLN H 43 -19.37 -17.01 59.92
CA GLN H 43 -20.56 -16.21 59.68
C GLN H 43 -20.91 -15.39 60.88
N GLU H 44 -19.92 -14.98 61.67
CA GLU H 44 -20.18 -14.13 62.82
C GLU H 44 -21.10 -13.01 62.40
N HIS H 45 -20.75 -12.35 61.31
CA HIS H 45 -21.48 -11.17 60.92
C HIS H 45 -22.93 -11.45 60.72
N VAL H 46 -23.27 -12.63 60.27
CA VAL H 46 -24.69 -12.94 60.12
C VAL H 46 -25.32 -13.36 61.44
N LEU H 47 -24.67 -14.28 62.14
CA LEU H 47 -25.15 -14.74 63.43
C LEU H 47 -25.34 -13.59 64.42
N THR H 48 -24.28 -12.81 64.62
CA THR H 48 -24.33 -11.65 65.49
C THR H 48 -25.52 -10.78 65.16
N ALA H 49 -25.66 -10.38 63.90
CA ALA H 49 -26.77 -9.50 63.53
C ALA H 49 -28.12 -10.06 63.98
N LEU H 50 -28.41 -11.29 63.61
CA LEU H 50 -29.68 -11.90 63.93
C LEU H 50 -29.87 -11.87 65.43
N ALA H 51 -28.93 -12.45 66.15
CA ALA H 51 -29.06 -12.53 67.58
C ALA H 51 -29.23 -11.15 68.20
N ASN H 52 -28.38 -10.20 67.78
CA ASN H 52 -28.47 -8.82 68.25
C ASN H 52 -29.83 -8.23 68.00
N GLY H 53 -30.54 -8.84 67.07
CA GLY H 53 -31.82 -8.28 66.68
C GLY H 53 -33.03 -8.95 67.29
N LEU H 54 -32.94 -10.26 67.55
CA LEU H 54 -34.01 -10.97 68.21
C LEU H 54 -34.18 -10.36 69.61
N SER H 55 -33.09 -10.26 70.37
CA SER H 55 -33.22 -9.74 71.74
C SER H 55 -33.54 -8.26 71.66
N LEU H 56 -33.05 -7.63 70.61
CA LEU H 56 -33.30 -6.21 70.40
C LEU H 56 -34.73 -5.94 70.03
N GLY H 57 -35.46 -7.03 69.76
CA GLY H 57 -36.85 -6.94 69.34
C GLY H 57 -37.07 -6.32 67.98
N ARG H 58 -36.01 -5.94 67.30
CA ARG H 58 -36.10 -5.43 65.92
C ARG H 58 -35.96 -6.59 64.93
N ILE H 59 -37.09 -7.04 64.39
CA ILE H 59 -37.12 -8.28 63.64
C ILE H 59 -37.78 -8.10 62.30
N HIS H 60 -37.00 -8.18 61.21
CA HIS H 60 -37.54 -7.97 59.86
C HIS H 60 -38.57 -9.03 59.48
N HIS H 61 -39.13 -8.92 58.28
CA HIS H 61 -40.09 -9.92 57.84
C HIS H 61 -39.64 -10.61 56.57
N ALA H 62 -38.58 -10.11 55.95
CA ALA H 62 -37.95 -10.82 54.84
C ALA H 62 -36.44 -10.87 55.07
N TYR H 63 -35.93 -12.01 55.51
CA TYR H 63 -34.50 -12.26 55.53
C TYR H 63 -34.09 -12.97 54.26
N LEU H 64 -32.96 -12.60 53.67
CA LEU H 64 -32.44 -13.28 52.48
C LEU H 64 -31.01 -13.79 52.67
N PHE H 65 -30.77 -15.06 52.41
CA PHE H 65 -29.47 -15.63 52.67
C PHE H 65 -28.73 -16.09 51.40
N SER H 66 -27.50 -15.62 51.21
CA SER H 66 -26.76 -15.92 49.97
C SER H 66 -25.30 -16.28 50.20
N GLY H 67 -24.64 -16.86 49.18
CA GLY H 67 -23.21 -17.18 49.29
C GLY H 67 -22.98 -18.60 48.78
N THR H 68 -21.74 -19.01 48.48
CA THR H 68 -21.65 -20.25 47.70
C THR H 68 -22.12 -21.44 48.48
N ARG H 69 -22.30 -22.50 47.71
CA ARG H 69 -22.81 -23.76 48.15
C ARG H 69 -22.08 -24.16 49.40
N GLY H 70 -22.83 -24.64 50.40
CA GLY H 70 -22.23 -25.31 51.55
C GLY H 70 -21.65 -24.39 52.62
N VAL H 71 -22.13 -23.17 52.70
CA VAL H 71 -21.52 -22.26 53.65
C VAL H 71 -22.43 -22.03 54.85
N GLY H 72 -23.65 -22.54 54.77
CA GLY H 72 -24.49 -22.56 55.95
C GLY H 72 -25.77 -21.80 55.78
N LYS H 73 -26.10 -21.43 54.57
CA LYS H 73 -27.34 -20.63 54.44
C LYS H 73 -28.66 -21.39 54.79
N THR H 74 -28.96 -22.52 54.16
CA THR H 74 -30.11 -23.30 54.56
C THR H 74 -30.09 -23.59 56.08
N SER H 75 -28.91 -23.87 56.66
CA SER H 75 -28.90 -24.35 58.04
C SER H 75 -29.06 -23.20 59.03
N ILE H 76 -28.57 -22.03 58.64
CA ILE H 76 -28.87 -20.84 59.42
C ILE H 76 -30.40 -20.52 59.32
N ALA H 77 -30.91 -20.44 58.10
CA ALA H 77 -32.32 -20.18 57.89
C ALA H 77 -33.12 -21.01 58.85
N ARG H 78 -32.78 -22.28 58.97
CA ARG H 78 -33.64 -23.19 59.73
C ARG H 78 -33.49 -22.87 61.17
N LEU H 79 -32.26 -22.61 61.61
CA LEU H 79 -32.00 -22.19 62.99
C LEU H 79 -32.74 -20.91 63.38
N LEU H 80 -32.78 -19.93 62.48
CA LEU H 80 -33.60 -18.74 62.74
C LEU H 80 -35.04 -19.13 63.07
N ALA H 81 -35.71 -19.77 62.11
CA ALA H 81 -37.06 -20.30 62.29
C ALA H 81 -37.24 -20.98 63.65
N LYS H 82 -36.31 -21.87 63.99
CA LYS H 82 -36.34 -22.59 65.25
C LYS H 82 -36.35 -21.61 66.42
N GLY H 83 -35.51 -20.59 66.30
CA GLY H 83 -35.41 -19.56 67.30
C GLY H 83 -36.63 -18.67 67.36
N LEU H 84 -37.30 -18.44 66.23
CA LEU H 84 -38.45 -17.54 66.25
C LEU H 84 -39.66 -18.17 66.94
N ASN H 85 -39.68 -19.49 67.04
CA ASN H 85 -40.88 -20.16 67.45
C ASN H 85 -40.71 -20.91 68.74
N CYS H 86 -39.51 -20.85 69.32
CA CYS H 86 -39.21 -21.59 70.56
C CYS H 86 -40.11 -21.27 71.76
N GLU H 87 -40.73 -22.29 72.31
CA GLU H 87 -41.78 -22.09 73.31
C GLU H 87 -41.34 -21.21 74.50
N THR H 88 -40.04 -21.05 74.68
CA THR H 88 -39.50 -20.24 75.78
C THR H 88 -39.65 -18.72 75.53
N GLY H 89 -39.62 -18.31 74.26
CA GLY H 89 -39.70 -16.92 73.85
C GLY H 89 -38.89 -16.73 72.58
N ILE H 90 -39.17 -15.68 71.80
CA ILE H 90 -38.35 -15.39 70.63
C ILE H 90 -36.94 -15.27 71.13
N THR H 91 -36.04 -16.19 70.80
CA THR H 91 -34.70 -16.14 71.39
C THR H 91 -33.65 -16.60 70.43
N ALA H 92 -32.43 -16.08 70.62
CA ALA H 92 -31.31 -16.37 69.74
C ALA H 92 -30.73 -17.75 70.04
N THR H 93 -31.13 -18.28 71.20
CA THR H 93 -30.66 -19.59 71.65
C THR H 93 -31.82 -20.53 71.91
N PRO H 94 -32.40 -21.06 70.83
CA PRO H 94 -33.53 -21.95 70.92
C PRO H 94 -33.12 -23.09 71.83
N CYS H 95 -34.09 -23.74 72.47
CA CYS H 95 -33.80 -24.69 73.52
C CYS H 95 -33.62 -26.14 73.07
N GLY H 96 -33.96 -26.45 71.82
CA GLY H 96 -33.80 -27.80 71.26
C GLY H 96 -34.49 -28.96 71.99
N VAL H 97 -35.48 -28.65 72.83
CA VAL H 97 -36.23 -29.67 73.58
C VAL H 97 -37.78 -29.52 73.55
N CYS H 98 -38.30 -28.29 73.62
CA CYS H 98 -39.75 -28.06 73.53
C CYS H 98 -40.28 -28.65 72.24
N ASP H 99 -41.56 -29.03 72.25
CA ASP H 99 -42.13 -29.74 71.11
C ASP H 99 -41.76 -29.05 69.77
N ASN H 100 -42.00 -27.74 69.71
CA ASN H 100 -41.62 -26.94 68.54
C ASN H 100 -40.17 -27.07 68.10
N CYS H 101 -39.23 -26.96 69.04
CA CYS H 101 -37.84 -27.05 68.64
C CYS H 101 -37.51 -28.41 68.03
N ARG H 102 -37.77 -29.49 68.79
CA ARG H 102 -37.51 -30.84 68.30
C ARG H 102 -38.23 -31.10 66.98
N GLU H 103 -39.53 -30.78 66.93
CA GLU H 103 -40.29 -30.91 65.68
C GLU H 103 -39.61 -30.23 64.49
N ILE H 104 -39.09 -29.00 64.66
CA ILE H 104 -38.43 -28.31 63.56
C ILE H 104 -37.17 -29.05 63.16
N GLU H 105 -36.55 -29.71 64.14
CA GLU H 105 -35.30 -30.46 63.92
C GLU H 105 -35.50 -31.70 63.08
N GLN H 106 -36.68 -32.31 63.24
CA GLN H 106 -37.05 -33.49 62.49
C GLN H 106 -37.77 -33.10 61.20
N GLY H 107 -37.92 -31.79 60.97
CA GLY H 107 -38.47 -31.26 59.74
C GLY H 107 -39.97 -31.45 59.65
N ARG H 108 -40.59 -31.74 60.80
CA ARG H 108 -42.02 -31.98 60.85
C ARG H 108 -42.76 -31.07 61.84
N PHE H 109 -42.71 -29.77 61.58
CA PHE H 109 -43.31 -28.80 62.44
C PHE H 109 -44.32 -28.08 61.61
N VAL H 110 -45.57 -28.11 62.07
CA VAL H 110 -46.69 -27.67 61.27
C VAL H 110 -46.65 -26.17 60.90
N ASP H 111 -45.66 -25.42 61.35
CA ASP H 111 -45.65 -24.00 61.05
C ASP H 111 -44.38 -23.46 60.45
N LEU H 112 -43.46 -24.36 60.13
CA LEU H 112 -42.33 -24.02 59.28
C LEU H 112 -42.50 -24.69 57.93
N ILE H 113 -42.95 -23.91 56.96
CA ILE H 113 -43.25 -24.43 55.64
C ILE H 113 -42.00 -24.26 54.81
N GLU H 114 -41.26 -25.36 54.60
CA GLU H 114 -40.04 -25.26 53.84
C GLU H 114 -40.40 -25.46 52.41
N ILE H 115 -40.25 -24.39 51.64
CA ILE H 115 -40.66 -24.47 50.26
C ILE H 115 -39.48 -24.61 49.31
N ASP H 116 -39.54 -25.67 48.49
CA ASP H 116 -38.49 -26.02 47.55
C ASP H 116 -38.69 -25.26 46.28
N ALA H 117 -38.22 -24.02 46.27
CA ALA H 117 -38.56 -23.10 45.22
C ALA H 117 -38.25 -23.66 43.85
N ALA H 118 -37.26 -24.55 43.79
CA ALA H 118 -36.83 -25.13 42.53
C ALA H 118 -37.80 -26.15 41.95
N SER H 119 -38.74 -26.68 42.76
CA SER H 119 -39.86 -27.45 42.20
C SER H 119 -41.11 -26.59 42.15
N ARG H 120 -41.39 -25.84 43.21
CA ARG H 120 -42.54 -24.92 43.12
C ARG H 120 -42.12 -23.63 42.41
N THR H 121 -41.73 -23.71 41.14
CA THR H 121 -41.22 -22.49 40.51
C THR H 121 -42.30 -21.65 39.89
N LYS H 122 -43.44 -22.28 39.55
CA LYS H 122 -44.45 -21.60 38.74
C LYS H 122 -45.31 -20.55 39.48
N VAL H 123 -46.05 -19.70 38.76
CA VAL H 123 -46.85 -18.72 39.48
C VAL H 123 -47.96 -19.43 40.18
N GLU H 124 -48.63 -20.34 39.47
CA GLU H 124 -49.78 -20.94 40.06
C GLU H 124 -49.41 -21.55 41.39
N ASP H 125 -48.19 -22.06 41.51
CA ASP H 125 -47.68 -22.48 42.80
C ASP H 125 -47.53 -21.32 43.80
N THR H 126 -46.73 -20.33 43.45
CA THR H 126 -46.57 -19.19 44.32
C THR H 126 -47.94 -18.73 44.76
N ARG H 127 -48.90 -18.71 43.84
CA ARG H 127 -50.22 -18.17 44.16
C ARG H 127 -50.88 -18.94 45.29
N ASP H 128 -50.79 -20.26 45.27
CA ASP H 128 -51.20 -21.09 46.41
C ASP H 128 -50.42 -20.79 47.68
N LEU H 129 -49.16 -20.41 47.58
CA LEU H 129 -48.48 -20.14 48.84
C LEU H 129 -49.11 -18.89 49.41
N LEU H 130 -49.19 -17.85 48.59
CA LEU H 130 -49.91 -16.62 48.94
C LEU H 130 -51.32 -16.87 49.52
N ASP H 131 -52.15 -17.61 48.80
CA ASP H 131 -53.53 -17.80 49.25
C ASP H 131 -53.57 -18.17 50.70
N ASN H 132 -52.63 -19.00 51.14
CA ASN H 132 -52.64 -19.51 52.51
C ASN H 132 -51.82 -18.71 53.51
N VAL H 133 -51.41 -17.51 53.12
CA VAL H 133 -50.61 -16.68 54.01
C VAL H 133 -51.50 -16.15 55.11
N GLN H 134 -52.63 -15.57 54.68
CA GLN H 134 -53.63 -15.00 55.59
C GLN H 134 -53.92 -15.88 56.82
N TYR H 135 -54.18 -17.16 56.61
CA TYR H 135 -54.49 -18.06 57.72
C TYR H 135 -53.39 -18.11 58.81
N ALA H 136 -53.82 -18.02 60.06
CA ALA H 136 -52.91 -18.04 61.23
C ALA H 136 -52.34 -19.40 61.60
N PRO H 137 -51.13 -19.40 62.18
CA PRO H 137 -50.33 -20.55 62.57
C PRO H 137 -51.05 -21.51 63.49
N ALA H 138 -50.74 -22.79 63.31
CA ALA H 138 -51.43 -23.86 64.00
C ALA H 138 -50.92 -24.08 65.41
N ARG H 139 -49.64 -23.83 65.61
CA ARG H 139 -49.01 -24.14 66.88
C ARG H 139 -47.98 -23.13 67.38
N GLY H 140 -47.50 -22.24 66.53
CA GLY H 140 -46.43 -21.36 66.94
C GLY H 140 -46.78 -19.89 66.87
N ARG H 141 -45.88 -19.05 67.36
CA ARG H 141 -46.00 -17.58 67.29
C ARG H 141 -46.12 -17.08 65.88
N PHE H 142 -45.48 -17.79 64.95
CA PHE H 142 -45.30 -17.32 63.59
C PHE H 142 -45.48 -18.45 62.60
N LYS H 143 -46.03 -18.15 61.43
CA LYS H 143 -45.94 -19.04 60.27
C LYS H 143 -44.64 -18.61 59.59
N VAL H 144 -43.66 -19.50 59.49
CA VAL H 144 -42.43 -19.13 58.76
C VAL H 144 -42.25 -19.86 57.41
N TYR H 145 -42.33 -19.14 56.30
CA TYR H 145 -42.01 -19.73 55.00
C TYR H 145 -40.51 -19.61 54.79
N LEU H 146 -39.83 -20.72 54.51
CA LEU H 146 -38.43 -20.67 54.15
C LEU H 146 -38.39 -21.12 52.69
N ILE H 147 -38.12 -20.15 51.82
CA ILE H 147 -38.13 -20.46 50.41
C ILE H 147 -36.70 -20.73 49.91
N ASP H 148 -36.31 -22.01 49.84
CA ASP H 148 -34.95 -22.40 49.48
C ASP H 148 -34.75 -22.59 47.96
N GLU H 149 -33.52 -22.35 47.51
CA GLU H 149 -33.13 -22.26 46.11
C GLU H 149 -34.04 -21.29 45.34
N VAL H 150 -34.31 -20.16 45.98
CA VAL H 150 -35.34 -19.20 45.52
C VAL H 150 -35.07 -18.48 44.23
N HIS H 151 -33.93 -18.72 43.60
CA HIS H 151 -33.55 -17.98 42.44
C HIS H 151 -34.17 -18.61 41.24
N MET H 152 -34.89 -19.70 41.46
CA MET H 152 -35.42 -20.47 40.35
C MET H 152 -36.86 -20.10 40.00
N LEU H 153 -37.46 -19.28 40.85
CA LEU H 153 -38.82 -18.78 40.63
C LEU H 153 -38.90 -18.05 39.30
N SER H 154 -39.98 -18.29 38.58
CA SER H 154 -40.23 -17.61 37.33
C SER H 154 -40.31 -16.14 37.58
N ARG H 155 -40.12 -15.35 36.53
CA ARG H 155 -40.28 -13.92 36.67
C ARG H 155 -41.65 -13.65 37.23
N HIS H 156 -42.60 -14.42 36.75
CA HIS H 156 -43.95 -14.16 37.14
C HIS H 156 -44.19 -14.33 38.61
N SER H 157 -43.70 -15.44 39.15
CA SER H 157 -43.93 -15.69 40.54
C SER H 157 -43.07 -14.78 41.41
N PHE H 158 -41.98 -14.21 40.90
CA PHE H 158 -41.26 -13.18 41.70
C PHE H 158 -42.19 -12.00 42.00
N ASN H 159 -42.72 -11.35 40.96
CA ASN H 159 -43.57 -10.19 41.19
C ASN H 159 -44.81 -10.52 41.98
N ALA H 160 -45.27 -11.77 41.89
CA ALA H 160 -46.43 -12.20 42.64
C ALA H 160 -46.11 -12.14 44.13
N LEU H 161 -44.86 -12.41 44.46
CA LEU H 161 -44.40 -12.24 45.83
C LEU H 161 -44.29 -10.77 46.30
N LEU H 162 -44.17 -9.82 45.37
CA LEU H 162 -43.72 -8.45 45.68
C LEU H 162 -44.48 -7.80 46.79
N LYS H 163 -45.79 -7.70 46.62
CA LYS H 163 -46.58 -6.97 47.60
C LYS H 163 -46.71 -7.68 48.94
N THR H 164 -46.87 -8.99 48.93
CA THR H 164 -46.95 -9.74 50.18
C THR H 164 -45.60 -9.73 50.92
N LEU H 165 -44.52 -9.47 50.20
CA LEU H 165 -43.23 -9.56 50.81
C LEU H 165 -42.90 -8.19 51.37
N GLU H 166 -43.58 -7.16 50.91
CA GLU H 166 -43.33 -5.82 51.42
C GLU H 166 -44.15 -5.55 52.67
N GLU H 167 -45.30 -6.19 52.78
CA GLU H 167 -46.31 -5.85 53.78
C GLU H 167 -47.11 -7.05 54.20
N PRO H 168 -46.43 -8.05 54.75
CA PRO H 168 -47.04 -9.28 55.26
C PRO H 168 -47.96 -9.02 56.42
N PRO H 169 -48.59 -10.09 56.96
CA PRO H 169 -49.37 -10.05 58.20
C PRO H 169 -48.45 -10.20 59.40
N GLU H 170 -48.90 -9.75 60.58
CA GLU H 170 -48.04 -9.71 61.76
C GLU H 170 -47.40 -11.05 62.02
N HIS H 171 -48.12 -12.12 61.74
CA HIS H 171 -47.72 -13.45 62.16
C HIS H 171 -46.97 -14.22 61.07
N VAL H 172 -46.62 -13.54 59.98
CA VAL H 172 -45.89 -14.18 58.89
C VAL H 172 -44.43 -13.68 58.79
N LYS H 173 -43.50 -14.61 58.49
CA LYS H 173 -42.11 -14.25 58.18
C LYS H 173 -41.59 -15.01 56.94
N PHE H 174 -40.81 -14.33 56.12
CA PHE H 174 -40.15 -14.96 54.96
C PHE H 174 -38.61 -15.11 55.10
N LEU H 175 -38.15 -16.36 55.02
CA LEU H 175 -36.74 -16.70 54.92
C LEU H 175 -36.46 -17.19 53.51
N LEU H 176 -35.92 -16.31 52.67
CA LEU H 176 -35.41 -16.72 51.36
C LEU H 176 -33.93 -17.10 51.43
N ALA H 177 -33.55 -18.14 50.72
CA ALA H 177 -32.14 -18.39 50.67
C ALA H 177 -31.77 -18.87 49.29
N THR H 178 -30.53 -18.56 48.88
CA THR H 178 -30.09 -18.93 47.55
C THR H 178 -28.60 -18.78 47.31
N ALA H 179 -28.10 -19.79 46.60
CA ALA H 179 -26.72 -19.82 46.13
C ALA H 179 -26.37 -18.58 45.32
N ASP H 180 -27.19 -18.18 44.38
CA ASP H 180 -26.89 -16.93 43.67
C ASP H 180 -28.01 -15.94 43.64
N PRO H 181 -27.76 -14.78 44.27
CA PRO H 181 -28.75 -13.74 44.46
C PRO H 181 -28.97 -12.85 43.22
N GLN H 182 -28.01 -12.81 42.30
CA GLN H 182 -28.03 -11.84 41.23
C GLN H 182 -29.23 -12.11 40.35
N LYS H 183 -29.66 -13.37 40.36
CA LYS H 183 -30.88 -13.84 39.68
C LYS H 183 -32.22 -13.19 40.12
N LEU H 184 -32.31 -12.75 41.39
CA LEU H 184 -33.48 -12.06 41.93
C LEU H 184 -33.56 -10.65 41.43
N PRO H 185 -34.78 -10.26 40.94
CA PRO H 185 -35.18 -8.92 40.51
C PRO H 185 -34.84 -7.91 41.60
N VAL H 186 -34.54 -6.66 41.23
CA VAL H 186 -34.13 -5.68 42.24
C VAL H 186 -35.27 -5.36 43.15
N THR H 187 -36.45 -5.30 42.55
CA THR H 187 -37.71 -5.19 43.30
C THR H 187 -37.91 -6.20 44.42
N ILE H 188 -37.33 -7.41 44.33
CA ILE H 188 -37.37 -8.31 45.47
C ILE H 188 -36.35 -7.86 46.50
N LEU H 189 -35.10 -7.65 46.04
CA LEU H 189 -33.96 -7.38 46.92
C LEU H 189 -34.22 -6.20 47.84
N SER H 190 -34.55 -5.05 47.25
CA SER H 190 -34.88 -3.85 48.01
C SER H 190 -35.83 -4.08 49.19
N ARG H 191 -36.52 -5.21 49.17
CA ARG H 191 -37.50 -5.53 50.22
C ARG H 191 -37.00 -6.36 51.40
N CYS H 192 -35.82 -6.95 51.30
CA CYS H 192 -35.32 -7.80 52.38
C CYS H 192 -33.96 -7.43 52.92
N LEU H 193 -33.68 -7.90 54.12
CA LEU H 193 -32.34 -7.84 54.69
C LEU H 193 -31.50 -8.87 53.98
N GLN H 194 -30.34 -8.47 53.46
CA GLN H 194 -29.48 -9.45 52.81
C GLN H 194 -28.28 -9.81 53.67
N PHE H 195 -28.22 -11.06 54.07
CA PHE H 195 -27.05 -11.57 54.72
C PHE H 195 -26.24 -12.41 53.76
N HIS H 196 -25.05 -11.94 53.39
CA HIS H 196 -24.25 -12.72 52.49
C HIS H 196 -23.20 -13.49 53.27
N LEU H 197 -23.35 -14.81 53.34
CA LEU H 197 -22.43 -15.60 54.13
C LEU H 197 -21.17 -15.74 53.30
N LYS H 198 -20.02 -15.63 53.98
CA LYS H 198 -18.73 -15.72 53.32
C LYS H 198 -18.31 -17.20 53.22
N ALA H 199 -17.48 -17.51 52.22
CA ALA H 199 -16.84 -18.81 52.10
C ALA H 199 -15.88 -18.97 53.26
N LEU H 200 -15.58 -20.20 53.66
CA LEU H 200 -14.78 -20.40 54.86
C LEU H 200 -13.27 -20.56 54.59
N ASP H 201 -12.48 -20.00 55.51
CA ASP H 201 -11.02 -20.13 55.57
C ASP H 201 -10.58 -21.54 55.62
N VAL H 202 -9.43 -21.82 55.02
CA VAL H 202 -8.79 -23.12 55.23
C VAL H 202 -8.81 -23.52 56.70
N GLU H 203 -8.44 -22.58 57.57
CA GLU H 203 -8.37 -22.85 59.00
C GLU H 203 -9.70 -23.18 59.63
N GLN H 204 -10.72 -22.39 59.33
CA GLN H 204 -12.08 -22.67 59.82
C GLN H 204 -12.58 -24.05 59.43
N ILE H 205 -12.56 -24.38 58.13
CA ILE H 205 -12.85 -25.74 57.70
C ILE H 205 -12.04 -26.77 58.45
N ARG H 206 -10.72 -26.65 58.46
CA ARG H 206 -9.88 -27.62 59.17
C ARG H 206 -10.32 -27.89 60.60
N HIS H 207 -10.46 -26.85 61.42
CA HIS H 207 -10.95 -27.05 62.79
C HIS H 207 -12.23 -27.88 62.84
N GLN H 208 -13.19 -27.58 61.99
CA GLN H 208 -14.39 -28.38 61.97
C GLN H 208 -14.09 -29.83 61.63
N LEU H 209 -13.29 -30.05 60.58
CA LEU H 209 -13.08 -31.39 60.10
C LEU H 209 -12.49 -32.22 61.23
N GLU H 210 -11.76 -31.55 62.11
CA GLU H 210 -11.13 -32.21 63.25
C GLU H 210 -12.19 -32.49 64.29
N HIS H 211 -12.89 -31.44 64.71
CA HIS H 211 -13.94 -31.61 65.68
C HIS H 211 -14.80 -32.81 65.34
N ILE H 212 -15.31 -32.82 64.12
CA ILE H 212 -16.25 -33.87 63.72
C ILE H 212 -15.59 -35.21 63.79
N LEU H 213 -14.39 -35.34 63.26
CA LEU H 213 -13.74 -36.64 63.24
C LEU H 213 -13.49 -37.11 64.68
N ASN H 214 -13.13 -36.20 65.57
CA ASN H 214 -12.97 -36.60 66.97
C ASN H 214 -14.25 -37.08 67.57
N GLU H 215 -15.26 -36.21 67.59
CA GLU H 215 -16.59 -36.57 68.06
C GLU H 215 -17.11 -37.85 67.44
N GLU H 216 -16.82 -38.05 66.16
CA GLU H 216 -17.26 -39.24 65.46
C GLU H 216 -16.34 -40.42 65.62
N HIS H 217 -15.34 -40.26 66.48
CA HIS H 217 -14.29 -41.26 66.75
C HIS H 217 -13.70 -41.92 65.53
N ILE H 218 -12.85 -41.16 64.84
CA ILE H 218 -12.22 -41.57 63.60
C ILE H 218 -10.78 -41.09 63.54
N ALA H 219 -9.87 -42.05 63.64
CA ALA H 219 -8.46 -41.82 63.52
C ALA H 219 -8.16 -40.93 62.32
N HIS H 220 -7.27 -39.95 62.49
CA HIS H 220 -6.85 -39.09 61.38
C HIS H 220 -5.42 -38.53 61.53
N GLU H 221 -4.75 -38.32 60.39
CA GLU H 221 -3.45 -37.64 60.36
C GLU H 221 -3.69 -36.15 60.17
N PRO H 222 -3.04 -35.32 60.97
CA PRO H 222 -3.31 -33.88 61.04
C PRO H 222 -3.20 -33.19 59.67
N ARG H 223 -2.30 -33.70 58.80
CA ARG H 223 -2.08 -33.13 57.46
C ARG H 223 -3.19 -33.48 56.49
N ALA H 224 -3.68 -34.70 56.57
CA ALA H 224 -4.79 -35.11 55.73
C ALA H 224 -5.89 -34.10 55.88
N LEU H 225 -5.99 -33.49 57.04
CA LEU H 225 -7.02 -32.48 57.26
C LEU H 225 -6.70 -31.17 56.57
N GLN H 226 -5.45 -30.69 56.69
CA GLN H 226 -5.05 -29.49 55.93
C GLN H 226 -5.28 -29.68 54.45
N LEU H 227 -5.12 -30.90 53.97
CA LEU H 227 -5.18 -31.15 52.53
C LEU H 227 -6.58 -31.14 52.06
N LEU H 228 -7.49 -31.67 52.87
CA LEU H 228 -8.91 -31.66 52.57
C LEU H 228 -9.46 -30.24 52.71
N ALA H 229 -9.15 -29.58 53.81
CA ALA H 229 -9.69 -28.24 54.01
C ALA H 229 -9.40 -27.37 52.81
N ARG H 230 -8.35 -27.69 52.09
CA ARG H 230 -7.96 -26.85 51.00
C ARG H 230 -8.68 -27.29 49.77
N ALA H 231 -8.72 -28.58 49.53
CA ALA H 231 -9.41 -29.13 48.36
C ALA H 231 -10.88 -28.74 48.33
N ALA H 232 -11.36 -28.34 49.50
CA ALA H 232 -12.73 -27.98 49.78
C ALA H 232 -13.16 -26.67 49.14
N GLU H 233 -12.16 -25.86 48.76
CA GLU H 233 -12.39 -24.61 48.01
C GLU H 233 -13.54 -23.82 48.62
N GLY H 234 -13.43 -23.60 49.91
CA GLY H 234 -14.23 -22.63 50.60
C GLY H 234 -15.46 -23.20 51.23
N SER H 235 -15.92 -24.35 50.69
CA SER H 235 -17.23 -24.95 51.07
C SER H 235 -17.17 -25.97 52.18
N LEU H 236 -17.89 -25.74 53.26
CA LEU H 236 -17.88 -26.71 54.34
C LEU H 236 -18.62 -28.02 53.98
N ARG H 237 -19.61 -27.96 53.13
CA ARG H 237 -20.15 -29.21 52.68
C ARG H 237 -19.15 -29.93 51.78
N ASP H 238 -18.61 -29.23 50.76
CA ASP H 238 -17.67 -29.86 49.84
C ASP H 238 -16.65 -30.60 50.70
N ALA H 239 -16.32 -29.99 51.84
CA ALA H 239 -15.35 -30.53 52.81
C ALA H 239 -15.82 -31.87 53.36
N LEU H 240 -17.03 -31.88 53.93
CA LEU H 240 -17.55 -33.08 54.53
C LEU H 240 -17.72 -34.14 53.46
N SER H 241 -18.29 -33.77 52.32
CA SER H 241 -18.42 -34.75 51.25
C SER H 241 -17.08 -35.34 50.93
N LEU H 242 -16.03 -34.54 51.00
CA LEU H 242 -14.72 -35.04 50.68
C LEU H 242 -14.20 -35.96 51.76
N THR H 243 -14.35 -35.56 53.02
CA THR H 243 -14.03 -36.43 54.16
C THR H 243 -14.74 -37.78 54.11
N ASP H 244 -16.04 -37.77 53.85
CA ASP H 244 -16.78 -39.00 53.79
C ASP H 244 -16.11 -39.99 52.87
N GLN H 245 -15.70 -39.57 51.69
CA GLN H 245 -15.11 -40.56 50.82
C GLN H 245 -13.65 -40.79 51.12
N ALA H 246 -13.10 -39.92 51.94
CA ALA H 246 -11.80 -40.18 52.55
C ALA H 246 -11.91 -41.35 53.53
N ILE H 247 -12.87 -41.27 54.46
CA ILE H 247 -13.10 -42.36 55.41
C ILE H 247 -13.29 -43.68 54.70
N ALA H 248 -13.93 -43.66 53.54
CA ALA H 248 -14.10 -44.88 52.81
C ALA H 248 -12.83 -45.31 52.09
N SER H 249 -12.08 -44.35 51.56
CA SER H 249 -10.94 -44.73 50.74
C SER H 249 -9.81 -45.24 51.59
N GLY H 250 -9.70 -44.66 52.78
CA GLY H 250 -8.64 -45.00 53.70
C GLY H 250 -9.05 -46.05 54.71
N ASP H 251 -10.23 -46.64 54.52
CA ASP H 251 -10.74 -47.69 55.41
C ASP H 251 -10.81 -47.26 56.86
N GLY H 252 -11.77 -46.41 57.19
CA GLY H 252 -12.06 -46.11 58.57
C GLY H 252 -11.09 -45.15 59.21
N GLN H 253 -10.03 -44.82 58.46
CA GLN H 253 -8.98 -43.88 58.87
C GLN H 253 -8.89 -42.79 57.83
N VAL H 254 -8.80 -41.55 58.28
CA VAL H 254 -8.53 -40.44 57.37
C VAL H 254 -7.01 -40.18 57.35
N SER H 255 -6.31 -40.79 56.39
CA SER H 255 -4.83 -40.79 56.40
C SER H 255 -4.29 -39.98 55.24
N THR H 256 -3.12 -39.39 55.42
CA THR H 256 -2.56 -38.55 54.38
C THR H 256 -2.37 -39.33 53.10
N GLN H 257 -1.93 -40.58 53.19
CA GLN H 257 -1.75 -41.37 51.97
C GLN H 257 -3.09 -41.44 51.27
N ALA H 258 -4.13 -41.76 52.02
CA ALA H 258 -5.49 -41.90 51.50
C ALA H 258 -5.94 -40.67 50.77
N VAL H 259 -5.86 -39.55 51.48
CA VAL H 259 -6.37 -38.27 50.99
C VAL H 259 -5.66 -37.84 49.70
N SER H 260 -4.34 -37.76 49.71
CA SER H 260 -3.61 -37.36 48.49
C SER H 260 -3.76 -38.37 47.37
N ALA H 261 -3.82 -39.65 47.68
CA ALA H 261 -4.31 -40.62 46.68
C ALA H 261 -5.56 -40.05 45.95
N MET H 262 -6.62 -39.86 46.71
CA MET H 262 -7.91 -39.42 46.21
C MET H 262 -7.93 -38.01 45.56
N LEU H 263 -7.01 -37.15 45.96
CA LEU H 263 -7.06 -35.78 45.46
C LEU H 263 -6.13 -35.64 44.24
N GLY H 264 -5.23 -36.60 44.06
CA GLY H 264 -4.36 -36.55 42.90
C GLY H 264 -3.17 -35.70 43.19
N THR H 265 -3.08 -35.23 44.43
CA THR H 265 -1.83 -34.68 44.97
C THR H 265 -0.83 -35.82 45.07
N LEU H 266 0.45 -35.52 44.87
CA LEU H 266 1.48 -36.41 45.38
C LEU H 266 2.12 -35.68 46.57
N ASP H 267 2.63 -36.42 47.56
CA ASP H 267 3.25 -35.71 48.72
C ASP H 267 4.59 -34.95 48.49
N ASP H 268 4.46 -33.67 48.87
CA ASP H 268 4.93 -32.46 48.17
C ASP H 268 6.35 -32.37 47.68
N ASP H 269 7.24 -33.23 48.17
CA ASP H 269 8.65 -33.11 47.81
C ASP H 269 8.89 -33.36 46.32
N GLN H 270 8.36 -34.46 45.79
CA GLN H 270 8.69 -34.85 44.42
C GLN H 270 8.29 -33.85 43.29
N ALA H 271 7.27 -33.05 43.54
CA ALA H 271 6.87 -32.03 42.59
C ALA H 271 7.91 -30.94 42.60
N LEU H 272 8.19 -30.42 43.80
CA LEU H 272 9.13 -29.32 44.03
C LEU H 272 10.47 -29.64 43.47
N SER H 273 10.96 -30.82 43.83
CA SER H 273 12.29 -31.28 43.44
C SER H 273 12.51 -31.22 41.94
N LEU H 274 11.44 -31.39 41.18
CA LEU H 274 11.55 -31.31 39.73
C LEU H 274 11.52 -29.82 39.30
N VAL H 275 10.85 -28.96 40.07
CA VAL H 275 10.90 -27.54 39.74
C VAL H 275 12.34 -27.08 39.89
N GLU H 276 12.85 -27.25 41.09
CA GLU H 276 14.23 -26.93 41.38
C GLU H 276 15.17 -27.43 40.31
N ALA H 277 15.09 -28.72 39.99
CA ALA H 277 15.97 -29.30 39.00
C ALA H 277 15.88 -28.50 37.70
N MET H 278 14.73 -27.91 37.44
CA MET H 278 14.48 -27.20 36.20
C MET H 278 15.12 -25.83 36.19
N VAL H 279 14.90 -25.06 37.25
CA VAL H 279 15.50 -23.75 37.37
C VAL H 279 17.01 -23.86 37.39
N GLU H 280 17.51 -24.98 37.90
CA GLU H 280 18.94 -25.19 38.01
C GLU H 280 19.51 -25.73 36.70
N ALA H 281 18.66 -25.79 35.67
CA ALA H 281 19.09 -26.20 34.33
C ALA H 281 19.70 -27.60 34.17
N ASN H 282 19.78 -28.36 35.26
CA ASN H 282 20.36 -29.70 35.14
C ASN H 282 19.39 -30.73 34.59
N GLY H 283 19.62 -31.10 33.34
CA GLY H 283 18.78 -32.04 32.65
C GLY H 283 18.75 -33.43 33.25
N GLU H 284 19.90 -34.08 33.33
CA GLU H 284 19.99 -35.41 33.91
C GLU H 284 18.99 -35.63 35.04
N ARG H 285 18.98 -34.73 36.02
CA ARG H 285 18.10 -34.83 37.20
C ARG H 285 16.63 -34.66 36.86
N VAL H 286 16.35 -33.75 35.93
CA VAL H 286 14.99 -33.51 35.51
C VAL H 286 14.48 -34.83 34.98
N MET H 287 15.18 -35.37 33.99
CA MET H 287 14.71 -36.57 33.35
C MET H 287 14.59 -37.74 34.31
N ALA H 288 15.64 -37.95 35.10
CA ALA H 288 15.60 -38.90 36.21
C ALA H 288 14.34 -38.74 37.07
N LEU H 289 14.18 -37.56 37.67
CA LEU H 289 12.97 -37.27 38.45
C LEU H 289 11.65 -37.58 37.73
N ILE H 290 11.71 -37.62 36.40
CA ILE H 290 10.55 -37.94 35.57
C ILE H 290 10.40 -39.44 35.47
N ASN H 291 11.50 -40.11 35.19
CA ASN H 291 11.52 -41.56 35.22
C ASN H 291 11.01 -42.07 36.58
N GLU H 292 11.39 -41.43 37.67
CA GLU H 292 10.89 -41.81 38.99
C GLU H 292 9.39 -41.48 39.15
N ALA H 293 8.95 -40.35 38.61
CA ALA H 293 7.53 -40.05 38.61
C ALA H 293 6.81 -41.18 37.90
N ALA H 294 7.53 -41.82 36.98
CA ALA H 294 6.96 -42.75 35.99
C ALA H 294 6.77 -44.17 36.48
N ALA H 295 7.72 -44.68 37.26
CA ALA H 295 7.52 -45.95 37.92
C ALA H 295 6.38 -45.86 38.97
N ARG H 296 6.18 -44.70 39.59
CA ARG H 296 5.05 -44.55 40.50
C ARG H 296 3.74 -44.49 39.73
N GLY H 297 3.84 -44.16 38.45
CA GLY H 297 2.67 -44.16 37.58
C GLY H 297 1.90 -42.85 37.69
N ILE H 298 2.40 -41.96 38.52
CA ILE H 298 1.75 -40.67 38.78
C ILE H 298 1.06 -40.10 37.52
N GLU H 299 -0.06 -39.40 37.66
CA GLU H 299 -0.72 -38.87 36.48
C GLU H 299 -0.06 -37.64 35.87
N TRP H 300 0.24 -37.72 34.59
CA TRP H 300 1.01 -36.67 33.95
C TRP H 300 0.43 -35.27 34.05
N GLU H 301 -0.86 -35.05 33.74
CA GLU H 301 -1.35 -33.67 33.87
C GLU H 301 -1.24 -33.24 35.34
N ALA H 302 -1.42 -34.20 36.22
CA ALA H 302 -1.42 -33.93 37.64
C ALA H 302 -0.14 -33.23 38.01
N LEU H 303 0.97 -33.85 37.64
CA LEU H 303 2.31 -33.31 37.91
C LEU H 303 2.46 -31.88 37.38
N LEU H 304 2.35 -31.71 36.07
CA LEU H 304 2.40 -30.39 35.49
C LEU H 304 1.64 -29.38 36.32
N VAL H 305 0.57 -29.84 36.96
CA VAL H 305 -0.30 -28.94 37.73
C VAL H 305 0.30 -28.53 39.08
N GLU H 306 0.73 -29.50 39.87
CA GLU H 306 1.40 -29.14 41.12
C GLU H 306 2.58 -28.19 40.87
N MET H 307 3.26 -28.35 39.73
CA MET H 307 4.37 -27.47 39.32
C MET H 307 4.00 -25.99 39.05
N LEU H 308 2.86 -25.78 38.38
CA LEU H 308 2.34 -24.43 38.22
C LEU H 308 1.94 -24.02 39.61
N GLY H 309 1.32 -24.95 40.33
CA GLY H 309 0.87 -24.72 41.68
C GLY H 309 1.95 -24.21 42.61
N LEU H 310 3.16 -24.65 42.34
CA LEU H 310 4.35 -24.22 43.08
C LEU H 310 4.89 -22.93 42.48
N LEU H 311 5.14 -22.93 41.18
CA LEU H 311 5.66 -21.77 40.49
C LEU H 311 4.89 -20.50 40.80
N HIS H 312 3.63 -20.68 41.20
CA HIS H 312 2.71 -19.61 41.50
C HIS H 312 2.98 -19.11 42.88
N ARG H 313 2.82 -19.98 43.87
CA ARG H 313 3.03 -19.56 45.25
C ARG H 313 4.37 -18.87 45.37
N ILE H 314 5.32 -19.31 44.56
CA ILE H 314 6.61 -18.66 44.50
C ILE H 314 6.50 -17.23 43.97
N ALA H 315 5.97 -17.06 42.76
CA ALA H 315 5.77 -15.71 42.20
C ALA H 315 4.97 -14.86 43.18
N MET H 316 4.14 -15.55 43.96
CA MET H 316 3.34 -14.93 44.99
C MET H 316 4.24 -14.40 46.11
N VAL H 317 4.95 -15.31 46.75
CA VAL H 317 5.81 -14.96 47.89
C VAL H 317 6.74 -13.78 47.59
N GLN H 318 7.33 -13.78 46.40
CA GLN H 318 8.00 -12.61 45.92
C GLN H 318 7.22 -11.34 46.27
N LEU H 319 6.06 -11.18 45.62
CA LEU H 319 5.22 -10.00 45.84
C LEU H 319 5.06 -9.66 47.33
N SER H 320 4.16 -10.37 48.01
CA SER H 320 4.03 -10.21 49.46
C SER H 320 4.65 -11.40 50.21
N PRO H 321 5.62 -11.12 51.09
CA PRO H 321 6.33 -12.18 51.83
C PRO H 321 5.47 -13.14 52.69
N ALA H 322 4.64 -12.64 53.61
CA ALA H 322 3.83 -13.51 54.47
C ALA H 322 2.89 -14.45 53.65
N ALA H 323 2.73 -14.14 52.36
CA ALA H 323 1.78 -14.83 51.47
C ALA H 323 1.99 -16.34 51.32
N LEU H 324 3.15 -16.85 51.76
CA LEU H 324 3.43 -18.27 51.61
C LEU H 324 2.57 -19.09 52.54
N GLY H 325 1.92 -20.11 51.95
CA GLY H 325 0.91 -20.91 52.60
C GLY H 325 1.21 -21.50 53.98
N ASN H 326 0.15 -21.92 54.66
CA ASN H 326 0.29 -22.56 55.96
C ASN H 326 0.40 -24.10 55.81
N ASP H 327 0.02 -24.61 54.64
CA ASP H 327 0.09 -26.06 54.39
C ASP H 327 1.51 -26.58 54.18
N MET H 328 2.39 -25.76 53.59
CA MET H 328 3.73 -26.20 53.24
C MET H 328 4.80 -25.74 54.21
N ALA H 329 4.67 -26.17 55.45
CA ALA H 329 5.70 -25.94 56.44
C ALA H 329 6.93 -26.78 56.11
N ALA H 330 6.69 -28.04 55.75
CA ALA H 330 7.78 -28.99 55.48
C ALA H 330 8.66 -28.66 54.27
N ILE H 331 8.29 -27.61 53.54
CA ILE H 331 8.95 -27.32 52.27
C ILE H 331 9.42 -25.86 52.21
N GLU H 332 9.01 -25.06 53.19
CA GLU H 332 9.19 -23.60 53.15
C GLU H 332 10.63 -23.12 53.01
N LEU H 333 11.53 -23.80 53.72
CA LEU H 333 12.94 -23.47 53.67
C LEU H 333 13.43 -23.34 52.24
N ARG H 334 12.97 -24.24 51.42
CA ARG H 334 13.41 -24.36 50.05
C ARG H 334 12.66 -23.41 49.12
N MET H 335 11.38 -23.19 49.40
CA MET H 335 10.52 -22.33 48.58
C MET H 335 10.98 -20.92 48.73
N ARG H 336 11.10 -20.49 49.98
CA ARG H 336 11.61 -19.19 50.31
C ARG H 336 12.88 -18.95 49.52
N GLU H 337 13.76 -19.94 49.54
CA GLU H 337 15.04 -19.82 48.87
C GLU H 337 14.86 -19.50 47.40
N LEU H 338 13.95 -20.20 46.75
CA LEU H 338 13.71 -20.05 45.31
C LEU H 338 13.17 -18.67 44.90
N ALA H 339 12.34 -18.08 45.77
CA ALA H 339 11.78 -16.78 45.48
C ALA H 339 12.89 -15.75 45.56
N ARG H 340 13.79 -15.96 46.51
CA ARG H 340 14.94 -15.10 46.72
C ARG H 340 15.84 -15.10 45.51
N THR H 341 16.18 -16.28 45.01
CA THR H 341 17.24 -16.41 44.02
C THR H 341 16.83 -16.25 42.52
N ILE H 342 15.54 -16.29 42.22
CA ILE H 342 15.12 -16.25 40.83
C ILE H 342 14.28 -15.01 40.45
N PRO H 343 14.68 -14.34 39.37
CA PRO H 343 14.01 -13.12 38.87
C PRO H 343 12.61 -13.43 38.45
N PRO H 344 11.64 -12.67 38.95
CA PRO H 344 10.22 -12.74 38.53
C PRO H 344 10.00 -12.93 37.02
N THR H 345 10.71 -12.16 36.18
CA THR H 345 10.60 -12.26 34.72
C THR H 345 10.90 -13.71 34.27
N ASP H 346 11.96 -14.28 34.84
CA ASP H 346 12.33 -15.70 34.68
C ASP H 346 11.20 -16.66 35.08
N ILE H 347 10.63 -16.51 36.29
CA ILE H 347 9.53 -17.38 36.75
C ILE H 347 8.25 -17.32 35.92
N GLN H 348 7.91 -16.13 35.44
CA GLN H 348 6.71 -16.00 34.62
C GLN H 348 6.99 -16.84 33.38
N LEU H 349 8.26 -16.89 32.96
CA LEU H 349 8.63 -17.75 31.84
C LEU H 349 8.36 -19.22 32.12
N TYR H 350 8.89 -19.73 33.23
CA TYR H 350 8.66 -21.14 33.55
C TYR H 350 7.16 -21.53 33.65
N TYR H 351 6.33 -20.67 34.24
CA TYR H 351 4.89 -20.90 34.31
C TYR H 351 4.24 -20.92 32.92
N GLN H 352 4.39 -19.82 32.20
CA GLN H 352 4.04 -19.74 30.80
C GLN H 352 4.32 -21.10 30.12
N THR H 353 5.57 -21.50 30.17
CA THR H 353 6.05 -22.65 29.41
C THR H 353 5.35 -23.94 29.83
N LEU H 354 5.20 -24.11 31.16
CA LEU H 354 4.52 -25.26 31.76
C LEU H 354 3.01 -25.18 31.54
N LEU H 355 2.51 -23.97 31.30
CA LEU H 355 1.10 -23.80 31.07
C LEU H 355 0.73 -24.29 29.70
N ILE H 356 1.42 -23.78 28.66
CA ILE H 356 1.13 -24.22 27.30
C ILE H 356 1.45 -25.72 27.15
N GLY H 357 2.40 -26.17 27.96
CA GLY H 357 2.65 -27.59 28.11
C GLY H 357 1.37 -28.33 28.42
N ARG H 358 0.53 -27.78 29.31
CA ARG H 358 -0.79 -28.35 29.64
C ARG H 358 -1.65 -28.27 28.43
N LYS H 359 -1.89 -27.05 27.98
CA LYS H 359 -2.65 -26.82 26.76
C LYS H 359 -2.31 -27.90 25.72
N GLU H 360 -1.01 -28.24 25.62
CA GLU H 360 -0.51 -29.17 24.60
C GLU H 360 -0.70 -30.66 24.90
N LEU H 361 -0.78 -30.99 26.17
CA LEU H 361 -0.71 -32.37 26.55
C LEU H 361 -1.69 -33.32 25.79
N PRO H 362 -2.97 -32.89 25.63
CA PRO H 362 -4.03 -33.63 24.92
C PRO H 362 -3.51 -34.13 23.59
N TYR H 363 -2.70 -33.30 22.97
CA TYR H 363 -2.38 -33.42 21.56
C TYR H 363 -1.01 -34.01 21.33
N ALA H 364 -0.15 -33.95 22.35
CA ALA H 364 1.14 -34.65 22.30
C ALA H 364 0.94 -36.15 22.12
N PRO H 365 1.92 -36.81 21.46
CA PRO H 365 1.82 -38.22 21.08
C PRO H 365 1.46 -39.12 22.23
N ASP H 366 1.96 -38.75 23.40
CA ASP H 366 1.95 -39.65 24.54
C ASP H 366 2.02 -38.74 25.79
N ARG H 367 1.06 -38.88 26.70
CA ARG H 367 0.96 -37.94 27.82
C ARG H 367 2.30 -37.72 28.53
N ARG H 368 3.12 -38.77 28.70
CA ARG H 368 4.47 -38.65 29.29
C ARG H 368 5.39 -37.85 28.40
N MET H 369 5.63 -38.41 27.22
CA MET H 369 6.39 -37.77 26.16
C MET H 369 6.14 -36.27 26.09
N GLY H 370 4.89 -35.85 26.19
CA GLY H 370 4.54 -34.45 26.17
C GLY H 370 5.06 -33.74 27.41
N VAL H 371 4.86 -34.32 28.60
CA VAL H 371 5.43 -33.70 29.78
C VAL H 371 6.95 -33.59 29.61
N GLU H 372 7.56 -34.69 29.18
CA GLU H 372 9.02 -34.71 28.93
C GLU H 372 9.41 -33.57 28.01
N MET H 373 8.80 -33.55 26.83
CA MET H 373 9.07 -32.53 25.82
C MET H 373 8.80 -31.12 26.33
N THR H 374 7.83 -30.93 27.23
CA THR H 374 7.61 -29.58 27.74
C THR H 374 8.80 -29.07 28.54
N LEU H 375 9.43 -29.96 29.29
CA LEU H 375 10.52 -29.56 30.14
C LEU H 375 11.72 -29.37 29.29
N LEU H 376 11.77 -30.12 28.19
CA LEU H 376 12.89 -29.95 27.24
C LEU H 376 12.82 -28.56 26.60
N ARG H 377 11.61 -28.12 26.32
CA ARG H 377 11.42 -26.73 25.89
C ARG H 377 12.01 -25.83 26.98
N ALA H 378 11.62 -26.07 28.23
CA ALA H 378 12.11 -25.28 29.33
C ALA H 378 13.62 -25.19 29.24
N LEU H 379 14.29 -26.33 29.09
CA LEU H 379 15.75 -26.32 29.11
C LEU H 379 16.30 -25.60 27.88
N ALA H 380 15.73 -25.88 26.71
CA ALA H 380 16.21 -25.30 25.46
C ALA H 380 16.12 -23.78 25.50
N PHE H 381 15.03 -23.28 26.06
CA PHE H 381 14.85 -21.84 26.26
C PHE H 381 15.17 -21.32 27.67
N HIS H 382 15.90 -22.12 28.42
CA HIS H 382 16.26 -21.73 29.75
C HIS H 382 17.03 -20.42 29.70
N PRO H 383 16.68 -19.47 30.58
CA PRO H 383 17.29 -18.13 30.54
C PRO H 383 18.74 -18.11 31.02
N ARG H 384 19.08 -18.90 32.02
CA ARG H 384 20.40 -18.76 32.65
C ARG H 384 21.48 -19.74 32.16
N MET H 385 21.06 -20.83 31.53
CA MET H 385 21.99 -21.84 31.03
C MET H 385 21.30 -22.62 29.91
N PRO H 386 21.12 -22.00 28.73
CA PRO H 386 20.45 -22.72 27.65
C PRO H 386 21.13 -24.05 27.31
N LEU H 387 20.34 -24.97 26.77
CA LEU H 387 20.84 -26.21 26.21
C LEU H 387 21.88 -25.92 25.08
N PRO H 388 22.96 -26.75 24.96
CA PRO H 388 24.10 -26.51 24.07
C PRO H 388 23.82 -26.56 22.56
N GLU H 389 24.00 -25.42 21.89
CA GLU H 389 23.87 -25.31 20.44
C GLU H 389 25.06 -25.98 19.73
N PRO H 390 24.87 -26.47 18.50
CA PRO H 390 25.86 -27.26 17.74
C PRO H 390 27.26 -26.64 17.46
N SER I 24 -28.64 -65.25 19.98
CA SER I 24 -28.76 -64.14 20.95
C SER I 24 -27.50 -63.23 20.99
N TYR I 25 -26.89 -62.98 19.83
CA TYR I 25 -25.58 -62.31 19.79
C TYR I 25 -25.54 -60.84 20.23
N GLN I 26 -24.36 -60.47 20.76
CA GLN I 26 -24.04 -59.11 21.15
C GLN I 26 -22.55 -58.83 21.05
N VAL I 27 -22.22 -57.63 20.58
CA VAL I 27 -20.88 -57.08 20.49
C VAL I 27 -20.09 -57.35 21.77
N LEU I 28 -18.78 -57.59 21.68
CA LEU I 28 -17.97 -57.82 22.89
C LEU I 28 -18.16 -56.69 23.88
N ALA I 29 -18.01 -55.49 23.34
CA ALA I 29 -18.24 -54.27 24.10
C ALA I 29 -19.40 -54.40 25.10
N ARG I 30 -20.36 -55.26 24.78
CA ARG I 30 -21.64 -55.34 25.49
C ARG I 30 -21.79 -56.63 26.31
N LYS I 31 -21.48 -57.75 25.68
CA LYS I 31 -21.27 -59.03 26.36
C LYS I 31 -20.44 -58.97 27.63
N TRP I 32 -19.31 -58.30 27.54
CA TRP I 32 -18.32 -58.46 28.57
C TRP I 32 -18.45 -57.43 29.68
N ARG I 33 -19.57 -56.74 29.71
CA ARG I 33 -19.74 -55.73 30.75
C ARG I 33 -19.57 -56.47 32.03
N PRO I 34 -18.68 -55.98 32.91
CA PRO I 34 -18.35 -56.69 34.13
C PRO I 34 -19.60 -56.82 35.00
N GLN I 35 -19.81 -58.06 35.45
CA GLN I 35 -21.05 -58.34 36.08
C GLN I 35 -20.87 -58.58 37.56
N THR I 36 -19.61 -58.68 38.01
CA THR I 36 -19.28 -58.62 39.46
C THR I 36 -18.06 -57.76 39.67
N PHE I 37 -17.93 -57.14 40.84
CA PHE I 37 -16.74 -56.32 41.10
C PHE I 37 -15.44 -57.01 40.64
N ALA I 38 -15.28 -58.26 41.05
CA ALA I 38 -14.16 -59.08 40.62
C ALA I 38 -13.78 -59.00 39.13
N ASP I 39 -14.70 -58.57 38.27
CA ASP I 39 -14.50 -58.65 36.82
C ASP I 39 -14.17 -57.33 36.23
N VAL I 40 -14.04 -56.33 37.10
CA VAL I 40 -13.74 -54.96 36.67
C VAL I 40 -12.21 -54.71 36.53
N VAL I 41 -11.84 -54.05 35.43
CA VAL I 41 -10.45 -53.79 35.14
C VAL I 41 -10.01 -52.48 35.79
N GLY I 42 -8.96 -52.48 36.56
CA GLY I 42 -8.53 -51.22 37.16
C GLY I 42 -9.60 -50.50 37.97
N GLN I 43 -9.49 -49.16 38.00
CA GLN I 43 -10.37 -48.33 38.81
C GLN I 43 -10.33 -48.73 40.25
N GLU I 44 -9.19 -49.27 40.65
CA GLU I 44 -9.08 -49.90 41.94
C GLU I 44 -9.37 -48.97 43.16
N HIS I 45 -9.24 -47.66 42.97
CA HIS I 45 -9.47 -46.69 44.05
C HIS I 45 -10.94 -46.48 44.29
N VAL I 46 -11.71 -46.59 43.23
CA VAL I 46 -13.14 -46.48 43.32
C VAL I 46 -13.65 -47.76 43.95
N LEU I 47 -13.22 -48.89 43.36
CA LEU I 47 -13.72 -50.19 43.79
C LEU I 47 -13.46 -50.34 45.28
N THR I 48 -12.35 -49.78 45.73
CA THR I 48 -11.95 -49.95 47.12
C THR I 48 -12.81 -49.16 48.12
N ALA I 49 -13.05 -47.90 47.82
CA ALA I 49 -13.82 -47.04 48.68
C ALA I 49 -15.30 -47.49 48.69
N LEU I 50 -15.76 -48.06 47.57
CA LEU I 50 -17.09 -48.62 47.46
C LEU I 50 -17.23 -49.85 48.33
N ALA I 51 -16.39 -50.83 48.07
CA ALA I 51 -16.43 -52.05 48.82
C ALA I 51 -16.21 -51.72 50.28
N ASN I 52 -15.37 -50.71 50.48
CA ASN I 52 -14.88 -50.38 51.81
C ASN I 52 -15.98 -49.75 52.64
N GLY I 53 -16.73 -48.84 52.01
CA GLY I 53 -17.85 -48.22 52.68
C GLY I 53 -19.06 -49.12 52.81
N LEU I 54 -19.33 -49.95 51.80
CA LEU I 54 -20.39 -50.94 51.94
C LEU I 54 -20.13 -51.78 53.17
N SER I 55 -18.88 -52.20 53.36
CA SER I 55 -18.60 -53.01 54.52
C SER I 55 -18.63 -52.22 55.82
N LEU I 56 -17.90 -51.11 55.91
CA LEU I 56 -17.85 -50.24 57.11
C LEU I 56 -19.24 -49.83 57.61
N GLY I 57 -20.22 -49.90 56.70
CA GLY I 57 -21.55 -49.38 56.92
C GLY I 57 -21.75 -47.91 56.55
N ARG I 58 -20.72 -47.29 55.96
CA ARG I 58 -20.74 -45.88 55.59
C ARG I 58 -21.24 -45.63 54.15
N ILE I 59 -22.54 -45.84 53.95
CA ILE I 59 -23.14 -45.75 52.62
C ILE I 59 -23.81 -44.42 52.28
N HIS I 60 -23.25 -43.69 51.33
CA HIS I 60 -23.73 -42.35 51.00
C HIS I 60 -25.07 -42.46 50.30
N HIS I 61 -25.67 -41.31 49.91
CA HIS I 61 -26.96 -41.30 49.16
C HIS I 61 -26.85 -40.73 47.75
N ALA I 62 -25.69 -40.21 47.42
CA ALA I 62 -25.53 -39.67 46.11
C ALA I 62 -24.10 -39.88 45.65
N TYR I 63 -23.88 -40.99 44.98
CA TYR I 63 -22.58 -41.19 44.39
C TYR I 63 -22.58 -40.57 43.00
N LEU I 64 -21.48 -39.89 42.63
CA LEU I 64 -21.30 -39.39 41.28
C LEU I 64 -20.09 -40.07 40.68
N PHE I 65 -20.23 -40.58 39.45
CA PHE I 65 -19.15 -41.36 38.81
C PHE I 65 -18.63 -40.69 37.55
N SER I 66 -17.36 -40.27 37.50
CA SER I 66 -16.88 -39.60 36.28
C SER I 66 -15.63 -40.20 35.61
N GLY I 67 -15.36 -39.78 34.35
CA GLY I 67 -14.22 -40.26 33.57
C GLY I 67 -14.47 -40.32 32.07
N THR I 68 -13.45 -40.57 31.26
CA THR I 68 -13.68 -40.49 29.81
C THR I 68 -14.52 -41.63 29.37
N ARG I 69 -14.84 -41.62 28.10
CA ARG I 69 -15.75 -42.58 27.56
C ARG I 69 -15.25 -43.98 27.81
N GLY I 70 -16.10 -44.90 28.28
CA GLY I 70 -15.79 -46.32 28.24
C GLY I 70 -14.73 -46.90 29.19
N VAL I 71 -14.67 -46.36 30.41
CA VAL I 71 -13.69 -46.73 31.42
C VAL I 71 -14.32 -47.37 32.68
N GLY I 72 -15.62 -47.65 32.61
CA GLY I 72 -16.31 -48.33 33.69
C GLY I 72 -17.34 -47.54 34.48
N LYS I 73 -17.65 -46.33 34.02
CA LYS I 73 -18.55 -45.43 34.74
C LYS I 73 -19.90 -46.09 35.05
N THR I 74 -20.60 -46.49 34.01
CA THR I 74 -21.95 -46.99 34.25
C THR I 74 -21.96 -48.49 34.50
N SER I 75 -20.88 -49.16 34.14
CA SER I 75 -20.74 -50.54 34.54
C SER I 75 -20.67 -50.64 36.04
N ILE I 76 -19.92 -49.73 36.64
CA ILE I 76 -19.77 -49.72 38.09
C ILE I 76 -21.00 -49.24 38.85
N ALA I 77 -21.69 -48.22 38.34
CA ALA I 77 -22.98 -47.82 38.95
C ALA I 77 -23.90 -49.06 39.08
N ARG I 78 -24.15 -49.73 37.95
CA ARG I 78 -24.92 -50.93 37.97
C ARG I 78 -24.34 -51.95 38.95
N LEU I 79 -23.02 -52.05 39.07
CA LEU I 79 -22.49 -53.04 40.02
C LEU I 79 -22.83 -52.65 41.46
N LEU I 80 -22.71 -51.35 41.77
CA LEU I 80 -23.03 -50.82 43.11
C LEU I 80 -24.51 -51.00 43.42
N ALA I 81 -25.37 -50.84 42.41
CA ALA I 81 -26.77 -51.16 42.63
C ALA I 81 -27.05 -52.66 42.97
N LYS I 82 -26.40 -53.63 42.32
CA LYS I 82 -26.65 -55.04 42.65
C LYS I 82 -26.27 -55.19 44.09
N GLY I 83 -25.15 -54.57 44.42
CA GLY I 83 -24.58 -54.69 45.74
C GLY I 83 -25.44 -54.13 46.84
N LEU I 84 -26.25 -53.11 46.55
CA LEU I 84 -27.12 -52.54 47.58
C LEU I 84 -28.36 -53.44 47.79
N ASN I 85 -28.86 -54.01 46.70
CA ASN I 85 -30.10 -54.73 46.75
C ASN I 85 -30.04 -56.20 46.89
N CYS I 86 -28.84 -56.78 46.85
CA CYS I 86 -28.70 -58.24 46.79
C CYS I 86 -29.45 -59.05 47.86
N GLU I 87 -30.12 -60.09 47.41
CA GLU I 87 -30.92 -60.84 48.34
C GLU I 87 -30.08 -61.31 49.54
N THR I 88 -28.77 -61.56 49.32
CA THR I 88 -27.87 -62.11 50.37
C THR I 88 -27.61 -61.14 51.56
N GLY I 89 -27.75 -59.85 51.32
CA GLY I 89 -27.44 -58.82 52.29
C GLY I 89 -26.84 -57.64 51.54
N ILE I 90 -26.68 -56.48 52.16
CA ILE I 90 -25.91 -55.41 51.51
C ILE I 90 -24.48 -55.91 51.43
N THR I 91 -23.94 -56.05 50.22
CA THR I 91 -22.61 -56.62 50.07
C THR I 91 -21.76 -55.76 49.15
N ALA I 92 -20.45 -55.97 49.22
CA ALA I 92 -19.51 -55.34 48.32
C ALA I 92 -19.13 -56.36 47.24
N THR I 93 -19.64 -57.57 47.41
CA THR I 93 -19.27 -58.70 46.60
C THR I 93 -20.54 -59.42 46.22
N PRO I 94 -21.39 -58.79 45.41
CA PRO I 94 -22.75 -59.25 45.10
C PRO I 94 -22.79 -60.55 44.29
N CYS I 95 -23.65 -61.49 44.69
CA CYS I 95 -23.63 -62.83 44.09
C CYS I 95 -23.88 -62.92 42.56
N GLY I 96 -24.91 -62.22 42.04
CA GLY I 96 -25.37 -62.40 40.67
C GLY I 96 -26.22 -63.67 40.44
N VAL I 97 -26.85 -64.21 41.49
CA VAL I 97 -27.55 -65.47 41.42
C VAL I 97 -28.85 -65.43 42.26
N CYS I 98 -29.26 -64.23 42.63
CA CYS I 98 -30.58 -64.08 43.22
C CYS I 98 -31.44 -63.36 42.20
N ASP I 99 -32.75 -63.58 42.31
CA ASP I 99 -33.68 -62.84 41.48
C ASP I 99 -33.19 -61.38 41.28
N ASN I 100 -32.69 -60.75 42.35
CA ASN I 100 -32.33 -59.34 42.31
C ASN I 100 -31.09 -58.96 41.53
N CYS I 101 -30.10 -59.84 41.46
CA CYS I 101 -28.87 -59.51 40.71
C CYS I 101 -29.08 -59.88 39.25
N ARG I 102 -29.80 -60.97 39.01
CA ARG I 102 -30.13 -61.39 37.64
C ARG I 102 -30.96 -60.31 36.96
N GLU I 103 -31.98 -59.82 37.67
CA GLU I 103 -32.88 -58.85 37.10
C GLU I 103 -32.13 -57.59 36.75
N ILE I 104 -31.23 -57.13 37.63
CA ILE I 104 -30.39 -55.95 37.32
C ILE I 104 -29.48 -56.18 36.10
N GLU I 105 -28.80 -57.33 36.07
CA GLU I 105 -28.04 -57.76 34.89
C GLU I 105 -28.81 -57.54 33.59
N GLN I 106 -30.11 -57.90 33.61
CA GLN I 106 -30.98 -57.87 32.43
C GLN I 106 -31.83 -56.60 32.27
N GLY I 107 -31.60 -55.62 33.15
CA GLY I 107 -32.37 -54.38 33.07
C GLY I 107 -33.79 -54.43 33.63
N ARG I 108 -34.31 -55.65 33.83
CA ARG I 108 -35.68 -55.92 34.28
C ARG I 108 -36.01 -55.59 35.73
N PHE I 109 -34.98 -55.38 36.55
CA PHE I 109 -35.17 -55.10 37.97
C PHE I 109 -35.88 -53.78 38.28
N VAL I 110 -36.98 -53.98 39.01
CA VAL I 110 -37.98 -52.97 39.27
C VAL I 110 -37.52 -51.81 40.11
N ASP I 111 -36.56 -52.04 40.99
CA ASP I 111 -36.22 -51.01 41.94
C ASP I 111 -34.87 -50.38 41.67
N LEU I 112 -34.37 -50.58 40.46
CA LEU I 112 -33.23 -49.82 39.93
C LEU I 112 -33.81 -49.05 38.79
N ILE I 113 -34.05 -47.77 39.02
CA ILE I 113 -34.65 -46.95 38.00
C ILE I 113 -33.54 -46.29 37.21
N GLU I 114 -33.43 -46.71 35.96
CA GLU I 114 -32.34 -46.26 35.14
C GLU I 114 -32.83 -45.16 34.22
N ILE I 115 -32.32 -43.96 34.46
CA ILE I 115 -32.68 -42.81 33.66
C ILE I 115 -31.61 -42.37 32.63
N ASP I 116 -32.07 -42.24 31.38
CA ASP I 116 -31.29 -41.69 30.30
C ASP I 116 -31.50 -40.20 30.42
N ALA I 117 -30.66 -39.53 31.18
CA ALA I 117 -30.82 -38.11 31.42
C ALA I 117 -30.66 -37.29 30.15
N ALA I 118 -29.95 -37.84 29.18
CA ALA I 118 -29.65 -37.15 27.93
C ALA I 118 -30.85 -37.12 27.11
N SER I 119 -31.79 -37.98 27.48
CA SER I 119 -33.05 -38.08 26.80
C SER I 119 -34.15 -37.39 27.61
N ARG I 120 -34.14 -37.61 28.93
CA ARG I 120 -35.15 -37.04 29.81
C ARG I 120 -34.63 -35.87 30.63
N THR I 121 -34.50 -34.76 29.93
CA THR I 121 -33.69 -33.67 30.40
C THR I 121 -34.53 -32.63 31.08
N LYS I 122 -35.82 -32.71 30.81
CA LYS I 122 -36.77 -31.64 31.10
C LYS I 122 -37.16 -31.62 32.58
N VAL I 123 -37.47 -30.45 33.13
CA VAL I 123 -37.80 -30.39 34.55
C VAL I 123 -39.09 -31.12 34.81
N GLU I 124 -40.08 -30.90 33.95
CA GLU I 124 -41.31 -31.61 34.14
C GLU I 124 -41.02 -33.09 34.28
N ASP I 125 -40.14 -33.63 33.46
CA ASP I 125 -39.76 -35.03 33.58
C ASP I 125 -39.14 -35.36 34.92
N THR I 126 -38.23 -34.51 35.41
CA THR I 126 -37.47 -34.88 36.61
C THR I 126 -38.25 -34.58 37.87
N ARG I 127 -39.17 -33.63 37.76
CA ARG I 127 -40.20 -33.45 38.78
C ARG I 127 -41.09 -34.68 38.99
N ASP I 128 -41.32 -35.47 37.94
CA ASP I 128 -42.03 -36.72 38.10
C ASP I 128 -41.15 -37.60 38.90
N LEU I 129 -39.86 -37.60 38.55
CA LEU I 129 -38.89 -38.47 39.19
C LEU I 129 -39.06 -38.24 40.66
N LEU I 130 -39.05 -36.99 41.08
CA LEU I 130 -39.16 -36.72 42.49
C LEU I 130 -40.51 -37.13 43.15
N ASP I 131 -41.61 -36.85 42.49
CA ASP I 131 -42.90 -37.16 43.08
C ASP I 131 -43.06 -38.63 43.37
N ASN I 132 -42.15 -39.45 42.86
CA ASN I 132 -42.23 -40.90 43.06
C ASN I 132 -41.06 -41.48 43.86
N VAL I 133 -40.40 -40.56 44.57
CA VAL I 133 -39.29 -40.88 45.43
C VAL I 133 -39.82 -41.22 46.80
N GLN I 134 -40.73 -40.39 47.29
CA GLN I 134 -41.30 -40.65 48.61
C GLN I 134 -41.76 -42.11 48.75
N TYR I 135 -42.31 -42.69 47.69
CA TYR I 135 -42.80 -44.07 47.78
C TYR I 135 -41.71 -45.12 47.95
N ALA I 136 -41.97 -46.05 48.86
CA ALA I 136 -41.09 -47.18 49.17
C ALA I 136 -40.93 -48.21 48.06
N PRO I 137 -39.81 -48.97 48.13
CA PRO I 137 -39.40 -49.92 47.10
C PRO I 137 -40.33 -51.12 46.98
N ALA I 138 -40.46 -51.58 45.75
CA ALA I 138 -41.32 -52.68 45.38
C ALA I 138 -40.80 -53.97 45.95
N ARG I 139 -39.68 -54.50 45.44
CA ARG I 139 -39.21 -55.81 45.88
C ARG I 139 -37.80 -55.73 46.43
N GLY I 140 -37.27 -54.54 46.41
CA GLY I 140 -35.88 -54.39 46.79
C GLY I 140 -35.79 -53.80 48.17
N ARG I 141 -34.57 -53.46 48.57
CA ARG I 141 -34.32 -52.91 49.90
C ARG I 141 -34.14 -51.37 49.84
N PHE I 142 -33.59 -50.92 48.72
CA PHE I 142 -33.45 -49.52 48.44
C PHE I 142 -34.09 -49.25 47.05
N LYS I 143 -34.58 -48.03 46.86
CA LYS I 143 -34.97 -47.58 45.55
C LYS I 143 -33.74 -46.81 45.06
N VAL I 144 -33.08 -47.31 44.02
CA VAL I 144 -31.85 -46.68 43.46
C VAL I 144 -32.06 -46.04 42.10
N TYR I 145 -31.92 -44.73 42.07
CA TYR I 145 -32.06 -44.01 40.81
C TYR I 145 -30.67 -43.94 40.22
N LEU I 146 -30.55 -44.35 38.95
CA LEU I 146 -29.27 -44.28 38.26
C LEU I 146 -29.44 -43.32 37.16
N ILE I 147 -28.98 -42.11 37.37
CA ILE I 147 -29.14 -41.09 36.36
C ILE I 147 -27.83 -40.99 35.56
N ASP I 148 -27.86 -41.40 34.27
CA ASP I 148 -26.64 -41.58 33.46
C ASP I 148 -26.68 -40.54 32.38
N GLU I 149 -25.51 -40.11 31.94
CA GLU I 149 -25.35 -38.94 31.04
C GLU I 149 -25.91 -37.66 31.69
N VAL I 150 -25.80 -37.61 33.02
CA VAL I 150 -26.46 -36.59 33.83
C VAL I 150 -26.07 -35.17 33.45
N HIS I 151 -24.90 -34.98 32.86
CA HIS I 151 -24.53 -33.64 32.43
C HIS I 151 -25.53 -32.98 31.46
N MET I 152 -26.57 -33.71 31.01
CA MET I 152 -27.48 -33.13 30.00
C MET I 152 -28.82 -32.61 30.58
N LEU I 153 -29.02 -32.89 31.86
CA LEU I 153 -30.16 -32.36 32.56
C LEU I 153 -30.14 -30.86 32.40
N SER I 154 -31.29 -30.26 32.16
CA SER I 154 -31.40 -28.81 32.01
C SER I 154 -30.96 -28.12 33.29
N ARG I 155 -30.72 -26.82 33.21
CA ARG I 155 -30.39 -26.04 34.41
C ARG I 155 -31.45 -26.27 35.44
N HIS I 156 -32.70 -26.20 35.00
CA HIS I 156 -33.83 -26.26 35.91
C HIS I 156 -33.90 -27.63 36.49
N SER I 157 -33.62 -28.66 35.70
CA SER I 157 -33.57 -30.00 36.27
C SER I 157 -32.52 -30.11 37.35
N PHE I 158 -31.29 -29.70 37.09
CA PHE I 158 -30.26 -29.70 38.14
C PHE I 158 -30.74 -29.10 39.48
N ASN I 159 -31.32 -27.90 39.44
CA ASN I 159 -31.84 -27.25 40.64
C ASN I 159 -33.05 -27.94 41.29
N ALA I 160 -33.87 -28.60 40.48
CA ALA I 160 -34.97 -29.33 41.06
C ALA I 160 -34.45 -30.34 42.04
N LEU I 161 -33.48 -31.14 41.58
CA LEU I 161 -32.80 -32.14 42.40
C LEU I 161 -32.11 -31.61 43.65
N LEU I 162 -31.74 -30.34 43.68
CA LEU I 162 -30.87 -29.88 44.75
C LEU I 162 -31.36 -30.31 46.12
N LYS I 163 -32.59 -29.91 46.48
CA LYS I 163 -33.12 -30.17 47.82
C LYS I 163 -33.25 -31.69 48.11
N THR I 164 -33.71 -32.50 47.16
CA THR I 164 -33.83 -33.93 47.40
C THR I 164 -32.48 -34.70 47.43
N LEU I 165 -31.54 -34.30 46.58
CA LEU I 165 -30.26 -34.94 46.50
C LEU I 165 -29.57 -34.79 47.81
N GLU I 166 -29.73 -33.65 48.45
CA GLU I 166 -29.04 -33.40 49.69
C GLU I 166 -29.72 -34.14 50.81
N GLU I 167 -31.02 -34.42 50.69
CA GLU I 167 -31.80 -34.96 51.82
C GLU I 167 -32.79 -36.09 51.56
N PRO I 168 -32.38 -37.10 50.80
CA PRO I 168 -33.33 -38.13 50.40
C PRO I 168 -33.88 -38.92 51.57
N PRO I 169 -35.03 -39.57 51.37
CA PRO I 169 -35.61 -40.57 52.27
C PRO I 169 -34.62 -41.68 52.54
N GLU I 170 -34.72 -42.39 53.65
CA GLU I 170 -33.68 -43.34 53.98
C GLU I 170 -33.66 -44.51 53.02
N HIS I 171 -34.71 -44.64 52.22
CA HIS I 171 -34.83 -45.80 51.33
C HIS I 171 -34.46 -45.52 49.88
N VAL I 172 -33.84 -44.38 49.67
CA VAL I 172 -33.49 -43.92 48.33
C VAL I 172 -31.95 -43.76 48.20
N LYS I 173 -31.40 -44.16 47.06
CA LYS I 173 -30.00 -43.86 46.78
C LYS I 173 -29.94 -43.24 45.39
N PHE I 174 -29.08 -42.23 45.20
CA PHE I 174 -28.82 -41.66 43.88
C PHE I 174 -27.45 -42.01 43.38
N LEU I 175 -27.39 -42.56 42.19
CA LEU I 175 -26.16 -42.90 41.50
C LEU I 175 -26.21 -42.16 40.20
N LEU I 176 -25.43 -41.05 40.11
CA LEU I 176 -25.19 -40.28 38.86
C LEU I 176 -23.88 -40.69 38.18
N ALA I 177 -23.94 -40.86 36.87
CA ALA I 177 -22.70 -41.02 36.08
C ALA I 177 -22.63 -39.97 34.96
N THR I 178 -21.44 -39.41 34.73
CA THR I 178 -21.23 -38.65 33.51
C THR I 178 -19.81 -38.57 33.02
N ALA I 179 -19.67 -38.52 31.71
CA ALA I 179 -18.35 -38.40 31.09
C ALA I 179 -17.78 -37.01 31.26
N ASP I 180 -18.68 -36.02 31.36
CA ASP I 180 -18.39 -34.61 31.29
C ASP I 180 -18.87 -33.83 32.56
N PRO I 181 -18.19 -34.04 33.71
CA PRO I 181 -18.72 -33.50 34.97
C PRO I 181 -18.60 -31.99 35.09
N GLN I 182 -17.71 -31.36 34.32
CA GLN I 182 -17.56 -29.92 34.32
C GLN I 182 -18.90 -29.23 34.26
N LYS I 183 -19.81 -29.80 33.47
CA LYS I 183 -21.11 -29.20 33.16
C LYS I 183 -22.13 -29.20 34.31
N LEU I 184 -21.89 -29.95 35.39
CA LEU I 184 -22.83 -29.96 36.51
C LEU I 184 -22.56 -28.76 37.34
N PRO I 185 -23.60 -28.13 37.87
CA PRO I 185 -23.50 -26.99 38.78
C PRO I 185 -22.62 -27.41 39.94
N VAL I 186 -21.95 -26.43 40.55
CA VAL I 186 -21.15 -26.70 41.71
C VAL I 186 -22.08 -27.00 42.90
N THR I 187 -23.36 -26.69 42.80
CA THR I 187 -24.27 -27.06 43.89
C THR I 187 -24.60 -28.52 43.88
N ILE I 188 -24.70 -29.09 42.68
CA ILE I 188 -24.84 -30.54 42.56
C ILE I 188 -23.60 -31.33 43.07
N LEU I 189 -22.39 -30.87 42.70
CA LEU I 189 -21.18 -31.51 43.15
C LEU I 189 -21.11 -31.42 44.64
N SER I 190 -21.27 -30.23 45.23
CA SER I 190 -21.24 -30.16 46.69
C SER I 190 -21.95 -31.30 47.40
N ARG I 191 -23.00 -31.85 46.82
CA ARG I 191 -23.83 -32.83 47.52
C ARG I 191 -23.48 -34.30 47.23
N CYS I 192 -22.52 -34.52 46.36
CA CYS I 192 -22.17 -35.88 45.96
C CYS I 192 -20.83 -36.43 46.49
N LEU I 193 -20.65 -37.73 46.42
CA LEU I 193 -19.32 -38.25 46.48
C LEU I 193 -18.88 -38.38 45.06
N GLN I 194 -17.78 -37.77 44.70
CA GLN I 194 -17.34 -37.85 43.33
C GLN I 194 -16.21 -38.87 43.22
N PHE I 195 -16.41 -39.85 42.35
CA PHE I 195 -15.34 -40.80 42.05
C PHE I 195 -14.84 -40.58 40.64
N HIS I 196 -13.59 -40.16 40.49
CA HIS I 196 -13.04 -39.94 39.17
C HIS I 196 -12.31 -41.15 38.72
N LEU I 197 -12.96 -41.91 37.85
CA LEU I 197 -12.35 -43.08 37.28
C LEU I 197 -11.24 -42.61 36.39
N LYS I 198 -10.07 -43.29 36.50
CA LYS I 198 -8.88 -43.04 35.68
C LYS I 198 -9.03 -43.66 34.30
N ALA I 199 -8.20 -43.25 33.34
CA ALA I 199 -8.20 -43.93 32.06
C ALA I 199 -7.50 -45.25 32.25
N LEU I 200 -7.84 -46.22 31.44
CA LEU I 200 -7.23 -47.49 31.66
C LEU I 200 -5.89 -47.51 31.00
N ASP I 201 -4.94 -48.02 31.76
CA ASP I 201 -3.58 -48.16 31.38
C ASP I 201 -3.35 -49.09 30.18
N VAL I 202 -2.46 -48.69 29.28
CA VAL I 202 -2.10 -49.54 28.11
C VAL I 202 -2.06 -51.03 28.38
N GLU I 203 -1.27 -51.44 29.39
CA GLU I 203 -1.21 -52.85 29.71
C GLU I 203 -2.53 -53.32 30.26
N GLN I 204 -3.16 -52.54 31.12
CA GLN I 204 -4.47 -52.91 31.66
C GLN I 204 -5.43 -53.31 30.55
N ILE I 205 -5.60 -52.42 29.56
CA ILE I 205 -6.42 -52.72 28.40
C ILE I 205 -5.96 -53.96 27.69
N ARG I 206 -4.68 -54.22 27.69
CA ARG I 206 -4.16 -55.26 26.84
C ARG I 206 -4.38 -56.62 27.46
N HIS I 207 -4.12 -56.76 28.75
CA HIS I 207 -4.35 -58.02 29.45
C HIS I 207 -5.80 -58.41 29.26
N GLN I 208 -6.67 -57.42 29.45
CA GLN I 208 -8.11 -57.57 29.24
C GLN I 208 -8.49 -58.03 27.84
N LEU I 209 -7.78 -57.55 26.82
CA LEU I 209 -8.07 -57.92 25.44
C LEU I 209 -7.70 -59.37 25.26
N GLU I 210 -6.57 -59.76 25.85
CA GLU I 210 -6.04 -61.11 25.78
C GLU I 210 -7.04 -62.05 26.41
N HIS I 211 -7.46 -61.75 27.63
CA HIS I 211 -8.42 -62.60 28.33
C HIS I 211 -9.67 -62.83 27.51
N ILE I 212 -10.28 -61.74 27.05
CA ILE I 212 -11.50 -61.84 26.26
C ILE I 212 -11.31 -62.69 24.99
N LEU I 213 -10.32 -62.36 24.18
CA LEU I 213 -10.11 -63.09 22.93
C LEU I 213 -9.88 -64.54 23.20
N ASN I 214 -9.29 -64.83 24.36
CA ASN I 214 -9.11 -66.23 24.79
C ASN I 214 -10.42 -66.95 25.11
N GLU I 215 -11.19 -66.39 26.04
CA GLU I 215 -12.46 -66.98 26.39
C GLU I 215 -13.39 -67.12 25.18
N GLU I 216 -13.37 -66.15 24.28
CA GLU I 216 -14.17 -66.21 23.05
C GLU I 216 -13.68 -67.28 22.07
N HIS I 217 -12.44 -67.74 22.28
CA HIS I 217 -11.74 -68.71 21.43
C HIS I 217 -11.43 -68.12 20.06
N ILE I 218 -10.71 -67.00 20.06
CA ILE I 218 -10.31 -66.39 18.81
C ILE I 218 -8.82 -66.26 18.80
N ALA I 219 -8.23 -66.49 17.64
CA ALA I 219 -6.77 -66.41 17.50
C ALA I 219 -6.22 -64.96 17.48
N HIS I 220 -5.14 -64.72 18.24
CA HIS I 220 -4.53 -63.40 18.19
C HIS I 220 -3.00 -63.43 18.22
N GLU I 221 -2.40 -62.36 17.70
CA GLU I 221 -0.95 -62.21 17.71
C GLU I 221 -0.64 -61.07 18.70
N PRO I 222 0.15 -61.37 19.75
CA PRO I 222 0.61 -60.42 20.78
C PRO I 222 0.74 -58.97 20.29
N ARG I 223 1.55 -58.73 19.26
CA ARG I 223 1.83 -57.36 18.79
C ARG I 223 0.59 -56.65 18.28
N ALA I 224 -0.41 -57.41 17.87
CA ALA I 224 -1.64 -56.77 17.39
C ALA I 224 -2.46 -56.29 18.57
N LEU I 225 -2.27 -56.91 19.73
CA LEU I 225 -2.96 -56.43 20.90
C LEU I 225 -2.29 -55.17 21.31
N GLN I 226 -0.97 -55.14 21.19
CA GLN I 226 -0.24 -53.91 21.44
C GLN I 226 -0.83 -52.73 20.67
N LEU I 227 -0.90 -52.85 19.36
CA LEU I 227 -1.44 -51.78 18.53
C LEU I 227 -2.81 -51.37 18.99
N LEU I 228 -3.65 -52.35 19.32
CA LEU I 228 -5.04 -52.10 19.70
C LEU I 228 -5.18 -51.34 21.01
N ALA I 229 -4.39 -51.70 22.02
CA ALA I 229 -4.39 -50.97 23.28
C ALA I 229 -3.90 -49.53 23.12
N ARG I 230 -2.82 -49.34 22.35
CA ARG I 230 -2.34 -47.98 22.13
C ARG I 230 -3.48 -47.18 21.60
N ALA I 231 -4.12 -47.74 20.57
CA ALA I 231 -5.19 -47.06 19.79
C ALA I 231 -6.47 -46.85 20.54
N ALA I 232 -6.64 -47.61 21.61
CA ALA I 232 -7.78 -47.44 22.51
C ALA I 232 -7.70 -46.06 23.13
N GLU I 233 -6.48 -45.51 23.19
CA GLU I 233 -6.26 -44.15 23.67
C GLU I 233 -7.02 -44.09 25.00
N GLY I 234 -6.75 -45.11 25.82
CA GLY I 234 -7.12 -45.07 27.24
C GLY I 234 -8.40 -45.77 27.67
N SER I 235 -9.22 -46.19 26.71
CA SER I 235 -10.62 -46.56 26.99
C SER I 235 -10.94 -48.00 26.59
N LEU I 236 -11.41 -48.78 27.55
CA LEU I 236 -11.85 -50.14 27.28
C LEU I 236 -12.91 -50.29 26.23
N ARG I 237 -13.90 -49.43 26.21
CA ARG I 237 -14.90 -49.69 25.20
C ARG I 237 -14.28 -49.44 23.84
N ASP I 238 -13.65 -48.26 23.70
CA ASP I 238 -12.97 -47.85 22.50
C ASP I 238 -12.19 -49.10 22.06
N ALA I 239 -11.50 -49.70 23.00
CA ALA I 239 -10.64 -50.85 22.75
C ALA I 239 -11.37 -52.06 22.23
N LEU I 240 -12.54 -52.31 22.78
CA LEU I 240 -13.32 -53.46 22.35
C LEU I 240 -13.96 -53.21 21.00
N SER I 241 -14.38 -51.97 20.76
CA SER I 241 -14.92 -51.67 19.46
C SER I 241 -13.88 -51.86 18.35
N LEU I 242 -12.64 -51.44 18.61
CA LEU I 242 -11.57 -51.64 17.63
C LEU I 242 -11.36 -53.12 17.39
N THR I 243 -11.43 -53.92 18.45
CA THR I 243 -11.27 -55.38 18.32
C THR I 243 -12.35 -56.02 17.47
N ASP I 244 -13.58 -55.59 17.66
CA ASP I 244 -14.63 -56.22 16.93
C ASP I 244 -14.44 -55.86 15.48
N GLN I 245 -13.89 -54.66 15.25
CA GLN I 245 -13.57 -54.23 13.90
C GLN I 245 -12.47 -55.10 13.29
N ALA I 246 -11.41 -55.30 14.06
CA ALA I 246 -10.43 -56.28 13.66
C ALA I 246 -11.09 -57.56 13.15
N ILE I 247 -11.95 -58.14 13.99
CA ILE I 247 -12.49 -59.49 13.70
C ILE I 247 -13.33 -59.61 12.42
N ALA I 248 -14.03 -58.54 12.00
CA ALA I 248 -14.68 -58.53 10.69
C ALA I 248 -13.64 -58.26 9.58
N SER I 249 -12.90 -57.16 9.67
CA SER I 249 -11.83 -56.92 8.72
C SER I 249 -10.94 -58.17 8.51
N GLY I 250 -10.68 -58.92 9.57
CA GLY I 250 -9.69 -59.97 9.53
C GLY I 250 -10.18 -61.33 9.08
N ASP I 251 -11.48 -61.45 8.84
CA ASP I 251 -12.02 -62.71 8.32
C ASP I 251 -12.14 -63.76 9.45
N GLY I 252 -11.87 -63.36 10.69
CA GLY I 252 -11.95 -64.28 11.81
C GLY I 252 -10.77 -64.20 12.75
N GLN I 253 -9.60 -63.85 12.23
CA GLN I 253 -8.42 -63.74 13.08
C GLN I 253 -8.10 -62.30 13.42
N VAL I 254 -7.57 -62.10 14.61
CA VAL I 254 -7.01 -60.80 14.97
C VAL I 254 -5.48 -60.85 14.79
N SER I 255 -5.00 -60.76 13.56
CA SER I 255 -3.58 -60.89 13.32
C SER I 255 -2.84 -59.55 13.33
N THR I 256 -1.51 -59.57 13.48
CA THR I 256 -0.77 -58.31 13.44
C THR I 256 -0.95 -57.64 12.09
N GLN I 257 -0.77 -58.43 11.03
CA GLN I 257 -0.88 -57.93 9.68
C GLN I 257 -2.14 -57.13 9.50
N ALA I 258 -3.25 -57.72 9.94
CA ALA I 258 -4.59 -57.15 9.76
C ALA I 258 -4.79 -55.87 10.54
N VAL I 259 -4.68 -55.96 11.86
CA VAL I 259 -4.84 -54.78 12.70
C VAL I 259 -4.13 -53.56 12.14
N SER I 260 -2.88 -53.76 11.75
CA SER I 260 -2.01 -52.67 11.33
C SER I 260 -2.53 -52.02 10.04
N ALA I 261 -2.98 -52.85 9.10
CA ALA I 261 -3.55 -52.32 7.87
C ALA I 261 -4.75 -51.48 8.26
N MET I 262 -5.55 -52.02 9.17
CA MET I 262 -6.84 -51.43 9.55
C MET I 262 -6.67 -50.09 10.28
N LEU I 263 -5.87 -50.12 11.34
CA LEU I 263 -5.52 -48.95 12.14
C LEU I 263 -4.80 -47.86 11.38
N GLY I 264 -3.96 -48.20 10.42
CA GLY I 264 -3.29 -47.20 9.61
C GLY I 264 -1.81 -47.07 9.92
N THR I 265 -1.36 -47.96 10.80
CA THR I 265 0.01 -48.04 11.30
C THR I 265 1.06 -47.82 10.24
N LEU I 266 2.19 -47.24 10.68
CA LEU I 266 3.31 -46.88 9.81
C LEU I 266 4.45 -47.89 9.82
N ASP I 267 5.11 -48.05 8.67
CA ASP I 267 6.44 -48.68 8.56
C ASP I 267 7.54 -47.65 8.87
N ASP I 268 8.34 -47.90 9.91
CA ASP I 268 9.09 -46.79 10.55
C ASP I 268 9.87 -45.81 9.62
N ASP I 269 10.28 -46.24 8.43
CA ASP I 269 11.12 -45.38 7.61
C ASP I 269 10.44 -44.06 7.18
N GLN I 270 9.35 -44.18 6.45
CA GLN I 270 8.62 -43.05 5.87
C GLN I 270 8.50 -41.80 6.76
N ALA I 271 8.26 -41.99 8.05
CA ALA I 271 8.10 -40.91 9.05
C ALA I 271 9.36 -40.06 9.23
N LEU I 272 10.44 -40.71 9.65
CA LEU I 272 11.79 -40.13 9.67
C LEU I 272 12.22 -39.43 8.37
N SER I 273 12.25 -40.15 7.26
CA SER I 273 12.53 -39.51 5.98
C SER I 273 11.88 -38.11 5.86
N LEU I 274 10.64 -37.96 6.35
CA LEU I 274 9.93 -36.70 6.27
C LEU I 274 10.45 -35.72 7.29
N VAL I 275 10.58 -36.16 8.53
CA VAL I 275 11.29 -35.32 9.49
C VAL I 275 12.57 -34.77 8.88
N GLU I 276 13.36 -35.65 8.25
CA GLU I 276 14.63 -35.25 7.61
C GLU I 276 14.44 -34.20 6.55
N ALA I 277 13.83 -34.56 5.42
CA ALA I 277 13.47 -33.54 4.43
C ALA I 277 12.84 -32.24 5.02
N MET I 278 12.15 -32.32 6.15
CA MET I 278 11.55 -31.11 6.75
C MET I 278 12.61 -30.16 7.27
N VAL I 279 13.59 -30.70 7.99
CA VAL I 279 14.56 -29.86 8.65
C VAL I 279 15.63 -29.36 7.68
N GLU I 280 15.84 -30.13 6.61
CA GLU I 280 16.75 -29.77 5.50
C GLU I 280 16.08 -28.73 4.61
N ALA I 281 14.89 -28.27 5.01
CA ALA I 281 14.16 -27.28 4.22
C ALA I 281 13.91 -27.72 2.78
N ASN I 282 13.88 -29.02 2.54
CA ASN I 282 13.71 -29.54 1.18
C ASN I 282 12.26 -29.71 0.75
N GLY I 283 11.65 -28.61 0.33
CA GLY I 283 10.23 -28.62 0.02
C GLY I 283 9.86 -29.67 -1.00
N GLU I 284 10.62 -29.71 -2.09
CA GLU I 284 10.23 -30.55 -3.19
C GLU I 284 10.13 -31.97 -2.72
N ARG I 285 11.06 -32.37 -1.84
CA ARG I 285 11.01 -33.70 -1.27
C ARG I 285 9.87 -33.86 -0.26
N VAL I 286 9.66 -32.89 0.63
CA VAL I 286 8.62 -33.08 1.64
C VAL I 286 7.32 -33.40 0.96
N MET I 287 7.00 -32.61 -0.07
CA MET I 287 5.72 -32.80 -0.73
C MET I 287 5.65 -34.14 -1.48
N ALA I 288 6.71 -34.39 -2.25
CA ALA I 288 6.82 -35.59 -3.06
C ALA I 288 6.75 -36.82 -2.18
N LEU I 289 7.09 -36.66 -0.92
CA LEU I 289 7.17 -37.76 0.01
C LEU I 289 5.81 -37.96 0.69
N ILE I 290 5.06 -36.87 0.81
CA ILE I 290 3.68 -36.90 1.31
C ILE I 290 2.76 -37.50 0.29
N ASN I 291 3.11 -37.30 -0.95
CA ASN I 291 2.36 -37.85 -2.07
C ASN I 291 2.44 -39.37 -2.15
N GLU I 292 3.61 -39.97 -1.94
CA GLU I 292 3.59 -41.40 -1.98
C GLU I 292 2.92 -41.93 -0.73
N ALA I 293 2.96 -41.16 0.34
CA ALA I 293 2.21 -41.51 1.52
C ALA I 293 0.71 -41.58 1.21
N ALA I 294 0.23 -40.55 0.53
CA ALA I 294 -1.16 -40.44 0.11
C ALA I 294 -1.62 -41.65 -0.71
N ALA I 295 -0.71 -42.12 -1.55
CA ALA I 295 -0.99 -43.25 -2.38
C ALA I 295 -1.03 -44.53 -1.55
N ARG I 296 -0.10 -44.72 -0.62
CA ARG I 296 -0.15 -45.92 0.23
C ARG I 296 -1.31 -45.90 1.23
N GLY I 297 -2.03 -44.77 1.28
CA GLY I 297 -3.17 -44.57 2.16
C GLY I 297 -2.80 -44.55 3.62
N ILE I 298 -2.06 -43.54 4.03
CA ILE I 298 -1.49 -43.53 5.35
C ILE I 298 -2.40 -42.76 6.30
N GLU I 299 -2.53 -43.14 7.57
CA GLU I 299 -3.35 -42.27 8.39
C GLU I 299 -2.64 -41.05 8.86
N TRP I 300 -2.91 -39.94 8.20
CA TRP I 300 -2.33 -38.68 8.56
C TRP I 300 -2.20 -38.40 10.06
N GLU I 301 -3.21 -38.61 10.91
CA GLU I 301 -2.98 -38.27 12.31
C GLU I 301 -1.80 -39.12 12.79
N ALA I 302 -1.70 -40.34 12.30
CA ALA I 302 -0.59 -41.23 12.67
C ALA I 302 0.78 -40.73 12.26
N LEU I 303 0.93 -40.28 11.01
CA LEU I 303 2.15 -39.58 10.57
C LEU I 303 2.54 -38.48 11.57
N LEU I 304 1.78 -37.41 11.59
CA LEU I 304 1.96 -36.36 12.58
C LEU I 304 2.36 -36.84 13.96
N VAL I 305 1.78 -37.93 14.41
CA VAL I 305 2.11 -38.42 15.74
C VAL I 305 3.48 -39.09 15.77
N GLU I 306 3.72 -40.01 14.84
CA GLU I 306 5.02 -40.63 14.73
C GLU I 306 6.08 -39.55 14.60
N MET I 307 5.79 -38.49 13.85
CA MET I 307 6.74 -37.38 13.67
C MET I 307 6.95 -36.64 14.95
N LEU I 308 5.89 -36.26 15.63
CA LEU I 308 6.08 -35.67 16.93
C LEU I 308 7.02 -36.54 17.74
N GLY I 309 6.88 -37.87 17.64
CA GLY I 309 7.60 -38.80 18.49
C GLY I 309 9.12 -38.87 18.26
N LEU I 310 9.52 -38.72 16.99
CA LEU I 310 10.92 -38.67 16.58
C LEU I 310 11.57 -37.39 17.02
N LEU I 311 10.95 -36.26 16.72
CA LEU I 311 11.35 -34.97 17.28
C LEU I 311 11.56 -35.04 18.78
N HIS I 312 10.72 -35.80 19.46
CA HIS I 312 10.88 -35.95 20.89
C HIS I 312 12.14 -36.72 21.26
N ARG I 313 12.35 -37.90 20.68
CA ARG I 313 13.63 -38.62 20.88
C ARG I 313 14.73 -37.63 20.70
N ILE I 314 14.95 -37.25 19.45
CA ILE I 314 15.97 -36.25 19.10
C ILE I 314 16.23 -35.15 20.14
N ALA I 315 15.27 -34.31 20.44
CA ALA I 315 15.48 -33.28 21.43
C ALA I 315 15.97 -33.86 22.76
N MET I 316 15.60 -35.12 23.02
CA MET I 316 15.92 -35.89 24.24
C MET I 316 17.37 -36.29 24.28
N VAL I 317 17.83 -36.89 23.19
CA VAL I 317 19.19 -37.36 23.05
C VAL I 317 20.14 -36.23 23.30
N GLN I 318 19.92 -35.12 22.60
CA GLN I 318 20.64 -33.88 22.87
C GLN I 318 20.90 -33.60 24.37
N LEU I 319 20.04 -34.10 25.25
CA LEU I 319 20.20 -33.94 26.69
C LEU I 319 21.24 -34.91 27.23
N SER I 320 20.98 -36.21 27.11
CA SER I 320 22.02 -37.22 27.39
C SER I 320 22.00 -38.25 26.28
N PRO I 321 23.18 -38.50 25.67
CA PRO I 321 23.40 -39.48 24.61
C PRO I 321 22.73 -40.85 24.83
N ALA I 322 22.64 -41.32 26.07
CA ALA I 322 22.11 -42.66 26.34
C ALA I 322 20.57 -42.77 26.21
N ALA I 323 19.89 -41.63 26.03
CA ALA I 323 18.42 -41.52 26.02
C ALA I 323 17.75 -42.06 24.75
N LEU I 324 18.54 -42.40 23.75
CA LEU I 324 18.01 -43.13 22.60
C LEU I 324 17.83 -44.63 22.95
N GLY I 325 16.68 -45.21 22.57
CA GLY I 325 16.38 -46.62 22.88
C GLY I 325 17.14 -47.77 22.16
N ASN I 326 17.11 -48.97 22.76
CA ASN I 326 17.53 -50.20 22.07
C ASN I 326 16.72 -50.41 20.79
N ASP I 327 15.46 -49.99 20.90
CA ASP I 327 14.39 -50.16 19.92
C ASP I 327 14.62 -49.49 18.57
N MET I 328 15.67 -48.66 18.49
CA MET I 328 15.89 -47.76 17.36
C MET I 328 16.98 -48.26 16.45
N ALA I 329 17.86 -49.09 17.02
CA ALA I 329 19.00 -49.67 16.29
C ALA I 329 19.09 -49.38 14.78
N ALA I 330 18.11 -49.81 14.00
CA ALA I 330 18.16 -49.58 12.55
C ALA I 330 18.10 -48.09 12.15
N ILE I 331 17.63 -47.21 13.04
CA ILE I 331 17.54 -45.78 12.75
C ILE I 331 18.69 -44.98 13.36
N GLU I 332 19.35 -45.55 14.37
CA GLU I 332 20.14 -44.75 15.34
C GLU I 332 21.18 -43.84 14.72
N LEU I 333 21.65 -44.23 13.55
CA LEU I 333 22.66 -43.45 12.88
C LEU I 333 22.13 -42.11 12.40
N ARG I 334 20.89 -42.09 11.94
CA ARG I 334 20.25 -40.89 11.40
C ARG I 334 19.71 -40.04 12.51
N MET I 335 19.37 -40.67 13.62
CA MET I 335 18.83 -39.93 14.73
C MET I 335 19.95 -39.08 15.31
N ARG I 336 21.05 -39.74 15.68
CA ARG I 336 22.16 -39.05 16.35
C ARG I 336 22.60 -37.84 15.55
N GLU I 337 22.64 -37.97 14.23
CA GLU I 337 23.02 -36.82 13.41
C GLU I 337 22.12 -35.65 13.69
N LEU I 338 20.83 -35.84 13.41
CA LEU I 338 19.82 -34.80 13.58
C LEU I 338 19.94 -34.16 14.95
N ALA I 339 20.25 -34.99 15.95
CA ALA I 339 20.48 -34.49 17.30
C ALA I 339 21.65 -33.52 17.34
N ARG I 340 22.79 -33.97 16.80
CA ARG I 340 23.98 -33.13 16.73
C ARG I 340 23.84 -31.85 15.88
N THR I 341 23.31 -31.96 14.65
CA THR I 341 23.15 -30.80 13.74
C THR I 341 22.14 -29.69 14.14
N ILE I 342 20.88 -30.07 14.37
CA ILE I 342 19.83 -29.09 14.56
C ILE I 342 19.83 -28.59 15.98
N PRO I 343 19.75 -27.27 16.15
CA PRO I 343 19.70 -26.69 17.50
C PRO I 343 18.39 -27.04 18.26
N PRO I 344 18.50 -27.35 19.57
CA PRO I 344 17.37 -27.70 20.45
C PRO I 344 16.21 -26.71 20.28
N THR I 345 16.56 -25.43 20.29
CA THR I 345 15.59 -24.37 20.08
C THR I 345 14.77 -24.67 18.85
N ASP I 346 15.45 -25.02 17.77
CA ASP I 346 14.77 -25.11 16.47
C ASP I 346 13.92 -26.38 16.35
N ILE I 347 14.18 -27.33 17.23
CA ILE I 347 13.41 -28.57 17.27
C ILE I 347 12.13 -28.34 18.05
N GLN I 348 12.18 -27.47 19.04
CA GLN I 348 10.98 -27.17 19.76
C GLN I 348 10.02 -26.49 18.82
N LEU I 349 10.53 -25.64 17.94
CA LEU I 349 9.62 -24.96 17.02
C LEU I 349 9.01 -25.91 16.01
N TYR I 350 9.78 -26.90 15.59
CA TYR I 350 9.24 -27.96 14.78
C TYR I 350 8.14 -28.78 15.52
N TYR I 351 8.42 -29.22 16.75
CA TYR I 351 7.47 -30.03 17.52
C TYR I 351 6.21 -29.25 17.68
N GLN I 352 6.35 -28.08 18.30
CA GLN I 352 5.33 -27.07 18.41
C GLN I 352 4.47 -26.91 17.17
N THR I 353 5.11 -26.86 16.02
CA THR I 353 4.36 -26.53 14.83
C THR I 353 3.56 -27.71 14.30
N LEU I 354 4.08 -28.91 14.50
CA LEU I 354 3.35 -30.09 14.10
C LEU I 354 2.29 -30.46 15.12
N LEU I 355 2.51 -30.16 16.40
CA LEU I 355 1.50 -30.40 17.44
C LEU I 355 0.22 -29.58 17.21
N ILE I 356 0.37 -28.27 17.14
CA ILE I 356 -0.65 -27.37 16.66
C ILE I 356 -1.28 -27.86 15.35
N GLY I 357 -0.48 -28.41 14.46
CA GLY I 357 -1.02 -28.88 13.19
C GLY I 357 -1.91 -30.12 13.27
N ARG I 358 -1.56 -31.03 14.18
CA ARG I 358 -2.41 -32.16 14.53
C ARG I 358 -3.70 -31.67 15.18
N LYS I 359 -3.60 -30.69 16.08
CA LYS I 359 -4.77 -30.21 16.77
C LYS I 359 -5.73 -29.70 15.75
N GLU I 360 -5.22 -28.87 14.83
CA GLU I 360 -6.09 -28.19 13.88
C GLU I 360 -6.32 -28.99 12.63
N LEU I 361 -5.97 -30.27 12.69
CA LEU I 361 -6.07 -31.14 11.53
C LEU I 361 -7.49 -31.39 11.04
N PRO I 362 -8.34 -31.92 11.92
CA PRO I 362 -9.67 -32.31 11.44
C PRO I 362 -10.47 -31.11 11.00
N TYR I 363 -9.94 -29.89 11.08
CA TYR I 363 -10.71 -28.70 10.72
C TYR I 363 -10.44 -28.27 9.31
N ALA I 364 -9.29 -28.65 8.77
CA ALA I 364 -8.95 -28.22 7.42
C ALA I 364 -9.65 -29.06 6.40
N PRO I 365 -9.80 -28.52 5.19
CA PRO I 365 -10.69 -29.10 4.16
C PRO I 365 -10.47 -30.60 3.84
N ASP I 366 -9.24 -31.12 3.88
CA ASP I 366 -8.94 -32.56 3.70
C ASP I 366 -8.16 -32.89 4.90
N ARG I 367 -7.94 -34.17 5.15
CA ARG I 367 -6.96 -34.46 6.18
C ARG I 367 -5.59 -34.19 5.52
N ARG I 368 -5.44 -34.61 4.27
CA ARG I 368 -4.16 -34.41 3.58
C ARG I 368 -3.81 -32.94 3.47
N MET I 369 -4.73 -32.11 3.01
CA MET I 369 -4.42 -30.69 2.93
C MET I 369 -3.92 -30.12 4.26
N GLY I 370 -4.35 -30.68 5.39
CA GLY I 370 -3.92 -30.15 6.68
C GLY I 370 -2.48 -30.48 7.00
N VAL I 371 -2.10 -31.71 6.65
CA VAL I 371 -0.71 -32.13 6.77
C VAL I 371 0.15 -31.33 5.81
N GLU I 372 -0.37 -30.99 4.63
CA GLU I 372 0.36 -30.15 3.69
C GLU I 372 0.53 -28.72 4.20
N MET I 373 -0.51 -28.10 4.73
CA MET I 373 -0.34 -26.74 5.23
C MET I 373 0.59 -26.78 6.41
N THR I 374 0.47 -27.81 7.25
CA THR I 374 1.33 -27.89 8.45
C THR I 374 2.85 -28.00 8.13
N LEU I 375 3.17 -28.89 7.20
CA LEU I 375 4.55 -29.14 6.84
C LEU I 375 5.09 -27.94 6.11
N LEU I 376 4.29 -27.38 5.19
CA LEU I 376 4.65 -26.16 4.43
C LEU I 376 5.04 -25.04 5.33
N ARG I 377 4.29 -24.88 6.41
CA ARG I 377 4.59 -23.84 7.38
C ARG I 377 5.90 -24.12 8.02
N ALA I 378 6.07 -25.35 8.48
CA ALA I 378 7.27 -25.77 9.18
C ALA I 378 8.43 -25.61 8.28
N LEU I 379 8.17 -25.77 7.00
CA LEU I 379 9.22 -25.99 6.03
C LEU I 379 10.09 -24.79 6.13
N ALA I 380 9.45 -23.65 5.92
CA ALA I 380 10.09 -22.36 5.82
C ALA I 380 10.58 -21.78 7.16
N PHE I 381 11.19 -22.62 8.01
CA PHE I 381 11.82 -22.15 9.21
C PHE I 381 13.30 -22.06 8.95
N HIS I 382 13.84 -23.08 8.26
CA HIS I 382 15.26 -23.46 8.37
C HIS I 382 16.27 -22.34 8.64
N PRO I 383 16.34 -21.30 7.75
CA PRO I 383 17.39 -20.31 8.11
C PRO I 383 17.01 -19.21 9.16
N ARG I 384 17.87 -19.05 10.18
CA ARG I 384 17.66 -18.15 11.33
C ARG I 384 18.10 -16.71 11.01
N MET I 385 19.41 -16.50 10.88
CA MET I 385 20.05 -15.22 10.50
C MET I 385 21.47 -15.09 11.05
N MET J 1 -29.59 -41.39 -5.37
CA MET J 1 -28.56 -42.17 -4.65
C MET J 1 -28.03 -43.34 -5.50
N ARG J 2 -26.83 -43.19 -6.01
CA ARG J 2 -26.27 -44.19 -6.91
C ARG J 2 -25.34 -45.18 -6.24
N TRP J 3 -25.11 -46.29 -6.93
CA TRP J 3 -24.24 -47.33 -6.40
C TRP J 3 -23.00 -47.35 -7.27
N TYR J 4 -21.83 -47.24 -6.66
CA TYR J 4 -20.57 -47.20 -7.38
C TYR J 4 -19.80 -48.52 -7.24
N PRO J 5 -19.03 -48.89 -8.28
CA PRO J 5 -18.43 -50.21 -8.42
C PRO J 5 -17.47 -50.50 -7.29
N TRP J 6 -16.87 -49.48 -6.70
CA TRP J 6 -15.82 -49.69 -5.67
C TRP J 6 -16.39 -50.11 -4.32
N LEU J 7 -17.71 -50.22 -4.26
CA LEU J 7 -18.43 -50.65 -3.05
C LEU J 7 -18.54 -52.19 -2.95
N ARG J 8 -18.57 -52.88 -4.08
CA ARG J 8 -18.73 -54.32 -4.09
C ARG J 8 -17.97 -55.00 -2.96
N PRO J 9 -16.67 -54.76 -2.87
CA PRO J 9 -15.97 -55.61 -1.90
C PRO J 9 -16.13 -55.08 -0.49
N ASP J 10 -16.33 -53.77 -0.31
CA ASP J 10 -16.56 -53.24 1.04
C ASP J 10 -17.90 -53.82 1.52
N PHE J 11 -18.93 -53.77 0.68
CA PHE J 11 -20.21 -54.43 0.96
C PHE J 11 -20.10 -55.93 1.27
N GLU J 12 -19.45 -56.67 0.37
CA GLU J 12 -19.28 -58.10 0.58
C GLU J 12 -18.61 -58.46 1.90
N LYS J 13 -17.74 -57.62 2.43
CA LYS J 13 -17.06 -57.91 3.69
C LYS J 13 -17.98 -57.62 4.88
N LEU J 14 -18.81 -56.59 4.73
CA LEU J 14 -19.58 -56.10 5.85
C LEU J 14 -20.82 -56.94 5.94
N VAL J 15 -21.34 -57.41 4.81
CA VAL J 15 -22.55 -58.22 4.87
C VAL J 15 -22.24 -59.50 5.58
N ALA J 16 -21.21 -60.20 5.10
CA ALA J 16 -20.64 -61.40 5.73
C ALA J 16 -20.93 -61.48 7.23
N SER J 17 -20.29 -60.56 7.96
CA SER J 17 -20.48 -60.50 9.39
C SER J 17 -21.96 -60.53 9.75
N TYR J 18 -22.77 -59.72 9.08
CA TYR J 18 -24.22 -59.73 9.31
C TYR J 18 -24.81 -61.11 9.03
N GLN J 19 -24.44 -61.67 7.87
CA GLN J 19 -24.97 -62.96 7.44
C GLN J 19 -24.77 -64.00 8.51
N ALA J 20 -23.67 -63.90 9.25
CA ALA J 20 -23.41 -64.84 10.34
C ALA J 20 -24.18 -64.49 11.61
N GLY J 21 -24.84 -63.34 11.61
CA GLY J 21 -25.50 -62.86 12.81
C GLY J 21 -24.54 -62.25 13.82
N ARG J 22 -23.29 -62.05 13.44
CA ARG J 22 -22.29 -61.44 14.32
C ARG J 22 -22.00 -59.98 13.90
N GLY J 23 -22.94 -59.42 13.15
CA GLY J 23 -22.85 -58.03 12.77
C GLY J 23 -22.86 -57.14 13.99
N HIS J 24 -22.18 -56.01 13.90
CA HIS J 24 -22.14 -55.03 14.99
C HIS J 24 -23.36 -54.09 14.88
N HIS J 25 -24.01 -53.83 16.02
CA HIS J 25 -25.26 -53.09 16.03
C HIS J 25 -25.11 -51.60 15.74
N ALA J 26 -23.91 -51.11 15.62
CA ALA J 26 -23.72 -49.68 15.53
C ALA J 26 -22.51 -49.40 14.69
N LEU J 27 -22.70 -49.40 13.38
CA LEU J 27 -21.60 -49.23 12.43
C LEU J 27 -21.55 -47.80 11.97
N LEU J 28 -20.39 -47.17 12.18
CA LEU J 28 -20.16 -45.82 11.72
C LEU J 28 -19.22 -45.98 10.55
N ILE J 29 -19.69 -45.68 9.36
CA ILE J 29 -18.87 -45.76 8.15
C ILE J 29 -18.32 -44.38 7.97
N GLN J 30 -17.04 -44.27 7.61
CA GLN J 30 -16.47 -42.96 7.30
C GLN J 30 -16.02 -42.94 5.88
N ALA J 31 -16.57 -41.98 5.15
CA ALA J 31 -16.35 -41.85 3.73
C ALA J 31 -16.40 -40.36 3.41
N LEU J 32 -15.69 -39.97 2.35
CA LEU J 32 -15.91 -38.64 1.78
C LEU J 32 -17.35 -38.48 1.23
N PRO J 33 -17.76 -37.24 0.99
CA PRO J 33 -19.01 -37.08 0.27
C PRO J 33 -18.85 -37.73 -1.09
N GLY J 34 -19.96 -38.18 -1.66
CA GLY J 34 -19.93 -38.78 -2.97
C GLY J 34 -19.12 -40.07 -3.10
N MET J 35 -18.71 -40.68 -2.01
CA MET J 35 -18.10 -42.01 -2.08
C MET J 35 -19.14 -43.11 -2.11
N GLY J 36 -20.41 -42.75 -1.90
CA GLY J 36 -21.51 -43.71 -1.93
C GLY J 36 -21.76 -44.52 -0.67
N ASP J 37 -21.55 -43.93 0.49
CA ASP J 37 -21.86 -44.66 1.69
C ASP J 37 -23.38 -44.84 1.78
N ASP J 38 -24.13 -43.89 1.24
CA ASP J 38 -25.58 -43.90 1.42
C ASP J 38 -26.20 -45.17 0.79
N ALA J 39 -25.52 -45.64 -0.26
CA ALA J 39 -25.98 -46.77 -1.05
C ALA J 39 -25.38 -48.01 -0.44
N LEU J 40 -24.16 -47.89 0.07
CA LEU J 40 -23.57 -49.03 0.71
C LEU J 40 -24.49 -49.42 1.85
N ILE J 41 -24.97 -48.41 2.59
CA ILE J 41 -25.87 -48.66 3.70
C ILE J 41 -27.20 -49.19 3.20
N TYR J 42 -27.78 -48.53 2.22
CA TYR J 42 -29.08 -49.00 1.73
C TYR J 42 -29.05 -50.51 1.49
N ALA J 43 -28.13 -50.96 0.64
CA ALA J 43 -27.88 -52.39 0.44
C ALA J 43 -27.88 -53.21 1.74
N LEU J 44 -27.17 -52.74 2.76
CA LEU J 44 -27.08 -53.45 4.03
C LEU J 44 -28.43 -53.41 4.73
N SER J 45 -29.05 -52.23 4.73
CA SER J 45 -30.39 -52.08 5.26
C SER J 45 -31.31 -53.12 4.59
N ARG J 46 -31.41 -53.05 3.26
CA ARG J 46 -32.35 -53.88 2.52
C ARG J 46 -32.21 -55.36 2.82
N TYR J 47 -30.98 -55.80 2.99
CA TYR J 47 -30.73 -57.21 3.30
C TYR J 47 -31.22 -57.57 4.68
N LEU J 48 -30.98 -56.69 5.64
CA LEU J 48 -31.45 -56.92 7.01
C LEU J 48 -32.97 -57.02 7.12
N LEU J 49 -33.67 -56.26 6.28
CA LEU J 49 -35.12 -56.21 6.33
C LEU J 49 -35.83 -57.24 5.46
N CYS J 50 -35.12 -57.97 4.61
CA CYS J 50 -35.82 -58.92 3.74
C CYS J 50 -35.99 -60.28 4.40
N GLN J 51 -37.21 -60.80 4.29
CA GLN J 51 -37.61 -62.02 4.99
C GLN J 51 -37.25 -63.31 4.20
N GLN J 52 -36.89 -63.15 2.94
CA GLN J 52 -36.52 -64.29 2.11
C GLN J 52 -35.22 -63.95 1.37
N PRO J 53 -34.17 -63.60 2.12
CA PRO J 53 -32.92 -63.14 1.49
C PRO J 53 -32.31 -64.23 0.60
N GLN J 54 -31.94 -63.87 -0.63
CA GLN J 54 -31.22 -64.79 -1.51
C GLN J 54 -29.70 -64.59 -1.36
N GLY J 55 -29.12 -65.15 -0.29
CA GLY J 55 -27.73 -64.89 0.04
C GLY J 55 -27.49 -63.47 0.54
N HIS J 56 -26.63 -62.71 -0.16
CA HIS J 56 -26.41 -61.27 0.10
C HIS J 56 -27.65 -60.48 -0.32
N LYS J 57 -28.30 -60.94 -1.40
CA LYS J 57 -29.31 -60.17 -2.13
C LYS J 57 -30.68 -60.03 -1.41
N SER J 58 -31.33 -58.89 -1.63
CA SER J 58 -32.75 -58.74 -1.28
C SER J 58 -33.62 -59.09 -2.47
N CYS J 59 -34.59 -59.96 -2.23
CA CYS J 59 -35.40 -60.65 -3.26
C CYS J 59 -36.37 -59.78 -4.07
N GLY J 60 -37.08 -58.90 -3.35
CA GLY J 60 -37.97 -57.93 -3.97
C GLY J 60 -39.44 -58.26 -3.83
N HIS J 61 -39.74 -59.53 -3.51
CA HIS J 61 -41.10 -60.03 -3.56
C HIS J 61 -41.73 -60.35 -2.21
N CYS J 62 -40.95 -60.21 -1.14
CA CYS J 62 -41.46 -60.41 0.23
C CYS J 62 -42.14 -59.13 0.75
N ARG J 63 -42.96 -59.24 1.78
CA ARG J 63 -43.70 -58.07 2.25
C ARG J 63 -42.71 -57.01 2.58
N GLY J 64 -41.78 -57.31 3.48
CA GLY J 64 -40.66 -56.43 3.79
C GLY J 64 -40.11 -55.65 2.60
N CYS J 65 -39.52 -56.36 1.64
CA CYS J 65 -38.95 -55.74 0.43
C CYS J 65 -39.93 -54.79 -0.25
N GLN J 66 -41.21 -55.17 -0.26
CA GLN J 66 -42.26 -54.41 -0.93
C GLN J 66 -42.39 -53.05 -0.26
N LEU J 67 -42.64 -53.08 1.04
CA LEU J 67 -42.82 -51.90 1.87
C LEU J 67 -41.62 -50.97 1.81
N MET J 68 -40.44 -51.55 2.01
CA MET J 68 -39.18 -50.84 1.87
C MET J 68 -39.24 -50.14 0.51
N GLN J 69 -39.57 -50.93 -0.51
CA GLN J 69 -39.62 -50.44 -1.89
C GLN J 69 -40.51 -49.23 -2.08
N ALA J 70 -41.48 -49.06 -1.19
CA ALA J 70 -42.50 -48.02 -1.35
C ALA J 70 -42.44 -47.01 -0.21
N GLY J 71 -41.24 -46.59 0.17
CA GLY J 71 -41.10 -45.61 1.22
C GLY J 71 -41.35 -46.21 2.57
N THR J 72 -42.57 -46.64 2.80
CA THR J 72 -42.99 -47.05 4.14
C THR J 72 -42.74 -48.49 4.56
N HIS J 73 -41.82 -48.64 5.49
CA HIS J 73 -41.64 -49.89 6.18
C HIS J 73 -41.34 -49.44 7.59
N PRO J 74 -42.32 -49.59 8.45
CA PRO J 74 -42.48 -49.41 9.89
C PRO J 74 -41.20 -49.49 10.72
N ASP J 75 -40.21 -50.23 10.25
CA ASP J 75 -39.09 -50.59 11.10
C ASP J 75 -37.75 -50.06 10.58
N TYR J 76 -37.84 -49.20 9.58
CA TYR J 76 -36.68 -48.51 8.99
C TYR J 76 -36.86 -47.06 9.36
N TYR J 77 -35.95 -46.57 10.21
CA TYR J 77 -35.95 -45.16 10.59
C TYR J 77 -34.81 -44.39 9.88
N THR J 78 -35.14 -43.31 9.17
CA THR J 78 -34.14 -42.37 8.65
C THR J 78 -33.99 -41.10 9.52
N LEU J 79 -32.81 -40.89 10.05
CA LEU J 79 -32.54 -39.64 10.76
C LEU J 79 -31.72 -38.60 9.94
N ALA J 80 -32.33 -37.94 8.96
CA ALA J 80 -31.69 -36.77 8.32
C ALA J 80 -32.27 -35.44 8.87
N PRO J 81 -31.98 -34.29 8.25
CA PRO J 81 -32.52 -33.10 8.94
C PRO J 81 -33.82 -32.54 8.34
N GLU J 82 -34.61 -31.83 9.15
CA GLU J 82 -35.85 -31.23 8.68
C GLU J 82 -35.51 -30.49 7.42
N LYS J 83 -36.45 -30.41 6.49
CA LYS J 83 -36.11 -29.95 5.15
C LYS J 83 -35.46 -28.57 5.06
N GLY J 84 -36.07 -27.57 5.70
CA GLY J 84 -35.43 -26.26 5.77
C GLY J 84 -34.01 -26.13 6.38
N LYS J 85 -33.56 -27.14 7.12
CA LYS J 85 -32.49 -26.90 8.07
C LYS J 85 -31.20 -27.64 7.76
N ASN J 86 -30.20 -27.52 8.63
CA ASN J 86 -28.90 -28.18 8.42
C ASN J 86 -28.29 -28.84 9.68
N THR J 87 -29.09 -28.89 10.73
CA THR J 87 -28.79 -29.70 11.90
C THR J 87 -29.84 -30.78 12.05
N LEU J 88 -29.47 -31.80 12.81
CA LEU J 88 -30.32 -32.94 13.10
C LEU J 88 -30.56 -32.97 14.60
N GLY J 89 -31.75 -32.53 15.04
CA GLY J 89 -32.07 -32.21 16.43
C GLY J 89 -32.46 -33.32 17.42
N VAL J 90 -32.57 -32.96 18.68
CA VAL J 90 -32.73 -33.99 19.69
C VAL J 90 -34.09 -34.62 19.58
N ASP J 91 -35.09 -33.78 19.31
CA ASP J 91 -36.44 -34.25 19.33
C ASP J 91 -36.53 -35.35 18.30
N ALA J 92 -35.93 -35.12 17.15
CA ALA J 92 -35.98 -36.10 16.09
C ALA J 92 -35.39 -37.45 16.50
N VAL J 93 -34.33 -37.42 17.29
CA VAL J 93 -33.68 -38.64 17.76
C VAL J 93 -34.61 -39.34 18.71
N ARG J 94 -35.13 -38.60 19.68
CA ARG J 94 -35.99 -39.17 20.72
C ARG J 94 -37.24 -39.96 20.22
N GLU J 95 -37.86 -39.49 19.14
CA GLU J 95 -38.88 -40.28 18.46
C GLU J 95 -38.35 -41.65 18.13
N VAL J 96 -37.29 -41.67 17.33
CA VAL J 96 -36.63 -42.92 16.97
C VAL J 96 -36.26 -43.76 18.21
N THR J 97 -35.53 -43.18 19.16
CA THR J 97 -35.22 -43.98 20.32
C THR J 97 -36.45 -44.58 21.00
N GLU J 98 -37.55 -43.83 21.14
CA GLU J 98 -38.77 -44.40 21.77
C GLU J 98 -39.38 -45.54 20.98
N LYS J 99 -39.83 -45.23 19.76
CA LYS J 99 -40.49 -46.20 18.90
C LYS J 99 -39.72 -47.49 18.83
N LEU J 100 -38.41 -47.40 18.99
CA LEU J 100 -37.53 -48.57 18.96
C LEU J 100 -37.82 -49.59 20.06
N ASN J 101 -38.48 -49.19 21.13
CA ASN J 101 -38.85 -50.11 22.21
C ASN J 101 -40.10 -50.90 21.90
N GLU J 102 -41.00 -50.32 21.15
CA GLU J 102 -42.08 -51.08 20.56
C GLU J 102 -41.54 -52.27 19.76
N HIS J 103 -42.14 -53.44 19.95
CA HIS J 103 -41.85 -54.61 19.14
C HIS J 103 -41.91 -54.19 17.69
N ALA J 104 -40.98 -54.68 16.89
CA ALA J 104 -40.95 -54.35 15.48
C ALA J 104 -42.35 -54.46 14.85
N ARG J 105 -42.92 -53.34 14.37
CA ARG J 105 -44.33 -53.29 13.85
C ARG J 105 -44.63 -54.19 12.63
N LEU J 106 -43.65 -55.00 12.25
CA LEU J 106 -43.77 -56.05 11.22
C LEU J 106 -42.85 -57.24 11.62
N GLY J 107 -42.52 -57.30 12.93
CA GLY J 107 -41.84 -58.43 13.56
C GLY J 107 -40.62 -58.84 12.79
N GLY J 108 -39.84 -57.85 12.40
CA GLY J 108 -38.56 -58.07 11.78
C GLY J 108 -37.49 -57.42 12.61
N ALA J 109 -36.45 -57.01 11.92
CA ALA J 109 -35.42 -56.24 12.52
C ALA J 109 -35.75 -54.77 12.35
N LYS J 110 -35.18 -53.92 13.19
CA LYS J 110 -35.34 -52.49 13.03
C LYS J 110 -33.98 -51.89 12.63
N VAL J 111 -33.97 -51.04 11.60
CA VAL J 111 -32.72 -50.36 11.19
C VAL J 111 -32.87 -48.83 11.22
N VAL J 112 -31.88 -48.14 11.81
CA VAL J 112 -31.83 -46.69 11.86
C VAL J 112 -30.65 -46.19 11.04
N TRP J 113 -30.95 -45.39 10.03
CA TRP J 113 -29.93 -44.77 9.23
C TRP J 113 -29.75 -43.32 9.66
N VAL J 114 -28.59 -42.97 10.21
CA VAL J 114 -28.28 -41.59 10.51
C VAL J 114 -27.44 -41.04 9.39
N THR J 115 -28.05 -40.20 8.56
CA THR J 115 -27.39 -39.82 7.33
C THR J 115 -26.01 -39.20 7.51
N ASP J 116 -25.92 -38.15 8.32
CA ASP J 116 -24.60 -37.58 8.64
C ASP J 116 -24.39 -37.17 10.12
N ALA J 117 -23.63 -37.99 10.82
CA ALA J 117 -23.45 -37.87 12.25
C ALA J 117 -22.84 -36.52 12.64
N ALA J 118 -22.27 -35.85 11.65
CA ALA J 118 -21.70 -34.55 11.87
C ALA J 118 -22.79 -33.60 12.28
N LEU J 119 -23.96 -33.80 11.68
CA LEU J 119 -25.11 -32.96 11.85
C LEU J 119 -25.89 -33.16 13.17
N LEU J 120 -25.62 -34.23 13.89
CA LEU J 120 -26.22 -34.39 15.20
C LEU J 120 -25.88 -33.15 15.99
N THR J 121 -26.88 -32.47 16.54
CA THR J 121 -26.62 -31.48 17.55
C THR J 121 -25.93 -32.13 18.72
N ASP J 122 -25.31 -31.34 19.59
CA ASP J 122 -24.66 -31.89 20.78
C ASP J 122 -25.71 -32.60 21.59
N ALA J 123 -26.91 -32.02 21.63
CA ALA J 123 -28.03 -32.58 22.43
C ALA J 123 -28.56 -33.83 21.78
N ALA J 124 -28.80 -33.75 20.49
CA ALA J 124 -29.06 -34.95 19.71
C ALA J 124 -28.04 -36.09 19.90
N ALA J 125 -26.74 -35.84 19.73
CA ALA J 125 -25.73 -36.86 19.97
C ALA J 125 -25.94 -37.60 21.30
N ASN J 126 -25.86 -36.91 22.43
CA ASN J 126 -26.07 -37.56 23.72
C ASN J 126 -27.36 -38.36 23.82
N ALA J 127 -28.46 -37.84 23.29
CA ALA J 127 -29.73 -38.54 23.39
C ALA J 127 -29.65 -39.89 22.71
N LEU J 128 -28.64 -40.02 21.86
CA LEU J 128 -28.49 -41.20 21.04
C LEU J 128 -27.63 -42.24 21.80
N LEU J 129 -27.07 -41.82 22.93
CA LEU J 129 -25.97 -42.56 23.55
C LEU J 129 -26.38 -43.87 24.21
N LYS J 130 -27.38 -43.78 25.07
CA LYS J 130 -27.77 -44.95 25.84
C LYS J 130 -28.45 -45.95 24.90
N THR J 131 -29.31 -45.50 24.01
CA THR J 131 -29.90 -46.45 23.06
C THR J 131 -28.88 -47.08 22.12
N LEU J 132 -27.77 -46.39 21.91
CA LEU J 132 -26.87 -46.84 20.91
C LEU J 132 -25.94 -47.86 21.52
N GLU J 133 -25.70 -47.77 22.83
CA GLU J 133 -24.79 -48.69 23.54
C GLU J 133 -25.46 -50.04 23.66
N GLU J 134 -26.74 -50.02 23.99
CA GLU J 134 -27.46 -51.25 24.14
C GLU J 134 -28.91 -51.17 23.64
N PRO J 135 -29.07 -51.37 22.33
CA PRO J 135 -30.41 -51.26 21.76
C PRO J 135 -31.17 -52.51 22.14
N PRO J 136 -32.46 -52.49 21.89
CA PRO J 136 -33.25 -53.72 21.92
C PRO J 136 -32.64 -54.71 20.95
N ALA J 137 -33.20 -55.90 20.83
CA ALA J 137 -32.58 -56.92 19.99
C ALA J 137 -32.93 -56.70 18.55
N GLU J 138 -32.10 -57.23 17.66
CA GLU J 138 -32.39 -57.15 16.24
C GLU J 138 -32.60 -55.71 15.80
N THR J 139 -31.92 -54.78 16.48
CA THR J 139 -31.86 -53.40 16.05
C THR J 139 -30.48 -53.15 15.44
N TRP J 140 -30.47 -52.48 14.28
CA TRP J 140 -29.22 -52.24 13.57
C TRP J 140 -29.05 -50.77 13.19
N PHE J 141 -27.99 -50.15 13.70
CA PHE J 141 -27.65 -48.77 13.38
C PHE J 141 -26.56 -48.61 12.31
N PHE J 142 -26.78 -47.60 11.46
CA PHE J 142 -25.80 -47.14 10.48
C PHE J 142 -25.61 -45.61 10.54
N LEU J 143 -24.39 -45.16 10.84
CA LEU J 143 -24.07 -43.74 10.82
C LEU J 143 -22.96 -43.49 9.77
N ALA J 144 -22.83 -42.26 9.27
CA ALA J 144 -21.70 -41.88 8.40
C ALA J 144 -21.15 -40.46 8.68
N THR J 145 -19.83 -40.28 8.56
CA THR J 145 -19.22 -38.96 8.49
C THR J 145 -18.10 -38.87 7.51
N ARG J 146 -17.67 -37.62 7.32
CA ARG J 146 -16.42 -37.28 6.70
C ARG J 146 -15.37 -37.53 7.77
N GLU J 147 -15.58 -36.96 8.95
CA GLU J 147 -14.51 -36.84 9.91
C GLU J 147 -14.93 -37.33 11.28
N PRO J 148 -14.58 -38.57 11.64
CA PRO J 148 -14.99 -39.04 12.96
C PRO J 148 -14.45 -38.18 14.11
N GLU J 149 -13.37 -37.43 13.93
CA GLU J 149 -12.78 -36.72 15.09
C GLU J 149 -13.66 -35.53 15.50
N ARG J 150 -14.58 -35.16 14.63
CA ARG J 150 -15.50 -34.08 14.90
C ARG J 150 -16.74 -34.52 15.70
N LEU J 151 -16.75 -35.78 16.09
CA LEU J 151 -17.95 -36.47 16.54
C LEU J 151 -17.82 -36.69 18.04
N LEU J 152 -18.92 -36.51 18.78
CA LEU J 152 -18.88 -36.63 20.23
C LEU J 152 -18.08 -37.83 20.72
N ALA J 153 -17.07 -37.56 21.55
CA ALA J 153 -16.23 -38.57 22.18
C ALA J 153 -16.93 -39.91 22.55
N THR J 154 -18.07 -39.80 23.23
CA THR J 154 -18.76 -40.96 23.80
C THR J 154 -19.59 -41.71 22.78
N LEU J 155 -20.03 -41.00 21.77
CA LEU J 155 -20.79 -41.60 20.72
C LEU J 155 -19.86 -42.38 19.90
N ARG J 156 -18.62 -41.91 19.81
CA ARG J 156 -17.67 -42.58 18.94
C ARG J 156 -17.30 -43.98 19.40
N SER J 157 -17.29 -44.19 20.72
CA SER J 157 -16.80 -45.46 21.23
C SER J 157 -17.85 -46.52 21.28
N ARG J 158 -19.06 -46.18 20.89
CA ARG J 158 -20.10 -47.17 20.89
C ARG J 158 -20.20 -47.74 19.50
N CYS J 159 -19.55 -47.12 18.54
CA CYS J 159 -19.61 -47.64 17.17
C CYS J 159 -18.43 -48.47 16.77
N ARG J 160 -18.61 -49.22 15.69
CA ARG J 160 -17.51 -49.86 14.99
C ARG J 160 -17.25 -49.03 13.76
N LEU J 161 -15.98 -48.89 13.43
CA LEU J 161 -15.60 -48.05 12.33
C LEU J 161 -15.44 -48.87 11.04
N HIS J 162 -16.00 -48.40 9.93
CA HIS J 162 -15.58 -48.93 8.66
C HIS J 162 -15.19 -47.79 7.71
N TYR J 163 -14.03 -47.94 7.08
CA TYR J 163 -13.45 -46.87 6.26
C TYR J 163 -13.69 -47.14 4.78
N LEU J 164 -14.33 -46.18 4.13
CA LEU J 164 -14.63 -46.28 2.72
C LEU J 164 -13.51 -45.59 1.95
N ALA J 165 -12.37 -46.26 1.77
CA ALA J 165 -11.23 -45.68 1.05
C ALA J 165 -11.50 -45.56 -0.45
N PRO J 166 -11.13 -44.39 -1.04
CA PRO J 166 -11.41 -44.17 -2.46
C PRO J 166 -10.48 -44.97 -3.34
N PRO J 167 -10.98 -45.32 -4.52
CA PRO J 167 -10.19 -46.07 -5.48
C PRO J 167 -9.00 -45.24 -5.80
N PRO J 168 -7.88 -45.86 -6.14
CA PRO J 168 -6.74 -45.29 -6.88
C PRO J 168 -7.12 -44.24 -7.91
N GLU J 169 -6.28 -43.20 -8.03
CA GLU J 169 -6.56 -42.04 -8.87
C GLU J 169 -6.80 -42.49 -10.30
N GLN J 170 -5.90 -43.34 -10.77
CA GLN J 170 -6.04 -43.86 -12.10
C GLN J 170 -7.42 -44.42 -12.36
N TYR J 171 -7.87 -45.34 -11.50
CA TYR J 171 -9.18 -45.94 -11.61
C TYR J 171 -10.24 -44.86 -11.73
N ALA J 172 -10.11 -43.84 -10.90
CA ALA J 172 -11.17 -42.86 -10.81
C ALA J 172 -11.29 -42.04 -12.06
N VAL J 173 -10.16 -41.86 -12.72
CA VAL J 173 -10.13 -41.00 -13.88
C VAL J 173 -10.70 -41.74 -15.05
N THR J 174 -10.36 -43.01 -15.13
CA THR J 174 -10.98 -43.84 -16.12
C THR J 174 -12.48 -43.94 -15.83
N TRP J 175 -12.89 -44.05 -14.56
CA TRP J 175 -14.33 -44.06 -14.23
C TRP J 175 -14.99 -42.82 -14.82
N LEU J 176 -14.34 -41.67 -14.63
CA LEU J 176 -14.90 -40.37 -14.96
C LEU J 176 -14.96 -40.13 -16.46
N SER J 177 -13.91 -40.51 -17.16
CA SER J 177 -13.85 -40.34 -18.60
C SER J 177 -15.03 -41.01 -19.31
N ARG J 178 -15.72 -41.89 -18.59
CA ARG J 178 -16.87 -42.63 -19.11
C ARG J 178 -18.21 -41.99 -18.70
N GLU J 179 -18.18 -41.00 -17.81
CA GLU J 179 -19.38 -40.30 -17.37
C GLU J 179 -19.50 -38.87 -17.91
N VAL J 180 -18.37 -38.19 -18.04
CA VAL J 180 -18.36 -36.86 -18.62
C VAL J 180 -17.31 -36.79 -19.69
N THR J 181 -17.45 -35.80 -20.57
CA THR J 181 -16.43 -35.58 -21.57
C THR J 181 -15.71 -34.25 -21.29
N MET J 182 -14.55 -34.36 -20.68
CA MET J 182 -13.81 -33.19 -20.21
C MET J 182 -12.38 -33.50 -20.53
N SER J 183 -11.50 -32.53 -20.34
CA SER J 183 -10.07 -32.80 -20.56
C SER J 183 -9.54 -33.76 -19.49
N GLN J 184 -8.50 -34.50 -19.84
CA GLN J 184 -7.91 -35.39 -18.87
C GLN J 184 -7.45 -34.53 -17.72
N ASP J 185 -6.85 -33.38 -18.04
CA ASP J 185 -6.36 -32.47 -17.00
C ASP J 185 -7.50 -32.07 -16.05
N ALA J 186 -8.66 -31.81 -16.65
CA ALA J 186 -9.87 -31.41 -15.95
C ALA J 186 -10.29 -32.43 -14.90
N LEU J 187 -10.66 -33.62 -15.38
CA LEU J 187 -11.05 -34.72 -14.50
C LEU J 187 -10.15 -34.69 -13.31
N LEU J 188 -8.89 -35.02 -13.57
CA LEU J 188 -7.83 -35.02 -12.59
C LEU J 188 -7.90 -33.90 -11.56
N ALA J 189 -8.20 -32.69 -11.97
CA ALA J 189 -8.26 -31.65 -10.97
C ALA J 189 -9.53 -31.83 -10.16
N ALA J 190 -10.63 -31.97 -10.87
CA ALA J 190 -11.91 -32.11 -10.22
C ALA J 190 -11.75 -33.20 -9.14
N LEU J 191 -11.14 -34.30 -9.54
CA LEU J 191 -10.98 -35.44 -8.67
C LEU J 191 -10.17 -35.05 -7.48
N ARG J 192 -9.21 -34.16 -7.71
CA ARG J 192 -8.24 -33.86 -6.67
C ARG J 192 -8.75 -32.80 -5.76
N LEU J 193 -9.67 -31.99 -6.29
CA LEU J 193 -10.37 -31.01 -5.49
C LEU J 193 -11.20 -31.80 -4.49
N SER J 194 -11.67 -32.94 -4.93
CA SER J 194 -12.67 -33.72 -4.19
C SER J 194 -12.06 -34.82 -3.34
N ALA J 195 -10.78 -34.63 -2.99
CA ALA J 195 -9.98 -35.52 -2.14
C ALA J 195 -9.91 -37.00 -2.56
N GLY J 196 -10.12 -37.29 -3.85
CA GLY J 196 -10.04 -38.65 -4.34
C GLY J 196 -11.38 -39.26 -4.70
N SER J 197 -12.48 -38.70 -4.20
CA SER J 197 -13.81 -39.28 -4.38
C SER J 197 -14.36 -39.08 -5.78
N PRO J 198 -14.44 -40.14 -6.60
CA PRO J 198 -15.04 -39.93 -7.93
C PRO J 198 -16.48 -39.60 -7.70
N GLY J 199 -17.19 -38.99 -8.62
CA GLY J 199 -18.59 -38.75 -8.33
C GLY J 199 -18.90 -37.57 -7.41
N ALA J 200 -18.15 -37.45 -6.31
CA ALA J 200 -17.99 -36.15 -5.67
C ALA J 200 -17.33 -35.26 -6.72
N ALA J 201 -16.35 -35.85 -7.39
CA ALA J 201 -15.73 -35.30 -8.58
C ALA J 201 -16.79 -35.08 -9.61
N LEU J 202 -17.33 -36.19 -10.09
CA LEU J 202 -18.39 -36.17 -11.09
C LEU J 202 -19.44 -35.10 -10.79
N ALA J 203 -19.75 -34.89 -9.50
CA ALA J 203 -20.76 -33.93 -9.11
C ALA J 203 -20.42 -32.49 -9.51
N LEU J 204 -19.12 -32.17 -9.55
CA LEU J 204 -18.63 -30.85 -9.97
C LEU J 204 -19.03 -30.52 -11.40
N PHE J 205 -18.98 -31.53 -12.26
CA PHE J 205 -19.30 -31.28 -13.65
C PHE J 205 -20.78 -31.12 -13.88
N GLN J 206 -21.57 -31.63 -12.96
CA GLN J 206 -22.99 -31.68 -13.18
C GLN J 206 -23.71 -30.38 -12.91
N GLY J 207 -23.35 -29.73 -11.82
CA GLY J 207 -24.05 -28.52 -11.48
C GLY J 207 -23.85 -27.31 -12.38
N ASP J 208 -23.99 -26.17 -11.72
CA ASP J 208 -23.66 -24.88 -12.24
C ASP J 208 -22.22 -24.75 -11.83
N ASN J 209 -21.76 -25.79 -11.17
CA ASN J 209 -20.56 -25.73 -10.37
C ASN J 209 -19.26 -25.43 -11.08
N TRP J 210 -18.87 -26.30 -12.01
CA TRP J 210 -17.68 -26.07 -12.80
C TRP J 210 -17.75 -24.73 -13.53
N GLN J 211 -18.92 -24.33 -14.04
CA GLN J 211 -19.00 -23.00 -14.67
C GLN J 211 -18.60 -21.89 -13.71
N ALA J 212 -18.75 -22.15 -12.39
CA ALA J 212 -18.50 -21.15 -11.33
C ALA J 212 -17.08 -21.14 -10.88
N ARG J 213 -16.43 -22.30 -10.95
CA ARG J 213 -14.99 -22.35 -10.77
C ARG J 213 -14.31 -21.51 -11.84
N GLU J 214 -14.70 -21.68 -13.11
CA GLU J 214 -14.12 -20.91 -14.17
C GLU J 214 -14.30 -19.45 -13.91
N THR J 215 -15.38 -19.10 -13.20
CA THR J 215 -15.64 -17.70 -12.87
C THR J 215 -14.73 -17.17 -11.76
N LEU J 216 -14.53 -18.01 -10.75
CA LEU J 216 -13.57 -17.74 -9.69
C LEU J 216 -12.17 -17.58 -10.28
N CYS J 217 -11.80 -18.48 -11.18
CA CYS J 217 -10.53 -18.38 -11.81
C CYS J 217 -10.42 -17.15 -12.64
N GLN J 218 -11.48 -16.75 -13.32
CA GLN J 218 -11.35 -15.54 -14.11
C GLN J 218 -11.05 -14.37 -13.22
N ALA J 219 -11.88 -14.20 -12.18
CA ALA J 219 -11.79 -13.05 -11.27
C ALA J 219 -10.45 -13.03 -10.57
N LEU J 220 -10.00 -14.21 -10.18
CA LEU J 220 -8.73 -14.35 -9.51
C LEU J 220 -7.63 -13.85 -10.42
N ALA J 221 -7.71 -14.29 -11.67
CA ALA J 221 -6.76 -13.90 -12.65
C ALA J 221 -6.63 -12.39 -12.71
N TYR J 222 -7.61 -11.69 -12.17
CA TYR J 222 -7.55 -10.25 -12.22
C TYR J 222 -7.08 -9.67 -10.92
N SER J 223 -7.55 -10.24 -9.82
CA SER J 223 -7.23 -9.63 -8.55
C SER J 223 -5.73 -9.76 -8.27
N VAL J 224 -5.14 -10.88 -8.66
CA VAL J 224 -3.76 -11.10 -8.31
C VAL J 224 -2.93 -9.92 -8.77
N PRO J 225 -2.79 -9.76 -10.07
CA PRO J 225 -1.93 -8.71 -10.57
C PRO J 225 -2.29 -7.34 -10.05
N SER J 226 -3.57 -7.05 -9.91
CA SER J 226 -3.95 -5.69 -9.57
C SER J 226 -4.04 -5.39 -8.10
N GLY J 227 -4.09 -6.42 -7.24
CA GLY J 227 -4.31 -6.22 -5.82
C GLY J 227 -5.75 -5.87 -5.41
N ASP J 228 -6.70 -6.09 -6.31
CA ASP J 228 -8.11 -5.91 -5.99
C ASP J 228 -8.71 -7.24 -5.60
N TRP J 229 -8.75 -7.54 -4.31
CA TRP J 229 -9.28 -8.82 -3.90
C TRP J 229 -10.71 -8.66 -3.43
N TYR J 230 -11.09 -7.43 -3.11
CA TYR J 230 -12.47 -7.20 -2.73
C TYR J 230 -13.35 -7.52 -3.92
N SER J 231 -12.76 -7.39 -5.12
CA SER J 231 -13.33 -7.83 -6.40
C SER J 231 -13.83 -9.28 -6.38
N LEU J 232 -13.21 -10.12 -5.57
CA LEU J 232 -13.67 -11.50 -5.45
C LEU J 232 -15.09 -11.72 -4.86
N LEU J 233 -15.66 -10.70 -4.21
CA LEU J 233 -16.89 -10.90 -3.45
C LEU J 233 -17.88 -11.60 -4.34
N ALA J 234 -18.12 -11.01 -5.50
CA ALA J 234 -19.14 -11.56 -6.38
C ALA J 234 -18.98 -13.04 -6.66
N ALA J 235 -17.77 -13.52 -6.94
CA ALA J 235 -17.64 -14.96 -7.22
C ALA J 235 -17.67 -15.86 -6.00
N LEU J 236 -17.55 -15.29 -4.82
CA LEU J 236 -17.49 -16.11 -3.61
C LEU J 236 -18.78 -15.98 -2.83
N ASN J 237 -19.38 -14.78 -2.84
CA ASN J 237 -20.56 -14.57 -2.04
C ASN J 237 -21.73 -15.24 -2.69
N HIS J 238 -22.06 -16.40 -2.15
CA HIS J 238 -23.05 -17.27 -2.75
C HIS J 238 -23.23 -18.31 -1.72
N GLU J 239 -24.25 -19.14 -1.84
CA GLU J 239 -24.51 -20.06 -0.75
C GLU J 239 -23.50 -21.17 -0.68
N GLN J 240 -22.97 -21.51 -1.85
CA GLN J 240 -21.93 -22.51 -1.98
C GLN J 240 -20.50 -22.02 -1.60
N ALA J 241 -20.43 -20.97 -0.77
CA ALA J 241 -19.17 -20.31 -0.39
C ALA J 241 -18.15 -21.22 0.21
N PRO J 242 -18.60 -22.15 1.06
CA PRO J 242 -17.57 -22.97 1.70
C PRO J 242 -16.78 -23.72 0.66
N ALA J 243 -17.49 -24.21 -0.35
CA ALA J 243 -16.86 -24.97 -1.41
C ALA J 243 -15.95 -24.10 -2.23
N ARG J 244 -16.45 -22.96 -2.65
CA ARG J 244 -15.69 -22.03 -3.50
C ARG J 244 -14.46 -21.50 -2.75
N LEU J 245 -14.64 -21.17 -1.48
CA LEU J 245 -13.50 -20.81 -0.66
C LEU J 245 -12.42 -21.92 -0.65
N HIS J 246 -12.86 -23.17 -0.55
CA HIS J 246 -11.93 -24.30 -0.62
C HIS J 246 -11.23 -24.37 -1.98
N TRP J 247 -11.93 -24.01 -3.05
CA TRP J 247 -11.29 -23.93 -4.38
C TRP J 247 -10.15 -22.92 -4.33
N LEU J 248 -10.44 -21.75 -3.77
CA LEU J 248 -9.48 -20.67 -3.63
C LEU J 248 -8.35 -21.09 -2.73
N ALA J 249 -8.69 -21.88 -1.71
CA ALA J 249 -7.67 -22.41 -0.81
C ALA J 249 -6.63 -23.22 -1.59
N THR J 250 -7.08 -24.08 -2.49
CA THR J 250 -6.18 -25.01 -3.16
C THR J 250 -5.38 -24.31 -4.18
N LEU J 251 -5.86 -23.18 -4.67
CA LEU J 251 -5.06 -22.42 -5.63
C LEU J 251 -3.83 -21.79 -4.93
N LEU J 252 -4.10 -21.18 -3.79
CA LEU J 252 -3.08 -20.60 -2.96
C LEU J 252 -2.11 -21.67 -2.56
N MET J 253 -2.58 -22.88 -2.32
CA MET J 253 -1.63 -23.87 -1.89
C MET J 253 -0.82 -24.39 -3.05
N ASP J 254 -1.37 -24.39 -4.25
CA ASP J 254 -0.62 -24.94 -5.35
C ASP J 254 0.56 -24.01 -5.65
N ALA J 255 0.28 -22.71 -5.58
CA ALA J 255 1.29 -21.69 -5.74
C ALA J 255 2.39 -21.86 -4.69
N LEU J 256 1.98 -22.14 -3.47
CA LEU J 256 2.94 -22.35 -2.42
C LEU J 256 3.75 -23.59 -2.77
N LYS J 257 3.18 -24.48 -3.55
CA LYS J 257 3.88 -25.73 -3.76
C LYS J 257 4.92 -25.44 -4.79
N ARG J 258 4.60 -24.58 -5.74
CA ARG J 258 5.58 -24.26 -6.75
C ARG J 258 6.72 -23.40 -6.20
N HIS J 259 6.47 -22.61 -5.17
CA HIS J 259 7.60 -21.92 -4.57
C HIS J 259 8.54 -22.89 -4.00
N HIS J 260 8.11 -24.14 -3.86
CA HIS J 260 8.96 -25.22 -3.39
C HIS J 260 9.25 -26.24 -4.47
N GLY J 261 8.64 -26.11 -5.64
CA GLY J 261 9.02 -26.89 -6.80
C GLY J 261 8.48 -28.29 -6.80
N ALA J 262 7.35 -28.45 -6.09
CA ALA J 262 6.66 -29.72 -5.92
C ALA J 262 6.09 -30.26 -7.26
N ALA J 263 6.08 -31.58 -7.39
CA ALA J 263 5.49 -32.28 -8.53
C ALA J 263 3.96 -32.20 -8.62
N GLN J 264 3.23 -32.75 -7.64
CA GLN J 264 1.77 -32.66 -7.67
C GLN J 264 1.37 -31.26 -7.30
N VAL J 265 0.57 -30.63 -8.17
CA VAL J 265 -0.39 -29.62 -7.72
C VAL J 265 -1.82 -30.15 -7.78
N THR J 266 -2.76 -29.42 -7.18
CA THR J 266 -4.14 -29.86 -7.19
C THR J 266 -4.84 -29.41 -8.44
N ASN J 267 -4.82 -28.09 -8.72
CA ASN J 267 -5.50 -27.54 -9.89
C ASN J 267 -4.71 -27.73 -11.14
N VAL J 268 -4.47 -28.99 -11.47
CA VAL J 268 -3.73 -29.42 -12.65
C VAL J 268 -4.14 -28.75 -13.94
N ASP J 269 -5.41 -28.38 -14.03
CA ASP J 269 -5.96 -27.84 -15.25
C ASP J 269 -5.77 -26.35 -15.45
N VAL J 270 -5.30 -25.62 -14.45
CA VAL J 270 -5.11 -24.16 -14.58
C VAL J 270 -3.68 -23.68 -14.26
N PRO J 271 -2.67 -24.26 -14.90
CA PRO J 271 -1.33 -24.08 -14.32
C PRO J 271 -0.89 -22.66 -14.54
N GLY J 272 -1.62 -21.92 -15.39
CA GLY J 272 -1.40 -20.52 -15.63
C GLY J 272 -1.80 -19.65 -14.48
N LEU J 273 -2.92 -19.97 -13.84
CA LEU J 273 -3.34 -19.21 -12.67
C LEU J 273 -2.43 -19.56 -11.48
N VAL J 274 -2.09 -20.81 -11.35
CA VAL J 274 -1.15 -21.18 -10.33
C VAL J 274 0.11 -20.37 -10.44
N ALA J 275 0.70 -20.31 -11.64
CA ALA J 275 1.95 -19.59 -11.78
C ALA J 275 1.77 -18.15 -11.47
N GLU J 276 0.67 -17.54 -11.88
CA GLU J 276 0.63 -16.15 -11.58
C GLU J 276 0.51 -15.85 -10.10
N LEU J 277 0.02 -16.80 -9.35
CA LEU J 277 -0.03 -16.60 -7.93
C LEU J 277 1.42 -16.63 -7.44
N ALA J 278 2.17 -17.63 -7.87
CA ALA J 278 3.52 -17.79 -7.38
C ALA J 278 4.36 -16.57 -7.67
N ASN J 279 3.99 -15.84 -8.71
CA ASN J 279 4.79 -14.75 -9.22
C ASN J 279 4.53 -13.47 -8.50
N HIS J 280 3.27 -13.18 -8.29
CA HIS J 280 2.89 -11.91 -7.67
C HIS J 280 2.65 -11.90 -6.15
N LEU J 281 2.92 -13.00 -5.45
CA LEU J 281 2.81 -13.01 -4.00
C LEU J 281 3.96 -13.75 -3.35
N SER J 282 4.49 -13.18 -2.28
CA SER J 282 5.54 -13.82 -1.50
C SER J 282 5.01 -15.08 -0.93
N PRO J 283 5.88 -16.04 -0.69
CA PRO J 283 5.56 -17.17 0.15
C PRO J 283 4.84 -16.72 1.44
N SER J 284 5.35 -15.67 2.08
CA SER J 284 4.83 -15.23 3.35
C SER J 284 3.38 -14.84 3.26
N ARG J 285 2.97 -14.29 2.13
CA ARG J 285 1.59 -13.91 1.99
C ARG J 285 0.73 -14.97 1.33
N LEU J 286 1.30 -15.81 0.50
CA LEU J 286 0.46 -16.85 -0.06
C LEU J 286 0.03 -17.65 1.14
N GLN J 287 0.97 -17.88 2.06
CA GLN J 287 0.70 -18.74 3.18
C GLN J 287 -0.30 -18.17 4.18
N ALA J 288 -0.11 -16.91 4.55
CA ALA J 288 -1.05 -16.21 5.40
C ALA J 288 -2.47 -16.27 4.84
N ILE J 289 -2.63 -15.99 3.55
CA ILE J 289 -3.95 -15.91 2.90
C ILE J 289 -4.59 -17.27 2.84
N LEU J 290 -3.80 -18.30 2.59
CA LEU J 290 -4.29 -19.67 2.76
C LEU J 290 -4.83 -19.88 4.19
N GLY J 291 -4.05 -19.52 5.21
CA GLY J 291 -4.53 -19.50 6.56
C GLY J 291 -5.91 -18.92 6.74
N ASP J 292 -6.08 -17.65 6.43
CA ASP J 292 -7.38 -17.01 6.63
C ASP J 292 -8.50 -17.61 5.83
N VAL J 293 -8.23 -18.00 4.60
CA VAL J 293 -9.26 -18.46 3.70
C VAL J 293 -9.89 -19.73 4.24
N CYS J 294 -9.07 -20.63 4.76
CA CYS J 294 -9.60 -21.79 5.45
C CYS J 294 -10.30 -21.43 6.72
N HIS J 295 -9.71 -20.55 7.51
CA HIS J 295 -10.31 -20.20 8.78
C HIS J 295 -11.72 -19.63 8.67
N ILE J 296 -11.99 -18.79 7.68
CA ILE J 296 -13.31 -18.30 7.43
C ILE J 296 -14.16 -19.46 6.96
N ARG J 297 -13.68 -20.23 5.99
CA ARG J 297 -14.48 -21.37 5.52
C ARG J 297 -15.04 -22.10 6.72
N GLU J 298 -14.20 -22.43 7.68
CA GLU J 298 -14.69 -23.12 8.84
C GLU J 298 -15.88 -22.41 9.46
N GLN J 299 -15.64 -21.19 9.94
CA GLN J 299 -16.68 -20.34 10.51
C GLN J 299 -17.96 -20.30 9.68
N LEU J 300 -17.77 -20.14 8.38
CA LEU J 300 -18.91 -20.09 7.51
C LEU J 300 -19.73 -21.35 7.59
N MET J 301 -19.12 -22.42 8.07
CA MET J 301 -19.74 -23.74 8.06
C MET J 301 -20.19 -24.18 9.44
N SER J 302 -19.62 -23.55 10.45
CA SER J 302 -19.70 -24.05 11.80
C SER J 302 -20.32 -23.03 12.77
N VAL J 303 -20.73 -21.86 12.26
CA VAL J 303 -21.36 -20.85 13.12
C VAL J 303 -22.78 -20.67 12.62
N THR J 304 -23.73 -21.08 13.45
CA THR J 304 -25.10 -21.18 13.00
C THR J 304 -25.64 -19.78 12.70
N GLY J 305 -26.08 -19.61 11.46
CA GLY J 305 -26.66 -18.37 11.01
C GLY J 305 -25.72 -17.20 10.67
N ILE J 306 -24.40 -17.43 10.70
CA ILE J 306 -23.49 -16.31 10.54
C ILE J 306 -23.65 -15.66 9.19
N ASN J 307 -23.40 -14.35 9.11
CA ASN J 307 -23.59 -13.59 7.87
C ASN J 307 -22.47 -13.73 6.87
N ARG J 308 -22.72 -14.51 5.82
CA ARG J 308 -21.76 -14.78 4.77
C ARG J 308 -21.16 -13.51 4.18
N GLU J 309 -21.99 -12.67 3.59
CA GLU J 309 -21.52 -11.40 3.05
C GLU J 309 -20.56 -10.68 3.97
N LEU J 310 -20.94 -10.46 5.22
CA LEU J 310 -20.05 -9.68 6.09
C LEU J 310 -18.73 -10.40 6.29
N LEU J 311 -18.76 -11.70 6.45
CA LEU J 311 -17.51 -12.39 6.69
C LEU J 311 -16.66 -12.39 5.45
N ILE J 312 -17.20 -12.80 4.30
CA ILE J 312 -16.35 -12.85 3.13
C ILE J 312 -15.85 -11.45 2.84
N THR J 313 -16.68 -10.42 3.01
CA THR J 313 -16.23 -9.06 2.77
C THR J 313 -15.03 -8.71 3.65
N ASP J 314 -15.13 -8.90 4.96
CA ASP J 314 -14.03 -8.63 5.86
C ASP J 314 -12.76 -9.41 5.47
N LEU J 315 -12.89 -10.66 5.08
CA LEU J 315 -11.75 -11.46 4.67
C LEU J 315 -11.09 -10.84 3.47
N LEU J 316 -11.85 -10.28 2.55
CA LEU J 316 -11.24 -9.75 1.34
C LEU J 316 -10.57 -8.40 1.59
N LEU J 317 -11.23 -7.56 2.39
CA LEU J 317 -10.65 -6.28 2.79
C LEU J 317 -9.36 -6.51 3.52
N ARG J 318 -9.34 -7.54 4.33
CA ARG J 318 -8.21 -7.83 5.17
C ARG J 318 -7.06 -8.44 4.36
N ILE J 319 -7.38 -9.20 3.33
CA ILE J 319 -6.34 -9.83 2.55
C ILE J 319 -5.56 -8.73 1.91
N GLU J 320 -6.25 -7.75 1.37
CA GLU J 320 -5.61 -6.62 0.76
C GLU J 320 -4.67 -5.92 1.71
N HIS J 321 -5.00 -5.88 2.99
CA HIS J 321 -4.10 -5.29 3.94
C HIS J 321 -2.80 -6.12 4.04
N TYR J 322 -2.91 -7.43 4.18
CA TYR J 322 -1.72 -8.29 4.17
C TYR J 322 -0.79 -8.01 3.02
N LEU J 323 -1.34 -7.56 1.90
CA LEU J 323 -0.57 -7.36 0.69
C LEU J 323 0.43 -6.20 0.79
N GLN J 324 0.07 -5.20 1.61
CA GLN J 324 0.99 -4.14 2.03
C GLN J 324 2.31 -4.62 2.62
N PRO J 325 3.35 -3.80 2.49
CA PRO J 325 4.63 -4.33 3.01
C PRO J 325 4.67 -4.14 4.51
N GLY J 326 5.25 -5.07 5.25
CA GLY J 326 5.42 -4.83 6.68
C GLY J 326 4.22 -4.97 7.60
N VAL J 327 3.03 -5.24 7.06
CA VAL J 327 1.91 -5.59 7.91
C VAL J 327 2.21 -6.89 8.62
N VAL J 328 1.69 -7.02 9.84
CA VAL J 328 1.93 -8.22 10.62
C VAL J 328 0.96 -9.35 10.26
N LEU J 329 1.50 -10.51 9.89
CA LEU J 329 0.65 -11.60 9.41
C LEU J 329 0.31 -12.62 10.51
N PRO J 330 -0.89 -13.24 10.44
CA PRO J 330 -1.48 -14.27 11.32
C PRO J 330 -0.59 -15.52 11.48
N VAL J 331 -0.64 -16.22 12.63
CA VAL J 331 0.13 -17.47 12.86
C VAL J 331 -0.61 -18.42 13.80
N PRO J 332 -0.90 -19.66 13.36
CA PRO J 332 -1.92 -20.41 14.14
C PRO J 332 -1.67 -20.58 15.68
N HIS J 333 -2.75 -20.88 16.42
CA HIS J 333 -2.78 -20.68 17.86
C HIS J 333 -3.00 -21.94 18.69
N LEU J 334 -2.21 -22.05 19.76
CA LEU J 334 -2.51 -22.95 20.90
C LEU J 334 -1.95 -24.39 20.75
#